data_6SWC
#
_entry.id   6SWC
#
_cell.length_a   1.00
_cell.length_b   1.00
_cell.length_c   1.00
_cell.angle_alpha   90.00
_cell.angle_beta   90.00
_cell.angle_gamma   90.00
#
_symmetry.space_group_name_H-M   'P 1'
#
loop_
_entity.id
_entity.type
_entity.pdbx_description
1 polymer '16S ribosomal rRNA'
2 polymer '30S ribosomal protein S3Ae'
3 polymer '30S ribosomal protein S2'
4 polymer 'Zn-ribbon RNA-binding protein involved in translation'
5 polymer '30S ribosomal protein S4'
6 polymer '30S ribosomal protein S4e'
7 polymer '30S ribosomal protein S5'
8 polymer '30S ribosomal protein S6e'
9 polymer '30S ribosomal protein S7'
10 polymer '30S ribosomal protein S8'
11 polymer '30S ribosomal protein S8e'
12 polymer '30S ribosomal protein S9'
13 polymer '30S ribosomal protein S10'
14 polymer '30S ribosomal protein S11'
15 polymer '30S ribosomal protein S12'
16 polymer '30S ribosomal protein S13'
17 polymer '30S ribosomal protein S14 type Z'
18 polymer '30S ribosomal protein S15'
19 polymer '30S ribosomal protein S17'
20 polymer '30S ribosomal protein S17e'
21 polymer '30S ribosomal protein S19'
22 polymer '30S ribosomal protein S19e'
23 polymer '30S ribosomal protein S24e'
24 polymer '30S ribosomal protein S27e'
25 polymer '30S ribosomal protein S28e'
26 polymer '30S ribosomal protein S27ae'
27 polymer '30S ribosomal protein S3'
28 polymer '30S ribosomal protein aL41'
29 polymer '50S ribosomal protein L7Ae'
30 polymer mRNA
31 polymer 'initiator Met-tRNA fMet from E. coli (A1U72 variant)'
32 polymer 'Translation initiation factor 1A'
33 polymer 'Translation initiation factor 2 subunit gamma'
34 polymer 'Translation initiation factor 2 subunit beta'
35 polymer 'Translation initiation factor 2 subunit alpha'
36 non-polymer 'MAGNESIUM ION'
37 non-polymer 'ZINC ION'
38 non-polymer METHIONINE
39 non-polymer 'PHOSPHOAMINOPHOSPHONIC ACID-GUANYLATE ESTER'
40 water water
#
loop_
_entity_poly.entity_id
_entity_poly.type
_entity_poly.pdbx_seq_one_letter_code
_entity_poly.pdbx_strand_id
1 'polyribonucleotide'
;AUUC(4AC)GGUUGAUCCUGCCGGAGGCCACUGCUAUGGGGGUC(4AC)GACUAAGCCAUGCGAGUCAAGGGGGCGUCCC
UUCUGGGACGCCACCGGCGGACGGCUCAGUAACACGUCGGUAACCUACCCUCGGGAGGGGGAUAACCCCGGGAAACUGGG
GCUAAUCCCCCAUAGGCCUGGGGUACUGGAAGGUCCCCAGGCCGAAAGGGAGCCGUAAGGCUCCGCCCGAGGAUGGGCCG
GCGGC(LHH)GAUUAGGUAGUUGGUGGGGUAACGGCCCACCAAGC(4AC)GAAGAUCGGUACGGGC(4AC)GUGAGAGCG
GGAGCC(4AC)GGAGAUGGACACUGAGACACGGGUCCAGGCCCUACGGGGCGCAGCAGGCGCGA(A2M)ACCUC(4AC)G
CAAUGCGGGAAAC(4AC)GCGACGGGGGGACCCCCAGUGCCGUGCCUCUGGCACGGCUUUUCCGGAGUGUAAAAAGCUCC
GGGAAUAAGGGCUGGGCAAGGC(4AC)GGUGGCAGCCGCCGCGGUAAUACCGGCGGCC(4AC)GAGUGGUGGCCACUAUU
AUUGGGCCUAAAGCGGC(4AC)GUAGCCGGGCCCGUAAGUCCCUGGCGAAAUCCCACGGCUCAAC(4AC)GUGGGGCUCG
CUGGGGAUACUGCGGGCCUUGGGAC(4AC)GGGAGAGGC(4AC)GGGGGUACCCC(4AC)GGGGUAGGGGUGAAAUCCUA
UAAUCCCGGGGGGACCGCCAGUGGCGAAGGCGCC(4AC)GGCUGGAACGGGUC(4AC)GACGGUGAGGGC(4AC)GAAGG
CCAGGGGAGCGAAC(4AC)GGAUUAGAUACCCGGGUAGUCCUGGCUGUAAAGGAUGCGGGCUAGGUGUCGGGCGAGCUUC
GAGCUCGCCCGGUGC(4AC)GUAGGGAAGC(4AC)GUUAAGCC(4AC)GC(4AC)GCCUGGGGAGUACGGC(4AC)GCAA
GGCUGAAACUUAAAGGAAUUGGCGGGGGAGCACUACAAGGGGUGGAGCGUGCGGUUUAAUUGGAU(B8H)(5MC)AACGC
CGGGAACCUCAC(4AC)GGGGGCGACGGCAGGAUGAAGGCCAGGCUGAAGGUCUUGCCGGACGCGCCGAGAGGAGGUGCA
UGGCCGC(4AC)GUCAGCUCGUAC(4AC)GUGAGGCGUCCACUUAAGUGUGGUAACGAGCGAGACCCGCGCCCCCAGUUG
CCAGUCCCUCCCGCUCGGGAGGGAGGCACUCUGGGGGGACUGCCGGCGAUAAGC(4AC)GGAGGAAGGGGCGGGCGACGG
UAGGUCAGUAUGCCC(4AC)GAAACCCC(4AC)GGGCUACA(5MC)GCGCGCUACAAUGGGCGGGACAAUGGGUGC
(4AC)GACCC(4AC)GAAAGGGGGAGGUAAUCCCCUAAACCCGCCCUCAGUUCGGAUCGCGGGCUGCAACUCGCCCGCGU
GAAGCUGGAAUCCCUAGUACCCGCGCGUCAUCAUCGCGCGGCGAAUACGUCCCUGCUCCUUGCACACACCG(OMC)C
(5HM)GUCACUCCACCCGAGCGGGGCCUAGGUGAGGCCCGAUCUCCUUCGGGAGGUCGGGUCGAGCCUAGGCUCCGUGAG
GGGGGAGAAGUCG(UR3)A(6MZ)CAAGGUAGC(4AC)GUAGGGG(MA6)(MA6)CCUACGGCUCGAUCACCUCCU
;
2
2 'polypeptide(L)'
;MAAKRRVSAAKDKWKLKQWYVIYAPDFFGGVEVGLTPADDPEKVLNRVVEVTLKDITGDFLKGHVKLYFQVYDVKGQNAY
TKFKGMKLARSYIRSLVRRRTTRIDGIFNITTKDGYKLRVMAMVIAARRIQTSQERAIRKIMQEIIYKKAEELNFKDFVL
EAVNGKIAAEIAKEAKKIYPLKKAEIRKIKVLGEPEVAA
;
A
3 'polypeptide(L)'
;MADEYLVPLDQYLAAGVHIGTQQKTKDMKKFIYRVRQDGLYVLDVRKTDERLKVAGKFLARFDPQSILAVSVRLYGQKPV
KKFGEVTGARAIPGRFLPGTMTNPAVKNFFEPDVIIITDPRADHQAMKEAIEIGIPIVALVDTENLLSYVDLAIPTNNKG
RKALALIYWILAREILYNRGEISSREEFKIPVEEFEMKIVRR
;
B
4 'polypeptide(L)' MAENVELKFEIPVCTSCGREITPREHATHFVCPNCGEAIIWRCETCRLLAKPYKCPKCGWEGP C
5 'polypeptide(L)'
;MGDPKRQRKKYETPPHPWIKERLDRERVLMDKYELKNKKELWKHETQLKNFRRRARRLLAARGKQAEIEREQLLARLKRL
GLLPEDAVLDDVLSLTIEDILERRLQTIVYKKGLARTMRQARQLIVHGHIEVNGQIIRSPSYLVLKEEEDTITYARTSPF
ANPQHPERMMIEKAKQGGEA
;
D
6 'polypeptide(L)'
;MARKGPKRHLKRLAAPTSWYIERKAYKWAVRPRPGPHNMRTSIPLLYIVRDYLGYAKTAREARKILNEGKFLVDGRVRKD
YKFPVGIMDVVSIPETGEHYRVLPNRIGKLILHPISEEEANIKPLRIRNKRMVKGAKIQLNFHDGTNHLIPLSEKDNYFT
SYTVLMKVPEREILEVLPFEKGAYVFVTQGKNVARKGRIVEIKKFPMGWPDVVTIEDEEGELFDTLKEYAFVVGRDKPRI
SLP
;
E
7 'polypeptide(L)'
;MSQEWKEYAKRVLDEWQPKTKLGMLVKEGQITDIHEIFRKGYQIKEPEIIDVLLPEVNARENQEILDIALTVRMTDSGRR
VRFRVLAAVGNRDGYVGLGIGHGREVGIAIRKAINYAKLNIIEIKRGCGSWECRCRRPHSVPFTVEGKEGSVRVKLIPGP
RGLGLVIGDVGKKILRLAGIQDVWSQTLGETRTTVNFAKAVFNALYNTNKVVVTPEMIERYGIVVGRAMPASFTLE
;
F
8 'polypeptide(L)'
;MATFKLVISDPKTGIAKQIEITGPEAEKLIGKRIGDQIPVKELGINLNELFGKEFPEDVKMEIRGGTDKDGFPMRPDIHG
PRRVRILLSKGPGFRPKEKGERRKKTVRGNTISPEIVQVNVKLVY
;
G
9 'polypeptide(L)'
;MAKPLSERFFIPHEIKVMGRWSTEDVEVRDPSLKPYINLEPRLLPHTHGRHAKKHFGKANVHIVERLINKIMRSGGSHYK
VAGHFMRREHRSLNSKKVKAYEVVKEAFKIIEKRTGKNPIQVLVWAIENAAPREDTTSVMFGGIRYHVAVDISPMRRLDV
ALRNIALGASAKCYRTKMSFAEALAEEIILAANKDPKSYAYSKKLEIERIAESSR
;
H
10 'polypeptide(L)'
;MTLLDPLANALSHITNSERVGKREVYIKPASKLIGEVLRVMQKYGYIGEFEFIDDGRAGVYRVQLLGKINKAGAIKPRFP
VKARDYERWEKRFLPAFEFGILIVSTSQGVMSHKEAREKGIGGRLIAYVY
;
I
11 'polypeptide(L)'
;MAIWQGRSLRKPSGGRIVLARKKRKRELGREPSNTRVAEQDKRKIIRTYGGNKKVRLTAAAYANVFDKSGKGRKVRIIRV
IENPANRQFARRNIITKGAIIETEIGKAKVTSRPGQDGVVNAILLEE
;
J
12 'polypeptide(L)'
;MRIIQTTGKRKTAIARAVIREGKGRVRINGKPVELVEPEIARFTILEPLILAGEEIWNSVDIDVKVQGGGFMGQAEAARI
AIARALVEWTGDMNLKEKFIKYDRTMLVGDPRRTEPHKPNRSTKGPRAKRQKSYR
;
K
13 'polypeptide(L)'
;MQKARIKLASTNVRSLEEVANQIKQIAERTGVRMSGPIPLPTKRIRIVTRKSPDGEGSATFDRWELRIHKRLIDIEADER
AMRQIMRIRVPEDVTIEIELIS
;
L
14 'polypeptide(L)'
;MSEEQVNIKKKEKWGIAHIYSSYNNTIIHITDITGAETISRWSGGMVVKADRDEPSPYAAMLAARRAAEEALEKGIVGVH
IRVRAPGGSKSKTPGPGAQAAIRALARAGLKIGRVEDVTPIPHDGTRPKGGRRGRRV
;
M
15 'polypeptide(L)'
;MPGKKAPNGEFAGRKLKLKRKKFRWSDIRYKRRVLRLKEKSDPLEGAPQARGIVLEKIAVEAKQPNSGMRKAVRVQLIKN
GKVVTAFCPGDGAIKFIDEHDEVIIEGIGGPKGGSMGDIPGIRYKVVKVNRVSLKELVKGRKEKPRR
;
N
16 'polypeptide(L)'
;MADFRHIVRVAGVDLDGNKQLRWALTAIKGVGINFATMVCRVAGLDPFMKAGYLTDEQVKKIEEILQDPVAHGIPRWAVN
RPKDYETGRDLHLITAKLDMAIREDIMRLRRIRAYRGIRHELGLPVRGQRTRSNFRRGQTVGVSRKKK
;
O
17 'polypeptide(L)' MAKADYNKRKPRKFGKGARRCIRCGQYGPIIRIHGLMLCRHCFREVAPKLGFRKYE P
18 'polypeptide(L)'
;MARMHARKRGKSGSKRPPRTAPPIWLEYTVEDIENLVVKLRKEGYSTAMIGTILRDQYGIPTVKLFRDPDNPNRKLTITR
ILEKHGLAPEIPEDLMFLIKRAVNLRKHLEQHPKDLHSMRGLQLIESKIRRLVKYYKRKGKLPKDWRYDPEQAKLLVR
;
Q
19 'polypeptide(L)'
;MVRDIGLRIQPPAEKCDDPKCPWHGHLKIHGRVFEGIVVSDKPRKTVTVERQYYHYLKKYERYELRRSRIHAHNPPCINA
KVGDRVLIAETRPLSKTKHFVVVAVLERAEERR
;
R
20 'polypeptide(L)' MGKIRQGFIKRVARELFNKYPNEFTRDFEHNKKKVEELTNVTSKKIRNRIAGYITKLVRMKEEGKIL S
21 'polypeptide(L)'
;MARKEFRYRGYTLEQLMNMSLEELAKLLPARQRRSLKRGLTPEQKKLLRKIRLAKKGKYNKPIRTHCRDMIVLPEMVGLT
IYVHNGKEFVPVEIKPEMIGHYLGEFAPTRKRVQHGAPGIGATRSSMFVAVK
;
T
22 'polypeptide(L)'
;MATVYDVPGDLLVERVAQRLKEIPEIKPPEWAPFVKTGRHKERLPEQEDWWYYRVASILRRVYLDGPVGIERLRTYYGGR
KNRGHAPERFYKAGGSIIRKALQQLEAAGFVEKVPGKGRVITPKGRSFLDKIATELKKELEEIIPELKKY
;
U
23 'polypeptide(L)'
;MEIKITEVKENKLIGRKEIYFEIYHPGEPTPSRKDVKGKLVAMLDLNPETTVIQYIRSYFGSYKSKGYAKYYYDKDRMLY
IEPEYILIRDGIIEKKEGE
;
V
24 'polypeptide(L)' MALPRNVIPMPRSRFLRVKCIDCGNEQIVFSHPATRVRCNVCGATLVEPTGGKGIIRAKILEVLE W
25 'polypeptide(L)' MAEDEGYPAEVIEIIGRTGTTGDVTQVKVRILEGRDKGRVIRRNVRGPVRVGDILILRETEREAREIKSRR X
26 'polypeptide(L)' MGQKWKLYIVKDGKVIRKNKFCPRCGPGVFMADHGDRWACGRCGYTEWKKK Y
27 'polypeptide(L)'
;MAIERYFIREAVKEMLIDEFLEKELRRAGYGGLDIKKTPLGTKVIIFAANPGYVIGRGGRRIRELTRILERQFGLENPQI
DVQEIKNPYLNAKVQAVRIAQALERGIHFRRAAYAAMRAIMSNGARGVEIRISGKLTGERAKSVRFYQGYLAKVGNPAET
LVSKGYAQALLKLGVIGVKVAIMPPDARLPDEIEIIEKPVEEEVSSNEAE
;
Z
28 'polypeptide(L)' MKRRPRKWKKKGRMRWKWIKKRIRRLKRQRKKERGL 0
29 'polypeptide(L)'
;MAKPSYVKFEVPKELAEKALQAVEIARDTGKIRKGTNETTKAVERGQAKLVIIAEDVDPEEIVAHLPPLCEEKEIPYIYV
PSKKELGAAAGIEVAAASVAIIEPGKARDLVEEIAMKVRELMK
;
3
30 'polyribonucleotide' UGGAGGUGAUUUAAAUGCCA 5
31 'polyribonucleotide'
;GCGGGG(4SU)GGAGCAGCCUGG(H2U)AGCUCGUCGGG(OMC)UCAUAACCCGAAGAUCGUCGG(5MU)(PSU)CAAAU
CCGGCCCCCGCUACCA
;
4
32 'polypeptide(L)'
;MPKKERKVEGDEVIRVPLPEGNQLFGVVEQALGAGWMDVRCEDGKIRRCRIPGKLRRRVWIRVGDLVIVQPWPVQSDKRG
DIVYRYTQTQVDWLLRKGKITQEFLTGGSLLVE
;
6
33 'polypeptide(L)'
;MAWPKVQPEVNIGVVGHVDHGKTTLVQAITGIWTSKHSEELKRGMTIKLGYAETNIGVCESCKKPEAYVTEPSCKSCGSD
DEPKFLRRISFIDAPGHEVLMATMLSGAALMDGAILVVAANEPFPQPQTREHFVALGIIGVKNLIIVQNKVDVVSKEEAL
SQYRQIKQFTKGTWAENVPIIPVSALHKINIDSLIEGIEEYIKTPYRDLSQKPVMLVIRSFDVNKPGTQFNELKGGVIGG
SIIQGLFKVDQEIKVLPGLRVEKQGKVSYEPIFTKISSIRFGDEEFKEAKPGGLVAIGTYLDPSLTKADNLLGSIITLAD
AEVPVLWNIRIKYNLLERVVGAKEMLKVDPIRAKETLMLSVGSSTTLGIVTSVKKDEIEVELRRPVAVWSNNIRTVISRQ
IAGRWRMIGWGLVEI
;
7
34 'polypeptide(L)'
;MSSEKEYVEMLDRLYSKLPEKGRKEGTQSLPNMIILNIGNTTIIRNFAEYCDRIRREDKICMKYLLKELAAPGNVDDKGE
LVIQGKFSSQVINTLMERFLKAYVECSTCKSLDTILKKEKKSWYIVCLACGAQTPVKPL
;
8
35 'polypeptide(L)'
;MIYSRSKLPSEGEILIATVKQVFDYGSYVSLDEYGGLQAFLPWSEVSSKWVKNIRDVLKENRKVIVKVIRVDRRKGTVDV
SLKKVTDDERRKKNLQWKKIQRLDKILELVSQKLKLSEKDAWEQVAWKLEAKYGDPITAIEKAVKEGEKILIDAGVPEIW
VKPLLEEASKHAEERKVKMSGLITVRTNEPLGVEKIKEVISKALENIEQDYESLLNIKIYTIGAPRYRVDVVGTNPKEAS
EALNQIISNLIKIGKEENVDISVVKK
;
9
#
# COMPACT_ATOMS: atom_id res chain seq x y z
N LYS B 11 74.23 1.13 -23.18
CA LYS B 11 75.47 1.15 -22.42
C LYS B 11 76.40 0.05 -22.93
N ASP B 12 77.65 0.08 -22.46
CA ASP B 12 78.63 -0.92 -22.90
C ASP B 12 78.21 -2.33 -22.52
N LYS B 13 77.42 -2.48 -21.45
CA LYS B 13 77.00 -3.80 -21.01
C LYS B 13 76.54 -4.66 -22.18
N TRP B 14 75.89 -4.04 -23.16
CA TRP B 14 75.55 -4.76 -24.36
C TRP B 14 76.77 -5.07 -25.21
N LYS B 15 77.79 -4.24 -25.16
CA LYS B 15 78.91 -4.42 -26.06
C LYS B 15 79.88 -5.49 -25.59
N LEU B 16 79.78 -5.91 -24.33
CA LEU B 16 80.61 -7.00 -23.84
C LEU B 16 80.04 -8.36 -24.17
N LYS B 17 78.90 -8.42 -24.83
CA LYS B 17 78.25 -9.68 -25.12
C LYS B 17 79.03 -10.43 -26.20
N GLN B 18 78.48 -11.57 -26.62
CA GLN B 18 79.16 -12.48 -27.51
C GLN B 18 78.14 -13.47 -28.06
N TRP B 19 78.12 -13.67 -29.37
CA TRP B 19 77.09 -14.48 -30.02
C TRP B 19 77.59 -15.91 -30.20
N TYR B 20 76.78 -16.87 -29.76
CA TYR B 20 77.07 -18.29 -29.89
C TYR B 20 76.07 -18.92 -30.85
N VAL B 21 76.51 -20.00 -31.48
CA VAL B 21 75.71 -20.72 -32.47
C VAL B 21 75.25 -22.02 -31.85
N ILE B 22 73.97 -22.23 -31.84
CA ILE B 22 73.40 -23.43 -31.24
C ILE B 22 73.32 -24.52 -32.30
N TYR B 23 73.44 -25.77 -31.88
CA TYR B 23 73.36 -26.90 -32.78
C TYR B 23 72.30 -27.89 -32.34
N ALA B 24 71.59 -28.44 -33.31
CA ALA B 24 70.60 -29.48 -33.05
C ALA B 24 71.29 -30.71 -32.50
N PRO B 25 70.56 -31.72 -32.03
CA PRO B 25 71.25 -32.95 -31.60
C PRO B 25 71.84 -33.68 -32.78
N ASP B 26 72.41 -34.85 -32.53
CA ASP B 26 72.93 -35.65 -33.64
C ASP B 26 71.79 -36.27 -34.43
N PHE B 27 70.91 -36.99 -33.77
CA PHE B 27 69.98 -37.78 -34.56
C PHE B 27 68.92 -36.97 -35.24
N PHE B 28 68.96 -35.64 -35.22
CA PHE B 28 68.12 -34.84 -36.08
C PHE B 28 68.90 -34.19 -37.20
N GLY B 29 70.21 -34.42 -37.26
CA GLY B 29 71.07 -33.77 -38.21
C GLY B 29 71.64 -32.49 -37.62
N GLY B 30 72.95 -32.46 -37.37
CA GLY B 30 73.55 -31.30 -36.76
C GLY B 30 73.41 -30.06 -37.63
N VAL B 31 72.54 -29.14 -37.23
CA VAL B 31 72.26 -27.95 -38.02
C VAL B 31 72.24 -26.74 -37.11
N GLU B 32 72.39 -25.57 -37.72
CA GLU B 32 72.35 -24.31 -36.99
C GLU B 32 70.92 -23.99 -36.56
N VAL B 33 70.77 -23.56 -35.32
CA VAL B 33 69.47 -23.16 -34.77
C VAL B 33 69.65 -21.89 -33.95
N GLY B 34 69.36 -20.74 -34.54
CA GLY B 34 69.43 -19.49 -33.81
C GLY B 34 70.80 -19.08 -33.35
N LEU B 35 70.93 -17.83 -32.92
CA LEU B 35 72.14 -17.27 -32.32
C LEU B 35 71.80 -16.86 -30.89
N THR B 36 72.82 -16.59 -30.09
CA THR B 36 72.50 -16.29 -28.70
C THR B 36 73.60 -15.49 -27.99
N PRO B 37 73.29 -14.38 -27.35
CA PRO B 37 74.34 -13.57 -26.71
C PRO B 37 74.55 -13.89 -25.24
N ALA B 38 75.80 -13.71 -24.81
CA ALA B 38 76.16 -13.77 -23.39
C ALA B 38 77.61 -13.34 -23.24
N ASP B 39 78.02 -13.13 -21.97
CA ASP B 39 79.40 -12.73 -21.69
C ASP B 39 80.34 -13.93 -21.66
N ASP B 40 80.15 -14.82 -20.70
CA ASP B 40 80.97 -16.00 -20.49
C ASP B 40 80.15 -17.25 -20.73
N PRO B 41 80.76 -18.31 -21.25
CA PRO B 41 79.99 -19.51 -21.57
C PRO B 41 79.42 -20.21 -20.35
N GLU B 42 79.94 -19.93 -19.15
CA GLU B 42 79.40 -20.58 -17.97
C GLU B 42 77.96 -20.17 -17.69
N LYS B 43 77.42 -19.21 -18.43
CA LYS B 43 76.02 -18.84 -18.31
C LYS B 43 75.15 -19.48 -19.37
N VAL B 44 75.68 -19.76 -20.56
CA VAL B 44 74.92 -20.46 -21.60
C VAL B 44 75.10 -21.94 -21.30
N LEU B 45 74.32 -22.44 -20.35
CA LEU B 45 74.51 -23.83 -20.02
C LEU B 45 73.21 -24.59 -19.75
N ASN B 46 72.08 -23.91 -19.56
CA ASN B 46 70.82 -24.61 -19.46
C ASN B 46 69.71 -23.90 -20.21
N ARG B 47 70.06 -23.02 -21.14
CA ARG B 47 69.04 -22.30 -21.89
C ARG B 47 68.32 -23.25 -22.83
N VAL B 48 67.00 -23.12 -22.90
CA VAL B 48 66.15 -24.02 -23.65
C VAL B 48 65.70 -23.33 -24.92
N VAL B 49 65.93 -23.96 -26.06
CA VAL B 49 65.50 -23.44 -27.32
C VAL B 49 64.17 -24.10 -27.69
N GLU B 50 63.48 -23.54 -28.66
CA GLU B 50 62.33 -24.24 -29.23
C GLU B 50 62.24 -23.91 -30.71
N VAL B 51 62.23 -24.94 -31.53
CA VAL B 51 62.11 -24.79 -32.98
C VAL B 51 61.11 -25.80 -33.48
N THR B 52 60.29 -25.39 -34.44
CA THR B 52 59.30 -26.29 -35.01
C THR B 52 60.00 -27.37 -35.83
N LEU B 53 59.27 -28.44 -36.11
CA LEU B 53 59.87 -29.54 -36.86
C LEU B 53 60.27 -29.10 -38.26
N LYS B 54 59.54 -28.13 -38.81
CA LYS B 54 59.77 -27.73 -40.20
C LYS B 54 61.06 -26.95 -40.37
N ASP B 55 61.58 -26.34 -39.31
CA ASP B 55 62.88 -25.69 -39.42
C ASP B 55 64.02 -26.68 -39.61
N ILE B 56 63.73 -27.98 -39.56
CA ILE B 56 64.72 -29.02 -39.80
C ILE B 56 64.12 -29.97 -40.82
N THR B 57 64.68 -29.96 -42.04
CA THR B 57 64.21 -30.79 -43.15
C THR B 57 62.71 -30.62 -43.34
N GLY B 58 62.32 -29.39 -43.66
CA GLY B 58 60.95 -28.97 -43.55
C GLY B 58 60.01 -29.35 -44.68
N ASP B 59 58.98 -30.12 -44.34
CA ASP B 59 57.83 -30.33 -45.20
C ASP B 59 56.64 -29.60 -44.60
N PHE B 60 55.98 -28.78 -45.40
CA PHE B 60 55.01 -27.82 -44.88
C PHE B 60 53.95 -28.47 -43.98
N LEU B 61 53.76 -29.78 -44.08
CA LEU B 61 52.64 -30.42 -43.42
C LEU B 61 52.84 -30.49 -41.91
N LYS B 62 54.04 -30.81 -41.46
CA LYS B 62 54.32 -30.91 -40.03
C LYS B 62 54.87 -29.60 -39.46
N GLY B 63 54.17 -28.50 -39.71
CA GLY B 63 54.62 -27.27 -39.12
C GLY B 63 54.15 -27.05 -37.71
N HIS B 64 53.24 -27.90 -37.23
CA HIS B 64 52.56 -27.73 -35.96
C HIS B 64 53.13 -28.62 -34.86
N VAL B 65 54.34 -29.12 -35.02
CA VAL B 65 55.00 -29.93 -34.02
C VAL B 65 56.24 -29.19 -33.56
N LYS B 66 56.44 -29.10 -32.26
CA LYS B 66 57.51 -28.29 -31.72
C LYS B 66 58.44 -29.15 -30.88
N LEU B 67 59.72 -28.80 -30.90
CA LEU B 67 60.75 -29.58 -30.23
C LEU B 67 61.56 -28.68 -29.30
N TYR B 68 62.15 -29.30 -28.30
CA TYR B 68 62.93 -28.60 -27.29
C TYR B 68 64.34 -29.17 -27.27
N PHE B 69 65.33 -28.29 -27.16
CA PHE B 69 66.72 -28.69 -27.07
C PHE B 69 67.37 -27.87 -25.97
N GLN B 70 68.10 -28.53 -25.08
CA GLN B 70 68.76 -27.88 -23.96
C GLN B 70 70.26 -28.13 -24.04
N VAL B 71 71.05 -27.06 -23.92
CA VAL B 71 72.49 -27.17 -24.20
C VAL B 71 73.19 -27.88 -23.04
N TYR B 72 74.38 -28.43 -23.34
CA TYR B 72 75.22 -28.95 -22.28
C TYR B 72 76.71 -28.67 -22.45
N ASP B 73 77.14 -28.01 -23.52
CA ASP B 73 78.57 -27.82 -23.71
C ASP B 73 78.82 -26.60 -24.59
N VAL B 74 79.90 -25.89 -24.30
CA VAL B 74 80.31 -24.73 -25.09
C VAL B 74 81.79 -24.88 -25.37
N LYS B 75 82.12 -25.46 -26.53
CA LYS B 75 83.50 -25.56 -26.99
C LYS B 75 83.74 -24.50 -28.06
N GLY B 76 83.88 -23.26 -27.62
CA GLY B 76 84.29 -22.22 -28.52
C GLY B 76 83.27 -21.80 -29.55
N GLN B 77 82.20 -21.14 -29.13
CA GLN B 77 81.17 -20.59 -30.01
C GLN B 77 80.36 -21.71 -30.66
N ASN B 78 80.11 -22.77 -29.91
CA ASN B 78 79.24 -23.85 -30.39
C ASN B 78 78.52 -24.43 -29.20
N ALA B 79 77.20 -24.36 -29.20
CA ALA B 79 76.41 -24.85 -28.11
C ALA B 79 75.73 -26.14 -28.54
N TYR B 80 76.28 -27.28 -28.13
CA TYR B 80 75.71 -28.57 -28.44
C TYR B 80 74.63 -28.89 -27.43
N THR B 81 73.56 -29.51 -27.89
CA THR B 81 72.32 -29.61 -27.13
C THR B 81 71.98 -31.07 -26.85
N LYS B 82 70.79 -31.26 -26.28
CA LYS B 82 70.27 -32.58 -25.98
C LYS B 82 68.75 -32.51 -25.97
N PHE B 83 68.09 -33.41 -26.71
CA PHE B 83 66.64 -33.43 -26.77
C PHE B 83 66.05 -33.37 -25.37
N LYS B 84 64.95 -32.65 -25.24
CA LYS B 84 64.35 -32.43 -23.92
C LYS B 84 62.86 -32.73 -23.86
N GLY B 85 62.11 -32.45 -24.91
CA GLY B 85 60.70 -32.73 -24.90
C GLY B 85 60.10 -32.61 -26.28
N MET B 86 58.79 -32.72 -26.34
CA MET B 86 58.09 -32.58 -27.62
C MET B 86 56.64 -32.27 -27.33
N LYS B 87 56.05 -31.41 -28.15
CA LYS B 87 54.69 -30.97 -27.89
C LYS B 87 54.02 -30.55 -29.18
N LEU B 88 52.72 -30.84 -29.29
CA LEU B 88 51.89 -30.31 -30.36
C LEU B 88 51.56 -28.86 -30.04
N ALA B 89 50.64 -28.27 -30.78
CA ALA B 89 50.25 -26.89 -30.56
C ALA B 89 48.77 -26.83 -30.24
N ARG B 90 48.42 -26.06 -29.20
CA ARG B 90 47.05 -26.01 -28.71
C ARG B 90 46.08 -25.62 -29.80
N SER B 91 46.53 -24.82 -30.77
CA SER B 91 45.64 -24.48 -31.87
C SER B 91 45.31 -25.71 -32.71
N TYR B 92 46.26 -26.62 -32.86
CA TYR B 92 46.02 -27.83 -33.65
C TYR B 92 45.00 -28.73 -32.97
N ILE B 93 45.31 -29.21 -31.76
CA ILE B 93 44.40 -30.10 -31.07
C ILE B 93 43.15 -29.39 -30.60
N ARG B 94 43.13 -28.07 -30.63
CA ARG B 94 41.92 -27.32 -30.30
C ARG B 94 40.84 -27.49 -31.35
N SER B 95 41.15 -28.08 -32.48
CA SER B 95 40.22 -28.18 -33.60
C SER B 95 39.84 -29.61 -33.94
N LEU B 96 40.41 -30.59 -33.26
CA LEU B 96 40.03 -31.98 -33.44
C LEU B 96 38.95 -32.43 -32.47
N VAL B 97 38.65 -31.61 -31.47
CA VAL B 97 37.75 -31.98 -30.39
C VAL B 97 36.48 -31.16 -30.58
N ARG B 98 35.48 -31.76 -31.19
CA ARG B 98 34.17 -31.13 -31.35
C ARG B 98 33.13 -31.96 -30.63
N ARG B 99 31.91 -31.44 -30.59
CA ARG B 99 30.82 -32.18 -29.97
C ARG B 99 30.53 -33.44 -30.76
N ARG B 100 30.10 -34.48 -30.04
CA ARG B 100 29.72 -35.78 -30.62
C ARG B 100 30.93 -36.54 -31.14
N THR B 101 32.08 -36.46 -30.45
CA THR B 101 33.28 -37.09 -30.98
C THR B 101 34.14 -37.85 -29.97
N THR B 102 33.98 -37.65 -28.66
CA THR B 102 34.45 -38.60 -27.65
C THR B 102 35.96 -38.82 -27.71
N ARG B 103 36.72 -37.79 -27.34
CA ARG B 103 38.15 -37.93 -27.18
C ARG B 103 38.49 -39.03 -26.17
N ILE B 104 39.70 -39.57 -26.28
CA ILE B 104 40.21 -40.61 -25.39
C ILE B 104 41.68 -40.30 -25.11
N ASP B 105 42.09 -40.43 -23.86
CA ASP B 105 43.33 -39.86 -23.40
C ASP B 105 44.14 -40.87 -22.59
N GLY B 106 45.40 -41.04 -22.94
CA GLY B 106 46.27 -41.97 -22.24
C GLY B 106 47.59 -41.35 -21.87
N ILE B 107 48.14 -41.81 -20.75
CA ILE B 107 49.36 -41.25 -20.16
C ILE B 107 50.14 -42.39 -19.53
N PHE B 108 51.39 -42.57 -19.93
CA PHE B 108 52.14 -43.74 -19.49
C PHE B 108 53.56 -43.35 -19.10
N ASN B 109 54.08 -44.05 -18.08
CA ASN B 109 55.48 -44.02 -17.69
C ASN B 109 56.17 -45.26 -18.24
N ILE B 110 57.25 -45.08 -18.99
CA ILE B 110 57.96 -46.18 -19.61
C ILE B 110 59.46 -45.93 -19.49
N THR B 111 60.25 -46.91 -19.93
CA THR B 111 61.70 -46.83 -19.96
C THR B 111 62.23 -47.50 -21.22
N THR B 112 63.51 -47.30 -21.48
CA THR B 112 64.09 -47.78 -22.74
C THR B 112 65.38 -48.56 -22.52
N LYS B 113 66.07 -48.88 -23.61
CA LYS B 113 67.25 -49.74 -23.53
C LYS B 113 68.40 -49.05 -22.82
N ASP B 114 68.72 -47.82 -23.22
CA ASP B 114 69.79 -47.09 -22.55
C ASP B 114 69.50 -46.91 -21.07
N GLY B 115 68.23 -46.91 -20.70
CA GLY B 115 67.84 -46.62 -19.33
C GLY B 115 67.16 -45.29 -19.15
N TYR B 116 66.88 -44.56 -20.21
CA TYR B 116 66.10 -43.34 -20.10
C TYR B 116 64.67 -43.67 -19.68
N LYS B 117 64.09 -42.79 -18.89
CA LYS B 117 62.70 -42.93 -18.46
C LYS B 117 61.89 -41.81 -19.09
N LEU B 118 60.73 -42.15 -19.63
CA LEU B 118 59.91 -41.23 -20.40
C LEU B 118 58.47 -41.32 -19.93
N ARG B 119 57.68 -40.33 -20.35
CA ARG B 119 56.25 -40.31 -20.08
C ARG B 119 55.55 -39.83 -21.35
N VAL B 120 54.82 -40.72 -22.00
CA VAL B 120 54.17 -40.38 -23.27
C VAL B 120 52.68 -40.18 -23.04
N MET B 121 52.10 -39.24 -23.77
CA MET B 121 50.70 -38.83 -23.59
C MET B 121 49.97 -38.85 -24.93
N ALA B 122 49.46 -40.01 -25.32
CA ALA B 122 48.87 -40.18 -26.63
C ALA B 122 47.36 -40.04 -26.57
N MET B 123 46.78 -39.59 -27.68
CA MET B 123 45.38 -39.17 -27.72
C MET B 123 44.69 -39.77 -28.93
N VAL B 124 43.59 -40.48 -28.71
CA VAL B 124 42.78 -41.03 -29.78
C VAL B 124 41.47 -40.27 -29.81
N ILE B 125 40.82 -40.26 -30.97
CA ILE B 125 39.59 -39.51 -31.13
C ILE B 125 38.62 -40.35 -31.94
N ALA B 126 37.61 -40.89 -31.29
CA ALA B 126 36.64 -41.73 -31.97
C ALA B 126 35.85 -40.90 -32.96
N ALA B 127 35.00 -41.56 -33.73
CA ALA B 127 34.21 -40.91 -34.75
C ALA B 127 32.78 -40.61 -34.32
N ARG B 128 32.35 -41.06 -33.16
CA ARG B 128 31.00 -40.80 -32.68
C ARG B 128 31.00 -40.81 -31.16
N ARG B 129 29.81 -40.94 -30.57
CA ARG B 129 29.69 -41.14 -29.13
C ARG B 129 29.65 -42.62 -28.84
N ILE B 130 30.50 -43.07 -27.91
CA ILE B 130 30.65 -44.48 -27.60
C ILE B 130 30.59 -44.65 -26.10
N GLN B 131 30.33 -45.89 -25.68
CA GLN B 131 30.33 -46.21 -24.27
C GLN B 131 31.75 -46.13 -23.72
N THR B 132 31.88 -46.30 -22.40
CA THR B 132 33.19 -46.22 -21.77
C THR B 132 33.85 -47.56 -21.59
N SER B 133 33.08 -48.63 -21.34
CA SER B 133 33.68 -49.95 -21.32
C SER B 133 34.20 -50.31 -22.68
N GLN B 134 33.76 -49.61 -23.71
CA GLN B 134 34.31 -49.67 -25.04
C GLN B 134 35.36 -48.60 -25.25
N GLU B 135 35.59 -47.74 -24.26
CA GLU B 135 36.58 -46.68 -24.32
C GLU B 135 37.87 -47.04 -23.61
N ARG B 136 37.83 -47.94 -22.63
CA ARG B 136 39.04 -48.34 -21.93
C ARG B 136 39.73 -49.52 -22.57
N ALA B 137 39.01 -50.33 -23.34
CA ALA B 137 39.66 -51.34 -24.15
C ALA B 137 40.70 -50.70 -25.06
N ILE B 138 40.38 -49.51 -25.58
CA ILE B 138 41.31 -48.83 -26.48
C ILE B 138 42.53 -48.35 -25.71
N ARG B 139 42.33 -47.85 -24.49
CA ARG B 139 43.45 -47.38 -23.70
C ARG B 139 44.38 -48.53 -23.34
N LYS B 140 43.82 -49.70 -23.04
CA LYS B 140 44.67 -50.85 -22.78
C LYS B 140 45.46 -51.24 -24.02
N ILE B 141 44.81 -51.21 -25.18
CA ILE B 141 45.53 -51.46 -26.44
C ILE B 141 46.72 -50.53 -26.56
N MET B 142 46.50 -49.25 -26.27
CA MET B 142 47.57 -48.27 -26.44
C MET B 142 48.73 -48.55 -25.51
N GLN B 143 48.45 -48.82 -24.24
CA GLN B 143 49.52 -49.19 -23.32
C GLN B 143 50.29 -50.39 -23.83
N GLU B 144 49.58 -51.38 -24.34
CA GLU B 144 50.23 -52.63 -24.70
C GLU B 144 51.10 -52.49 -25.93
N ILE B 145 50.78 -51.57 -26.83
CA ILE B 145 51.68 -51.36 -27.96
C ILE B 145 52.66 -50.23 -27.73
N ILE B 146 52.58 -49.52 -26.60
CA ILE B 146 53.66 -48.59 -26.24
C ILE B 146 54.77 -49.35 -25.51
N TYR B 147 54.43 -50.02 -24.41
CA TYR B 147 55.44 -50.73 -23.65
C TYR B 147 56.26 -51.65 -24.54
N LYS B 148 55.57 -52.46 -25.34
CA LYS B 148 56.25 -53.36 -26.27
C LYS B 148 57.23 -52.58 -27.15
N LYS B 149 56.73 -51.57 -27.85
CA LYS B 149 57.58 -50.79 -28.74
C LYS B 149 58.75 -50.15 -28.01
N ALA B 150 58.65 -49.98 -26.69
CA ALA B 150 59.73 -49.43 -25.90
C ALA B 150 60.61 -50.50 -25.29
N GLU B 151 60.80 -51.63 -25.96
CA GLU B 151 61.67 -52.68 -25.48
C GLU B 151 62.88 -52.91 -26.35
N GLU B 152 62.70 -52.93 -27.67
CA GLU B 152 63.79 -53.15 -28.59
C GLU B 152 64.36 -51.86 -29.15
N LEU B 153 63.80 -50.71 -28.79
CA LEU B 153 64.22 -49.44 -29.35
C LEU B 153 64.89 -48.60 -28.28
N ASN B 154 66.02 -48.02 -28.63
CA ASN B 154 66.77 -47.15 -27.74
C ASN B 154 66.11 -45.79 -27.67
N PHE B 155 66.63 -44.95 -26.77
CA PHE B 155 66.09 -43.61 -26.61
C PHE B 155 66.12 -42.84 -27.93
N LYS B 156 67.20 -43.00 -28.71
CA LYS B 156 67.34 -42.17 -29.90
C LYS B 156 66.45 -42.63 -31.03
N ASP B 157 66.07 -43.90 -31.05
CA ASP B 157 65.21 -44.39 -32.12
C ASP B 157 63.73 -44.31 -31.77
N PHE B 158 63.40 -44.47 -30.49
CA PHE B 158 62.03 -44.25 -30.06
C PHE B 158 61.58 -42.84 -30.36
N VAL B 159 62.37 -41.84 -29.94
CA VAL B 159 62.01 -40.45 -30.19
C VAL B 159 61.97 -40.16 -31.67
N LEU B 160 62.84 -40.79 -32.45
CA LEU B 160 62.89 -40.53 -33.88
C LEU B 160 61.57 -40.83 -34.56
N GLU B 161 60.78 -41.76 -34.02
CA GLU B 161 59.54 -42.16 -34.66
C GLU B 161 58.30 -41.69 -33.93
N ALA B 162 58.41 -41.36 -32.64
CA ALA B 162 57.25 -40.85 -31.93
C ALA B 162 56.76 -39.56 -32.57
N VAL B 163 57.64 -38.56 -32.68
CA VAL B 163 57.29 -37.33 -33.36
C VAL B 163 57.05 -37.58 -34.85
N ASN B 164 57.76 -38.54 -35.42
CA ASN B 164 57.68 -38.77 -36.86
C ASN B 164 56.27 -39.19 -37.27
N GLY B 165 55.66 -40.11 -36.54
CA GLY B 165 54.34 -40.58 -36.89
C GLY B 165 54.30 -42.03 -37.32
N LYS B 166 55.18 -42.85 -36.75
CA LYS B 166 55.21 -44.28 -37.06
C LYS B 166 54.68 -45.15 -35.93
N ILE B 167 54.26 -44.56 -34.82
CA ILE B 167 53.48 -45.29 -33.83
C ILE B 167 51.99 -45.01 -33.99
N ALA B 168 51.62 -43.87 -34.56
CA ALA B 168 50.22 -43.59 -34.82
C ALA B 168 49.62 -44.61 -35.76
N ALA B 169 50.36 -45.02 -36.77
CA ALA B 169 49.81 -45.97 -37.74
C ALA B 169 49.73 -47.37 -37.22
N GLU B 170 49.94 -47.61 -35.93
CA GLU B 170 49.81 -48.92 -35.33
C GLU B 170 48.61 -48.99 -34.40
N ILE B 171 48.47 -47.99 -33.52
CA ILE B 171 47.19 -47.79 -32.86
C ILE B 171 46.10 -47.74 -33.90
N ALA B 172 46.25 -46.87 -34.89
CA ALA B 172 45.21 -46.66 -35.88
C ALA B 172 44.92 -47.93 -36.67
N LYS B 173 45.63 -49.01 -36.36
CA LYS B 173 45.34 -50.32 -36.95
C LYS B 173 44.63 -51.23 -35.96
N GLU B 174 45.20 -51.42 -34.79
CA GLU B 174 44.63 -52.38 -33.84
C GLU B 174 43.44 -51.83 -33.09
N ALA B 175 43.23 -50.52 -33.09
CA ALA B 175 42.07 -49.95 -32.40
C ALA B 175 40.89 -49.75 -33.32
N LYS B 176 41.14 -49.42 -34.59
CA LYS B 176 40.06 -49.36 -35.56
C LYS B 176 39.23 -50.64 -35.60
N LYS B 177 39.74 -51.74 -35.04
CA LYS B 177 38.96 -52.96 -34.89
C LYS B 177 38.25 -53.03 -33.55
N ILE B 178 38.15 -51.92 -32.84
CA ILE B 178 37.20 -51.75 -31.76
C ILE B 178 36.07 -50.81 -32.16
N TYR B 179 36.42 -49.66 -32.70
CA TYR B 179 35.43 -48.72 -33.19
C TYR B 179 36.10 -47.82 -34.21
N PRO B 180 35.57 -47.72 -35.42
CA PRO B 180 36.23 -46.92 -36.44
C PRO B 180 36.50 -45.50 -35.96
N LEU B 181 37.77 -45.15 -35.89
CA LEU B 181 38.19 -43.89 -35.34
C LEU B 181 38.78 -43.01 -36.43
N LYS B 182 39.30 -41.87 -36.00
CA LYS B 182 40.03 -40.95 -36.86
C LYS B 182 41.12 -40.31 -36.02
N LYS B 183 42.28 -40.11 -36.64
CA LYS B 183 43.30 -39.23 -36.07
C LYS B 183 43.73 -39.69 -34.67
N ALA B 184 44.41 -40.83 -34.64
CA ALA B 184 45.18 -41.21 -33.47
C ALA B 184 46.61 -40.71 -33.60
N GLU B 185 47.15 -40.14 -32.53
CA GLU B 185 48.52 -39.62 -32.57
C GLU B 185 49.03 -39.40 -31.15
N ILE B 186 50.30 -38.98 -31.06
CA ILE B 186 50.99 -38.71 -29.80
C ILE B 186 51.08 -37.21 -29.59
N ARG B 187 50.76 -36.75 -28.38
CA ARG B 187 50.56 -35.35 -28.08
C ARG B 187 51.71 -34.70 -27.34
N LYS B 188 52.41 -35.42 -26.49
CA LYS B 188 53.48 -34.81 -25.74
C LYS B 188 54.48 -35.88 -25.32
N ILE B 189 55.74 -35.48 -25.20
CA ILE B 189 56.80 -36.31 -24.65
C ILE B 189 57.63 -35.45 -23.72
N LYS B 190 58.03 -36.03 -22.59
CA LYS B 190 58.92 -35.38 -21.66
C LYS B 190 59.85 -36.42 -21.06
N VAL B 191 61.15 -36.21 -21.22
CA VAL B 191 62.12 -37.09 -20.59
C VAL B 191 62.24 -36.74 -19.13
N LEU B 192 62.45 -37.73 -18.28
CA LEU B 192 62.45 -37.55 -16.84
C LEU B 192 63.83 -37.73 -16.23
N GLY B 193 64.54 -38.79 -16.59
CA GLY B 193 65.86 -39.03 -16.03
C GLY B 193 66.80 -39.59 -17.09
N GLU B 194 68.07 -39.61 -16.72
CA GLU B 194 69.14 -40.10 -17.56
C GLU B 194 69.66 -41.42 -17.02
N PRO B 195 70.34 -42.21 -17.84
CA PRO B 195 71.09 -43.34 -17.29
C PRO B 195 72.32 -42.84 -16.57
N GLU B 196 72.61 -43.45 -15.42
CA GLU B 196 73.81 -43.09 -14.68
C GLU B 196 75.09 -43.40 -15.45
N VAL B 197 75.03 -44.36 -16.36
CA VAL B 197 76.17 -44.72 -17.20
C VAL B 197 76.41 -43.59 -18.19
N ALA B 198 77.56 -43.59 -18.85
CA ALA B 198 77.94 -42.61 -19.86
C ALA B 198 77.95 -41.20 -19.29
N GLU C 4 -11.97 -53.41 -63.78
CA GLU C 4 -10.78 -53.39 -62.94
C GLU C 4 -9.71 -52.47 -63.50
N TYR C 5 -8.86 -51.96 -62.62
CA TYR C 5 -7.62 -51.28 -62.99
C TYR C 5 -7.88 -50.20 -64.03
N LEU C 6 -8.55 -49.15 -63.56
CA LEU C 6 -9.03 -48.06 -64.40
C LEU C 6 -7.96 -47.49 -65.32
N VAL C 7 -6.70 -47.84 -65.06
CA VAL C 7 -5.61 -47.54 -65.99
C VAL C 7 -4.68 -48.75 -66.01
N PRO C 8 -3.64 -48.77 -66.83
CA PRO C 8 -2.58 -49.76 -66.63
C PRO C 8 -1.93 -49.57 -65.27
N LEU C 9 -1.44 -50.67 -64.70
CA LEU C 9 -0.68 -50.56 -63.45
C LEU C 9 0.55 -49.69 -63.63
N ASP C 10 1.22 -49.81 -64.75
CA ASP C 10 2.40 -49.03 -65.01
C ASP C 10 2.08 -47.63 -65.39
N GLN C 11 0.83 -47.24 -65.16
CA GLN C 11 0.45 -45.83 -65.13
C GLN C 11 0.15 -45.35 -63.73
N TYR C 12 -0.31 -46.24 -62.85
CA TYR C 12 -0.37 -45.93 -61.43
C TYR C 12 1.03 -45.79 -60.85
N LEU C 13 1.98 -46.59 -61.34
CA LEU C 13 3.34 -46.54 -60.84
C LEU C 13 4.17 -45.48 -61.55
N ALA C 14 3.89 -45.23 -62.83
CA ALA C 14 4.61 -44.20 -63.54
C ALA C 14 4.39 -42.84 -62.89
N ALA C 15 3.14 -42.55 -62.52
CA ALA C 15 2.85 -41.33 -61.78
C ALA C 15 3.55 -41.35 -60.43
N GLY C 16 3.36 -42.42 -59.67
CA GLY C 16 3.90 -42.49 -58.33
C GLY C 16 2.82 -42.37 -57.28
N VAL C 17 1.70 -43.03 -57.50
CA VAL C 17 0.63 -43.01 -56.52
C VAL C 17 1.08 -43.67 -55.22
N HIS C 18 1.80 -44.79 -55.33
CA HIS C 18 2.05 -45.63 -54.17
C HIS C 18 3.06 -45.04 -53.19
N ILE C 19 3.94 -44.15 -53.63
CA ILE C 19 5.02 -43.69 -52.77
C ILE C 19 4.48 -42.81 -51.66
N GLY C 20 4.82 -43.13 -50.42
CA GLY C 20 4.32 -42.42 -49.26
C GLY C 20 5.36 -41.59 -48.56
N THR C 21 5.28 -41.51 -47.23
CA THR C 21 6.19 -40.70 -46.44
C THR C 21 6.57 -41.47 -45.19
N GLN C 22 7.63 -41.01 -44.53
CA GLN C 22 8.17 -41.72 -43.38
C GLN C 22 7.45 -41.37 -42.08
N GLN C 23 6.13 -41.43 -42.06
CA GLN C 23 5.37 -41.12 -40.86
C GLN C 23 4.06 -41.88 -40.92
N LYS C 24 3.94 -42.92 -40.11
CA LYS C 24 2.79 -43.82 -40.13
C LYS C 24 1.63 -43.21 -39.37
N THR C 25 0.62 -44.04 -39.12
CA THR C 25 -0.54 -43.72 -38.31
C THR C 25 -1.34 -44.99 -38.08
N LYS C 26 -1.89 -45.13 -36.88
CA LYS C 26 -2.72 -46.27 -36.58
C LYS C 26 -4.01 -46.29 -37.38
N ASP C 27 -4.39 -45.17 -38.00
CA ASP C 27 -5.63 -45.12 -38.76
C ASP C 27 -5.47 -45.65 -40.17
N MET C 28 -4.26 -45.63 -40.72
CA MET C 28 -4.01 -46.09 -42.06
C MET C 28 -3.52 -47.53 -42.11
N LYS C 29 -3.48 -48.21 -40.96
CA LYS C 29 -2.91 -49.55 -40.92
C LYS C 29 -3.50 -50.44 -42.00
N LYS C 30 -4.77 -50.27 -42.31
CA LYS C 30 -5.43 -51.04 -43.35
C LYS C 30 -4.97 -50.68 -44.74
N PHE C 31 -3.97 -49.80 -44.93
CA PHE C 31 -3.65 -49.31 -46.26
C PHE C 31 -2.19 -49.51 -46.63
N ILE C 32 -1.29 -49.41 -45.67
CA ILE C 32 0.13 -49.46 -45.94
C ILE C 32 0.45 -50.86 -46.47
N TYR C 33 1.61 -51.04 -47.04
CA TYR C 33 1.93 -52.32 -47.65
C TYR C 33 3.23 -52.91 -47.15
N ARG C 34 4.24 -52.08 -46.92
CA ARG C 34 5.51 -52.50 -46.35
C ARG C 34 6.38 -51.28 -46.13
N VAL C 35 7.60 -51.50 -45.64
CA VAL C 35 8.56 -50.44 -45.38
C VAL C 35 9.86 -50.90 -45.98
N ARG C 36 10.23 -50.38 -47.14
CA ARG C 36 11.51 -50.74 -47.72
C ARG C 36 12.64 -50.43 -46.75
N GLN C 37 13.80 -51.08 -46.98
CA GLN C 37 14.95 -50.81 -46.13
C GLN C 37 15.32 -49.34 -46.08
N ASP C 38 14.78 -48.54 -46.99
CA ASP C 38 14.92 -47.09 -46.90
C ASP C 38 14.25 -46.53 -45.66
N GLY C 39 13.26 -47.23 -45.11
CA GLY C 39 12.48 -46.71 -44.01
C GLY C 39 11.36 -45.80 -44.43
N LEU C 40 10.90 -45.93 -45.67
CA LEU C 40 9.87 -45.08 -46.24
C LEU C 40 8.74 -45.97 -46.72
N TYR C 41 7.51 -45.63 -46.37
CA TYR C 41 6.39 -46.55 -46.52
C TYR C 41 5.89 -46.57 -47.96
N VAL C 42 5.02 -47.52 -48.25
CA VAL C 42 4.54 -47.79 -49.61
C VAL C 42 3.07 -48.16 -49.52
N LEU C 43 2.21 -47.32 -50.09
CA LEU C 43 0.78 -47.62 -50.04
C LEU C 43 0.46 -48.83 -50.92
N ASP C 44 -0.67 -49.46 -50.62
CA ASP C 44 -1.26 -50.39 -51.56
C ASP C 44 -1.69 -49.63 -52.81
N VAL C 45 -2.11 -50.37 -53.84
CA VAL C 45 -2.77 -49.76 -54.97
C VAL C 45 -4.09 -50.43 -55.33
N ARG C 46 -4.29 -51.69 -54.96
CA ARG C 46 -5.55 -52.34 -55.27
C ARG C 46 -6.70 -51.68 -54.52
N LYS C 47 -6.45 -51.22 -53.29
CA LYS C 47 -7.52 -50.54 -52.57
C LYS C 47 -7.79 -49.16 -53.13
N THR C 48 -6.77 -48.46 -53.60
CA THR C 48 -7.04 -47.21 -54.31
C THR C 48 -7.89 -47.45 -55.55
N ASP C 49 -7.60 -48.53 -56.28
CA ASP C 49 -8.43 -48.84 -57.44
C ASP C 49 -9.86 -49.14 -57.02
N GLU C 50 -10.04 -49.98 -56.00
CA GLU C 50 -11.39 -50.33 -55.62
C GLU C 50 -12.10 -49.18 -54.93
N ARG C 51 -11.38 -48.12 -54.60
CA ARG C 51 -11.94 -46.98 -53.90
C ARG C 51 -12.30 -45.83 -54.84
N LEU C 52 -11.49 -45.58 -55.86
CA LEU C 52 -11.82 -44.58 -56.86
C LEU C 52 -13.20 -44.82 -57.45
N LYS C 53 -13.52 -46.08 -57.72
CA LYS C 53 -14.78 -46.39 -58.38
C LYS C 53 -15.97 -46.02 -57.51
N VAL C 54 -15.94 -46.41 -56.24
CA VAL C 54 -17.07 -46.11 -55.38
C VAL C 54 -17.15 -44.62 -55.12
N ALA C 55 -16.01 -43.93 -55.02
CA ALA C 55 -16.06 -42.48 -54.95
C ALA C 55 -16.76 -41.90 -56.16
N GLY C 56 -16.48 -42.45 -57.33
CA GLY C 56 -17.09 -41.92 -58.54
C GLY C 56 -18.59 -42.10 -58.53
N LYS C 57 -19.05 -43.34 -58.31
CA LYS C 57 -20.49 -43.57 -58.34
C LYS C 57 -21.20 -42.94 -57.16
N PHE C 58 -20.45 -42.47 -56.16
CA PHE C 58 -21.05 -41.71 -55.07
C PHE C 58 -21.40 -40.29 -55.51
N LEU C 59 -20.45 -39.60 -56.12
CA LEU C 59 -20.60 -38.20 -56.45
C LEU C 59 -21.55 -37.95 -57.62
N ALA C 60 -22.21 -38.97 -58.15
CA ALA C 60 -23.10 -38.80 -59.30
C ALA C 60 -24.57 -38.83 -58.92
N ARG C 61 -24.89 -38.72 -57.63
CA ARG C 61 -26.26 -38.59 -57.21
C ARG C 61 -26.68 -37.15 -56.96
N PHE C 62 -25.74 -36.26 -56.70
CA PHE C 62 -26.02 -34.86 -56.39
C PHE C 62 -25.99 -34.02 -57.65
N ASP C 63 -26.52 -32.81 -57.54
CA ASP C 63 -26.54 -31.88 -58.65
C ASP C 63 -25.17 -31.23 -58.80
N PRO C 64 -24.69 -31.05 -60.04
CA PRO C 64 -23.27 -30.70 -60.23
C PRO C 64 -22.92 -29.31 -59.74
N GLN C 65 -23.86 -28.39 -59.69
CA GLN C 65 -23.59 -27.05 -59.19
C GLN C 65 -23.49 -27.01 -57.68
N SER C 66 -23.47 -28.16 -57.02
CA SER C 66 -23.40 -28.29 -55.57
C SER C 66 -22.24 -29.18 -55.19
N ILE C 67 -21.07 -28.92 -55.75
CA ILE C 67 -19.87 -29.69 -55.50
C ILE C 67 -18.75 -28.72 -55.19
N LEU C 68 -17.81 -29.15 -54.35
CA LEU C 68 -16.65 -28.33 -54.00
C LEU C 68 -15.37 -29.12 -54.17
N ALA C 69 -14.44 -28.55 -54.92
CA ALA C 69 -13.05 -28.95 -54.90
C ALA C 69 -12.26 -27.83 -54.26
N VAL C 70 -11.28 -28.17 -53.44
CA VAL C 70 -10.46 -27.18 -52.75
C VAL C 70 -9.02 -27.66 -52.73
N SER C 71 -8.09 -26.72 -52.74
CA SER C 71 -6.69 -27.03 -52.51
C SER C 71 -5.91 -25.75 -52.29
N VAL C 72 -4.99 -25.77 -51.34
CA VAL C 72 -4.18 -24.61 -51.02
C VAL C 72 -2.74 -24.75 -51.49
N ARG C 73 -2.27 -25.96 -51.77
CA ARG C 73 -0.91 -26.14 -52.22
C ARG C 73 -0.74 -25.61 -53.64
N LEU C 74 0.45 -25.75 -54.19
CA LEU C 74 0.69 -25.18 -55.51
C LEU C 74 0.47 -26.19 -56.62
N TYR C 75 1.03 -27.40 -56.47
CA TYR C 75 0.92 -28.39 -57.53
C TYR C 75 -0.51 -28.85 -57.79
N GLY C 76 -1.38 -28.74 -56.80
CA GLY C 76 -2.74 -29.20 -56.99
C GLY C 76 -3.75 -28.09 -57.15
N GLN C 77 -3.35 -26.97 -57.76
CA GLN C 77 -4.28 -25.89 -58.05
C GLN C 77 -4.80 -25.93 -59.48
N LYS C 78 -3.97 -26.29 -60.45
CA LYS C 78 -4.47 -26.49 -61.80
C LYS C 78 -5.45 -27.66 -61.89
N PRO C 79 -5.14 -28.88 -61.40
CA PRO C 79 -6.11 -29.97 -61.50
C PRO C 79 -7.37 -29.72 -60.71
N VAL C 80 -7.45 -28.59 -60.04
CA VAL C 80 -8.69 -28.17 -59.39
C VAL C 80 -9.62 -27.47 -60.37
N LYS C 81 -9.10 -26.45 -61.07
CA LYS C 81 -9.92 -25.71 -62.01
C LYS C 81 -10.38 -26.57 -63.16
N LYS C 82 -9.47 -27.36 -63.73
CA LYS C 82 -9.82 -28.15 -64.90
C LYS C 82 -10.90 -29.17 -64.57
N PHE C 83 -10.76 -29.86 -63.44
CA PHE C 83 -11.81 -30.78 -63.01
C PHE C 83 -13.10 -30.04 -62.73
N GLY C 84 -13.00 -28.85 -62.17
CA GLY C 84 -14.21 -28.09 -61.88
C GLY C 84 -14.97 -27.74 -63.14
N GLU C 85 -14.24 -27.38 -64.21
CA GLU C 85 -14.88 -26.95 -65.44
C GLU C 85 -15.32 -28.12 -66.31
N VAL C 86 -14.60 -29.24 -66.27
CA VAL C 86 -14.96 -30.38 -67.11
C VAL C 86 -16.29 -30.99 -66.68
N THR C 87 -16.52 -31.10 -65.39
CA THR C 87 -17.86 -31.36 -64.88
C THR C 87 -18.49 -30.01 -64.57
N GLY C 88 -19.64 -30.02 -63.91
CA GLY C 88 -20.29 -28.76 -63.59
C GLY C 88 -19.95 -28.28 -62.20
N ALA C 89 -18.74 -28.61 -61.73
CA ALA C 89 -18.39 -28.37 -60.35
C ALA C 89 -18.22 -26.89 -60.08
N ARG C 90 -17.93 -26.58 -58.82
CA ARG C 90 -17.38 -25.29 -58.45
C ARG C 90 -16.04 -25.54 -57.77
N ALA C 91 -15.10 -24.62 -57.93
CA ALA C 91 -13.75 -24.84 -57.45
C ALA C 91 -13.21 -23.58 -56.78
N ILE C 92 -12.53 -23.76 -55.66
CA ILE C 92 -11.92 -22.65 -54.96
C ILE C 92 -10.42 -22.90 -54.81
N PRO C 93 -9.61 -22.56 -55.79
CA PRO C 93 -8.17 -22.67 -55.63
C PRO C 93 -7.61 -21.45 -54.93
N GLY C 94 -6.50 -21.65 -54.26
CA GLY C 94 -5.90 -20.58 -53.51
C GLY C 94 -6.38 -20.59 -52.08
N ARG C 95 -6.16 -19.46 -51.41
CA ARG C 95 -6.58 -19.35 -50.02
C ARG C 95 -8.10 -19.45 -49.91
N PHE C 96 -8.55 -20.33 -49.04
CA PHE C 96 -9.96 -20.40 -48.66
C PHE C 96 -10.19 -19.35 -47.59
N LEU C 97 -10.77 -18.22 -47.96
CA LEU C 97 -10.95 -17.17 -46.98
C LEU C 97 -12.13 -17.50 -46.06
N PRO C 98 -11.95 -17.41 -44.75
CA PRO C 98 -12.87 -18.07 -43.83
C PRO C 98 -14.20 -17.35 -43.73
N GLY C 99 -15.23 -18.12 -43.43
CA GLY C 99 -16.56 -17.59 -43.37
C GLY C 99 -17.33 -17.73 -44.64
N THR C 100 -16.80 -18.49 -45.61
CA THR C 100 -17.52 -18.70 -46.85
C THR C 100 -18.78 -19.52 -46.63
N MET C 101 -18.71 -20.50 -45.74
CA MET C 101 -19.85 -21.39 -45.50
C MET C 101 -20.55 -21.12 -44.18
N THR C 102 -20.31 -19.99 -43.54
CA THR C 102 -20.98 -19.66 -42.29
C THR C 102 -21.52 -18.25 -42.22
N ASN C 103 -21.01 -17.32 -43.00
CA ASN C 103 -21.31 -15.89 -42.85
C ASN C 103 -22.18 -15.42 -43.99
N PRO C 104 -23.49 -15.36 -43.81
CA PRO C 104 -24.35 -14.95 -44.93
C PRO C 104 -24.18 -13.50 -45.34
N ALA C 105 -23.55 -12.67 -44.53
CA ALA C 105 -23.37 -11.28 -44.90
C ALA C 105 -22.12 -11.04 -45.75
N VAL C 106 -21.61 -12.07 -46.43
CA VAL C 106 -20.45 -11.94 -47.30
C VAL C 106 -20.88 -12.30 -48.71
N LYS C 107 -20.31 -11.61 -49.69
CA LYS C 107 -20.78 -11.65 -51.07
C LYS C 107 -20.49 -12.97 -51.78
N ASN C 108 -19.81 -13.93 -51.14
CA ASN C 108 -19.49 -15.18 -51.80
C ASN C 108 -20.09 -16.38 -51.08
N PHE C 109 -21.15 -16.18 -50.32
CA PHE C 109 -21.75 -17.25 -49.54
C PHE C 109 -22.09 -18.45 -50.40
N PHE C 110 -21.99 -19.64 -49.81
CA PHE C 110 -22.23 -20.88 -50.55
C PHE C 110 -22.41 -22.07 -49.62
N GLU C 111 -23.48 -22.82 -49.81
CA GLU C 111 -23.75 -23.99 -48.98
C GLU C 111 -23.69 -25.25 -49.83
N PRO C 112 -22.57 -25.92 -49.88
CA PRO C 112 -22.44 -27.07 -50.78
C PRO C 112 -23.25 -28.26 -50.32
N ASP C 113 -23.16 -29.36 -51.04
CA ASP C 113 -23.83 -30.60 -50.67
C ASP C 113 -22.87 -31.75 -50.41
N VAL C 114 -21.71 -31.76 -51.04
CA VAL C 114 -20.57 -32.56 -50.62
C VAL C 114 -19.33 -31.68 -50.76
N ILE C 115 -18.20 -32.22 -50.37
CA ILE C 115 -16.95 -31.47 -50.46
C ILE C 115 -15.81 -32.46 -50.67
N ILE C 116 -14.83 -32.05 -51.46
CA ILE C 116 -13.68 -32.87 -51.82
C ILE C 116 -12.44 -32.14 -51.37
N ILE C 117 -11.62 -32.81 -50.58
CA ILE C 117 -10.47 -32.20 -49.94
C ILE C 117 -9.21 -32.95 -50.33
N THR C 118 -8.17 -32.22 -50.69
CA THR C 118 -6.94 -32.80 -51.18
C THR C 118 -6.01 -33.20 -50.06
N ASP C 119 -5.76 -32.31 -49.11
CA ASP C 119 -4.88 -32.63 -48.00
C ASP C 119 -5.51 -32.13 -46.71
N PRO C 120 -6.00 -33.02 -45.85
CA PRO C 120 -6.71 -32.57 -44.64
C PRO C 120 -5.83 -31.78 -43.67
N ARG C 121 -4.53 -31.73 -43.89
CA ARG C 121 -3.64 -30.98 -42.99
C ARG C 121 -3.49 -29.53 -43.42
N ALA C 122 -3.22 -29.29 -44.69
CA ALA C 122 -3.14 -27.93 -45.18
C ALA C 122 -4.51 -27.29 -45.29
N ASP C 123 -5.50 -28.06 -45.75
CA ASP C 123 -6.85 -27.54 -45.97
C ASP C 123 -7.74 -27.81 -44.77
N HIS C 124 -7.32 -27.32 -43.60
CA HIS C 124 -8.02 -27.60 -42.35
C HIS C 124 -9.11 -26.60 -42.04
N GLN C 125 -8.98 -25.36 -42.47
CA GLN C 125 -10.05 -24.38 -42.27
C GLN C 125 -11.33 -24.85 -42.96
N ALA C 126 -11.22 -25.24 -44.23
CA ALA C 126 -12.34 -25.81 -44.93
C ALA C 126 -12.90 -27.01 -44.18
N MET C 127 -12.03 -27.79 -43.53
CA MET C 127 -12.51 -28.93 -42.76
C MET C 127 -13.40 -28.47 -41.61
N LYS C 128 -12.96 -27.44 -40.87
CA LYS C 128 -13.76 -26.94 -39.75
C LYS C 128 -15.11 -26.45 -40.22
N GLU C 129 -15.11 -25.60 -41.24
CA GLU C 129 -16.37 -25.07 -41.73
C GLU C 129 -17.21 -26.12 -42.42
N ALA C 130 -16.64 -27.27 -42.76
CA ALA C 130 -17.44 -28.36 -43.29
C ALA C 130 -18.13 -29.13 -42.17
N ILE C 131 -17.45 -29.27 -41.04
CA ILE C 131 -18.09 -29.96 -39.92
C ILE C 131 -19.19 -29.08 -39.32
N GLU C 132 -18.96 -27.78 -39.26
CA GLU C 132 -19.93 -26.90 -38.60
C GLU C 132 -21.22 -26.75 -39.37
N ILE C 133 -21.30 -27.27 -40.59
CA ILE C 133 -22.49 -27.17 -41.42
C ILE C 133 -23.18 -28.51 -41.61
N GLY C 134 -22.44 -29.62 -41.55
CA GLY C 134 -23.05 -30.94 -41.54
C GLY C 134 -23.24 -31.63 -42.88
N ILE C 135 -22.17 -31.76 -43.65
CA ILE C 135 -22.24 -32.34 -44.99
C ILE C 135 -21.25 -33.49 -45.03
N PRO C 136 -21.37 -34.40 -46.00
CA PRO C 136 -20.35 -35.43 -46.16
C PRO C 136 -18.99 -34.83 -46.46
N ILE C 137 -17.96 -35.66 -46.38
CA ILE C 137 -16.61 -35.18 -46.65
C ILE C 137 -15.81 -36.28 -47.34
N VAL C 138 -15.43 -36.06 -48.59
CA VAL C 138 -14.58 -36.99 -49.32
C VAL C 138 -13.19 -36.37 -49.36
N ALA C 139 -12.17 -37.16 -49.03
CA ALA C 139 -10.84 -36.64 -48.90
C ALA C 139 -9.83 -37.60 -49.48
N LEU C 140 -8.66 -37.08 -49.82
CA LEU C 140 -7.56 -37.90 -50.31
C LEU C 140 -6.50 -37.98 -49.21
N VAL C 141 -6.30 -39.17 -48.66
CA VAL C 141 -5.42 -39.34 -47.51
C VAL C 141 -4.16 -40.08 -47.94
N ASP C 142 -3.08 -39.84 -47.19
CA ASP C 142 -1.76 -40.43 -47.41
C ASP C 142 -1.29 -41.14 -46.14
N THR C 143 -0.02 -41.52 -46.11
CA THR C 143 0.51 -42.31 -44.98
C THR C 143 0.46 -41.58 -43.66
N GLU C 144 0.30 -40.26 -43.67
CA GLU C 144 0.44 -39.49 -42.46
C GLU C 144 -0.88 -39.05 -41.86
N ASN C 145 -1.85 -38.70 -42.70
CA ASN C 145 -3.04 -38.00 -42.21
C ASN C 145 -4.00 -38.94 -41.49
N LEU C 146 -4.64 -38.40 -40.46
CA LEU C 146 -5.66 -39.10 -39.70
C LEU C 146 -6.99 -39.03 -40.41
N LEU C 147 -7.85 -40.02 -40.12
CA LEU C 147 -9.17 -40.14 -40.74
C LEU C 147 -10.26 -39.63 -39.83
N SER C 148 -9.99 -38.56 -39.09
CA SER C 148 -11.00 -37.94 -38.26
C SER C 148 -11.95 -37.13 -39.13
N TYR C 149 -13.24 -37.46 -39.08
CA TYR C 149 -14.35 -36.81 -39.75
C TYR C 149 -14.42 -37.16 -41.23
N VAL C 150 -13.45 -37.89 -41.78
CA VAL C 150 -13.53 -38.31 -43.16
C VAL C 150 -14.62 -39.36 -43.30
N ASP C 151 -15.37 -39.29 -44.40
CA ASP C 151 -16.48 -40.22 -44.61
C ASP C 151 -16.27 -41.22 -45.74
N LEU C 152 -15.37 -40.93 -46.69
CA LEU C 152 -15.03 -41.93 -47.70
C LEU C 152 -13.60 -41.65 -48.13
N ALA C 153 -12.65 -42.32 -47.47
CA ALA C 153 -11.24 -42.08 -47.73
C ALA C 153 -10.87 -42.56 -49.11
N ILE C 154 -9.74 -42.05 -49.60
CA ILE C 154 -9.17 -42.43 -50.90
C ILE C 154 -7.66 -42.37 -50.78
N PRO C 155 -6.96 -43.49 -50.59
CA PRO C 155 -5.53 -43.43 -50.31
C PRO C 155 -4.73 -43.01 -51.54
N THR C 156 -3.79 -42.09 -51.36
CA THR C 156 -3.12 -41.50 -52.51
C THR C 156 -1.94 -40.65 -52.05
N ASN C 157 -0.88 -40.64 -52.86
CA ASN C 157 0.22 -39.72 -52.64
C ASN C 157 -0.21 -38.32 -53.02
N ASN C 158 -0.77 -37.57 -52.08
CA ASN C 158 -1.37 -36.28 -52.39
C ASN C 158 -0.40 -35.11 -52.26
N LYS C 159 0.88 -35.35 -52.52
CA LYS C 159 1.85 -34.27 -52.56
C LYS C 159 2.51 -34.07 -53.90
N GLY C 160 2.73 -35.13 -54.67
CA GLY C 160 3.38 -34.99 -55.96
C GLY C 160 2.54 -34.18 -56.93
N ARG C 161 3.18 -33.84 -58.06
CA ARG C 161 2.55 -33.03 -59.10
C ARG C 161 1.93 -33.88 -60.20
N LYS C 162 2.62 -34.95 -60.60
CA LYS C 162 2.05 -35.85 -61.59
C LYS C 162 0.91 -36.67 -61.01
N ALA C 163 0.94 -36.95 -59.71
CA ALA C 163 -0.08 -37.80 -59.12
C ALA C 163 -1.41 -37.09 -59.04
N LEU C 164 -1.43 -35.86 -58.54
CA LEU C 164 -2.68 -35.13 -58.39
C LEU C 164 -3.40 -34.97 -59.71
N ALA C 165 -2.67 -34.94 -60.81
CA ALA C 165 -3.32 -34.81 -62.10
C ALA C 165 -3.90 -36.13 -62.57
N LEU C 166 -3.35 -37.24 -62.12
CA LEU C 166 -3.88 -38.52 -62.53
C LEU C 166 -5.18 -38.84 -61.78
N ILE C 167 -5.20 -38.61 -60.47
CA ILE C 167 -6.39 -38.90 -59.68
C ILE C 167 -7.55 -38.05 -60.16
N TYR C 168 -7.31 -36.79 -60.49
CA TYR C 168 -8.41 -35.95 -60.91
C TYR C 168 -8.85 -36.27 -62.32
N TRP C 169 -7.93 -36.71 -63.18
CA TRP C 169 -8.32 -37.19 -64.49
C TRP C 169 -9.31 -38.35 -64.37
N ILE C 170 -8.93 -39.38 -63.61
CA ILE C 170 -9.79 -40.54 -63.41
C ILE C 170 -11.09 -40.14 -62.75
N LEU C 171 -11.03 -39.26 -61.75
CA LEU C 171 -12.23 -38.90 -61.02
C LEU C 171 -13.20 -38.11 -61.86
N ALA C 172 -12.70 -37.32 -62.81
CA ALA C 172 -13.61 -36.62 -63.71
C ALA C 172 -14.15 -37.57 -64.78
N ARG C 173 -13.30 -38.44 -65.31
CA ARG C 173 -13.76 -39.37 -66.35
C ARG C 173 -14.81 -40.33 -65.82
N GLU C 174 -14.68 -40.75 -64.57
CA GLU C 174 -15.60 -41.73 -64.01
C GLU C 174 -16.96 -41.11 -63.67
N ILE C 175 -16.99 -39.82 -63.33
CA ILE C 175 -18.25 -39.19 -62.97
C ILE C 175 -19.21 -39.22 -64.14
N LEU C 176 -18.77 -38.68 -65.28
CA LEU C 176 -19.66 -38.55 -66.43
C LEU C 176 -20.20 -39.89 -66.89
N TYR C 177 -19.40 -40.95 -66.75
CA TYR C 177 -19.82 -42.26 -67.20
C TYR C 177 -21.01 -42.79 -66.42
N ASN C 178 -21.26 -42.28 -65.22
CA ASN C 178 -22.35 -42.77 -64.40
C ASN C 178 -23.61 -41.92 -64.47
N ARG C 179 -23.52 -40.70 -65.00
CA ARG C 179 -24.69 -39.86 -65.18
C ARG C 179 -25.11 -39.76 -66.65
N GLY C 180 -24.55 -40.61 -67.51
CA GLY C 180 -25.03 -40.77 -68.86
C GLY C 180 -24.38 -39.90 -69.91
N GLU C 181 -23.52 -38.96 -69.51
CA GLU C 181 -22.96 -38.03 -70.46
C GLU C 181 -22.02 -38.74 -71.43
N ILE C 182 -21.43 -39.86 -71.02
CA ILE C 182 -20.49 -40.61 -71.84
C ILE C 182 -21.03 -42.03 -71.96
N SER C 183 -20.84 -42.64 -73.14
CA SER C 183 -21.29 -44.01 -73.33
C SER C 183 -20.24 -45.01 -72.83
N SER C 184 -19.03 -44.95 -73.35
CA SER C 184 -17.97 -45.86 -72.96
C SER C 184 -16.71 -45.09 -72.58
N ARG C 185 -15.84 -45.77 -71.85
CA ARG C 185 -14.61 -45.18 -71.34
C ARG C 185 -13.64 -44.74 -72.44
N GLU C 186 -13.85 -45.19 -73.68
CA GLU C 186 -12.95 -44.84 -74.78
C GLU C 186 -13.41 -43.60 -75.51
N GLU C 187 -14.14 -42.71 -74.84
CA GLU C 187 -14.70 -41.53 -75.46
C GLU C 187 -14.35 -40.28 -74.67
N PHE C 188 -13.23 -40.33 -73.94
CA PHE C 188 -12.73 -39.22 -73.17
C PHE C 188 -11.40 -38.84 -73.79
N LYS C 189 -11.47 -38.00 -74.83
CA LYS C 189 -10.28 -37.62 -75.59
C LYS C 189 -9.72 -36.32 -75.03
N ILE C 190 -9.20 -36.42 -73.80
CA ILE C 190 -8.66 -35.29 -73.07
C ILE C 190 -7.37 -35.73 -72.39
N PRO C 191 -6.22 -35.24 -72.81
CA PRO C 191 -4.94 -35.75 -72.26
C PRO C 191 -4.69 -35.30 -70.83
N VAL C 192 -4.04 -36.18 -70.08
CA VAL C 192 -3.74 -35.89 -68.68
C VAL C 192 -2.92 -34.62 -68.55
N GLU C 193 -1.97 -34.42 -69.47
CA GLU C 193 -1.13 -33.23 -69.44
C GLU C 193 -1.93 -31.95 -69.40
N GLU C 194 -3.19 -32.00 -69.81
CA GLU C 194 -4.05 -30.85 -69.61
C GLU C 194 -4.22 -30.53 -68.14
N PHE C 195 -4.16 -31.55 -67.28
CA PHE C 195 -4.42 -31.37 -65.85
C PHE C 195 -3.19 -30.97 -65.06
N GLU C 196 -2.01 -31.48 -65.40
CA GLU C 196 -0.84 -31.17 -64.60
C GLU C 196 -0.53 -29.69 -64.68
N MET C 197 0.27 -29.22 -63.72
CA MET C 197 0.68 -27.83 -63.65
C MET C 197 1.98 -27.64 -64.42
N LYS C 198 2.02 -26.63 -65.27
CA LYS C 198 3.23 -26.36 -66.03
C LYS C 198 4.35 -25.96 -65.09
N ILE C 199 5.56 -26.45 -65.39
CA ILE C 199 6.75 -26.18 -64.59
C ILE C 199 6.88 -24.72 -64.21
N GLU D 3 -50.70 -35.17 -29.51
CA GLU D 3 -51.67 -34.50 -30.36
C GLU D 3 -52.26 -35.47 -31.37
N ASN D 4 -53.19 -36.31 -30.90
CA ASN D 4 -53.89 -37.32 -31.72
C ASN D 4 -52.88 -38.29 -32.33
N VAL D 5 -52.13 -38.93 -31.45
CA VAL D 5 -50.81 -39.47 -31.81
C VAL D 5 -50.95 -40.78 -32.56
N GLU D 6 -50.21 -40.88 -33.67
CA GLU D 6 -49.88 -42.12 -34.35
C GLU D 6 -48.36 -42.21 -34.50
N LEU D 7 -47.65 -41.98 -33.39
CA LEU D 7 -46.19 -41.87 -33.41
C LEU D 7 -45.78 -40.77 -34.39
N LYS D 8 -46.14 -39.54 -34.02
CA LYS D 8 -46.08 -38.42 -34.95
C LYS D 8 -44.71 -38.25 -35.59
N PHE D 9 -43.64 -38.58 -34.88
CA PHE D 9 -42.32 -38.57 -35.49
C PHE D 9 -41.46 -39.63 -34.82
N GLU D 10 -40.29 -39.83 -35.38
CA GLU D 10 -39.34 -40.79 -34.87
C GLU D 10 -37.95 -40.17 -34.87
N ILE D 11 -37.05 -40.80 -34.13
CA ILE D 11 -35.75 -40.24 -33.80
C ILE D 11 -34.69 -41.03 -34.54
N PRO D 12 -33.71 -40.39 -35.17
CA PRO D 12 -32.67 -41.13 -35.88
C PRO D 12 -31.74 -41.83 -34.91
N VAL D 13 -31.30 -43.03 -35.29
CA VAL D 13 -30.38 -43.82 -34.51
C VAL D 13 -29.15 -44.08 -35.35
N CYS D 14 -27.97 -43.84 -34.77
CA CYS D 14 -26.74 -44.04 -35.50
C CYS D 14 -26.62 -45.48 -35.97
N THR D 15 -25.84 -45.69 -37.03
CA THR D 15 -25.68 -47.02 -37.60
C THR D 15 -24.46 -47.75 -37.07
N SER D 16 -23.59 -47.08 -36.34
CA SER D 16 -22.39 -47.71 -35.80
C SER D 16 -22.62 -48.24 -34.38
N CYS D 17 -22.98 -47.35 -33.46
CA CYS D 17 -23.14 -47.70 -32.06
C CYS D 17 -24.59 -47.93 -31.66
N GLY D 18 -25.54 -47.27 -32.32
CA GLY D 18 -26.93 -47.52 -32.06
C GLY D 18 -27.55 -46.65 -30.99
N ARG D 19 -27.07 -45.43 -30.82
CA ARG D 19 -27.63 -44.51 -29.84
C ARG D 19 -28.17 -43.28 -30.56
N GLU D 20 -29.35 -42.85 -30.14
CA GLU D 20 -30.05 -41.76 -30.80
C GLU D 20 -29.23 -40.47 -30.77
N ILE D 21 -29.70 -39.48 -31.51
CA ILE D 21 -28.94 -38.30 -31.83
C ILE D 21 -29.59 -37.10 -31.17
N THR D 22 -28.82 -36.32 -30.54
CA THR D 22 -29.14 -35.17 -29.72
C THR D 22 -29.37 -33.94 -30.57
N PRO D 23 -30.26 -33.04 -30.14
CA PRO D 23 -30.81 -32.03 -31.06
C PRO D 23 -29.80 -31.11 -31.70
N ARG D 24 -28.56 -31.03 -31.22
CA ARG D 24 -27.67 -30.05 -31.82
C ARG D 24 -26.25 -30.56 -32.02
N GLU D 25 -26.05 -31.87 -32.14
CA GLU D 25 -24.73 -32.39 -32.42
C GLU D 25 -24.54 -32.59 -33.91
N HIS D 26 -23.28 -32.59 -34.33
CA HIS D 26 -22.93 -32.65 -35.75
C HIS D 26 -22.98 -34.08 -36.26
N ALA D 27 -24.21 -34.57 -36.44
CA ALA D 27 -24.39 -35.84 -37.09
C ALA D 27 -24.32 -35.66 -38.59
N THR D 28 -24.59 -36.73 -39.33
CA THR D 28 -24.65 -36.63 -40.78
C THR D 28 -25.43 -37.81 -41.32
N HIS D 29 -25.77 -37.73 -42.60
CA HIS D 29 -26.40 -38.83 -43.30
C HIS D 29 -26.14 -38.67 -44.78
N PHE D 30 -26.14 -39.79 -45.48
CA PHE D 30 -25.86 -39.77 -46.90
C PHE D 30 -26.24 -41.12 -47.47
N VAL D 31 -26.79 -41.12 -48.69
CA VAL D 31 -27.16 -42.37 -49.31
C VAL D 31 -25.93 -43.25 -49.45
N CYS D 32 -26.12 -44.55 -49.30
CA CYS D 32 -24.99 -45.46 -49.22
C CYS D 32 -24.24 -45.49 -50.54
N PRO D 33 -22.93 -45.28 -50.53
CA PRO D 33 -22.15 -45.50 -51.75
C PRO D 33 -22.25 -46.95 -52.17
N ASN D 34 -22.19 -47.18 -53.48
CA ASN D 34 -22.21 -48.51 -54.09
C ASN D 34 -23.53 -49.23 -53.92
N CYS D 35 -24.49 -48.65 -53.20
CA CYS D 35 -25.81 -49.28 -53.06
C CYS D 35 -26.90 -48.42 -53.68
N GLY D 36 -27.10 -47.21 -53.19
CA GLY D 36 -28.17 -46.35 -53.65
C GLY D 36 -29.49 -46.47 -52.91
N GLU D 37 -29.56 -47.27 -51.84
CA GLU D 37 -30.83 -47.50 -51.16
C GLU D 37 -30.84 -47.20 -49.67
N ALA D 38 -29.70 -47.14 -49.00
CA ALA D 38 -29.66 -46.96 -47.56
C ALA D 38 -29.27 -45.53 -47.21
N ILE D 39 -29.78 -45.06 -46.09
CA ILE D 39 -29.32 -43.83 -45.47
C ILE D 39 -28.51 -44.22 -44.25
N ILE D 40 -27.42 -43.51 -44.02
CA ILE D 40 -26.38 -43.95 -43.09
C ILE D 40 -26.10 -42.80 -42.14
N TRP D 41 -26.47 -42.95 -40.87
CA TRP D 41 -26.26 -41.92 -39.87
C TRP D 41 -24.96 -42.15 -39.13
N ARG D 42 -24.39 -41.08 -38.61
CA ARG D 42 -23.16 -41.16 -37.82
C ARG D 42 -23.17 -40.07 -36.77
N CYS D 43 -23.06 -40.45 -35.50
CA CYS D 43 -23.04 -39.49 -34.40
C CYS D 43 -21.74 -38.69 -34.44
N GLU D 44 -21.59 -37.76 -33.50
CA GLU D 44 -20.41 -36.92 -33.53
C GLU D 44 -19.17 -37.65 -33.02
N THR D 45 -19.30 -38.48 -32.00
CA THR D 45 -18.11 -39.15 -31.49
C THR D 45 -17.71 -40.34 -32.34
N CYS D 46 -18.67 -41.07 -32.91
CA CYS D 46 -18.33 -42.12 -33.86
C CYS D 46 -17.63 -41.55 -35.08
N ARG D 47 -17.90 -40.31 -35.39
CA ARG D 47 -17.35 -39.64 -36.56
C ARG D 47 -16.03 -38.98 -36.26
N LEU D 48 -15.79 -38.59 -35.01
CA LEU D 48 -14.53 -37.97 -34.64
C LEU D 48 -13.41 -39.00 -34.62
N LEU D 49 -13.49 -39.97 -33.72
CA LEU D 49 -12.57 -41.10 -33.70
C LEU D 49 -13.10 -42.14 -34.67
N ALA D 50 -12.42 -42.32 -35.79
CA ALA D 50 -13.00 -42.97 -36.94
C ALA D 50 -13.42 -44.41 -36.67
N LYS D 51 -14.72 -44.66 -36.63
CA LYS D 51 -15.25 -45.99 -36.47
C LYS D 51 -15.86 -46.46 -37.78
N PRO D 52 -15.73 -47.74 -38.12
CA PRO D 52 -16.28 -48.23 -39.38
C PRO D 52 -17.77 -48.48 -39.30
N TYR D 53 -18.44 -48.32 -40.44
CA TYR D 53 -19.84 -48.64 -40.59
C TYR D 53 -20.00 -49.61 -41.75
N LYS D 54 -21.21 -50.11 -41.94
CA LYS D 54 -21.49 -51.01 -43.05
C LYS D 54 -22.97 -50.92 -43.39
N CYS D 55 -23.26 -51.09 -44.68
CA CYS D 55 -24.63 -50.95 -45.13
C CYS D 55 -25.49 -52.10 -44.61
N PRO D 56 -26.73 -51.82 -44.22
CA PRO D 56 -27.65 -52.89 -43.85
C PRO D 56 -28.30 -53.59 -45.04
N LYS D 57 -27.93 -53.20 -46.26
CA LYS D 57 -28.39 -53.87 -47.47
C LYS D 57 -27.24 -54.46 -48.25
N CYS D 58 -26.18 -53.68 -48.47
CA CYS D 58 -24.97 -54.18 -49.09
C CYS D 58 -24.21 -55.03 -48.08
N GLY D 59 -22.99 -55.38 -48.40
CA GLY D 59 -22.08 -55.87 -47.39
C GLY D 59 -20.97 -54.86 -47.20
N TRP D 60 -21.00 -53.82 -48.04
CA TRP D 60 -19.86 -52.93 -48.17
C TRP D 60 -19.57 -52.23 -46.87
N GLU D 61 -18.39 -52.46 -46.32
CA GLU D 61 -18.07 -52.08 -44.95
C GLU D 61 -17.06 -50.95 -44.90
N GLY D 62 -17.13 -50.19 -43.82
CA GLY D 62 -16.13 -49.20 -43.51
C GLY D 62 -16.28 -47.95 -44.33
N PRO D 63 -15.70 -46.84 -43.83
CA PRO D 63 -15.56 -45.59 -44.54
C PRO D 63 -14.34 -45.62 -45.43
N GLY E 2 -36.72 -35.60 31.22
CA GLY E 2 -36.87 -34.71 30.10
C GLY E 2 -37.94 -33.68 30.36
N ASP E 3 -38.72 -33.37 29.34
CA ASP E 3 -39.77 -32.38 29.43
C ASP E 3 -41.13 -33.01 29.22
N PRO E 4 -42.19 -32.40 29.73
CA PRO E 4 -43.54 -32.91 29.45
C PRO E 4 -44.11 -32.30 28.19
N LYS E 5 -45.36 -32.61 27.87
CA LYS E 5 -45.94 -32.17 26.60
C LYS E 5 -46.38 -30.72 26.69
N ARG E 6 -45.85 -29.90 25.79
CA ARG E 6 -46.37 -28.57 25.54
C ARG E 6 -47.28 -28.63 24.33
N GLN E 7 -48.31 -27.79 24.33
CA GLN E 7 -49.21 -27.73 23.18
C GLN E 7 -48.58 -26.90 22.07
N ARG E 8 -48.92 -27.26 20.83
CA ARG E 8 -48.20 -26.78 19.65
C ARG E 8 -49.15 -26.12 18.67
N LYS E 9 -48.60 -25.16 17.91
CA LYS E 9 -49.40 -24.43 16.94
C LYS E 9 -49.81 -25.34 15.79
N LYS E 10 -51.02 -25.12 15.28
CA LYS E 10 -51.58 -25.89 14.17
C LYS E 10 -51.56 -25.10 12.87
N TYR E 11 -50.52 -24.32 12.62
CA TYR E 11 -50.35 -23.68 11.33
C TYR E 11 -48.88 -23.29 11.17
N GLU E 12 -48.56 -22.77 10.00
CA GLU E 12 -47.19 -22.47 9.63
C GLU E 12 -47.14 -21.16 8.87
N THR E 13 -46.19 -20.32 9.20
CA THR E 13 -46.03 -19.01 8.60
C THR E 13 -45.40 -19.16 7.22
N PRO E 14 -45.13 -18.07 6.50
CA PRO E 14 -44.31 -18.16 5.30
C PRO E 14 -42.83 -18.13 5.65
N PRO E 15 -41.96 -18.67 4.80
CA PRO E 15 -40.53 -18.62 5.09
C PRO E 15 -39.96 -17.21 5.00
N HIS E 16 -40.23 -16.51 3.90
CA HIS E 16 -39.86 -15.10 3.77
C HIS E 16 -41.14 -14.28 3.71
N PRO E 17 -41.30 -13.29 4.59
CA PRO E 17 -42.59 -12.60 4.69
C PRO E 17 -42.88 -11.58 3.61
N TRP E 18 -42.01 -11.35 2.65
CA TRP E 18 -42.19 -10.27 1.70
C TRP E 18 -41.84 -10.70 0.29
N ILE E 19 -42.27 -11.89 -0.13
CA ILE E 19 -42.14 -12.26 -1.53
C ILE E 19 -43.30 -11.64 -2.29
N LYS E 20 -42.99 -10.86 -3.33
CA LYS E 20 -43.99 -10.01 -3.97
C LYS E 20 -45.11 -10.83 -4.59
N GLU E 21 -44.76 -11.74 -5.50
CA GLU E 21 -45.75 -12.49 -6.25
C GLU E 21 -46.51 -13.47 -5.37
N ARG E 22 -46.21 -13.49 -4.08
CA ARG E 22 -46.96 -14.27 -3.11
C ARG E 22 -47.96 -13.42 -2.35
N LEU E 23 -47.57 -12.22 -1.98
CA LEU E 23 -48.52 -11.28 -1.42
C LEU E 23 -49.62 -10.95 -2.42
N ASP E 24 -49.24 -10.74 -3.68
CA ASP E 24 -50.27 -10.43 -4.67
C ASP E 24 -51.12 -11.62 -5.05
N ARG E 25 -50.78 -12.82 -4.60
CA ARG E 25 -51.63 -13.97 -4.83
C ARG E 25 -52.55 -14.24 -3.65
N GLU E 26 -52.06 -13.99 -2.43
CA GLU E 26 -52.90 -14.15 -1.25
C GLU E 26 -53.84 -12.97 -1.05
N ARG E 27 -53.52 -11.80 -1.58
CA ARG E 27 -54.41 -10.65 -1.47
C ARG E 27 -55.76 -10.93 -2.10
N VAL E 28 -55.80 -11.74 -3.15
CA VAL E 28 -57.04 -11.98 -3.88
C VAL E 28 -57.98 -12.86 -3.08
N LEU E 29 -57.45 -13.88 -2.41
CA LEU E 29 -58.29 -14.79 -1.65
C LEU E 29 -58.81 -14.16 -0.37
N MET E 30 -58.10 -13.17 0.17
CA MET E 30 -58.59 -12.52 1.38
C MET E 30 -59.77 -11.61 1.06
N ASP E 31 -59.72 -10.91 -0.06
CA ASP E 31 -60.79 -10.01 -0.44
C ASP E 31 -62.00 -10.74 -1.01
N LYS E 32 -61.83 -11.95 -1.51
CA LYS E 32 -62.93 -12.64 -2.16
C LYS E 32 -63.82 -13.36 -1.16
N TYR E 33 -63.24 -13.94 -0.11
CA TYR E 33 -64.00 -14.62 0.91
C TYR E 33 -64.11 -13.82 2.20
N GLU E 34 -63.52 -12.64 2.27
CA GLU E 34 -63.63 -11.74 3.42
C GLU E 34 -63.25 -12.46 4.72
N LEU E 35 -62.01 -12.88 4.78
CA LEU E 35 -61.46 -13.44 6.00
C LEU E 35 -61.00 -12.31 6.91
N LYS E 36 -60.75 -12.63 8.18
CA LYS E 36 -60.44 -11.57 9.14
C LYS E 36 -58.97 -11.21 9.17
N ASN E 37 -58.09 -12.19 9.18
CA ASN E 37 -56.66 -11.96 9.28
C ASN E 37 -55.95 -13.08 8.55
N LYS E 38 -54.65 -12.93 8.35
CA LYS E 38 -53.92 -13.94 7.59
C LYS E 38 -53.89 -15.26 8.34
N LYS E 39 -53.67 -15.22 9.64
CA LYS E 39 -53.69 -16.41 10.47
C LYS E 39 -54.94 -17.26 10.26
N GLU E 40 -56.02 -16.66 9.76
CA GLU E 40 -57.23 -17.40 9.42
C GLU E 40 -57.09 -18.15 8.11
N LEU E 41 -56.14 -17.77 7.27
CA LEU E 41 -55.95 -18.40 5.98
C LEU E 41 -54.89 -19.49 5.99
N TRP E 42 -53.78 -19.25 6.69
CA TRP E 42 -52.73 -20.26 6.77
C TRP E 42 -53.23 -21.53 7.44
N LYS E 43 -54.20 -21.40 8.33
CA LYS E 43 -54.80 -22.57 8.95
C LYS E 43 -55.30 -23.55 7.90
N HIS E 44 -55.94 -23.04 6.84
CA HIS E 44 -56.48 -23.92 5.82
C HIS E 44 -55.40 -24.44 4.88
N GLU E 45 -54.40 -23.62 4.57
CA GLU E 45 -53.28 -24.12 3.78
C GLU E 45 -52.60 -25.28 4.46
N THR E 46 -52.43 -25.21 5.78
CA THR E 46 -51.88 -26.35 6.50
C THR E 46 -52.85 -27.52 6.53
N GLN E 47 -54.14 -27.21 6.67
CA GLN E 47 -55.15 -28.27 6.66
C GLN E 47 -55.12 -29.06 5.37
N LEU E 48 -54.65 -28.46 4.29
CA LEU E 48 -54.48 -29.13 3.02
C LEU E 48 -53.13 -29.81 2.86
N LYS E 49 -52.07 -29.13 3.27
CA LYS E 49 -50.74 -29.73 3.17
C LYS E 49 -50.65 -31.01 3.96
N ASN E 50 -51.41 -31.12 5.06
CA ASN E 50 -51.38 -32.36 5.81
C ASN E 50 -51.98 -33.51 5.02
N PHE E 51 -53.11 -33.28 4.36
CA PHE E 51 -53.69 -34.32 3.51
C PHE E 51 -52.70 -34.75 2.44
N ARG E 52 -52.08 -33.78 1.76
CA ARG E 52 -51.15 -34.13 0.71
C ARG E 52 -50.01 -34.97 1.26
N ARG E 53 -49.45 -34.57 2.40
CA ARG E 53 -48.35 -35.33 3.00
C ARG E 53 -48.78 -36.69 3.51
N ARG E 54 -50.07 -36.91 3.73
CA ARG E 54 -50.50 -38.24 4.14
C ARG E 54 -50.69 -39.16 2.96
N ALA E 55 -51.34 -38.67 1.90
CA ALA E 55 -51.52 -39.50 0.71
C ALA E 55 -50.25 -39.66 -0.08
N ARG E 56 -49.19 -39.00 0.31
CA ARG E 56 -47.91 -39.08 -0.37
C ARG E 56 -47.03 -40.18 0.19
N ARG E 57 -47.37 -40.70 1.37
CA ARG E 57 -46.65 -41.81 1.96
C ARG E 57 -47.32 -43.16 1.76
N LEU E 58 -48.65 -43.19 1.66
CA LEU E 58 -49.38 -44.43 1.43
C LEU E 58 -49.31 -44.90 0.01
N LEU E 59 -48.48 -44.29 -0.83
CA LEU E 59 -48.43 -44.67 -2.23
C LEU E 59 -47.14 -45.36 -2.61
N ALA E 60 -46.06 -45.10 -1.87
CA ALA E 60 -44.83 -45.87 -1.97
C ALA E 60 -44.72 -46.91 -0.86
N ALA E 61 -45.84 -47.32 -0.28
CA ALA E 61 -45.83 -48.21 0.86
C ALA E 61 -46.46 -49.54 0.50
N ARG E 62 -46.22 -50.54 1.34
CA ARG E 62 -46.80 -51.86 1.15
C ARG E 62 -46.81 -52.58 2.48
N GLY E 63 -47.74 -53.50 2.61
CA GLY E 63 -47.88 -54.27 3.81
C GLY E 63 -49.33 -54.50 4.13
N LYS E 64 -49.60 -54.93 5.35
CA LYS E 64 -50.97 -55.21 5.77
C LYS E 64 -51.69 -53.95 6.23
N GLN E 65 -51.02 -53.11 7.02
CA GLN E 65 -51.70 -52.02 7.69
C GLN E 65 -51.68 -50.73 6.90
N ALA E 66 -50.77 -50.59 5.92
CA ALA E 66 -50.87 -49.47 5.00
C ALA E 66 -52.13 -49.56 4.16
N GLU E 67 -52.52 -50.78 3.78
CA GLU E 67 -53.78 -50.95 3.07
C GLU E 67 -54.93 -50.43 3.90
N ILE E 68 -54.98 -50.79 5.18
CA ILE E 68 -56.12 -50.43 6.01
C ILE E 68 -56.23 -48.92 6.12
N GLU E 69 -55.10 -48.23 6.21
CA GLU E 69 -55.13 -46.79 6.35
C GLU E 69 -55.40 -46.10 5.04
N ARG E 70 -55.06 -46.73 3.92
CA ARG E 70 -55.29 -46.10 2.63
C ARG E 70 -56.75 -45.72 2.45
N GLU E 71 -57.64 -46.69 2.60
CA GLU E 71 -59.07 -46.49 2.40
C GLU E 71 -59.75 -45.77 3.55
N GLN E 72 -59.01 -45.37 4.58
CA GLN E 72 -59.52 -44.47 5.60
C GLN E 72 -59.17 -43.03 5.31
N LEU E 73 -58.46 -42.77 4.21
CA LEU E 73 -58.22 -41.41 3.75
C LEU E 73 -59.23 -40.98 2.70
N LEU E 74 -59.55 -41.85 1.75
CA LEU E 74 -60.65 -41.56 0.84
C LEU E 74 -61.96 -41.40 1.60
N ALA E 75 -62.14 -42.19 2.65
CA ALA E 75 -63.37 -42.12 3.43
C ALA E 75 -63.64 -40.71 3.92
N ARG E 76 -62.76 -40.18 4.77
CA ARG E 76 -62.99 -38.82 5.25
C ARG E 76 -62.90 -37.81 4.12
N LEU E 77 -61.91 -37.93 3.25
CA LEU E 77 -61.69 -36.93 2.23
C LEU E 77 -62.89 -36.76 1.31
N LYS E 78 -63.76 -37.76 1.20
CA LYS E 78 -64.96 -37.56 0.42
C LYS E 78 -66.22 -37.49 1.25
N ARG E 79 -66.19 -37.90 2.52
CA ARG E 79 -67.30 -37.62 3.41
C ARG E 79 -67.39 -36.15 3.74
N LEU E 80 -66.27 -35.44 3.61
CA LEU E 80 -66.20 -34.02 3.86
C LEU E 80 -66.61 -33.20 2.65
N GLY E 81 -66.77 -33.83 1.49
CA GLY E 81 -67.24 -33.15 0.31
C GLY E 81 -66.19 -32.85 -0.72
N LEU E 82 -64.90 -32.93 -0.36
CA LEU E 82 -63.81 -32.46 -1.20
C LEU E 82 -63.48 -33.39 -2.36
N LEU E 83 -64.13 -34.55 -2.48
CA LEU E 83 -63.91 -35.48 -3.57
C LEU E 83 -65.23 -36.06 -4.04
N PRO E 84 -65.30 -36.54 -5.27
CA PRO E 84 -66.50 -37.23 -5.76
C PRO E 84 -66.60 -38.65 -5.25
N GLU E 85 -67.57 -39.40 -5.75
CA GLU E 85 -67.91 -40.70 -5.18
C GLU E 85 -67.11 -41.86 -5.75
N ASP E 86 -66.26 -41.63 -6.74
CA ASP E 86 -65.55 -42.73 -7.39
C ASP E 86 -64.08 -42.42 -7.61
N ALA E 87 -63.50 -41.51 -6.81
CA ALA E 87 -62.15 -41.04 -7.04
C ALA E 87 -61.12 -42.03 -6.50
N VAL E 88 -60.02 -42.17 -7.23
CA VAL E 88 -58.91 -43.01 -6.83
C VAL E 88 -57.99 -42.22 -5.89
N LEU E 89 -57.02 -42.89 -5.27
CA LEU E 89 -56.14 -42.22 -4.32
C LEU E 89 -55.35 -41.09 -4.96
N ASP E 90 -55.03 -41.20 -6.25
CA ASP E 90 -54.16 -40.22 -6.88
C ASP E 90 -54.79 -38.83 -6.94
N ASP E 91 -56.10 -38.72 -6.80
CA ASP E 91 -56.72 -37.41 -6.94
C ASP E 91 -56.45 -36.51 -5.74
N VAL E 92 -56.07 -37.08 -4.60
CA VAL E 92 -55.70 -36.27 -3.45
C VAL E 92 -54.55 -35.35 -3.77
N LEU E 93 -53.76 -35.66 -4.80
CA LEU E 93 -52.60 -34.85 -5.11
C LEU E 93 -52.98 -33.62 -5.93
N SER E 94 -54.07 -33.68 -6.68
CA SER E 94 -54.57 -32.53 -7.42
C SER E 94 -55.76 -31.88 -6.70
N LEU E 95 -55.50 -31.38 -5.50
CA LEU E 95 -56.42 -30.47 -4.83
C LEU E 95 -55.83 -29.08 -4.78
N THR E 96 -56.70 -28.11 -4.55
CA THR E 96 -56.33 -26.71 -4.61
C THR E 96 -56.96 -25.99 -3.43
N ILE E 97 -56.29 -24.91 -2.98
CA ILE E 97 -56.75 -24.21 -1.80
C ILE E 97 -58.17 -23.70 -1.98
N GLU E 98 -58.54 -23.31 -3.20
CA GLU E 98 -59.88 -22.76 -3.37
C GLU E 98 -60.98 -23.81 -3.27
N ASP E 99 -60.64 -25.06 -2.95
CA ASP E 99 -61.62 -26.11 -2.75
C ASP E 99 -61.96 -26.34 -1.29
N ILE E 100 -61.03 -26.05 -0.39
CA ILE E 100 -61.35 -26.04 1.03
C ILE E 100 -62.15 -24.79 1.36
N LEU E 101 -61.68 -23.62 0.92
CA LEU E 101 -62.32 -22.36 1.25
C LEU E 101 -63.75 -22.27 0.73
N GLU E 102 -64.21 -23.23 -0.06
CA GLU E 102 -65.60 -23.27 -0.46
C GLU E 102 -66.45 -24.09 0.47
N ARG E 103 -65.91 -24.51 1.60
CA ARG E 103 -66.64 -25.35 2.53
C ARG E 103 -66.85 -24.71 3.89
N ARG E 104 -66.31 -23.53 4.15
CA ARG E 104 -66.62 -22.84 5.38
C ARG E 104 -68.12 -22.58 5.46
N LEU E 105 -68.63 -22.47 6.69
CA LEU E 105 -70.05 -22.24 6.86
C LEU E 105 -70.49 -20.92 6.23
N GLN E 106 -69.58 -19.95 6.19
CA GLN E 106 -69.92 -18.66 5.60
C GLN E 106 -70.30 -18.82 4.14
N THR E 107 -69.44 -19.44 3.35
CA THR E 107 -69.69 -19.55 1.92
C THR E 107 -70.94 -20.36 1.63
N ILE E 108 -71.24 -21.35 2.46
CA ILE E 108 -72.42 -22.18 2.19
C ILE E 108 -73.70 -21.46 2.58
N VAL E 109 -73.68 -20.66 3.64
CA VAL E 109 -74.87 -19.88 3.93
C VAL E 109 -75.03 -18.76 2.93
N TYR E 110 -73.98 -18.39 2.22
CA TYR E 110 -74.12 -17.38 1.19
C TYR E 110 -74.43 -17.98 -0.19
N LYS E 111 -73.92 -19.16 -0.50
CA LYS E 111 -74.17 -19.79 -1.78
C LYS E 111 -75.55 -20.45 -1.87
N LYS E 112 -76.45 -20.13 -0.96
CA LYS E 112 -77.78 -20.71 -0.94
C LYS E 112 -78.86 -19.67 -0.78
N GLY E 113 -78.53 -18.39 -0.87
CA GLY E 113 -79.52 -17.35 -0.87
C GLY E 113 -79.92 -16.85 0.50
N LEU E 114 -79.36 -17.40 1.57
CA LEU E 114 -79.71 -16.95 2.90
C LEU E 114 -79.12 -15.60 3.25
N ALA E 115 -78.24 -15.06 2.42
CA ALA E 115 -77.62 -13.78 2.72
C ALA E 115 -77.45 -12.98 1.44
N ARG E 116 -77.30 -11.67 1.62
CA ARG E 116 -77.18 -10.77 0.50
C ARG E 116 -75.74 -10.64 0.02
N THR E 117 -74.77 -10.85 0.91
CA THR E 117 -73.35 -10.64 0.63
C THR E 117 -72.52 -11.25 1.74
N MET E 118 -71.34 -11.74 1.39
CA MET E 118 -70.59 -12.58 2.31
C MET E 118 -70.27 -11.87 3.61
N ARG E 119 -70.04 -10.57 3.59
CA ARG E 119 -69.76 -9.87 4.84
C ARG E 119 -71.01 -9.57 5.63
N GLN E 120 -72.17 -10.08 5.22
CA GLN E 120 -73.38 -10.03 6.01
C GLN E 120 -73.72 -11.38 6.61
N ALA E 121 -73.37 -12.46 5.92
CA ALA E 121 -73.55 -13.79 6.47
C ALA E 121 -72.75 -13.97 7.74
N ARG E 122 -71.60 -13.30 7.85
CA ARG E 122 -70.78 -13.42 9.04
C ARG E 122 -71.50 -12.90 10.26
N GLN E 123 -72.13 -11.74 10.13
CA GLN E 123 -72.92 -11.21 11.24
C GLN E 123 -74.13 -12.07 11.50
N LEU E 124 -74.78 -12.57 10.45
CA LEU E 124 -75.91 -13.46 10.64
C LEU E 124 -75.54 -14.65 11.51
N ILE E 125 -74.42 -15.30 11.21
CA ILE E 125 -73.96 -16.43 12.02
C ILE E 125 -73.63 -15.97 13.43
N VAL E 126 -72.66 -15.06 13.55
CA VAL E 126 -72.07 -14.74 14.85
C VAL E 126 -73.03 -14.06 15.80
N HIS E 127 -74.18 -13.59 15.33
CA HIS E 127 -75.23 -13.17 16.24
C HIS E 127 -76.20 -14.30 16.56
N GLY E 128 -76.00 -15.48 15.99
CA GLY E 128 -76.83 -16.62 16.32
C GLY E 128 -78.18 -16.62 15.66
N HIS E 129 -78.22 -16.72 14.34
CA HIS E 129 -79.45 -16.88 13.58
C HIS E 129 -79.47 -18.13 12.73
N ILE E 130 -78.34 -18.50 12.13
CA ILE E 130 -78.24 -19.74 11.38
C ILE E 130 -78.41 -20.93 12.31
N GLU E 131 -78.69 -22.10 11.72
CA GLU E 131 -79.00 -23.28 12.52
C GLU E 131 -78.65 -24.53 11.72
N VAL E 132 -77.52 -25.15 12.02
CA VAL E 132 -77.03 -26.30 11.29
C VAL E 132 -77.52 -27.56 11.98
N ASN E 133 -78.44 -28.27 11.33
CA ASN E 133 -78.96 -29.53 11.86
C ASN E 133 -79.46 -29.37 13.28
N GLY E 134 -80.34 -28.39 13.49
CA GLY E 134 -80.97 -28.20 14.77
C GLY E 134 -80.02 -27.87 15.89
N GLN E 135 -79.03 -27.01 15.61
CA GLN E 135 -78.07 -26.64 16.64
C GLN E 135 -77.44 -25.32 16.23
N ILE E 136 -77.73 -24.25 16.97
CA ILE E 136 -77.11 -22.97 16.70
C ILE E 136 -75.60 -23.13 16.78
N ILE E 137 -74.90 -22.63 15.77
CA ILE E 137 -73.45 -22.62 15.75
C ILE E 137 -73.02 -21.19 15.47
N ARG E 138 -72.03 -20.71 16.21
CA ARG E 138 -71.60 -19.32 16.11
C ARG E 138 -70.16 -19.20 15.64
N SER E 139 -69.69 -20.11 14.81
CA SER E 139 -68.31 -20.08 14.33
C SER E 139 -68.30 -20.13 12.81
N PRO E 140 -68.00 -19.02 12.14
CA PRO E 140 -68.15 -18.98 10.69
C PRO E 140 -67.15 -19.83 9.93
N SER E 141 -66.15 -20.42 10.59
CA SER E 141 -65.11 -21.18 9.93
C SER E 141 -65.32 -22.68 10.08
N TYR E 142 -66.48 -23.11 10.52
CA TYR E 142 -66.79 -24.52 10.65
C TYR E 142 -66.83 -25.15 9.27
N LEU E 143 -66.15 -26.28 9.09
CA LEU E 143 -66.17 -26.97 7.80
C LEU E 143 -67.40 -27.85 7.71
N VAL E 144 -68.39 -27.43 6.91
CA VAL E 144 -69.63 -28.17 6.82
C VAL E 144 -69.38 -29.50 6.11
N LEU E 145 -70.02 -30.55 6.60
CA LEU E 145 -69.91 -31.86 6.00
C LEU E 145 -70.83 -31.93 4.78
N LYS E 146 -71.01 -33.11 4.23
CA LYS E 146 -71.90 -33.29 3.09
C LYS E 146 -73.26 -33.81 3.50
N GLU E 147 -73.32 -34.66 4.52
CA GLU E 147 -74.57 -35.26 4.96
C GLU E 147 -75.53 -34.26 5.57
N GLU E 148 -75.16 -32.99 5.71
CA GLU E 148 -76.05 -32.03 6.36
C GLU E 148 -76.13 -30.71 5.62
N GLU E 149 -75.55 -30.60 4.42
CA GLU E 149 -75.52 -29.32 3.74
C GLU E 149 -76.90 -28.79 3.43
N ASP E 150 -77.87 -29.66 3.26
CA ASP E 150 -79.21 -29.22 2.92
C ASP E 150 -79.99 -28.72 4.12
N THR E 151 -79.63 -29.14 5.33
CA THR E 151 -80.40 -28.80 6.52
C THR E 151 -79.86 -27.54 7.20
N ILE E 152 -79.75 -26.45 6.45
CA ILE E 152 -79.34 -25.17 7.00
C ILE E 152 -80.47 -24.18 6.78
N THR E 153 -80.99 -23.62 7.87
CA THR E 153 -82.10 -22.68 7.79
C THR E 153 -81.84 -21.54 8.76
N TYR E 154 -82.88 -20.76 9.02
CA TYR E 154 -82.83 -19.78 10.08
C TYR E 154 -83.23 -20.45 11.38
N ALA E 155 -82.91 -19.79 12.49
CA ALA E 155 -83.24 -20.35 13.78
C ALA E 155 -84.74 -20.38 13.96
N ARG E 156 -85.21 -21.34 14.75
CA ARG E 156 -86.64 -21.47 14.97
C ARG E 156 -87.23 -20.30 15.73
N THR E 157 -86.41 -19.55 16.46
CA THR E 157 -86.87 -18.44 17.28
C THR E 157 -86.17 -17.15 16.90
N SER E 158 -85.89 -16.98 15.62
CA SER E 158 -85.22 -15.78 15.18
C SER E 158 -86.18 -14.85 14.46
N PRO E 159 -85.96 -13.53 14.55
CA PRO E 159 -86.81 -12.59 13.81
C PRO E 159 -86.72 -12.76 12.31
N PHE E 160 -85.63 -13.33 11.80
CA PHE E 160 -85.55 -13.58 10.37
C PHE E 160 -86.48 -14.69 9.93
N ALA E 161 -86.88 -15.56 10.83
CA ALA E 161 -87.70 -16.70 10.44
C ALA E 161 -89.16 -16.30 10.35
N ASN E 162 -89.45 -15.23 9.63
CA ASN E 162 -90.81 -14.77 9.41
C ASN E 162 -90.84 -13.96 8.12
N PRO E 163 -91.53 -14.41 7.08
CA PRO E 163 -91.35 -13.78 5.77
C PRO E 163 -92.03 -12.43 5.67
N GLN E 164 -91.85 -11.60 6.69
CA GLN E 164 -92.30 -10.22 6.67
C GLN E 164 -91.28 -9.26 7.26
N HIS E 165 -90.15 -9.77 7.74
CA HIS E 165 -89.16 -8.92 8.37
C HIS E 165 -88.63 -7.90 7.37
N PRO E 166 -88.58 -6.62 7.72
CA PRO E 166 -88.13 -5.60 6.76
C PRO E 166 -86.74 -5.84 6.23
N GLU E 167 -85.95 -6.66 6.91
CA GLU E 167 -84.62 -7.02 6.43
C GLU E 167 -84.63 -8.32 5.64
N ARG E 168 -85.38 -9.31 6.12
CA ARG E 168 -85.46 -10.60 5.46
C ARG E 168 -86.15 -10.53 4.10
N MET E 169 -86.82 -9.42 3.78
CA MET E 169 -87.42 -9.28 2.47
C MET E 169 -86.47 -8.64 1.47
N MET E 170 -85.52 -7.84 1.95
CA MET E 170 -84.47 -7.34 1.06
C MET E 170 -83.59 -8.44 0.54
N ILE E 171 -83.57 -9.60 1.21
CA ILE E 171 -82.63 -10.66 0.85
C ILE E 171 -82.96 -11.22 -0.52
N GLU E 172 -84.20 -11.67 -0.70
CA GLU E 172 -84.60 -12.26 -1.98
C GLU E 172 -84.86 -11.21 -3.05
N LYS E 173 -84.90 -9.93 -2.68
CA LYS E 173 -84.88 -8.85 -3.65
C LYS E 173 -83.66 -8.91 -4.57
N ALA E 174 -82.68 -9.75 -4.26
CA ALA E 174 -81.54 -9.96 -5.12
C ALA E 174 -81.66 -11.21 -5.98
N LYS E 175 -82.26 -12.28 -5.45
CA LYS E 175 -82.46 -13.50 -6.22
C LYS E 175 -83.53 -13.24 -7.28
N GLN E 176 -83.08 -12.99 -8.51
CA GLN E 176 -83.99 -12.73 -9.61
C GLN E 176 -83.46 -13.36 -10.89
N ALA F 2 -40.19 -44.56 48.28
CA ALA F 2 -39.96 -45.97 48.53
C ALA F 2 -38.64 -46.17 49.24
N ARG F 3 -38.32 -45.31 50.19
CA ARG F 3 -37.00 -45.34 50.82
C ARG F 3 -36.99 -46.16 52.11
N LYS F 4 -37.71 -45.72 53.13
CA LYS F 4 -37.60 -46.39 54.41
C LYS F 4 -38.59 -47.54 54.54
N GLY F 5 -39.72 -47.49 53.87
CA GLY F 5 -40.73 -48.48 54.08
C GLY F 5 -41.59 -48.76 52.87
N PRO F 6 -42.57 -49.63 53.05
CA PRO F 6 -43.41 -50.04 51.93
C PRO F 6 -44.37 -48.95 51.50
N LYS F 7 -44.70 -48.94 50.21
CA LYS F 7 -45.57 -47.92 49.66
C LYS F 7 -47.01 -48.20 50.06
N ARG F 8 -47.81 -47.14 50.10
CA ARG F 8 -49.21 -47.28 50.48
C ARG F 8 -50.19 -46.79 49.43
N HIS F 9 -49.78 -45.89 48.54
CA HIS F 9 -50.70 -45.28 47.61
C HIS F 9 -50.59 -45.93 46.24
N LEU F 10 -51.25 -45.33 45.25
CA LEU F 10 -51.11 -45.73 43.86
C LEU F 10 -51.59 -44.58 43.01
N LYS F 11 -51.00 -44.41 41.85
CA LYS F 11 -51.39 -43.34 40.94
C LYS F 11 -52.23 -43.88 39.80
N ARG F 12 -53.08 -43.02 39.24
CA ARG F 12 -53.85 -43.44 38.08
C ARG F 12 -52.94 -43.78 36.92
N LEU F 13 -51.97 -42.91 36.63
CA LEU F 13 -51.02 -43.20 35.56
C LEU F 13 -50.43 -44.58 35.71
N ALA F 14 -49.74 -44.82 36.82
CA ALA F 14 -49.02 -46.07 37.04
C ALA F 14 -49.89 -47.18 37.57
N ALA F 15 -50.99 -47.47 36.92
CA ALA F 15 -51.81 -48.59 37.33
C ALA F 15 -51.59 -49.75 36.39
N PRO F 16 -51.91 -50.98 36.80
CA PRO F 16 -51.79 -52.11 35.90
C PRO F 16 -52.64 -51.90 34.66
N THR F 17 -52.14 -52.39 33.53
CA THR F 17 -52.78 -52.12 32.25
C THR F 17 -53.77 -53.21 31.85
N SER F 18 -54.66 -53.58 32.77
CA SER F 18 -55.77 -54.45 32.40
C SER F 18 -57.02 -54.09 33.19
N TRP F 19 -57.33 -52.81 33.32
CA TRP F 19 -58.31 -52.44 34.32
C TRP F 19 -59.59 -51.78 33.83
N TYR F 20 -59.61 -51.15 32.65
CA TYR F 20 -60.78 -50.40 32.21
C TYR F 20 -61.11 -49.29 33.20
N ILE F 21 -60.21 -48.32 33.25
CA ILE F 21 -60.34 -47.17 34.12
C ILE F 21 -59.88 -45.94 33.34
N GLU F 22 -60.40 -44.78 33.71
CA GLU F 22 -60.09 -43.52 33.04
C GLU F 22 -58.83 -42.93 33.65
N ARG F 23 -57.75 -42.90 32.89
CA ARG F 23 -56.43 -42.66 33.46
C ARG F 23 -56.05 -41.20 33.58
N LYS F 24 -56.95 -40.28 33.26
CA LYS F 24 -56.66 -38.87 33.45
C LYS F 24 -57.79 -38.11 34.12
N ALA F 25 -58.88 -38.79 34.45
CA ALA F 25 -60.02 -38.12 35.07
C ALA F 25 -59.74 -37.71 36.50
N TYR F 26 -58.76 -38.31 37.16
CA TYR F 26 -58.49 -38.08 38.57
C TYR F 26 -57.00 -38.32 38.81
N LYS F 27 -56.62 -38.43 40.08
CA LYS F 27 -55.22 -38.58 40.43
C LYS F 27 -54.88 -39.92 41.04
N TRP F 28 -55.64 -40.40 42.02
CA TRP F 28 -55.27 -41.59 42.76
C TRP F 28 -56.11 -42.78 42.33
N ALA F 29 -55.62 -43.97 42.65
CA ALA F 29 -56.36 -45.20 42.46
C ALA F 29 -56.33 -45.98 43.76
N VAL F 30 -57.16 -47.01 43.85
CA VAL F 30 -57.16 -47.83 45.05
C VAL F 30 -56.02 -48.84 44.96
N ARG F 31 -55.21 -48.93 46.02
CA ARG F 31 -54.09 -49.86 46.04
C ARG F 31 -54.52 -51.20 46.58
N PRO F 32 -54.46 -52.27 45.80
CA PRO F 32 -55.14 -53.52 46.18
C PRO F 32 -54.40 -54.24 47.31
N ARG F 33 -55.12 -54.48 48.38
CA ARG F 33 -54.59 -55.24 49.52
C ARG F 33 -54.17 -56.62 49.06
N PRO F 34 -53.12 -57.21 49.64
CA PRO F 34 -52.69 -58.55 49.22
C PRO F 34 -53.82 -59.57 49.34
N GLY F 35 -53.62 -60.72 48.71
CA GLY F 35 -54.64 -61.74 48.74
C GLY F 35 -54.42 -62.89 47.80
N PRO F 36 -55.47 -63.30 47.11
CA PRO F 36 -55.40 -64.51 46.29
C PRO F 36 -54.48 -64.45 45.08
N HIS F 37 -54.68 -63.56 44.14
CA HIS F 37 -53.87 -63.57 42.94
C HIS F 37 -52.82 -62.47 42.99
N ASN F 38 -51.97 -62.46 41.98
CA ASN F 38 -50.96 -61.42 41.86
C ASN F 38 -51.59 -60.15 41.29
N MET F 39 -50.77 -59.21 40.85
CA MET F 39 -51.26 -57.92 40.43
C MET F 39 -51.69 -57.88 38.97
N ARG F 40 -51.00 -58.60 38.10
CA ARG F 40 -51.32 -58.56 36.69
C ARG F 40 -52.69 -59.15 36.37
N THR F 41 -53.21 -59.99 37.24
CA THR F 41 -54.36 -60.82 36.94
C THR F 41 -55.50 -60.61 37.91
N SER F 42 -55.74 -59.38 38.34
CA SER F 42 -56.75 -59.15 39.36
C SER F 42 -57.20 -57.70 39.30
N ILE F 43 -58.23 -57.40 40.08
CA ILE F 43 -58.80 -56.06 40.15
C ILE F 43 -59.54 -55.94 41.48
N PRO F 44 -59.58 -54.77 42.12
CA PRO F 44 -60.29 -54.64 43.39
C PRO F 44 -61.77 -54.99 43.28
N LEU F 45 -62.40 -55.16 44.42
CA LEU F 45 -63.84 -55.39 44.44
C LEU F 45 -64.62 -54.09 44.32
N LEU F 46 -63.96 -52.94 44.37
CA LEU F 46 -64.71 -51.70 44.28
C LEU F 46 -65.12 -51.43 42.85
N TYR F 47 -64.15 -51.39 41.94
CA TYR F 47 -64.43 -51.07 40.55
C TYR F 47 -65.48 -51.97 39.95
N ILE F 48 -65.52 -53.24 40.36
CA ILE F 48 -66.57 -54.13 39.90
C ILE F 48 -67.94 -53.63 40.32
N VAL F 49 -68.04 -53.06 41.51
CA VAL F 49 -69.32 -52.56 42.00
C VAL F 49 -69.65 -51.17 41.49
N ARG F 50 -68.72 -50.51 40.89
CA ARG F 50 -69.01 -49.14 40.53
C ARG F 50 -68.75 -48.81 39.07
N ASP F 51 -67.69 -49.34 38.48
CA ASP F 51 -67.35 -49.00 37.12
C ASP F 51 -67.79 -50.04 36.11
N TYR F 52 -67.65 -51.32 36.43
CA TYR F 52 -68.00 -52.40 35.52
C TYR F 52 -69.47 -52.75 35.55
N LEU F 53 -70.17 -52.39 36.61
CA LEU F 53 -71.58 -52.73 36.78
C LEU F 53 -72.48 -51.54 37.00
N GLY F 54 -71.98 -50.45 37.56
CA GLY F 54 -72.74 -49.24 37.71
C GLY F 54 -73.74 -49.22 38.84
N TYR F 55 -73.78 -50.25 39.68
CA TYR F 55 -74.81 -50.33 40.70
C TYR F 55 -74.83 -49.12 41.60
N ALA F 56 -73.69 -48.49 41.82
CA ALA F 56 -73.59 -47.26 42.59
C ALA F 56 -72.91 -46.20 41.75
N LYS F 57 -72.72 -45.02 42.34
CA LYS F 57 -72.11 -43.89 41.66
C LYS F 57 -70.84 -43.41 42.32
N THR F 58 -70.87 -43.11 43.62
CA THR F 58 -69.68 -42.68 44.34
C THR F 58 -69.20 -43.82 45.23
N ALA F 59 -68.09 -43.59 45.92
CA ALA F 59 -67.54 -44.66 46.74
C ALA F 59 -68.23 -44.74 48.09
N ARG F 60 -68.73 -43.63 48.59
CA ARG F 60 -69.35 -43.65 49.92
C ARG F 60 -70.59 -44.52 49.94
N GLU F 61 -71.30 -44.62 48.83
CA GLU F 61 -72.48 -45.47 48.76
C GLU F 61 -72.22 -46.82 48.15
N ALA F 62 -71.07 -47.02 47.52
CA ALA F 62 -70.67 -48.36 47.13
C ALA F 62 -69.98 -49.09 48.25
N ARG F 63 -69.57 -48.39 49.30
CA ARG F 63 -69.05 -49.01 50.50
C ARG F 63 -70.12 -49.16 51.58
N LYS F 64 -71.37 -48.85 51.25
CA LYS F 64 -72.50 -49.19 52.10
C LYS F 64 -73.20 -50.44 51.65
N ILE F 65 -73.36 -50.63 50.34
CA ILE F 65 -73.89 -51.89 49.84
C ILE F 65 -72.86 -53.00 49.90
N LEU F 66 -71.61 -52.67 50.18
CA LEU F 66 -70.58 -53.70 50.32
C LEU F 66 -70.61 -54.32 51.71
N ASN F 67 -70.37 -53.52 52.73
CA ASN F 67 -70.31 -54.06 54.08
C ASN F 67 -71.72 -54.21 54.63
N GLU F 68 -72.58 -54.86 53.84
CA GLU F 68 -73.84 -55.39 54.31
C GLU F 68 -73.97 -56.88 54.09
N GLY F 69 -73.24 -57.45 53.15
CA GLY F 69 -73.41 -58.85 52.81
C GLY F 69 -74.10 -59.04 51.48
N LYS F 70 -73.71 -58.24 50.49
CA LYS F 70 -74.35 -58.29 49.17
C LYS F 70 -73.37 -58.63 48.06
N PHE F 71 -72.25 -59.29 48.35
CA PHE F 71 -71.34 -59.70 47.28
C PHE F 71 -70.62 -60.97 47.70
N LEU F 72 -70.79 -62.02 46.90
CA LEU F 72 -70.39 -63.38 47.24
C LEU F 72 -69.34 -63.83 46.23
N VAL F 73 -68.07 -63.64 46.56
CA VAL F 73 -66.97 -64.03 45.68
C VAL F 73 -66.58 -65.46 46.04
N ASP F 74 -67.02 -66.41 45.21
CA ASP F 74 -66.84 -67.86 45.39
C ASP F 74 -67.68 -68.44 46.51
N GLY F 75 -68.68 -67.72 46.99
CA GLY F 75 -69.54 -68.21 48.04
C GLY F 75 -69.29 -67.61 49.40
N ARG F 76 -68.14 -66.98 49.61
CA ARG F 76 -67.84 -66.32 50.86
C ARG F 76 -67.97 -64.82 50.69
N VAL F 77 -68.55 -64.15 51.67
CA VAL F 77 -68.91 -62.75 51.54
C VAL F 77 -67.72 -61.87 51.88
N ARG F 78 -67.32 -61.02 50.95
CA ARG F 78 -66.19 -60.11 51.11
C ARG F 78 -66.71 -58.72 51.40
N LYS F 79 -66.38 -58.19 52.57
CA LYS F 79 -66.88 -56.90 53.02
C LYS F 79 -65.90 -55.76 52.83
N ASP F 80 -64.76 -56.02 52.22
CA ASP F 80 -63.74 -55.00 52.03
C ASP F 80 -63.79 -54.45 50.62
N TYR F 81 -63.20 -53.27 50.42
CA TYR F 81 -63.16 -52.70 49.10
C TYR F 81 -61.76 -52.73 48.49
N LYS F 82 -60.88 -53.61 48.98
CA LYS F 82 -59.57 -53.78 48.39
C LYS F 82 -59.26 -55.22 48.05
N PHE F 83 -60.25 -56.07 48.03
CA PHE F 83 -60.06 -57.49 47.79
C PHE F 83 -59.80 -57.74 46.31
N PRO F 84 -58.83 -58.54 45.98
CA PRO F 84 -58.54 -58.81 44.56
C PRO F 84 -59.37 -59.95 43.97
N VAL F 85 -60.08 -59.67 42.87
CA VAL F 85 -60.80 -60.67 42.11
C VAL F 85 -60.02 -60.96 40.85
N GLY F 86 -59.99 -62.23 40.44
CA GLY F 86 -59.13 -62.63 39.33
C GLY F 86 -59.66 -63.74 38.44
N ILE F 87 -58.76 -64.31 37.62
CA ILE F 87 -59.16 -65.23 36.56
C ILE F 87 -59.96 -66.39 37.12
N MET F 88 -60.97 -66.83 36.35
CA MET F 88 -61.80 -67.99 36.68
C MET F 88 -62.41 -67.86 38.07
N ASP F 89 -62.86 -66.66 38.42
CA ASP F 89 -63.58 -66.43 39.66
C ASP F 89 -65.02 -66.11 39.35
N VAL F 90 -65.86 -66.23 40.37
CA VAL F 90 -67.31 -66.17 40.20
C VAL F 90 -67.83 -65.13 41.19
N VAL F 91 -68.13 -63.95 40.72
CA VAL F 91 -68.83 -62.99 41.55
C VAL F 91 -70.31 -63.27 41.45
N SER F 92 -71.04 -63.04 42.53
CA SER F 92 -72.44 -63.43 42.56
C SER F 92 -73.23 -62.50 43.47
N ILE F 93 -74.20 -61.82 42.89
CA ILE F 93 -75.08 -60.92 43.63
C ILE F 93 -76.38 -61.66 43.91
N PRO F 94 -76.56 -62.25 45.08
CA PRO F 94 -77.65 -63.20 45.27
C PRO F 94 -79.01 -62.53 45.33
N GLU F 95 -79.07 -61.31 45.87
CA GLU F 95 -80.35 -60.62 45.99
C GLU F 95 -80.97 -60.36 44.63
N THR F 96 -80.15 -60.12 43.63
CA THR F 96 -80.61 -59.92 42.26
C THR F 96 -80.68 -61.24 41.50
N GLY F 97 -79.63 -62.04 41.58
CA GLY F 97 -79.66 -63.37 41.02
C GLY F 97 -78.86 -63.53 39.74
N GLU F 98 -77.79 -62.76 39.59
CA GLU F 98 -76.94 -62.81 38.42
C GLU F 98 -75.53 -63.23 38.80
N HIS F 99 -74.78 -63.70 37.80
CA HIS F 99 -73.46 -64.27 38.02
C HIS F 99 -72.55 -63.87 36.87
N TYR F 100 -71.26 -64.03 37.09
CA TYR F 100 -70.25 -63.55 36.15
C TYR F 100 -68.98 -64.35 36.36
N ARG F 101 -68.18 -64.46 35.31
CA ARG F 101 -66.90 -65.14 35.39
C ARG F 101 -65.85 -64.20 34.84
N VAL F 102 -64.90 -63.83 35.69
CA VAL F 102 -63.86 -62.90 35.26
C VAL F 102 -62.96 -63.58 34.26
N LEU F 103 -62.74 -62.94 33.12
CA LEU F 103 -61.99 -63.52 32.03
C LEU F 103 -61.21 -62.41 31.34
N PRO F 104 -60.10 -62.75 30.68
CA PRO F 104 -59.38 -61.73 29.92
C PRO F 104 -60.00 -61.47 28.56
N ASN F 105 -59.75 -60.27 28.05
CA ASN F 105 -60.24 -59.84 26.75
C ASN F 105 -59.32 -60.43 25.69
N ARG F 106 -59.43 -59.97 24.45
CA ARG F 106 -58.44 -60.35 23.48
C ARG F 106 -57.19 -59.47 23.55
N ILE F 107 -57.32 -58.26 24.09
CA ILE F 107 -56.18 -57.39 24.26
C ILE F 107 -55.72 -57.31 25.71
N GLY F 108 -56.34 -58.06 26.61
CA GLY F 108 -55.81 -58.25 27.94
C GLY F 108 -56.66 -57.74 29.08
N LYS F 109 -57.62 -56.85 28.83
CA LYS F 109 -58.40 -56.32 29.94
C LYS F 109 -59.31 -57.40 30.50
N LEU F 110 -59.71 -57.24 31.75
CA LEU F 110 -60.61 -58.18 32.37
C LEU F 110 -62.06 -57.82 32.04
N ILE F 111 -62.83 -58.82 31.64
CA ILE F 111 -64.25 -58.65 31.36
C ILE F 111 -65.05 -59.42 32.39
N LEU F 112 -66.37 -59.35 32.32
CA LEU F 112 -67.26 -60.03 33.25
C LEU F 112 -68.29 -60.88 32.50
N HIS F 113 -67.81 -61.71 31.59
CA HIS F 113 -68.64 -62.55 30.75
C HIS F 113 -69.66 -63.34 31.57
N PRO F 114 -70.95 -63.15 31.34
CA PRO F 114 -71.95 -63.84 32.16
C PRO F 114 -71.99 -65.32 31.88
N ILE F 115 -72.42 -66.07 32.89
CA ILE F 115 -72.57 -67.51 32.82
C ILE F 115 -73.88 -67.89 33.50
N SER F 116 -74.17 -69.18 33.52
CA SER F 116 -75.44 -69.68 34.04
C SER F 116 -75.40 -69.68 35.56
N GLU F 117 -76.37 -70.35 36.18
CA GLU F 117 -76.39 -70.45 37.64
C GLU F 117 -75.77 -71.73 38.17
N GLU F 118 -75.91 -72.84 37.46
CA GLU F 118 -75.33 -74.08 37.93
C GLU F 118 -73.85 -74.20 37.58
N GLU F 119 -73.30 -73.20 36.90
CA GLU F 119 -71.86 -73.14 36.68
C GLU F 119 -71.20 -72.13 37.61
N ALA F 120 -71.98 -71.46 38.45
CA ALA F 120 -71.44 -70.63 39.53
C ALA F 120 -71.18 -71.43 40.78
N ASN F 121 -70.93 -72.72 40.64
CA ASN F 121 -70.65 -73.57 41.76
C ASN F 121 -69.41 -74.43 41.58
N ILE F 122 -68.81 -74.46 40.40
CA ILE F 122 -67.57 -75.18 40.22
C ILE F 122 -66.52 -74.19 39.74
N LYS F 123 -65.29 -74.43 40.14
CA LYS F 123 -64.21 -73.50 39.82
C LYS F 123 -62.93 -74.26 39.55
N PRO F 124 -62.35 -74.14 38.36
CA PRO F 124 -61.10 -74.82 38.07
C PRO F 124 -59.91 -74.13 38.73
N LEU F 125 -58.92 -74.95 39.11
CA LEU F 125 -57.67 -74.45 39.65
C LEU F 125 -56.53 -75.22 39.00
N ARG F 126 -55.38 -74.59 38.88
CA ARG F 126 -54.23 -75.19 38.22
C ARG F 126 -53.14 -75.49 39.24
N ILE F 127 -52.71 -76.74 39.29
CA ILE F 127 -51.71 -77.16 40.27
C ILE F 127 -50.37 -76.55 39.89
N ARG F 128 -49.89 -75.58 40.65
CA ARG F 128 -48.61 -74.96 40.39
C ARG F 128 -47.46 -75.77 40.94
N ASN F 129 -47.59 -76.31 42.15
CA ASN F 129 -46.47 -76.97 42.78
C ASN F 129 -46.96 -77.97 43.81
N LYS F 130 -46.07 -78.88 44.19
CA LYS F 130 -46.41 -80.01 45.04
C LYS F 130 -45.25 -80.30 45.97
N ARG F 131 -45.56 -80.55 47.25
CA ARG F 131 -44.51 -80.80 48.23
C ARG F 131 -45.08 -81.66 49.35
N MET F 132 -44.20 -82.06 50.27
CA MET F 132 -44.60 -82.90 51.39
C MET F 132 -44.54 -82.11 52.70
N VAL F 133 -45.41 -82.48 53.63
CA VAL F 133 -45.67 -81.70 54.83
C VAL F 133 -45.64 -82.64 56.03
N LYS F 134 -45.36 -82.08 57.20
CA LYS F 134 -45.23 -82.86 58.43
C LYS F 134 -46.36 -83.86 58.57
N GLY F 135 -46.04 -85.03 59.10
CA GLY F 135 -46.98 -86.13 59.15
C GLY F 135 -47.00 -86.99 57.90
N ALA F 136 -46.07 -86.77 56.97
CA ALA F 136 -45.98 -87.56 55.74
C ALA F 136 -47.27 -87.49 54.94
N LYS F 137 -47.59 -86.28 54.47
CA LYS F 137 -48.72 -86.06 53.58
C LYS F 137 -48.24 -85.32 52.35
N ILE F 138 -49.16 -85.09 51.43
CA ILE F 138 -48.91 -84.32 50.22
C ILE F 138 -49.73 -83.05 50.32
N GLN F 139 -49.11 -81.91 50.03
CA GLN F 139 -49.80 -80.64 49.96
C GLN F 139 -49.79 -80.15 48.52
N LEU F 140 -50.92 -79.64 48.06
CA LEU F 140 -51.04 -79.10 46.71
C LEU F 140 -51.18 -77.59 46.79
N ASN F 141 -50.64 -76.89 45.82
CA ASN F 141 -50.69 -75.44 45.79
C ASN F 141 -51.21 -74.99 44.44
N PHE F 142 -52.29 -74.21 44.45
CA PHE F 142 -53.01 -73.89 43.23
C PHE F 142 -52.61 -72.52 42.71
N HIS F 143 -53.23 -72.11 41.61
CA HIS F 143 -52.72 -70.98 40.86
C HIS F 143 -53.06 -69.65 41.50
N ASP F 144 -53.64 -69.66 42.70
CA ASP F 144 -53.95 -68.42 43.39
C ASP F 144 -53.67 -68.51 44.88
N GLY F 145 -52.68 -69.29 45.29
CA GLY F 145 -52.39 -69.40 46.70
C GLY F 145 -53.54 -70.00 47.47
N THR F 146 -53.80 -71.29 47.26
CA THR F 146 -54.91 -71.98 47.88
C THR F 146 -54.53 -73.45 47.99
N ASN F 147 -54.61 -74.02 49.19
CA ASN F 147 -54.01 -75.31 49.45
C ASN F 147 -55.06 -76.36 49.77
N HIS F 148 -54.62 -77.61 49.79
CA HIS F 148 -55.46 -78.78 49.99
C HIS F 148 -54.57 -79.99 50.17
N LEU F 149 -54.95 -80.90 51.07
CA LEU F 149 -54.09 -82.02 51.46
C LEU F 149 -54.65 -83.36 51.00
N ILE F 150 -53.76 -84.29 50.68
CA ILE F 150 -54.16 -85.63 50.25
C ILE F 150 -53.25 -86.67 50.89
N PRO F 151 -53.76 -87.88 51.09
CA PRO F 151 -52.95 -88.94 51.69
C PRO F 151 -51.86 -89.41 50.75
N LEU F 152 -51.01 -90.30 51.27
CA LEU F 152 -49.85 -90.78 50.54
C LEU F 152 -50.16 -92.00 49.69
N SER F 153 -51.40 -92.19 49.29
CA SER F 153 -51.77 -93.25 48.37
C SER F 153 -52.27 -92.72 47.04
N GLU F 154 -52.25 -91.40 46.84
CA GLU F 154 -52.52 -90.77 45.55
C GLU F 154 -51.40 -89.81 45.21
N LYS F 155 -50.18 -90.18 45.54
CA LYS F 155 -49.03 -89.39 45.13
C LYS F 155 -48.74 -89.53 43.65
N ASP F 156 -49.67 -90.09 42.88
CA ASP F 156 -49.51 -90.31 41.45
C ASP F 156 -50.44 -89.44 40.61
N ASN F 157 -51.71 -89.36 40.97
CA ASN F 157 -52.72 -88.78 40.11
C ASN F 157 -52.74 -87.26 40.14
N TYR F 158 -51.71 -86.61 40.67
CA TYR F 158 -51.77 -85.20 40.96
C TYR F 158 -50.48 -84.50 40.55
N PHE F 159 -49.98 -84.78 39.36
CA PHE F 159 -48.79 -84.09 38.90
C PHE F 159 -49.10 -82.63 38.59
N THR F 160 -48.05 -81.85 38.33
CA THR F 160 -48.22 -80.41 38.17
C THR F 160 -48.72 -80.06 36.78
N SER F 161 -49.19 -78.83 36.65
CA SER F 161 -49.84 -78.30 35.45
C SER F 161 -51.10 -79.08 35.10
N TYR F 162 -51.63 -79.84 36.03
CA TYR F 162 -52.92 -80.46 35.87
C TYR F 162 -54.01 -79.44 36.15
N THR F 163 -55.24 -79.88 36.33
CA THR F 163 -56.33 -78.98 36.66
C THR F 163 -57.36 -79.74 37.47
N VAL F 164 -57.67 -79.25 38.65
CA VAL F 164 -58.68 -79.87 39.49
C VAL F 164 -59.97 -79.08 39.33
N LEU F 165 -61.08 -79.69 39.75
CA LEU F 165 -62.39 -79.05 39.69
C LEU F 165 -63.06 -79.21 41.04
N MET F 166 -63.34 -78.10 41.71
CA MET F 166 -63.85 -78.14 43.07
C MET F 166 -65.13 -77.33 43.19
N LYS F 167 -66.00 -77.76 44.10
CA LYS F 167 -67.17 -76.98 44.46
C LYS F 167 -66.77 -75.98 45.54
N VAL F 168 -66.88 -74.69 45.24
CA VAL F 168 -66.19 -73.68 46.04
C VAL F 168 -66.73 -73.49 47.47
N PRO F 169 -68.02 -73.62 47.77
CA PRO F 169 -68.42 -73.47 49.17
C PRO F 169 -68.09 -74.66 50.05
N GLU F 170 -67.51 -75.70 49.50
CA GLU F 170 -67.05 -76.80 50.35
C GLU F 170 -65.61 -77.20 50.08
N ARG F 171 -65.17 -77.12 48.83
CA ARG F 171 -63.86 -77.59 48.39
C ARG F 171 -63.71 -79.11 48.54
N GLU F 172 -64.55 -79.82 47.79
CA GLU F 172 -64.42 -81.27 47.63
C GLU F 172 -64.14 -81.59 46.17
N ILE F 173 -63.08 -82.36 45.92
CA ILE F 173 -62.55 -82.52 44.58
C ILE F 173 -63.42 -83.46 43.76
N LEU F 174 -63.66 -83.11 42.50
CA LEU F 174 -64.26 -84.01 41.54
C LEU F 174 -63.66 -83.77 40.17
N GLU F 175 -63.36 -84.85 39.45
CA GLU F 175 -62.97 -84.81 38.05
C GLU F 175 -61.70 -83.99 37.81
N VAL F 176 -60.59 -84.52 38.35
CA VAL F 176 -59.27 -84.03 37.98
C VAL F 176 -59.04 -84.19 36.48
N LEU F 177 -58.56 -83.12 35.82
CA LEU F 177 -58.26 -82.99 34.39
C LEU F 177 -56.77 -83.12 34.15
N PRO F 178 -56.31 -84.02 33.30
CA PRO F 178 -54.88 -84.21 33.11
C PRO F 178 -54.33 -83.44 31.92
N PHE F 179 -53.03 -83.22 31.97
CA PHE F 179 -52.28 -82.61 30.87
C PHE F 179 -51.73 -83.72 29.98
N GLU F 180 -52.01 -83.64 28.69
CA GLU F 180 -51.57 -84.68 27.76
C GLU F 180 -51.87 -84.18 26.35
N LYS F 181 -51.64 -85.06 25.37
CA LYS F 181 -52.06 -84.79 24.00
C LYS F 181 -53.58 -84.96 23.87
N GLY F 182 -54.23 -83.96 23.28
CA GLY F 182 -55.66 -83.99 23.10
C GLY F 182 -56.44 -83.10 24.02
N ALA F 183 -55.78 -82.40 24.93
CA ALA F 183 -56.49 -81.57 25.91
C ALA F 183 -56.97 -80.28 25.28
N TYR F 184 -57.99 -79.69 25.89
CA TYR F 184 -58.55 -78.44 25.44
C TYR F 184 -58.05 -77.35 26.36
N VAL F 185 -57.27 -76.43 25.82
CA VAL F 185 -56.57 -75.43 26.61
C VAL F 185 -57.13 -74.06 26.27
N PHE F 186 -56.90 -73.13 27.18
CA PHE F 186 -57.37 -71.75 27.05
C PHE F 186 -56.24 -70.85 27.51
N VAL F 187 -55.61 -70.15 26.56
CA VAL F 187 -54.46 -69.34 26.92
C VAL F 187 -54.88 -68.16 27.78
N THR F 188 -53.96 -67.68 28.57
CA THR F 188 -54.24 -66.71 29.63
C THR F 188 -53.41 -65.44 29.53
N GLN F 189 -52.15 -65.53 29.14
CA GLN F 189 -51.31 -64.35 29.03
C GLN F 189 -50.57 -64.32 27.70
N GLY F 190 -49.72 -63.33 27.52
CA GLY F 190 -48.83 -63.31 26.38
C GLY F 190 -49.39 -62.49 25.24
N LYS F 191 -49.48 -63.11 24.07
CA LYS F 191 -49.90 -62.43 22.85
C LYS F 191 -51.02 -63.22 22.20
N ASN F 192 -51.00 -64.53 22.41
CA ASN F 192 -52.15 -65.36 22.02
C ASN F 192 -53.15 -65.46 23.16
N VAL F 193 -53.57 -64.33 23.72
CA VAL F 193 -54.55 -64.36 24.80
C VAL F 193 -55.88 -64.86 24.25
N ALA F 194 -56.60 -65.60 25.09
CA ALA F 194 -57.98 -65.99 24.83
C ALA F 194 -58.14 -66.71 23.49
N ARG F 195 -57.40 -67.79 23.32
CA ARG F 195 -57.57 -68.67 22.18
C ARG F 195 -57.60 -70.10 22.66
N LYS F 196 -58.30 -70.94 21.92
CA LYS F 196 -58.57 -72.32 22.31
C LYS F 196 -57.94 -73.27 21.31
N GLY F 197 -57.99 -74.57 21.63
CA GLY F 197 -57.52 -75.55 20.68
C GLY F 197 -57.18 -76.86 21.38
N ARG F 198 -56.50 -77.72 20.65
CA ARG F 198 -55.97 -78.98 21.16
C ARG F 198 -54.46 -78.90 21.30
N ILE F 199 -53.91 -79.78 22.11
CA ILE F 199 -52.47 -79.81 22.35
C ILE F 199 -51.84 -80.76 21.36
N VAL F 200 -50.77 -80.31 20.70
CA VAL F 200 -50.13 -81.06 19.63
C VAL F 200 -48.76 -81.59 20.04
N GLU F 201 -48.01 -80.83 20.84
CA GLU F 201 -46.62 -81.17 21.06
C GLU F 201 -46.12 -80.43 22.30
N ILE F 202 -45.05 -80.96 22.90
CA ILE F 202 -44.44 -80.40 24.11
C ILE F 202 -42.93 -80.51 23.97
N LYS F 203 -42.22 -79.42 24.22
CA LYS F 203 -40.80 -79.35 23.93
C LYS F 203 -40.05 -78.73 25.09
N LYS F 204 -38.91 -79.33 25.45
CA LYS F 204 -38.23 -79.03 26.70
C LYS F 204 -36.77 -78.72 26.45
N PHE F 205 -36.26 -77.72 27.17
CA PHE F 205 -34.95 -77.11 26.97
C PHE F 205 -34.04 -77.31 28.16
N PRO F 206 -32.73 -77.21 27.98
CA PRO F 206 -31.80 -77.42 29.08
C PRO F 206 -31.49 -76.14 29.83
N MET F 207 -31.04 -76.30 31.08
CA MET F 207 -30.44 -75.24 31.88
C MET F 207 -31.45 -74.23 32.37
N GLY F 208 -32.70 -74.62 32.53
CA GLY F 208 -33.62 -73.81 33.29
C GLY F 208 -34.48 -72.83 32.52
N TRP F 209 -34.47 -72.89 31.22
CA TRP F 209 -35.42 -72.09 30.46
C TRP F 209 -36.78 -72.77 30.46
N PRO F 210 -37.86 -72.01 30.53
CA PRO F 210 -39.19 -72.64 30.55
C PRO F 210 -39.49 -73.27 29.21
N ASP F 211 -40.45 -74.17 29.22
CA ASP F 211 -40.73 -74.99 28.05
C ASP F 211 -41.92 -74.43 27.27
N VAL F 212 -42.04 -74.90 26.04
CA VAL F 212 -43.02 -74.41 25.09
C VAL F 212 -44.00 -75.52 24.75
N VAL F 213 -45.18 -75.13 24.29
CA VAL F 213 -46.26 -76.05 24.00
C VAL F 213 -46.93 -75.57 22.73
N THR F 214 -47.29 -76.52 21.87
CA THR F 214 -47.91 -76.23 20.58
C THR F 214 -49.39 -76.54 20.64
N ILE F 215 -50.21 -75.64 20.12
CA ILE F 215 -51.65 -75.78 20.12
C ILE F 215 -52.14 -75.66 18.69
N GLU F 216 -53.29 -76.28 18.44
CA GLU F 216 -53.99 -76.13 17.17
C GLU F 216 -55.43 -75.72 17.44
N ASP F 217 -55.79 -74.53 16.98
CA ASP F 217 -57.11 -73.97 17.25
C ASP F 217 -58.13 -74.63 16.34
N GLU F 218 -59.37 -74.13 16.37
CA GLU F 218 -60.52 -74.91 15.92
C GLU F 218 -60.44 -75.23 14.43
N GLU F 219 -60.47 -74.20 13.58
CA GLU F 219 -60.45 -74.42 12.14
C GLU F 219 -59.13 -75.02 11.67
N GLY F 220 -58.07 -74.88 12.46
CA GLY F 220 -56.82 -75.57 12.24
C GLY F 220 -55.67 -74.67 11.85
N GLU F 221 -54.86 -74.29 12.85
CA GLU F 221 -53.74 -73.39 12.72
C GLU F 221 -52.81 -73.63 13.90
N LEU F 222 -51.53 -73.80 13.62
CA LEU F 222 -50.57 -74.01 14.69
C LEU F 222 -50.17 -72.70 15.34
N PHE F 223 -50.03 -72.73 16.67
CA PHE F 223 -49.27 -71.69 17.34
C PHE F 223 -48.65 -72.30 18.59
N ASP F 224 -47.93 -71.47 19.35
CA ASP F 224 -47.18 -72.00 20.48
C ASP F 224 -47.10 -70.97 21.59
N THR F 225 -47.17 -71.45 22.83
CA THR F 225 -47.08 -70.59 24.00
C THR F 225 -46.35 -71.34 25.10
N LEU F 226 -45.88 -70.59 26.11
CA LEU F 226 -45.33 -71.21 27.30
C LEU F 226 -46.32 -72.21 27.87
N LYS F 227 -45.80 -73.22 28.57
CA LYS F 227 -46.66 -74.28 29.06
C LYS F 227 -47.54 -73.78 30.19
N GLU F 228 -46.98 -72.99 31.08
CA GLU F 228 -47.71 -72.57 32.26
C GLU F 228 -48.77 -71.53 31.97
N TYR F 229 -49.02 -71.18 30.70
CA TYR F 229 -50.15 -70.34 30.35
C TYR F 229 -51.32 -71.13 29.83
N ALA F 230 -51.09 -72.31 29.29
CA ALA F 230 -52.16 -73.20 28.86
C ALA F 230 -52.94 -73.66 30.08
N PHE F 231 -54.16 -73.15 30.22
CA PHE F 231 -55.05 -73.56 31.29
C PHE F 231 -55.90 -74.72 30.78
N VAL F 232 -55.65 -75.91 31.30
CA VAL F 232 -56.36 -77.10 30.80
C VAL F 232 -57.78 -77.10 31.36
N VAL F 233 -58.77 -77.06 30.46
CA VAL F 233 -60.18 -77.06 30.83
C VAL F 233 -60.89 -78.08 29.95
N GLY F 234 -61.11 -79.28 30.48
CA GLY F 234 -61.83 -80.30 29.76
C GLY F 234 -61.00 -81.01 28.72
N ARG F 235 -61.18 -82.32 28.59
CA ARG F 235 -60.52 -83.10 27.56
C ARG F 235 -61.54 -83.45 26.47
N ASP F 236 -61.23 -83.06 25.24
CA ASP F 236 -62.02 -83.32 24.03
C ASP F 236 -63.37 -82.62 24.03
N LYS F 237 -63.73 -81.92 25.09
CA LYS F 237 -64.92 -81.07 25.11
C LYS F 237 -64.82 -80.11 26.28
N PRO F 238 -64.89 -78.81 26.05
CA PRO F 238 -64.76 -77.86 27.16
C PRO F 238 -65.91 -77.98 28.15
N ARG F 239 -65.60 -77.61 29.39
CA ARG F 239 -66.56 -77.64 30.49
C ARG F 239 -67.00 -76.27 30.95
N ILE F 240 -66.11 -75.30 30.93
CA ILE F 240 -66.40 -73.95 31.40
C ILE F 240 -66.83 -73.10 30.22
N SER F 241 -67.85 -72.26 30.45
CA SER F 241 -68.46 -71.48 29.37
C SER F 241 -67.53 -70.32 29.02
N LEU F 242 -66.48 -70.66 28.27
CA LEU F 242 -65.59 -69.65 27.72
C LEU F 242 -66.37 -68.72 26.80
N PRO F 243 -65.85 -67.51 26.54
CA PRO F 243 -66.62 -66.59 25.70
C PRO F 243 -66.53 -66.98 24.24
N SER G 2 -55.47 -18.33 -30.05
CA SER G 2 -54.30 -18.80 -30.77
C SER G 2 -54.26 -18.26 -32.19
N GLN G 3 -55.04 -17.21 -32.45
CA GLN G 3 -55.15 -16.70 -33.80
C GLN G 3 -54.13 -15.60 -34.09
N GLU G 4 -54.08 -14.56 -33.24
CA GLU G 4 -53.17 -13.44 -33.49
C GLU G 4 -51.74 -13.91 -33.64
N TRP G 5 -51.37 -14.95 -32.89
CA TRP G 5 -50.06 -15.58 -33.04
C TRP G 5 -50.07 -16.67 -34.09
N LYS G 6 -51.01 -16.62 -35.02
CA LYS G 6 -51.01 -17.52 -36.18
C LYS G 6 -51.26 -16.79 -37.49
N GLU G 7 -51.77 -15.56 -37.46
CA GLU G 7 -51.65 -14.66 -38.60
C GLU G 7 -50.29 -13.99 -38.65
N TYR G 8 -49.62 -13.90 -37.50
CA TYR G 8 -48.29 -13.31 -37.47
C TYR G 8 -47.36 -14.01 -38.44
N ALA G 9 -47.39 -15.34 -38.44
CA ALA G 9 -46.55 -16.10 -39.36
C ALA G 9 -46.95 -15.86 -40.80
N LYS G 10 -48.25 -15.74 -41.07
CA LYS G 10 -48.69 -15.50 -42.44
C LYS G 10 -48.26 -14.12 -42.91
N ARG G 11 -48.15 -13.16 -42.01
CA ARG G 11 -47.61 -11.87 -42.41
C ARG G 11 -46.11 -11.95 -42.64
N VAL G 12 -45.39 -12.63 -41.76
CA VAL G 12 -43.93 -12.66 -41.87
C VAL G 12 -43.48 -13.46 -43.10
N LEU G 13 -44.23 -14.48 -43.48
CA LEU G 13 -43.79 -15.40 -44.50
C LEU G 13 -43.71 -14.79 -45.89
N ASP G 14 -44.01 -13.51 -46.07
CA ASP G 14 -43.92 -12.91 -47.40
C ASP G 14 -42.72 -12.00 -47.58
N GLU G 15 -42.53 -11.04 -46.68
CA GLU G 15 -41.49 -10.03 -46.76
C GLU G 15 -40.13 -10.59 -46.40
N TRP G 16 -40.00 -11.90 -46.34
CA TRP G 16 -38.79 -12.56 -45.89
C TRP G 16 -38.25 -13.39 -47.04
N GLN G 17 -37.18 -12.90 -47.68
CA GLN G 17 -36.53 -13.62 -48.78
C GLN G 17 -35.22 -14.20 -48.28
N PRO G 18 -35.19 -15.47 -47.88
CA PRO G 18 -34.07 -15.96 -47.08
C PRO G 18 -32.78 -16.02 -47.87
N LYS G 19 -31.70 -16.19 -47.13
CA LYS G 19 -30.36 -16.27 -47.69
C LYS G 19 -29.68 -17.61 -47.43
N THR G 20 -30.00 -18.27 -46.33
CA THR G 20 -29.49 -19.60 -46.08
C THR G 20 -30.33 -20.61 -46.86
N LYS G 21 -30.16 -21.90 -46.55
CA LYS G 21 -30.82 -22.96 -47.27
C LYS G 21 -32.07 -23.48 -46.56
N LEU G 22 -31.97 -23.66 -45.24
CA LEU G 22 -33.14 -23.94 -44.44
C LEU G 22 -34.25 -22.93 -44.70
N GLY G 23 -33.87 -21.68 -44.96
CA GLY G 23 -34.88 -20.70 -45.35
C GLY G 23 -35.65 -21.11 -46.60
N MET G 24 -34.92 -21.57 -47.62
CA MET G 24 -35.59 -22.04 -48.82
C MET G 24 -36.51 -23.21 -48.50
N LEU G 25 -36.00 -24.20 -47.78
CA LEU G 25 -36.82 -25.35 -47.44
C LEU G 25 -38.12 -24.94 -46.76
N VAL G 26 -38.03 -24.00 -45.81
CA VAL G 26 -39.23 -23.60 -45.10
C VAL G 26 -40.18 -22.83 -46.01
N LYS G 27 -39.66 -21.83 -46.72
CA LYS G 27 -40.53 -20.97 -47.51
C LYS G 27 -41.17 -21.70 -48.69
N GLU G 28 -40.64 -22.86 -49.08
CA GLU G 28 -41.29 -23.66 -50.12
C GLU G 28 -42.18 -24.76 -49.55
N GLY G 29 -42.73 -24.57 -48.36
CA GLY G 29 -43.72 -25.49 -47.83
C GLY G 29 -43.26 -26.91 -47.56
N GLN G 30 -42.01 -27.23 -47.92
CA GLN G 30 -41.48 -28.55 -47.66
C GLN G 30 -41.41 -28.85 -46.16
N ILE G 31 -40.58 -28.12 -45.43
CA ILE G 31 -40.45 -28.30 -43.99
C ILE G 31 -41.50 -27.44 -43.30
N THR G 32 -42.32 -28.08 -42.46
CA THR G 32 -43.56 -27.44 -42.03
C THR G 32 -43.89 -27.65 -40.56
N ASP G 33 -42.93 -28.05 -39.74
CA ASP G 33 -43.25 -28.34 -38.35
C ASP G 33 -41.97 -28.33 -37.54
N ILE G 34 -42.02 -27.71 -36.36
CA ILE G 34 -40.81 -27.43 -35.59
C ILE G 34 -40.04 -28.69 -35.26
N HIS G 35 -40.70 -29.84 -35.22
CA HIS G 35 -40.05 -31.06 -34.75
C HIS G 35 -39.17 -31.70 -35.79
N GLU G 36 -38.83 -31.01 -36.88
CA GLU G 36 -38.08 -31.67 -37.93
C GLU G 36 -36.98 -30.79 -38.51
N ILE G 37 -36.44 -29.87 -37.71
CA ILE G 37 -35.20 -29.19 -38.05
C ILE G 37 -34.09 -29.52 -37.08
N PHE G 38 -34.33 -30.37 -36.09
CA PHE G 38 -33.40 -30.49 -34.98
C PHE G 38 -32.43 -31.66 -35.09
N ARG G 39 -32.92 -32.88 -35.06
CA ARG G 39 -32.00 -33.99 -34.86
C ARG G 39 -31.38 -34.44 -36.18
N LYS G 40 -30.88 -33.51 -36.97
CA LYS G 40 -30.43 -33.83 -38.32
C LYS G 40 -29.15 -33.12 -38.72
N GLY G 41 -28.58 -32.29 -37.86
CA GLY G 41 -27.36 -31.60 -38.21
C GLY G 41 -27.52 -30.52 -39.26
N TYR G 42 -28.31 -29.50 -38.97
CA TYR G 42 -28.39 -28.31 -39.80
C TYR G 42 -27.61 -27.19 -39.14
N GLN G 43 -27.70 -25.99 -39.69
CA GLN G 43 -27.24 -24.79 -39.02
C GLN G 43 -28.35 -23.76 -39.11
N ILE G 44 -28.51 -22.96 -38.07
CA ILE G 44 -29.59 -22.00 -37.96
C ILE G 44 -28.97 -20.62 -37.76
N LYS G 45 -29.07 -19.77 -38.77
CA LYS G 45 -28.54 -18.43 -38.71
C LYS G 45 -29.56 -17.35 -38.99
N GLU G 46 -30.76 -17.71 -39.46
CA GLU G 46 -31.81 -16.73 -39.71
C GLU G 46 -32.83 -16.81 -38.60
N PRO G 47 -33.05 -15.74 -37.82
CA PRO G 47 -34.01 -15.80 -36.73
C PRO G 47 -35.46 -15.66 -37.15
N GLU G 48 -35.75 -15.68 -38.45
CA GLU G 48 -37.14 -15.72 -38.91
C GLU G 48 -37.69 -17.13 -38.99
N ILE G 49 -36.83 -18.14 -38.96
CA ILE G 49 -37.32 -19.51 -39.06
C ILE G 49 -38.19 -19.86 -37.85
N ILE G 50 -37.85 -19.33 -36.67
CA ILE G 50 -38.62 -19.67 -35.49
C ILE G 50 -39.91 -18.85 -35.43
N ASP G 51 -39.90 -17.62 -35.94
CA ASP G 51 -41.14 -16.86 -35.99
C ASP G 51 -42.20 -17.53 -36.85
N VAL G 52 -41.80 -18.43 -37.73
CA VAL G 52 -42.77 -19.06 -38.63
C VAL G 52 -43.25 -20.40 -38.11
N LEU G 53 -42.42 -21.13 -37.38
CA LEU G 53 -42.82 -22.44 -36.85
C LEU G 53 -43.19 -22.40 -35.37
N LEU G 54 -42.57 -21.53 -34.58
CA LEU G 54 -42.98 -21.24 -33.21
C LEU G 54 -43.36 -19.77 -33.12
N PRO G 55 -44.53 -19.39 -33.63
CA PRO G 55 -44.88 -17.97 -33.67
C PRO G 55 -45.22 -17.37 -32.32
N GLU G 56 -45.26 -18.16 -31.25
CA GLU G 56 -45.59 -17.66 -29.93
C GLU G 56 -44.37 -17.27 -29.12
N VAL G 57 -43.16 -17.62 -29.57
CA VAL G 57 -41.94 -17.30 -28.85
C VAL G 57 -41.81 -15.81 -28.61
N ASN G 58 -42.53 -14.99 -29.36
CA ASN G 58 -42.61 -13.56 -29.11
C ASN G 58 -44.05 -13.22 -28.71
N ALA G 59 -44.34 -13.35 -27.42
CA ALA G 59 -45.63 -13.02 -26.88
C ALA G 59 -45.55 -12.20 -25.60
N ARG G 60 -44.36 -11.87 -25.13
CA ARG G 60 -44.12 -11.01 -23.96
C ARG G 60 -44.56 -11.63 -22.66
N GLU G 61 -45.21 -12.78 -22.71
CA GLU G 61 -45.36 -13.63 -21.54
C GLU G 61 -44.69 -14.97 -21.75
N ASN G 62 -44.13 -15.20 -22.93
CA ASN G 62 -43.14 -16.22 -23.18
C ASN G 62 -41.75 -15.62 -23.33
N GLN G 63 -41.51 -14.46 -22.73
CA GLN G 63 -40.21 -13.82 -22.73
C GLN G 63 -39.82 -13.52 -21.30
N GLU G 64 -38.55 -13.18 -21.11
CA GLU G 64 -38.01 -13.12 -19.77
C GLU G 64 -36.65 -12.43 -19.79
N ILE G 65 -36.43 -11.55 -18.83
CA ILE G 65 -35.19 -10.81 -18.73
C ILE G 65 -34.53 -11.11 -17.40
N LEU G 66 -33.58 -12.04 -17.38
CA LEU G 66 -33.03 -12.51 -16.13
C LEU G 66 -32.17 -11.45 -15.44
N ASP G 67 -31.07 -11.01 -16.06
CA ASP G 67 -30.25 -10.00 -15.40
C ASP G 67 -29.73 -8.98 -16.39
N ILE G 68 -29.44 -7.80 -15.86
CA ILE G 68 -28.84 -6.68 -16.58
C ILE G 68 -27.66 -6.18 -15.75
N ALA G 69 -26.51 -6.03 -16.38
CA ALA G 69 -25.33 -5.57 -15.64
C ALA G 69 -24.41 -4.78 -16.54
N LEU G 70 -23.90 -3.66 -16.05
CA LEU G 70 -23.03 -2.80 -16.83
C LEU G 70 -21.58 -3.02 -16.42
N THR G 71 -20.71 -3.17 -17.40
CA THR G 71 -19.31 -3.46 -17.18
C THR G 71 -18.48 -2.36 -17.83
N VAL G 72 -17.20 -2.33 -17.52
CA VAL G 72 -16.37 -1.17 -17.76
C VAL G 72 -15.01 -1.60 -18.26
N ARG G 73 -14.43 -0.82 -19.14
CA ARG G 73 -13.00 -0.92 -19.39
C ARG G 73 -12.38 0.46 -19.41
N MET G 74 -11.21 0.58 -18.82
CA MET G 74 -10.60 1.88 -18.64
C MET G 74 -9.80 2.25 -19.87
N THR G 75 -9.63 3.56 -20.07
CA THR G 75 -8.78 4.10 -21.12
C THR G 75 -8.27 5.45 -20.67
N ASP G 76 -7.26 5.96 -21.38
CA ASP G 76 -6.68 7.25 -21.04
C ASP G 76 -7.61 8.42 -21.21
N SER G 77 -8.85 8.21 -21.63
CA SER G 77 -9.87 9.23 -21.60
C SER G 77 -11.09 8.73 -20.86
N GLY G 78 -10.87 8.09 -19.72
CA GLY G 78 -11.97 7.82 -18.83
C GLY G 78 -12.32 6.35 -18.78
N ARG G 79 -13.62 6.08 -18.70
CA ARG G 79 -14.13 4.72 -18.67
C ARG G 79 -15.11 4.55 -19.81
N ARG G 80 -15.05 3.41 -20.47
CA ARG G 80 -16.01 3.05 -21.51
C ARG G 80 -16.88 1.94 -20.96
N VAL G 81 -18.17 2.21 -20.85
CA VAL G 81 -19.13 1.34 -20.16
C VAL G 81 -20.10 0.74 -21.17
N ARG G 82 -20.32 -0.57 -21.06
CA ARG G 82 -21.23 -1.26 -21.96
C ARG G 82 -22.00 -2.30 -21.17
N PHE G 83 -23.19 -2.64 -21.65
CA PHE G 83 -24.13 -3.45 -20.89
C PHE G 83 -23.99 -4.93 -21.22
N ARG G 84 -24.66 -5.76 -20.42
CA ARG G 84 -24.83 -7.17 -20.73
C ARG G 84 -26.17 -7.63 -20.17
N VAL G 85 -26.98 -8.25 -21.02
CA VAL G 85 -28.30 -8.74 -20.65
C VAL G 85 -28.32 -10.24 -20.84
N LEU G 86 -29.14 -10.93 -20.04
CA LEU G 86 -29.33 -12.36 -20.23
C LEU G 86 -30.82 -12.62 -20.36
N ALA G 87 -31.23 -13.28 -21.45
CA ALA G 87 -32.65 -13.44 -21.70
C ALA G 87 -32.97 -14.83 -22.24
N ALA G 88 -34.14 -15.32 -21.88
CA ALA G 88 -34.62 -16.63 -22.26
C ALA G 88 -35.97 -16.51 -22.93
N VAL G 89 -36.29 -17.46 -23.82
CA VAL G 89 -37.55 -17.44 -24.54
C VAL G 89 -38.03 -18.87 -24.75
N GLY G 90 -39.34 -19.05 -24.74
CA GLY G 90 -39.90 -20.33 -25.06
C GLY G 90 -41.40 -20.40 -24.87
N ASN G 91 -42.11 -21.09 -25.76
CA ASN G 91 -43.48 -21.44 -25.45
C ASN G 91 -43.49 -22.33 -24.22
N ARG G 92 -44.52 -22.20 -23.40
CA ARG G 92 -44.45 -22.94 -22.16
C ARG G 92 -44.86 -24.39 -22.40
N ASP G 93 -44.32 -25.00 -23.45
CA ASP G 93 -44.64 -26.39 -23.72
C ASP G 93 -43.45 -27.32 -23.76
N GLY G 94 -42.54 -27.17 -24.71
CA GLY G 94 -41.48 -28.15 -24.82
C GLY G 94 -40.17 -27.65 -25.35
N TYR G 95 -40.03 -26.34 -25.56
CA TYR G 95 -38.87 -25.78 -26.23
C TYR G 95 -38.38 -24.58 -25.44
N VAL G 96 -37.05 -24.44 -25.33
CA VAL G 96 -36.48 -23.28 -24.66
C VAL G 96 -35.24 -22.80 -25.40
N GLY G 97 -34.87 -21.56 -25.13
CA GLY G 97 -33.60 -21.02 -25.61
C GLY G 97 -33.15 -19.91 -24.71
N LEU G 98 -31.83 -19.68 -24.70
CA LEU G 98 -31.20 -18.76 -23.75
C LEU G 98 -29.99 -18.11 -24.37
N GLY G 99 -29.94 -16.77 -24.35
CA GLY G 99 -28.85 -16.05 -24.98
C GLY G 99 -28.51 -14.77 -24.23
N ILE G 100 -27.49 -14.06 -24.73
CA ILE G 100 -26.87 -12.99 -23.95
C ILE G 100 -26.91 -11.60 -24.61
N GLY G 101 -26.19 -11.40 -25.70
CA GLY G 101 -26.26 -10.07 -26.30
C GLY G 101 -25.56 -8.94 -25.56
N HIS G 102 -24.93 -8.04 -26.29
CA HIS G 102 -24.16 -6.94 -25.73
C HIS G 102 -24.50 -5.66 -26.46
N GLY G 103 -24.39 -4.54 -25.76
CA GLY G 103 -24.65 -3.27 -26.42
C GLY G 103 -24.18 -2.14 -25.55
N ARG G 104 -24.44 -0.92 -26.00
CA ARG G 104 -24.10 0.25 -25.22
C ARG G 104 -25.32 0.99 -24.69
N GLU G 105 -26.52 0.43 -24.87
CA GLU G 105 -27.72 0.91 -24.23
C GLU G 105 -28.60 -0.30 -23.91
N VAL G 106 -29.74 -0.08 -23.28
CA VAL G 106 -30.45 -1.21 -22.70
C VAL G 106 -31.48 -1.81 -23.66
N GLY G 107 -32.01 -1.02 -24.59
CA GLY G 107 -32.92 -1.60 -25.56
C GLY G 107 -32.22 -2.37 -26.65
N ILE G 108 -31.02 -1.94 -27.02
CA ILE G 108 -30.24 -2.63 -28.03
C ILE G 108 -29.67 -3.94 -27.49
N ALA G 109 -29.22 -3.95 -26.24
CA ALA G 109 -28.78 -5.19 -25.63
C ALA G 109 -29.93 -6.16 -25.48
N ILE G 110 -31.09 -5.66 -25.08
CA ILE G 110 -32.27 -6.52 -24.97
C ILE G 110 -32.65 -7.08 -26.33
N ARG G 111 -32.55 -6.26 -27.37
CA ARG G 111 -32.92 -6.71 -28.71
C ARG G 111 -32.00 -7.84 -29.17
N LYS G 112 -30.69 -7.64 -29.04
CA LYS G 112 -29.78 -8.69 -29.45
C LYS G 112 -29.91 -9.93 -28.59
N ALA G 113 -30.20 -9.78 -27.31
CA ALA G 113 -30.38 -10.94 -26.44
C ALA G 113 -31.56 -11.76 -26.89
N ILE G 114 -32.70 -11.13 -27.11
CA ILE G 114 -33.87 -11.85 -27.56
C ILE G 114 -33.62 -12.48 -28.92
N ASN G 115 -32.84 -11.84 -29.77
CA ASN G 115 -32.48 -12.46 -31.03
C ASN G 115 -31.71 -13.75 -30.80
N TYR G 116 -30.51 -13.66 -30.20
CA TYR G 116 -29.67 -14.82 -29.98
C TYR G 116 -30.30 -15.87 -29.08
N ALA G 117 -31.43 -15.56 -28.46
CA ALA G 117 -32.13 -16.58 -27.70
C ALA G 117 -33.07 -17.42 -28.55
N LYS G 118 -33.28 -17.04 -29.82
CA LYS G 118 -34.04 -17.88 -30.73
C LYS G 118 -33.15 -18.80 -31.54
N LEU G 119 -31.89 -18.44 -31.74
CA LEU G 119 -30.92 -19.26 -32.45
C LEU G 119 -30.23 -20.27 -31.56
N ASN G 120 -30.64 -20.39 -30.31
CA ASN G 120 -30.08 -21.33 -29.35
C ASN G 120 -31.17 -22.12 -28.71
N ILE G 121 -32.03 -22.69 -29.51
CA ILE G 121 -33.24 -23.32 -29.01
C ILE G 121 -33.04 -24.83 -29.00
N ILE G 122 -33.68 -25.50 -28.04
CA ILE G 122 -33.59 -26.94 -27.85
C ILE G 122 -34.92 -27.48 -27.37
N GLU G 123 -35.12 -28.78 -27.58
CA GLU G 123 -36.28 -29.50 -27.09
C GLU G 123 -35.86 -30.56 -26.08
N ILE G 124 -36.74 -30.82 -25.12
CA ILE G 124 -36.39 -31.58 -23.93
C ILE G 124 -37.28 -32.80 -23.83
N LYS G 125 -37.09 -33.61 -22.78
CA LYS G 125 -37.97 -34.72 -22.47
C LYS G 125 -38.60 -34.51 -21.12
N ARG G 126 -39.90 -34.80 -21.02
CA ARG G 126 -40.66 -34.64 -19.78
C ARG G 126 -41.28 -35.96 -19.38
N GLY G 127 -41.80 -36.02 -18.17
CA GLY G 127 -42.31 -37.28 -17.65
C GLY G 127 -42.74 -37.16 -16.21
N CYS G 128 -42.70 -38.29 -15.51
CA CYS G 128 -42.99 -38.30 -14.07
C CYS G 128 -42.25 -39.48 -13.46
N GLY G 129 -41.11 -39.22 -12.87
CA GLY G 129 -40.29 -40.32 -12.38
C GLY G 129 -40.09 -40.38 -10.88
N SER G 130 -40.96 -39.75 -10.10
CA SER G 130 -40.72 -39.73 -8.67
C SER G 130 -41.10 -41.04 -8.04
N TRP G 131 -40.79 -41.15 -6.76
CA TRP G 131 -41.16 -42.33 -5.98
C TRP G 131 -42.54 -42.18 -5.35
N GLU G 132 -42.97 -40.95 -5.08
CA GLU G 132 -44.30 -40.70 -4.54
C GLU G 132 -45.38 -40.73 -5.61
N CYS G 133 -45.31 -39.83 -6.58
CA CYS G 133 -46.28 -39.82 -7.65
C CYS G 133 -45.91 -40.86 -8.68
N ARG G 134 -46.88 -41.64 -9.12
CA ARG G 134 -46.62 -42.63 -10.17
C ARG G 134 -47.66 -42.56 -11.28
N CYS G 135 -48.20 -41.37 -11.50
CA CYS G 135 -49.07 -41.14 -12.65
C CYS G 135 -48.24 -41.19 -13.93
N ARG G 136 -48.87 -40.89 -15.06
CA ARG G 136 -48.17 -40.76 -16.32
C ARG G 136 -48.60 -39.45 -16.98
N ARG G 137 -47.96 -38.36 -16.60
CA ARG G 137 -48.31 -37.04 -17.10
C ARG G 137 -47.06 -36.21 -17.21
N PRO G 138 -46.97 -35.32 -18.17
CA PRO G 138 -45.73 -34.57 -18.40
C PRO G 138 -45.63 -33.26 -17.60
N HIS G 139 -45.45 -33.39 -16.29
CA HIS G 139 -45.31 -32.21 -15.46
C HIS G 139 -43.93 -32.05 -14.87
N SER G 140 -43.04 -33.02 -15.02
CA SER G 140 -41.79 -33.00 -14.30
C SER G 140 -40.72 -33.66 -15.15
N VAL G 141 -39.50 -33.65 -14.63
CA VAL G 141 -38.36 -34.35 -15.22
C VAL G 141 -38.60 -35.85 -15.13
N PRO G 142 -38.21 -36.65 -16.10
CA PRO G 142 -38.51 -38.09 -16.01
C PRO G 142 -37.58 -38.85 -15.09
N PHE G 143 -36.34 -38.39 -14.93
CA PHE G 143 -35.35 -39.02 -14.08
C PHE G 143 -34.22 -38.05 -13.82
N THR G 144 -33.55 -38.21 -12.67
CA THR G 144 -32.59 -37.22 -12.22
C THR G 144 -31.49 -37.02 -13.24
N VAL G 145 -31.14 -35.76 -13.47
CA VAL G 145 -30.09 -35.40 -14.39
C VAL G 145 -29.20 -34.37 -13.73
N GLU G 146 -28.02 -34.17 -14.30
CA GLU G 146 -27.09 -33.20 -13.75
C GLU G 146 -26.36 -32.50 -14.88
N GLY G 147 -26.05 -31.24 -14.64
CA GLY G 147 -25.31 -30.44 -15.60
C GLY G 147 -24.44 -29.46 -14.85
N LYS G 148 -23.28 -29.17 -15.41
CA LYS G 148 -22.29 -28.37 -14.73
C LYS G 148 -21.87 -27.22 -15.61
N GLU G 149 -21.37 -26.16 -14.98
CA GLU G 149 -20.99 -24.97 -15.71
C GLU G 149 -20.20 -24.06 -14.79
N GLY G 150 -19.16 -23.43 -15.33
CA GLY G 150 -18.43 -22.46 -14.53
C GLY G 150 -17.80 -23.11 -13.32
N SER G 151 -18.38 -22.86 -12.17
CA SER G 151 -18.05 -23.56 -10.93
C SER G 151 -19.30 -23.97 -10.19
N VAL G 152 -20.33 -24.39 -10.91
CA VAL G 152 -21.66 -24.55 -10.35
C VAL G 152 -22.25 -25.86 -10.84
N ARG G 153 -22.46 -26.80 -9.93
CA ARG G 153 -23.05 -28.10 -10.25
C ARG G 153 -24.49 -28.12 -9.78
N VAL G 154 -25.41 -28.52 -10.65
CA VAL G 154 -26.81 -28.64 -10.29
C VAL G 154 -27.24 -30.09 -10.49
N LYS G 155 -28.30 -30.47 -9.80
CA LYS G 155 -28.90 -31.80 -9.94
C LYS G 155 -30.40 -31.70 -9.74
N LEU G 156 -31.16 -32.21 -10.69
CA LEU G 156 -32.61 -32.01 -10.70
C LEU G 156 -33.31 -33.34 -10.50
N ILE G 157 -34.17 -33.39 -9.50
CA ILE G 157 -34.80 -34.61 -9.01
C ILE G 157 -36.31 -34.52 -9.25
N PRO G 158 -36.97 -35.59 -9.68
CA PRO G 158 -38.41 -35.50 -9.90
C PRO G 158 -39.16 -35.34 -8.59
N GLY G 159 -40.35 -34.76 -8.67
CA GLY G 159 -41.14 -34.49 -7.50
C GLY G 159 -42.62 -34.65 -7.75
N PRO G 160 -43.40 -34.87 -6.71
CA PRO G 160 -44.80 -35.29 -6.89
C PRO G 160 -45.70 -34.13 -7.29
N ARG G 161 -46.81 -34.48 -7.91
CA ARG G 161 -47.67 -33.48 -8.53
C ARG G 161 -48.26 -32.56 -7.49
N GLY G 162 -48.07 -31.26 -7.65
CA GLY G 162 -48.66 -30.30 -6.75
C GLY G 162 -47.62 -29.51 -6.00
N LEU G 163 -46.56 -30.20 -5.57
CA LEU G 163 -45.38 -29.51 -5.05
C LEU G 163 -44.82 -28.61 -6.14
N GLY G 164 -44.48 -27.38 -5.77
CA GLY G 164 -44.17 -26.41 -6.81
C GLY G 164 -42.81 -26.61 -7.42
N LEU G 165 -42.09 -25.53 -7.66
CA LEU G 165 -40.72 -25.58 -8.13
C LEU G 165 -39.83 -25.16 -6.99
N VAL G 166 -39.06 -26.08 -6.45
CA VAL G 166 -38.18 -25.69 -5.35
C VAL G 166 -36.75 -25.65 -5.86
N ILE G 167 -36.36 -24.49 -6.37
CA ILE G 167 -35.01 -24.24 -6.86
C ILE G 167 -34.76 -22.75 -6.65
N GLY G 168 -33.59 -22.27 -7.04
CA GLY G 168 -33.25 -20.88 -6.86
C GLY G 168 -34.17 -19.92 -7.59
N ASP G 169 -33.82 -18.64 -7.62
CA ASP G 169 -34.73 -17.66 -8.19
C ASP G 169 -34.76 -17.74 -9.71
N VAL G 170 -33.59 -17.74 -10.34
CA VAL G 170 -33.51 -17.67 -11.79
C VAL G 170 -33.49 -19.06 -12.39
N GLY G 171 -33.85 -20.05 -11.59
CA GLY G 171 -34.10 -21.37 -12.12
C GLY G 171 -35.57 -21.50 -12.41
N LYS G 172 -36.39 -20.81 -11.62
CA LYS G 172 -37.83 -20.93 -11.76
C LYS G 172 -38.30 -20.41 -13.10
N LYS G 173 -37.73 -19.31 -13.57
CA LYS G 173 -38.14 -18.77 -14.86
C LYS G 173 -37.85 -19.75 -15.98
N ILE G 174 -36.64 -20.30 -15.99
CA ILE G 174 -36.24 -21.20 -17.06
C ILE G 174 -37.09 -22.47 -17.02
N LEU G 175 -37.34 -23.00 -15.84
CA LEU G 175 -38.11 -24.24 -15.73
C LEU G 175 -39.60 -24.02 -15.88
N ARG G 176 -40.07 -22.79 -15.78
CA ARG G 176 -41.46 -22.50 -16.06
C ARG G 176 -41.71 -22.25 -17.53
N LEU G 177 -40.74 -21.68 -18.23
CA LEU G 177 -40.87 -21.48 -19.67
C LEU G 177 -40.79 -22.77 -20.46
N ALA G 178 -40.28 -23.84 -19.86
CA ALA G 178 -40.12 -25.09 -20.59
C ALA G 178 -41.30 -26.03 -20.43
N GLY G 179 -42.11 -25.84 -19.40
CA GLY G 179 -43.25 -26.69 -19.13
C GLY G 179 -43.16 -27.46 -17.84
N ILE G 180 -41.95 -27.70 -17.33
CA ILE G 180 -41.80 -28.37 -16.05
C ILE G 180 -42.58 -27.62 -14.99
N GLN G 181 -43.20 -28.34 -14.07
CA GLN G 181 -43.99 -27.73 -13.02
C GLN G 181 -43.67 -28.21 -11.62
N ASP G 182 -43.03 -29.37 -11.46
CA ASP G 182 -42.63 -29.88 -10.16
C ASP G 182 -41.20 -30.39 -10.27
N VAL G 183 -40.37 -30.08 -9.28
CA VAL G 183 -38.99 -30.54 -9.29
C VAL G 183 -38.44 -30.39 -7.88
N TRP G 184 -37.36 -31.08 -7.58
CA TRP G 184 -36.50 -30.88 -6.40
C TRP G 184 -35.12 -30.49 -6.89
N SER G 185 -34.16 -30.35 -5.98
CA SER G 185 -32.90 -29.78 -6.43
C SER G 185 -31.84 -29.88 -5.36
N GLN G 186 -30.59 -29.91 -5.81
CA GLN G 186 -29.41 -30.02 -4.96
C GLN G 186 -28.25 -29.42 -5.74
N THR G 187 -27.61 -28.38 -5.21
CA THR G 187 -26.59 -27.66 -5.93
C THR G 187 -25.30 -27.55 -5.13
N LEU G 188 -24.28 -26.98 -5.77
CA LEU G 188 -22.97 -26.77 -5.17
C LEU G 188 -22.39 -25.50 -5.78
N GLY G 189 -21.16 -25.18 -5.42
CA GLY G 189 -20.49 -24.04 -6.02
C GLY G 189 -21.12 -22.71 -5.65
N GLU G 190 -20.73 -21.67 -6.40
CA GLU G 190 -21.19 -20.32 -6.16
C GLU G 190 -22.42 -20.05 -7.03
N THR G 191 -23.59 -20.01 -6.39
CA THR G 191 -24.87 -19.81 -7.10
C THR G 191 -25.34 -18.39 -6.99
N ARG G 192 -24.43 -17.42 -7.00
CA ARG G 192 -24.83 -16.03 -7.02
C ARG G 192 -24.52 -15.35 -8.33
N THR G 193 -23.86 -16.03 -9.26
CA THR G 193 -23.54 -15.49 -10.58
C THR G 193 -24.54 -16.08 -11.56
N THR G 194 -25.59 -15.33 -11.86
CA THR G 194 -26.72 -15.88 -12.57
C THR G 194 -26.36 -16.41 -13.95
N VAL G 195 -25.27 -15.95 -14.54
CA VAL G 195 -24.90 -16.46 -15.85
C VAL G 195 -24.57 -17.94 -15.76
N ASN G 196 -23.74 -18.30 -14.79
CA ASN G 196 -23.33 -19.70 -14.63
C ASN G 196 -24.48 -20.56 -14.11
N PHE G 197 -25.27 -20.04 -13.18
CA PHE G 197 -26.41 -20.79 -12.68
C PHE G 197 -27.43 -21.07 -13.79
N ALA G 198 -27.72 -20.05 -14.61
CA ALA G 198 -28.60 -20.22 -15.76
C ALA G 198 -28.05 -21.23 -16.75
N LYS G 199 -26.75 -21.15 -17.04
CA LYS G 199 -26.20 -22.08 -18.00
C LYS G 199 -26.14 -23.50 -17.46
N ALA G 200 -25.99 -23.68 -16.16
CA ALA G 200 -26.03 -25.05 -15.64
C ALA G 200 -27.43 -25.62 -15.73
N VAL G 201 -28.45 -24.85 -15.40
CA VAL G 201 -29.81 -25.37 -15.54
C VAL G 201 -30.11 -25.69 -17.00
N PHE G 202 -29.67 -24.84 -17.92
CA PHE G 202 -29.87 -25.11 -19.34
C PHE G 202 -29.19 -26.41 -19.76
N ASN G 203 -27.94 -26.62 -19.34
CA ASN G 203 -27.23 -27.83 -19.70
C ASN G 203 -27.87 -29.07 -19.11
N ALA G 204 -28.40 -28.99 -17.90
CA ALA G 204 -29.08 -30.15 -17.34
C ALA G 204 -30.31 -30.50 -18.16
N LEU G 205 -31.10 -29.49 -18.50
CA LEU G 205 -32.28 -29.75 -19.32
C LEU G 205 -31.90 -30.34 -20.66
N TYR G 206 -30.77 -29.92 -21.23
CA TYR G 206 -30.29 -30.52 -22.46
C TYR G 206 -29.94 -31.99 -22.25
N ASN G 207 -29.07 -32.25 -21.27
CA ASN G 207 -28.63 -33.61 -20.98
C ASN G 207 -29.77 -34.54 -20.67
N THR G 208 -30.98 -34.03 -20.51
CA THR G 208 -32.13 -34.92 -20.36
C THR G 208 -32.19 -35.99 -21.44
N ASN G 209 -31.83 -35.66 -22.67
CA ASN G 209 -31.99 -36.59 -23.79
C ASN G 209 -30.69 -37.29 -24.15
N LYS G 210 -29.86 -37.59 -23.15
CA LYS G 210 -28.62 -38.32 -23.36
C LYS G 210 -28.59 -39.61 -22.57
N VAL G 211 -29.71 -40.02 -22.01
CA VAL G 211 -29.82 -41.24 -21.23
C VAL G 211 -30.54 -42.28 -22.07
N VAL G 212 -30.02 -43.48 -22.10
CA VAL G 212 -30.59 -44.55 -22.91
C VAL G 212 -31.85 -45.09 -22.24
N VAL G 213 -32.89 -45.32 -23.03
CA VAL G 213 -34.16 -45.83 -22.53
C VAL G 213 -34.62 -46.98 -23.40
N THR G 214 -35.31 -47.92 -22.79
CA THR G 214 -35.90 -49.03 -23.50
C THR G 214 -37.29 -48.66 -24.03
N PRO G 215 -37.78 -49.35 -25.06
CA PRO G 215 -39.14 -49.05 -25.55
C PRO G 215 -40.24 -49.35 -24.56
N GLU G 216 -39.91 -49.88 -23.39
CA GLU G 216 -40.89 -50.14 -22.35
C GLU G 216 -40.79 -49.17 -21.19
N MET G 217 -39.62 -48.59 -20.94
CA MET G 217 -39.51 -47.53 -19.96
C MET G 217 -40.32 -46.31 -20.37
N ILE G 218 -40.69 -46.22 -21.65
CA ILE G 218 -41.43 -45.07 -22.14
C ILE G 218 -42.87 -45.10 -21.64
N GLU G 219 -43.52 -46.25 -21.72
CA GLU G 219 -44.87 -46.34 -21.17
C GLU G 219 -44.83 -46.82 -19.72
N ARG G 220 -43.95 -46.20 -18.96
CA ARG G 220 -43.98 -46.27 -17.50
C ARG G 220 -43.71 -44.94 -16.86
N TYR G 221 -43.03 -44.03 -17.54
CA TYR G 221 -42.89 -42.66 -17.08
C TYR G 221 -43.70 -41.68 -17.91
N GLY G 222 -44.04 -42.02 -19.14
CA GLY G 222 -44.82 -41.13 -19.97
C GLY G 222 -44.01 -40.16 -20.76
N ILE G 223 -42.82 -40.56 -21.21
CA ILE G 223 -41.87 -39.60 -21.78
C ILE G 223 -42.43 -39.06 -23.09
N VAL G 224 -42.70 -37.76 -23.12
CA VAL G 224 -43.08 -37.08 -24.35
C VAL G 224 -41.92 -36.21 -24.79
N VAL G 225 -41.75 -36.08 -26.10
CA VAL G 225 -40.66 -35.31 -26.67
C VAL G 225 -41.25 -34.18 -27.49
N GLY G 226 -41.00 -32.95 -27.06
CA GLY G 226 -41.63 -31.82 -27.71
C GLY G 226 -43.04 -31.61 -27.16
N ARG G 227 -43.93 -31.15 -28.04
CA ARG G 227 -45.31 -30.96 -27.64
C ARG G 227 -45.93 -32.29 -27.26
N ALA G 228 -46.98 -32.22 -26.43
CA ALA G 228 -47.76 -33.40 -26.07
C ALA G 228 -49.21 -32.97 -26.00
N MET G 229 -49.92 -33.06 -27.13
CA MET G 229 -51.32 -32.69 -27.24
C MET G 229 -51.58 -31.32 -26.62
N PRO G 230 -51.14 -30.23 -27.25
CA PRO G 230 -51.41 -28.90 -26.71
C PRO G 230 -52.90 -28.56 -26.70
N ALA H 2 -29.91 -24.37 106.65
CA ALA H 2 -30.67 -23.27 106.05
C ALA H 2 -32.10 -23.31 106.55
N THR H 3 -33.03 -22.87 105.70
CA THR H 3 -34.45 -23.06 105.94
C THR H 3 -34.94 -24.18 105.01
N PHE H 4 -35.66 -25.14 105.59
CA PHE H 4 -36.12 -26.31 104.85
C PHE H 4 -37.63 -26.43 104.99
N LYS H 5 -38.27 -27.08 104.02
CA LYS H 5 -39.71 -27.27 104.04
C LYS H 5 -40.02 -28.76 104.09
N LEU H 6 -40.06 -29.31 105.29
CA LEU H 6 -40.37 -30.72 105.47
C LEU H 6 -41.80 -31.01 105.04
N VAL H 7 -42.04 -32.26 104.64
CA VAL H 7 -43.36 -32.73 104.25
C VAL H 7 -43.61 -34.04 104.98
N ILE H 8 -44.32 -33.95 106.10
CA ILE H 8 -44.58 -35.11 106.95
C ILE H 8 -45.75 -35.87 106.37
N SER H 9 -45.49 -37.05 105.83
CA SER H 9 -46.52 -37.87 105.21
C SER H 9 -46.62 -39.20 105.95
N ASP H 10 -47.85 -39.65 106.16
CA ASP H 10 -48.11 -40.86 106.89
C ASP H 10 -48.75 -41.91 106.00
N PRO H 11 -48.40 -43.19 106.17
CA PRO H 11 -49.06 -44.23 105.39
C PRO H 11 -50.48 -44.55 105.84
N LYS H 12 -50.68 -44.66 107.14
CA LYS H 12 -51.90 -45.24 107.69
C LYS H 12 -53.07 -44.26 107.75
N THR H 13 -52.92 -43.08 107.16
CA THR H 13 -54.08 -42.21 107.04
C THR H 13 -54.14 -41.46 105.71
N GLY H 14 -53.23 -41.74 104.78
CA GLY H 14 -53.32 -41.17 103.45
C GLY H 14 -53.49 -39.67 103.42
N ILE H 15 -52.88 -38.98 104.37
CA ILE H 15 -52.92 -37.52 104.41
C ILE H 15 -51.62 -37.04 105.03
N ALA H 16 -51.10 -35.93 104.51
CA ALA H 16 -49.82 -35.40 104.92
C ALA H 16 -49.98 -33.96 105.38
N LYS H 17 -48.90 -33.45 105.99
CA LYS H 17 -48.82 -32.05 106.39
C LYS H 17 -47.44 -31.55 105.99
N GLN H 18 -47.16 -30.29 106.31
CA GLN H 18 -45.84 -29.73 106.03
C GLN H 18 -45.58 -28.54 106.95
N ILE H 19 -44.31 -28.37 107.31
CA ILE H 19 -43.84 -27.26 108.11
C ILE H 19 -42.55 -26.72 107.48
N GLU H 20 -42.03 -25.65 108.09
CA GLU H 20 -40.74 -25.08 107.71
C GLU H 20 -39.86 -25.07 108.96
N ILE H 21 -38.61 -25.49 108.81
CA ILE H 21 -37.69 -25.52 109.93
C ILE H 21 -36.35 -24.92 109.52
N THR H 22 -35.63 -24.41 110.52
CA THR H 22 -34.31 -23.83 110.34
C THR H 22 -33.63 -23.79 111.69
N GLY H 23 -32.41 -23.24 111.72
CA GLY H 23 -31.67 -23.09 112.94
C GLY H 23 -31.14 -24.41 113.46
N PRO H 24 -31.61 -24.82 114.65
CA PRO H 24 -31.12 -26.07 115.23
C PRO H 24 -31.55 -27.29 114.44
N GLU H 25 -32.73 -27.26 113.85
CA GLU H 25 -33.32 -28.45 113.27
C GLU H 25 -32.53 -28.91 112.05
N ALA H 26 -32.45 -28.08 111.02
CA ALA H 26 -31.84 -28.52 109.79
C ALA H 26 -30.33 -28.47 109.89
N GLU H 27 -29.78 -29.04 110.95
CA GLU H 27 -28.35 -29.19 111.08
C GLU H 27 -27.96 -30.55 111.65
N LYS H 28 -28.89 -31.30 112.22
CA LYS H 28 -28.65 -32.71 112.53
C LYS H 28 -28.89 -33.60 111.32
N LEU H 29 -29.39 -33.04 110.22
CA LEU H 29 -29.61 -33.82 109.01
C LEU H 29 -29.12 -33.11 107.77
N ILE H 30 -28.14 -32.22 107.88
CA ILE H 30 -27.61 -31.56 106.70
C ILE H 30 -26.89 -32.56 105.80
N GLY H 31 -26.12 -33.47 106.39
CA GLY H 31 -25.31 -34.37 105.59
C GLY H 31 -25.84 -35.79 105.53
N LYS H 32 -27.15 -35.95 105.60
CA LYS H 32 -27.74 -37.27 105.65
C LYS H 32 -28.13 -37.75 104.26
N ARG H 33 -28.26 -39.07 104.13
CA ARG H 33 -28.60 -39.71 102.87
C ARG H 33 -30.10 -39.98 102.82
N ILE H 34 -30.52 -40.73 101.82
CA ILE H 34 -31.88 -41.26 101.81
C ILE H 34 -31.93 -42.51 102.65
N GLY H 35 -32.87 -42.56 103.59
CA GLY H 35 -32.97 -43.66 104.53
C GLY H 35 -32.04 -43.54 105.73
N ASP H 36 -32.25 -42.51 106.55
CA ASP H 36 -31.44 -42.33 107.75
C ASP H 36 -32.24 -42.41 109.05
N GLN H 37 -33.56 -42.63 108.98
CA GLN H 37 -34.35 -43.10 110.11
C GLN H 37 -34.26 -42.17 111.32
N ILE H 38 -34.24 -40.86 111.07
CA ILE H 38 -34.02 -39.88 112.13
C ILE H 38 -35.16 -39.92 113.14
N PRO H 39 -34.88 -40.15 114.43
CA PRO H 39 -35.94 -40.05 115.45
C PRO H 39 -36.50 -38.64 115.53
N VAL H 40 -37.77 -38.56 115.92
CA VAL H 40 -38.47 -37.28 115.88
C VAL H 40 -38.21 -36.49 117.16
N LYS H 41 -38.60 -37.03 118.31
CA LYS H 41 -38.47 -36.28 119.55
C LYS H 41 -37.05 -35.80 119.77
N GLU H 42 -36.06 -36.54 119.27
CA GLU H 42 -34.71 -36.01 119.23
C GLU H 42 -34.66 -34.74 118.40
N LEU H 43 -34.93 -34.85 117.11
CA LEU H 43 -34.89 -33.69 116.23
C LEU H 43 -36.11 -32.80 116.43
N GLY H 44 -37.29 -33.34 116.14
CA GLY H 44 -38.47 -32.53 115.93
C GLY H 44 -38.91 -31.69 117.10
N ILE H 45 -38.75 -30.38 116.97
CA ILE H 45 -39.49 -29.45 117.82
C ILE H 45 -40.96 -29.42 117.43
N ASN H 46 -41.30 -29.95 116.26
CA ASN H 46 -42.70 -30.14 115.88
C ASN H 46 -43.33 -31.20 116.78
N LEU H 47 -44.50 -30.89 117.30
CA LEU H 47 -45.16 -31.75 118.25
C LEU H 47 -46.05 -32.76 117.51
N ASN H 48 -46.57 -33.75 118.25
CA ASN H 48 -47.47 -34.72 117.65
C ASN H 48 -48.82 -34.07 117.41
N GLU H 49 -48.83 -33.03 116.59
CA GLU H 49 -50.03 -32.29 116.24
C GLU H 49 -50.27 -32.44 114.74
N LEU H 50 -51.22 -31.67 114.24
CA LEU H 50 -51.50 -31.51 112.81
C LEU H 50 -52.07 -32.77 112.20
N PHE H 51 -52.24 -33.84 112.97
CA PHE H 51 -52.66 -35.13 112.45
C PHE H 51 -53.87 -35.72 113.15
N GLY H 52 -54.14 -35.34 114.39
CA GLY H 52 -55.18 -35.98 115.15
C GLY H 52 -54.65 -36.48 116.48
N LYS H 53 -53.33 -36.57 116.58
CA LYS H 53 -52.64 -36.83 117.85
C LYS H 53 -53.12 -38.15 118.47
N GLU H 54 -52.76 -39.23 117.79
CA GLU H 54 -53.02 -40.56 118.32
C GLU H 54 -51.80 -41.46 118.30
N PHE H 55 -50.73 -41.07 117.62
CA PHE H 55 -49.65 -42.00 117.30
C PHE H 55 -48.94 -42.46 118.56
N PRO H 56 -48.23 -43.59 118.49
CA PRO H 56 -47.39 -44.01 119.62
C PRO H 56 -46.22 -43.07 119.85
N GLU H 57 -45.38 -43.39 120.83
CA GLU H 57 -44.37 -42.47 121.31
C GLU H 57 -43.06 -42.53 120.55
N ASP H 58 -42.73 -43.67 119.95
CA ASP H 58 -41.39 -43.94 119.42
C ASP H 58 -41.29 -43.69 117.92
N VAL H 59 -41.98 -42.67 117.41
CA VAL H 59 -41.98 -42.40 115.97
C VAL H 59 -40.59 -42.04 115.51
N LYS H 60 -40.20 -42.57 114.35
CA LYS H 60 -38.93 -42.23 113.72
C LYS H 60 -39.09 -42.27 112.20
N MET H 61 -38.63 -41.23 111.55
CA MET H 61 -38.85 -41.00 110.13
C MET H 61 -37.54 -40.93 109.37
N GLU H 62 -37.61 -41.17 108.06
CA GLU H 62 -36.43 -41.15 107.21
C GLU H 62 -36.69 -40.31 105.97
N ILE H 63 -35.64 -40.16 105.17
CA ILE H 63 -35.63 -39.25 104.03
C ILE H 63 -35.94 -40.03 102.77
N ARG H 64 -36.75 -39.45 101.89
CA ARG H 64 -37.21 -40.13 100.70
C ARG H 64 -36.88 -39.41 99.41
N GLY H 65 -37.00 -38.10 99.36
CA GLY H 65 -36.74 -37.37 98.13
C GLY H 65 -36.52 -35.90 98.36
N GLY H 66 -37.04 -35.10 97.45
CA GLY H 66 -36.99 -33.65 97.61
C GLY H 66 -36.36 -32.92 96.45
N THR H 67 -36.80 -31.68 96.24
CA THR H 67 -36.35 -30.90 95.10
C THR H 67 -35.12 -30.10 95.48
N ASP H 68 -34.77 -29.14 94.63
CA ASP H 68 -33.55 -28.37 94.74
C ASP H 68 -33.88 -26.89 94.63
N LYS H 69 -32.88 -26.05 94.92
CA LYS H 69 -33.10 -24.61 94.97
C LYS H 69 -33.72 -24.09 93.69
N ASP H 70 -33.37 -24.69 92.55
CA ASP H 70 -33.89 -24.27 91.26
C ASP H 70 -35.02 -25.16 90.76
N GLY H 71 -35.33 -26.25 91.45
CA GLY H 71 -36.47 -27.07 91.11
C GLY H 71 -36.11 -28.41 90.53
N PHE H 72 -35.03 -28.99 90.97
CA PHE H 72 -34.52 -30.22 90.38
C PHE H 72 -34.75 -31.41 91.32
N PRO H 73 -35.21 -32.52 90.80
CA PRO H 73 -35.49 -33.67 91.67
C PRO H 73 -34.23 -34.33 92.16
N MET H 74 -34.35 -35.47 92.84
CA MET H 74 -33.20 -36.13 93.45
C MET H 74 -33.30 -37.63 93.16
N ARG H 75 -32.51 -38.06 92.20
CA ARG H 75 -32.35 -39.43 91.75
C ARG H 75 -31.56 -40.23 92.78
N PRO H 76 -32.19 -41.06 93.57
CA PRO H 76 -31.47 -41.73 94.65
C PRO H 76 -30.49 -42.79 94.18
N ASP H 77 -29.59 -42.44 93.27
CA ASP H 77 -28.50 -43.36 92.97
C ASP H 77 -27.14 -42.67 92.92
N ILE H 78 -27.14 -41.39 92.57
CA ILE H 78 -25.89 -40.68 92.32
C ILE H 78 -25.41 -40.15 93.66
N HIS H 79 -24.54 -40.89 94.31
CA HIS H 79 -24.06 -40.49 95.62
C HIS H 79 -23.04 -39.37 95.50
N GLY H 80 -23.14 -38.41 96.41
CA GLY H 80 -22.36 -37.20 96.33
C GLY H 80 -23.24 -36.04 95.97
N PRO H 81 -23.55 -35.21 96.95
CA PRO H 81 -24.52 -34.13 96.74
C PRO H 81 -24.06 -33.03 95.81
N ARG H 82 -23.76 -33.39 94.57
CA ARG H 82 -23.44 -32.46 93.50
C ARG H 82 -24.63 -32.35 92.56
N ARG H 83 -24.51 -31.48 91.57
CA ARG H 83 -25.56 -31.30 90.56
C ARG H 83 -25.08 -31.93 89.26
N VAL H 84 -25.85 -32.89 88.74
CA VAL H 84 -25.40 -33.68 87.61
C VAL H 84 -26.35 -33.48 86.44
N ARG H 85 -25.81 -33.66 85.23
CA ARG H 85 -26.61 -33.67 84.01
C ARG H 85 -26.36 -35.01 83.32
N ILE H 86 -27.36 -35.88 83.34
CA ILE H 86 -27.19 -37.26 82.91
C ILE H 86 -28.39 -37.66 82.07
N LEU H 87 -28.18 -38.68 81.23
CA LEU H 87 -29.24 -39.20 80.37
C LEU H 87 -30.04 -40.26 81.11
N LEU H 88 -31.37 -40.10 81.13
CA LEU H 88 -32.24 -40.99 81.87
C LEU H 88 -33.15 -41.76 80.91
N SER H 89 -33.83 -42.76 81.45
CA SER H 89 -34.87 -43.45 80.68
C SER H 89 -36.15 -43.63 81.47
N LYS H 90 -36.06 -43.71 82.79
CA LYS H 90 -37.22 -43.82 83.67
C LYS H 90 -36.83 -43.35 85.06
N GLY H 91 -37.66 -43.65 86.04
CA GLY H 91 -37.33 -43.42 87.43
C GLY H 91 -37.70 -42.03 87.88
N PRO H 92 -37.17 -41.59 89.02
CA PRO H 92 -37.39 -40.21 89.45
C PRO H 92 -36.68 -39.24 88.53
N GLY H 93 -37.39 -38.21 88.12
CA GLY H 93 -36.82 -37.18 87.29
C GLY H 93 -37.16 -37.26 85.81
N PHE H 94 -38.09 -38.12 85.41
CA PHE H 94 -38.44 -38.24 84.00
C PHE H 94 -39.79 -38.93 83.84
N ARG H 95 -40.73 -38.25 83.19
CA ARG H 95 -42.00 -38.80 82.75
C ARG H 95 -41.91 -39.06 81.26
N PRO H 96 -41.60 -40.29 80.83
CA PRO H 96 -41.21 -40.52 79.43
C PRO H 96 -42.25 -40.13 78.40
N LYS H 97 -43.44 -40.74 78.46
CA LYS H 97 -44.54 -40.40 77.55
C LYS H 97 -44.18 -40.70 76.10
N GLU H 98 -43.64 -41.88 75.87
CA GLU H 98 -43.25 -42.36 74.56
C GLU H 98 -42.95 -43.85 74.69
N LYS H 99 -42.36 -44.43 73.65
CA LYS H 99 -41.82 -45.78 73.74
C LYS H 99 -40.33 -45.73 73.46
N GLY H 100 -39.54 -46.23 74.40
CA GLY H 100 -38.11 -46.35 74.21
C GLY H 100 -37.41 -45.05 73.89
N GLU H 101 -37.87 -43.94 74.46
CA GLU H 101 -37.22 -42.66 74.24
C GLU H 101 -36.37 -42.29 75.44
N ARG H 102 -35.57 -41.24 75.26
CA ARG H 102 -34.63 -40.79 76.27
C ARG H 102 -34.61 -39.27 76.26
N ARG H 103 -33.88 -38.71 77.22
CA ARG H 103 -33.64 -37.26 77.25
C ARG H 103 -32.54 -36.99 78.25
N LYS H 104 -32.00 -35.79 78.20
CA LYS H 104 -30.86 -35.36 79.01
C LYS H 104 -31.36 -34.42 80.10
N LYS H 105 -31.80 -35.00 81.22
CA LYS H 105 -32.34 -34.25 82.33
C LYS H 105 -31.25 -33.92 83.33
N THR H 106 -31.52 -32.93 84.16
CA THR H 106 -30.59 -32.48 85.19
C THR H 106 -31.13 -32.88 86.55
N VAL H 107 -30.32 -33.59 87.32
CA VAL H 107 -30.74 -34.16 88.59
C VAL H 107 -29.78 -33.76 89.70
N ARG H 108 -30.16 -34.11 90.92
CA ARG H 108 -29.35 -33.85 92.10
C ARG H 108 -29.09 -35.18 92.80
N GLY H 109 -28.02 -35.21 93.59
CA GLY H 109 -27.49 -36.44 94.13
C GLY H 109 -28.32 -37.16 95.18
N ASN H 110 -27.63 -37.88 96.07
CA ASN H 110 -28.27 -38.73 97.07
C ASN H 110 -28.20 -38.19 98.48
N THR H 111 -27.34 -37.21 98.74
CA THR H 111 -27.14 -36.67 100.07
C THR H 111 -27.80 -35.30 100.20
N ILE H 112 -28.47 -35.07 101.33
CA ILE H 112 -29.06 -33.77 101.61
C ILE H 112 -27.98 -32.70 101.62
N SER H 113 -28.37 -31.47 101.29
CA SER H 113 -27.42 -30.38 101.14
C SER H 113 -28.05 -29.08 101.61
N PRO H 114 -27.27 -27.99 101.73
CA PRO H 114 -27.87 -26.70 102.09
C PRO H 114 -28.62 -26.04 100.94
N GLU H 115 -28.91 -26.79 99.88
CA GLU H 115 -29.75 -26.32 98.78
C GLU H 115 -31.12 -26.97 98.73
N ILE H 116 -31.32 -28.08 99.41
CA ILE H 116 -32.56 -28.83 99.27
C ILE H 116 -33.66 -28.08 99.98
N VAL H 117 -34.44 -27.30 99.22
CA VAL H 117 -35.46 -26.46 99.85
C VAL H 117 -36.58 -27.30 100.40
N GLN H 118 -36.87 -28.44 99.79
CA GLN H 118 -37.95 -29.31 100.24
C GLN H 118 -37.43 -30.72 100.46
N VAL H 119 -37.80 -31.32 101.58
CA VAL H 119 -37.44 -32.69 101.90
C VAL H 119 -38.73 -33.45 102.16
N ASN H 120 -38.78 -34.69 101.70
CA ASN H 120 -39.98 -35.52 101.82
C ASN H 120 -39.66 -36.73 102.68
N VAL H 121 -40.57 -37.07 103.59
CA VAL H 121 -40.34 -38.09 104.61
C VAL H 121 -41.61 -38.88 104.82
N LYS H 122 -41.45 -40.09 105.34
CA LYS H 122 -42.58 -40.91 105.74
C LYS H 122 -42.33 -41.46 107.13
N LEU H 123 -43.43 -41.79 107.82
CA LEU H 123 -43.39 -42.10 109.25
C LEU H 123 -43.59 -43.59 109.44
N VAL H 124 -42.52 -44.29 109.75
CA VAL H 124 -42.58 -45.71 110.09
C VAL H 124 -42.86 -45.83 111.57
N TYR H 125 -43.80 -46.71 111.93
CA TYR H 125 -44.10 -47.00 113.33
C TYR H 125 -43.12 -48.05 113.85
N LYS I 3 36.74 59.22 -53.24
CA LYS I 3 36.43 60.64 -53.18
C LYS I 3 36.62 61.40 -54.50
N PRO I 4 37.74 61.23 -55.20
CA PRO I 4 37.94 62.00 -56.43
C PRO I 4 36.92 61.62 -57.49
N LEU I 5 36.35 62.65 -58.13
CA LEU I 5 35.21 62.45 -59.01
C LEU I 5 35.50 61.46 -60.12
N SER I 6 36.76 61.16 -60.40
CA SER I 6 37.06 60.11 -61.37
C SER I 6 36.81 58.73 -60.79
N GLU I 7 36.95 58.58 -59.48
CA GLU I 7 36.71 57.29 -58.84
C GLU I 7 35.29 57.16 -58.31
N ARG I 8 34.67 58.28 -57.92
CA ARG I 8 33.26 58.24 -57.56
C ARG I 8 32.41 57.77 -58.73
N PHE I 9 32.70 58.30 -59.92
CA PHE I 9 32.04 57.88 -61.15
C PHE I 9 33.01 57.01 -61.92
N PHE I 10 32.78 55.70 -61.89
CA PHE I 10 33.71 54.72 -62.43
C PHE I 10 32.95 53.78 -63.34
N ILE I 11 33.37 53.70 -64.60
CA ILE I 11 32.69 52.89 -65.61
C ILE I 11 33.69 51.86 -66.11
N PRO I 12 33.44 50.58 -65.95
CA PRO I 12 34.35 49.56 -66.50
C PRO I 12 34.07 49.28 -67.97
N HIS I 13 35.04 48.63 -68.61
CA HIS I 13 34.88 48.18 -69.98
C HIS I 13 35.50 46.81 -70.17
N GLU I 14 35.44 45.98 -69.14
CA GLU I 14 36.00 44.64 -69.14
C GLU I 14 35.32 43.88 -68.01
N ILE I 15 35.06 42.60 -68.23
CA ILE I 15 34.32 41.80 -67.25
C ILE I 15 35.37 41.22 -66.30
N LYS I 16 35.76 42.04 -65.33
CA LYS I 16 36.71 41.68 -64.30
C LYS I 16 35.99 41.62 -62.96
N VAL I 17 36.74 41.43 -61.89
CA VAL I 17 36.17 41.41 -60.54
C VAL I 17 36.12 42.84 -60.02
N MET I 18 34.93 43.29 -59.66
CA MET I 18 34.68 44.66 -59.24
C MET I 18 35.12 45.68 -60.27
N GLY I 19 35.39 45.25 -61.50
CA GLY I 19 35.96 46.12 -62.50
C GLY I 19 37.42 46.47 -62.28
N ARG I 20 38.07 45.90 -61.28
CA ARG I 20 39.46 46.25 -60.99
C ARG I 20 40.41 45.07 -61.20
N TRP I 21 40.18 43.93 -60.55
CA TRP I 21 41.18 42.87 -60.47
C TRP I 21 40.72 41.62 -61.21
N SER I 22 41.69 40.88 -61.74
CA SER I 22 41.43 39.77 -62.65
C SER I 22 42.02 38.48 -62.09
N THR I 23 41.17 37.49 -61.89
CA THR I 23 41.56 36.24 -61.26
C THR I 23 41.97 35.19 -62.28
N GLU I 24 42.88 35.56 -63.18
CA GLU I 24 43.30 34.66 -64.24
C GLU I 24 44.58 33.91 -63.93
N ASP I 25 45.41 34.44 -63.03
CA ASP I 25 46.70 33.85 -62.73
C ASP I 25 46.83 33.30 -61.32
N VAL I 26 45.85 33.55 -60.45
CA VAL I 26 45.92 32.96 -59.12
C VAL I 26 45.91 31.44 -59.24
N GLU I 27 46.47 30.78 -58.24
CA GLU I 27 46.83 29.38 -58.35
C GLU I 27 46.71 28.75 -56.97
N VAL I 28 45.77 27.82 -56.81
CA VAL I 28 45.50 27.22 -55.52
C VAL I 28 46.41 26.02 -55.32
N ARG I 29 47.09 25.98 -54.19
CA ARG I 29 48.08 24.93 -53.92
C ARG I 29 47.45 23.66 -53.39
N ASP I 30 46.62 23.77 -52.36
CA ASP I 30 46.05 22.60 -51.71
C ASP I 30 45.12 21.85 -52.65
N PRO I 31 45.43 20.61 -53.03
CA PRO I 31 44.50 19.85 -53.86
C PRO I 31 43.15 19.62 -53.22
N SER I 32 43.05 19.69 -51.90
CA SER I 32 41.78 19.48 -51.24
C SER I 32 40.83 20.64 -51.48
N LEU I 33 41.31 21.86 -51.35
CA LEU I 33 40.48 23.05 -51.43
C LEU I 33 40.37 23.62 -52.84
N LYS I 34 40.98 22.97 -53.83
CA LYS I 34 40.88 23.49 -55.19
C LYS I 34 39.46 23.45 -55.73
N PRO I 35 38.72 22.34 -55.65
CA PRO I 35 37.39 22.30 -56.26
C PRO I 35 36.30 23.02 -55.48
N TYR I 36 36.61 23.80 -54.47
CA TYR I 36 35.60 24.54 -53.73
C TYR I 36 35.80 26.04 -53.73
N ILE I 37 36.98 26.53 -54.04
CA ILE I 37 37.25 27.96 -54.08
C ILE I 37 37.06 28.40 -55.53
N ASN I 38 35.91 28.99 -55.82
CA ASN I 38 35.55 29.38 -57.17
C ASN I 38 36.24 30.68 -57.57
N LEU I 39 36.64 30.77 -58.85
CA LEU I 39 37.34 31.95 -59.33
C LEU I 39 36.94 32.36 -60.74
N GLU I 40 35.68 32.11 -61.12
CA GLU I 40 35.12 32.48 -62.42
C GLU I 40 35.12 33.99 -62.62
N PRO I 41 34.80 34.51 -63.83
CA PRO I 41 34.84 35.97 -64.05
C PRO I 41 33.94 36.81 -63.16
N ARG I 42 32.61 36.65 -63.27
CA ARG I 42 31.65 37.14 -62.26
C ARG I 42 31.94 38.58 -61.81
N LEU I 43 31.68 39.53 -62.70
CA LEU I 43 31.93 40.94 -62.40
C LEU I 43 31.41 41.35 -61.03
N LEU I 44 30.10 41.25 -60.80
CA LEU I 44 29.53 41.76 -59.55
C LEU I 44 29.34 40.63 -58.55
N PRO I 45 29.83 40.76 -57.33
CA PRO I 45 29.59 39.79 -56.26
C PRO I 45 28.27 39.99 -55.53
N HIS I 46 27.20 39.47 -56.13
CA HIS I 46 25.88 39.47 -55.52
C HIS I 46 25.09 38.37 -56.19
N THR I 47 24.62 37.40 -55.42
CA THR I 47 23.86 36.30 -55.99
C THR I 47 22.41 36.26 -55.54
N HIS I 48 22.02 37.14 -54.62
CA HIS I 48 20.65 37.19 -54.13
C HIS I 48 20.21 35.86 -53.56
N GLY I 49 21.08 35.23 -52.79
CA GLY I 49 20.72 34.12 -51.93
C GLY I 49 19.96 33.00 -52.59
N ARG I 50 20.29 32.66 -53.83
CA ARG I 50 19.67 31.52 -54.49
C ARG I 50 20.35 30.20 -54.18
N HIS I 51 21.62 30.26 -53.79
CA HIS I 51 22.39 29.04 -53.58
C HIS I 51 22.00 28.33 -52.29
N ALA I 52 21.49 29.06 -51.30
CA ALA I 52 21.14 28.46 -50.02
C ALA I 52 19.77 27.80 -50.08
N LYS I 53 19.63 26.92 -51.06
CA LYS I 53 18.44 26.07 -51.14
C LYS I 53 18.77 24.64 -51.51
N LYS I 54 19.97 24.36 -52.00
CA LYS I 54 20.29 23.10 -52.66
C LYS I 54 21.55 22.52 -52.06
N HIS I 55 21.51 21.23 -51.74
CA HIS I 55 22.65 20.58 -51.11
C HIS I 55 23.90 20.78 -51.93
N PHE I 56 24.97 21.24 -51.27
CA PHE I 56 26.22 21.61 -51.93
C PHE I 56 25.98 22.69 -52.99
N GLY I 57 25.18 23.68 -52.64
CA GLY I 57 24.93 24.75 -53.56
C GLY I 57 26.03 25.77 -53.51
N LYS I 58 26.61 25.95 -52.34
CA LYS I 58 27.62 26.97 -52.13
C LYS I 58 28.96 26.58 -52.67
N ALA I 59 29.03 25.55 -53.51
CA ALA I 59 30.28 25.24 -54.19
C ALA I 59 30.55 26.21 -55.32
N ASN I 60 29.52 26.57 -56.08
CA ASN I 60 29.67 27.48 -57.22
C ASN I 60 29.23 28.89 -56.86
N VAL I 61 29.96 29.51 -55.93
CA VAL I 61 29.74 30.91 -55.56
C VAL I 61 31.10 31.56 -55.40
N HIS I 62 31.27 32.73 -56.01
CA HIS I 62 32.58 33.38 -56.04
C HIS I 62 33.10 33.59 -54.63
N ILE I 63 34.42 33.47 -54.48
CA ILE I 63 35.01 33.54 -53.15
C ILE I 63 34.82 34.92 -52.53
N VAL I 64 34.80 35.97 -53.36
CA VAL I 64 34.66 37.30 -52.81
C VAL I 64 33.28 37.48 -52.20
N GLU I 65 32.26 36.83 -52.76
CA GLU I 65 30.94 36.93 -52.16
C GLU I 65 30.84 36.10 -50.89
N ARG I 66 31.45 34.92 -50.86
CA ARG I 66 31.51 34.18 -49.61
C ARG I 66 32.19 34.99 -48.52
N LEU I 67 33.17 35.82 -48.87
CA LEU I 67 33.81 36.67 -47.86
C LEU I 67 32.91 37.81 -47.43
N ILE I 68 32.30 38.51 -48.40
CA ILE I 68 31.48 39.66 -48.06
C ILE I 68 30.31 39.25 -47.19
N ASN I 69 29.73 38.07 -47.45
CA ASN I 69 28.58 37.65 -46.65
C ASN I 69 28.95 37.34 -45.21
N LYS I 70 30.18 36.89 -44.96
CA LYS I 70 30.60 36.56 -43.61
C LYS I 70 31.21 37.73 -42.88
N ILE I 71 30.86 38.96 -43.26
CA ILE I 71 31.09 40.13 -42.41
C ILE I 71 29.83 40.94 -42.22
N MET I 72 28.70 40.51 -42.77
CA MET I 72 27.41 41.11 -42.50
C MET I 72 26.85 40.48 -41.24
N ARG I 73 27.36 40.94 -40.09
CA ARG I 73 26.96 40.37 -38.83
C ARG I 73 27.39 41.31 -37.73
N SER I 74 26.89 41.07 -36.52
CA SER I 74 27.12 41.99 -35.44
C SER I 74 28.37 41.66 -34.64
N GLY I 75 28.76 40.39 -34.56
CA GLY I 75 29.97 40.07 -33.85
C GLY I 75 29.90 38.76 -33.12
N GLY I 76 30.17 38.77 -31.82
CA GLY I 76 29.99 37.59 -31.01
C GLY I 76 28.85 37.79 -30.05
N SER I 77 27.72 37.12 -30.28
CA SER I 77 26.51 37.42 -29.55
C SER I 77 26.07 36.38 -28.53
N HIS I 78 26.62 35.17 -28.58
CA HIS I 78 26.40 34.26 -27.46
C HIS I 78 27.65 33.44 -27.17
N TYR I 79 28.82 33.94 -27.55
CA TYR I 79 30.05 33.19 -27.39
C TYR I 79 31.20 34.18 -27.45
N LYS I 80 31.87 34.38 -26.33
CA LYS I 80 32.85 35.44 -26.24
C LYS I 80 33.97 35.21 -27.25
N VAL I 81 34.56 36.30 -27.72
CA VAL I 81 35.69 36.26 -28.65
C VAL I 81 36.82 37.10 -28.08
N ALA I 82 37.90 36.44 -27.67
CA ALA I 82 39.05 37.11 -27.08
C ALA I 82 38.63 38.08 -25.98
N GLY I 83 38.06 37.53 -24.92
CA GLY I 83 37.51 38.37 -23.89
C GLY I 83 36.01 38.40 -23.85
N HIS I 84 35.40 39.44 -24.40
CA HIS I 84 34.03 39.80 -24.10
C HIS I 84 33.06 39.38 -25.19
N PHE I 85 31.78 39.41 -24.84
CA PHE I 85 30.71 39.54 -25.83
C PHE I 85 30.91 40.85 -26.58
N MET I 86 30.36 40.93 -27.78
CA MET I 86 30.35 42.19 -28.50
C MET I 86 29.00 42.41 -29.16
N ARG I 87 27.93 42.23 -28.40
CA ARG I 87 26.60 42.58 -28.87
C ARG I 87 26.56 44.05 -29.23
N ARG I 88 26.38 44.37 -30.51
CA ARG I 88 26.24 45.76 -30.95
C ARG I 88 25.01 45.84 -31.88
N GLU I 89 23.82 45.89 -31.29
CA GLU I 89 22.58 45.87 -32.05
C GLU I 89 22.16 47.28 -32.42
N HIS I 90 21.49 47.40 -33.56
CA HIS I 90 20.97 48.62 -34.15
C HIS I 90 22.07 49.49 -34.73
N ARG I 91 23.34 49.14 -34.47
CA ARG I 91 24.46 49.79 -35.12
C ARG I 91 25.43 48.77 -35.69
N SER I 92 24.96 47.56 -35.94
CA SER I 92 25.66 46.53 -36.68
C SER I 92 25.19 46.53 -38.11
N LEU I 93 26.00 45.97 -38.99
CA LEU I 93 25.63 45.87 -40.39
C LEU I 93 25.18 44.44 -40.67
N ASN I 94 23.94 44.15 -40.28
CA ASN I 94 23.36 42.83 -40.48
C ASN I 94 22.78 42.66 -41.88
N SER I 95 22.07 43.65 -42.37
CA SER I 95 21.53 43.55 -43.71
C SER I 95 22.17 44.53 -44.69
N LYS I 96 22.98 45.45 -44.21
CA LYS I 96 23.50 46.49 -45.07
C LYS I 96 24.61 45.96 -45.96
N LYS I 97 24.26 45.41 -47.12
CA LYS I 97 25.29 44.85 -47.98
C LYS I 97 26.12 45.93 -48.64
N VAL I 98 25.58 47.15 -48.78
CA VAL I 98 26.34 48.24 -49.37
C VAL I 98 27.58 48.55 -48.53
N LYS I 99 27.39 48.69 -47.22
CA LYS I 99 28.51 48.99 -46.35
C LYS I 99 29.54 47.86 -46.35
N ALA I 100 29.07 46.62 -46.42
CA ALA I 100 29.99 45.48 -46.47
C ALA I 100 30.85 45.53 -47.73
N TYR I 101 30.20 45.65 -48.89
CA TYR I 101 30.93 45.75 -50.14
C TYR I 101 31.93 46.90 -50.10
N GLU I 102 31.56 48.00 -49.45
CA GLU I 102 32.47 49.14 -49.41
C GLU I 102 33.70 48.83 -48.56
N VAL I 103 33.49 48.24 -47.37
CA VAL I 103 34.66 48.00 -46.52
C VAL I 103 35.57 46.98 -47.17
N VAL I 104 35.03 46.04 -47.94
CA VAL I 104 35.90 45.06 -48.56
C VAL I 104 36.67 45.68 -49.73
N LYS I 105 36.01 46.56 -50.50
CA LYS I 105 36.72 47.30 -51.52
C LYS I 105 37.92 48.05 -50.94
N GLU I 106 37.69 48.84 -49.89
CA GLU I 106 38.81 49.56 -49.31
C GLU I 106 39.85 48.63 -48.69
N ALA I 107 39.41 47.49 -48.17
CA ALA I 107 40.37 46.53 -47.63
C ALA I 107 41.34 46.09 -48.71
N PHE I 108 40.82 45.71 -49.87
CA PHE I 108 41.69 45.31 -50.96
C PHE I 108 42.58 46.46 -51.41
N LYS I 109 42.05 47.67 -51.45
CA LYS I 109 42.87 48.80 -51.87
C LYS I 109 44.05 49.02 -50.93
N ILE I 110 43.89 48.70 -49.65
CA ILE I 110 45.03 48.79 -48.74
C ILE I 110 45.99 47.63 -48.92
N ILE I 111 45.46 46.41 -49.05
CA ILE I 111 46.30 45.22 -49.20
C ILE I 111 47.21 45.35 -50.43
N GLU I 112 46.62 45.73 -51.56
CA GLU I 112 47.38 45.86 -52.80
C GLU I 112 48.54 46.83 -52.65
N LYS I 113 48.48 47.75 -51.70
CA LYS I 113 49.54 48.75 -51.60
C LYS I 113 50.68 48.32 -50.68
N ARG I 114 50.37 47.63 -49.59
CA ARG I 114 51.40 47.29 -48.62
C ARG I 114 52.16 46.02 -48.95
N THR I 115 51.68 45.21 -49.88
CA THR I 115 52.45 44.07 -50.35
C THR I 115 52.80 44.19 -51.83
N GLY I 116 51.81 44.30 -52.71
CA GLY I 116 52.07 44.48 -54.11
C GLY I 116 51.61 43.33 -54.99
N LYS I 117 50.66 42.54 -54.51
CA LYS I 117 50.16 41.40 -55.25
C LYS I 117 48.66 41.50 -55.43
N ASN I 118 48.17 40.79 -56.44
CA ASN I 118 46.74 40.66 -56.70
C ASN I 118 46.04 40.30 -55.41
N PRO I 119 45.28 41.23 -54.82
CA PRO I 119 44.73 41.01 -53.47
C PRO I 119 44.08 39.67 -53.30
N ILE I 120 43.54 39.09 -54.36
CA ILE I 120 42.89 37.80 -54.20
C ILE I 120 43.91 36.67 -54.07
N GLN I 121 45.12 36.86 -54.58
CA GLN I 121 46.16 35.87 -54.30
C GLN I 121 46.55 35.89 -52.82
N VAL I 122 46.69 37.08 -52.25
CA VAL I 122 46.95 37.16 -50.81
C VAL I 122 45.80 36.55 -50.03
N LEU I 123 44.56 36.77 -50.46
CA LEU I 123 43.43 36.19 -49.75
C LEU I 123 43.45 34.66 -49.82
N VAL I 124 43.73 34.11 -50.99
CA VAL I 124 43.75 32.66 -51.12
C VAL I 124 44.96 32.06 -50.43
N TRP I 125 45.98 32.85 -50.15
CA TRP I 125 47.00 32.35 -49.22
C TRP I 125 46.51 32.39 -47.79
N ALA I 126 45.73 33.42 -47.43
CA ALA I 126 45.28 33.53 -46.05
C ALA I 126 44.32 32.41 -45.68
N ILE I 127 43.55 31.92 -46.63
CA ILE I 127 42.51 30.94 -46.33
C ILE I 127 43.03 29.51 -46.50
N GLU I 128 44.33 29.30 -46.44
CA GLU I 128 44.91 27.98 -46.31
C GLU I 128 45.80 27.84 -45.09
N ASN I 129 46.52 28.89 -44.74
CA ASN I 129 47.29 28.94 -43.53
C ASN I 129 46.46 29.27 -42.32
N ALA I 130 45.15 29.05 -42.44
CA ALA I 130 44.22 29.28 -41.34
C ALA I 130 43.13 28.23 -41.24
N ALA I 131 43.18 27.16 -42.02
CA ALA I 131 42.12 26.17 -42.04
C ALA I 131 42.64 24.83 -41.56
N PRO I 132 42.25 24.36 -40.39
CA PRO I 132 42.83 23.15 -39.82
C PRO I 132 42.05 21.89 -40.19
N ARG I 133 42.77 20.78 -40.20
CA ARG I 133 42.26 19.51 -40.72
C ARG I 133 42.33 18.41 -39.67
N GLU I 134 41.97 18.76 -38.44
CA GLU I 134 41.70 17.74 -37.42
C GLU I 134 40.76 18.34 -36.40
N ASP I 135 39.93 17.49 -35.80
CA ASP I 135 38.85 17.97 -34.97
C ASP I 135 38.68 17.00 -33.81
N THR I 136 37.56 17.14 -33.10
CA THR I 136 37.24 16.26 -31.98
C THR I 136 35.73 16.07 -31.98
N THR I 137 35.26 15.08 -31.24
CA THR I 137 33.84 14.83 -31.08
C THR I 137 33.63 14.00 -29.83
N SER I 138 32.45 13.43 -29.70
CA SER I 138 32.15 12.41 -28.71
C SER I 138 31.32 11.32 -29.37
N VAL I 139 31.81 10.08 -29.33
CA VAL I 139 31.13 8.96 -29.94
C VAL I 139 30.71 7.99 -28.85
N MET I 140 29.39 7.85 -28.67
CA MET I 140 28.85 6.93 -27.70
C MET I 140 28.90 5.52 -28.28
N PHE I 141 29.38 4.57 -27.49
CA PHE I 141 29.63 3.22 -28.01
C PHE I 141 29.32 2.21 -26.91
N GLY I 142 28.22 1.46 -27.08
CA GLY I 142 27.82 0.44 -26.15
C GLY I 142 27.44 0.92 -24.77
N GLY I 143 27.07 2.19 -24.62
CA GLY I 143 26.70 2.72 -23.32
C GLY I 143 27.38 4.03 -22.92
N ILE I 144 28.61 4.24 -23.36
CA ILE I 144 29.42 5.39 -22.93
C ILE I 144 30.04 6.03 -24.16
N ARG I 145 30.47 7.28 -24.00
CA ARG I 145 31.19 8.04 -25.02
C ARG I 145 32.53 8.50 -24.48
N TYR I 146 33.33 9.10 -25.36
CA TYR I 146 34.55 9.80 -24.97
C TYR I 146 35.13 10.55 -26.16
N HIS I 147 35.68 11.73 -25.90
CA HIS I 147 36.30 12.57 -26.91
C HIS I 147 37.33 11.81 -27.74
N VAL I 148 37.12 11.78 -29.06
CA VAL I 148 38.03 11.17 -30.00
C VAL I 148 38.31 12.14 -31.13
N ALA I 149 39.42 11.92 -31.83
CA ALA I 149 39.83 12.79 -32.92
C ALA I 149 39.29 12.27 -34.24
N VAL I 150 38.93 13.20 -35.13
CA VAL I 150 38.35 12.92 -36.43
C VAL I 150 39.03 13.79 -37.46
N ASP I 151 38.59 13.67 -38.71
CA ASP I 151 39.14 14.44 -39.82
C ASP I 151 38.08 15.36 -40.39
N ILE I 152 38.49 16.54 -40.84
CA ILE I 152 37.55 17.55 -41.30
C ILE I 152 37.51 17.53 -42.81
N SER I 153 36.29 17.40 -43.35
CA SER I 153 36.06 17.46 -44.78
C SER I 153 36.39 18.87 -45.30
N PRO I 154 36.63 19.00 -46.61
CA PRO I 154 37.16 20.28 -47.12
C PRO I 154 36.21 21.46 -46.97
N MET I 155 34.96 21.29 -47.36
CA MET I 155 33.99 22.39 -47.31
C MET I 155 33.94 23.03 -45.93
N ARG I 156 33.93 22.18 -44.89
CA ARG I 156 33.89 22.70 -43.54
C ARG I 156 35.18 23.41 -43.17
N ARG I 157 36.31 22.93 -43.70
CA ARG I 157 37.57 23.65 -43.54
C ARG I 157 37.45 25.07 -44.04
N LEU I 158 36.94 25.23 -45.25
CA LEU I 158 36.82 26.56 -45.84
C LEU I 158 35.90 27.46 -45.02
N ASP I 159 34.76 26.92 -44.60
CA ASP I 159 33.83 27.71 -43.79
C ASP I 159 34.51 28.22 -42.53
N VAL I 160 35.19 27.33 -41.81
CA VAL I 160 35.83 27.71 -40.55
C VAL I 160 36.91 28.73 -40.79
N ALA I 161 37.66 28.59 -41.89
CA ALA I 161 38.72 29.54 -42.22
C ALA I 161 38.16 30.95 -42.36
N LEU I 162 37.21 31.12 -43.27
CA LEU I 162 36.66 32.46 -43.49
C LEU I 162 36.05 33.02 -42.22
N ARG I 163 35.34 32.18 -41.46
CA ARG I 163 34.68 32.68 -40.26
C ARG I 163 35.69 33.22 -39.27
N ASN I 164 36.81 32.52 -39.10
CA ASN I 164 37.79 33.00 -38.13
C ASN I 164 38.49 34.25 -38.62
N ILE I 165 38.69 34.40 -39.92
CA ILE I 165 39.24 35.67 -40.42
C ILE I 165 38.30 36.82 -40.09
N ALA I 166 37.02 36.64 -40.38
CA ALA I 166 36.00 37.62 -40.02
C ALA I 166 36.13 38.03 -38.55
N LEU I 167 36.03 37.04 -37.66
CA LEU I 167 36.03 37.34 -36.22
C LEU I 167 37.35 37.93 -35.77
N GLY I 168 38.43 37.66 -36.48
CA GLY I 168 39.70 38.25 -36.10
C GLY I 168 39.74 39.73 -36.41
N ALA I 169 39.29 40.11 -37.59
CA ALA I 169 39.25 41.54 -37.91
C ALA I 169 38.21 42.26 -37.07
N SER I 170 37.10 41.62 -36.77
CA SER I 170 35.99 42.26 -36.09
C SER I 170 36.17 42.37 -34.60
N ALA I 171 37.40 42.24 -34.09
CA ALA I 171 37.66 42.43 -32.69
C ALA I 171 38.77 43.43 -32.41
N LYS I 172 39.44 43.94 -33.43
CA LYS I 172 40.41 45.01 -33.25
C LYS I 172 39.87 46.37 -33.63
N CYS I 173 38.75 46.42 -34.33
CA CYS I 173 38.03 47.65 -34.58
C CYS I 173 37.04 47.96 -33.48
N TYR I 174 37.03 47.18 -32.41
CA TYR I 174 36.02 47.27 -31.37
C TYR I 174 36.51 48.17 -30.26
N ARG I 175 35.87 49.32 -30.10
CA ARG I 175 36.21 50.28 -29.06
C ARG I 175 37.70 50.61 -29.08
N THR I 176 38.21 50.86 -30.28
CA THR I 176 39.62 51.13 -30.49
C THR I 176 39.75 52.04 -31.69
N LYS I 177 40.84 52.78 -31.75
CA LYS I 177 40.98 53.84 -32.74
C LYS I 177 41.09 53.29 -34.15
N MET I 178 41.68 52.14 -34.32
CA MET I 178 41.83 51.57 -35.65
C MET I 178 40.47 51.31 -36.28
N SER I 179 40.40 51.46 -37.59
CA SER I 179 39.15 51.33 -38.34
C SER I 179 38.80 49.86 -38.57
N PHE I 180 37.85 49.61 -39.46
CA PHE I 180 37.44 48.26 -39.82
C PHE I 180 38.06 47.78 -41.12
N ALA I 181 38.12 48.63 -42.13
CA ALA I 181 38.76 48.26 -43.39
C ALA I 181 40.25 48.00 -43.23
N GLU I 182 40.94 48.74 -42.37
CA GLU I 182 42.36 48.50 -42.16
C GLU I 182 42.63 47.39 -41.17
N ALA I 183 41.70 47.14 -40.24
CA ALA I 183 41.81 45.97 -39.40
C ALA I 183 41.48 44.69 -40.16
N LEU I 184 40.79 44.78 -41.29
CA LEU I 184 40.66 43.62 -42.17
C LEU I 184 41.91 43.38 -43.00
N ALA I 185 42.86 44.32 -43.00
CA ALA I 185 44.15 44.14 -43.66
C ALA I 185 45.21 43.67 -42.67
N GLU I 186 45.24 44.26 -41.50
CA GLU I 186 46.20 43.78 -40.51
C GLU I 186 45.89 42.41 -40.04
N GLU I 187 44.91 41.74 -40.64
CA GLU I 187 44.63 40.34 -40.38
C GLU I 187 45.05 39.44 -41.52
N ILE I 188 44.78 39.83 -42.76
CA ILE I 188 45.17 39.00 -43.88
C ILE I 188 46.66 39.06 -44.14
N ILE I 189 47.29 40.23 -43.96
CA ILE I 189 48.73 40.28 -44.15
C ILE I 189 49.44 39.43 -43.10
N LEU I 190 48.82 39.22 -41.95
CA LEU I 190 49.42 38.38 -40.91
C LEU I 190 49.16 36.92 -41.19
N ALA I 191 47.90 36.52 -41.34
CA ALA I 191 47.61 35.11 -41.57
C ALA I 191 48.33 34.58 -42.80
N ALA I 192 48.40 35.37 -43.86
CA ALA I 192 49.11 34.90 -45.04
C ALA I 192 50.60 34.79 -44.82
N ASN I 193 51.11 35.17 -43.65
CA ASN I 193 52.54 35.09 -43.35
C ASN I 193 52.84 34.23 -42.15
N LYS I 194 51.85 33.54 -41.60
CA LYS I 194 52.00 32.74 -40.40
C LYS I 194 52.69 33.53 -39.29
N ASP I 195 52.03 34.53 -38.86
CA ASP I 195 52.52 35.19 -37.67
C ASP I 195 51.66 34.81 -36.47
N PRO I 196 52.26 34.70 -35.28
CA PRO I 196 51.46 34.39 -34.09
C PRO I 196 50.47 35.47 -33.71
N LYS I 197 50.81 36.75 -33.87
CA LYS I 197 49.94 37.84 -33.45
C LYS I 197 48.54 37.78 -34.04
N SER I 198 48.31 36.90 -35.02
CA SER I 198 47.00 36.81 -35.63
C SER I 198 46.01 36.13 -34.69
N TYR I 199 44.76 36.10 -35.11
CA TYR I 199 43.71 35.35 -34.42
C TYR I 199 43.24 34.16 -35.21
N ALA I 200 43.24 34.23 -36.53
CA ALA I 200 42.78 33.11 -37.33
C ALA I 200 43.78 31.96 -37.28
N TYR I 201 45.06 32.27 -37.26
CA TYR I 201 46.09 31.24 -37.25
C TYR I 201 46.23 30.62 -35.87
N SER I 202 46.25 31.46 -34.84
CA SER I 202 46.34 30.97 -33.47
C SER I 202 45.21 30.02 -33.14
N LYS I 203 44.01 30.31 -33.63
CA LYS I 203 42.90 29.40 -33.38
C LYS I 203 43.12 28.07 -34.08
N LYS I 204 43.78 28.07 -35.24
CA LYS I 204 44.10 26.81 -35.89
C LYS I 204 45.08 25.99 -35.05
N LEU I 205 46.11 26.65 -34.52
CA LEU I 205 47.08 25.92 -33.71
C LEU I 205 46.45 25.38 -32.44
N GLU I 206 45.63 26.19 -31.75
CA GLU I 206 45.00 25.72 -30.53
C GLU I 206 43.82 24.81 -30.77
N ILE I 207 43.40 24.61 -32.03
CA ILE I 207 42.51 23.50 -32.31
C ILE I 207 43.32 22.23 -32.52
N GLU I 208 44.33 22.30 -33.39
CA GLU I 208 45.12 21.11 -33.71
C GLU I 208 45.84 20.55 -32.50
N ARG I 209 46.19 21.39 -31.54
CA ARG I 209 46.86 20.91 -30.34
C ARG I 209 45.96 19.95 -29.56
N ILE I 210 44.80 20.43 -29.12
CA ILE I 210 43.91 19.63 -28.30
C ILE I 210 43.15 18.63 -29.17
N ALA I 211 43.43 18.64 -30.46
CA ALA I 211 42.97 17.55 -31.29
C ALA I 211 43.96 16.40 -31.36
N GLU I 212 45.26 16.71 -31.43
CA GLU I 212 46.30 15.70 -31.43
C GLU I 212 46.46 15.07 -30.05
N SER I 213 46.38 15.87 -29.00
CA SER I 213 46.72 15.36 -27.68
C SER I 213 45.73 14.34 -27.14
N SER I 214 44.70 13.97 -27.89
CA SER I 214 43.72 13.00 -27.43
C SER I 214 43.34 12.06 -28.56
N ARG I 215 44.32 11.62 -29.34
CA ARG I 215 44.03 10.78 -30.49
C ARG I 215 43.42 9.46 -30.06
N THR J 2 -2.02 -53.33 -4.43
CA THR J 2 -2.06 -54.60 -5.12
C THR J 2 -3.50 -55.01 -5.40
N LEU J 3 -3.71 -56.24 -5.86
CA LEU J 3 -5.04 -56.65 -6.29
C LEU J 3 -5.85 -57.00 -5.06
N LEU J 4 -6.93 -56.27 -4.83
CA LEU J 4 -7.77 -56.46 -3.67
C LEU J 4 -9.21 -56.81 -4.00
N ASP J 5 -9.65 -56.54 -5.23
CA ASP J 5 -11.06 -56.72 -5.58
C ASP J 5 -11.16 -56.93 -7.08
N PRO J 6 -11.19 -58.18 -7.53
CA PRO J 6 -11.32 -58.45 -8.95
C PRO J 6 -12.71 -58.21 -9.51
N LEU J 7 -13.66 -57.75 -8.70
CA LEU J 7 -15.00 -57.42 -9.19
C LEU J 7 -15.12 -55.94 -9.51
N ALA J 8 -14.61 -55.09 -8.61
CA ALA J 8 -14.57 -53.66 -8.89
C ALA J 8 -13.78 -53.37 -10.14
N ASN J 9 -12.63 -54.03 -10.30
CA ASN J 9 -11.85 -53.82 -11.51
C ASN J 9 -12.66 -54.17 -12.75
N ALA J 10 -13.42 -55.26 -12.69
CA ALA J 10 -14.20 -55.68 -13.84
C ALA J 10 -15.25 -54.63 -14.22
N LEU J 11 -16.04 -54.21 -13.23
CA LEU J 11 -17.13 -53.29 -13.57
C LEU J 11 -16.61 -51.92 -14.00
N SER J 12 -15.54 -51.45 -13.38
CA SER J 12 -14.97 -50.17 -13.80
C SER J 12 -14.33 -50.26 -15.17
N HIS J 13 -13.71 -51.39 -15.50
CA HIS J 13 -13.15 -51.54 -16.82
C HIS J 13 -14.24 -51.59 -17.89
N ILE J 14 -15.36 -52.25 -17.60
CA ILE J 14 -16.48 -52.22 -18.53
C ILE J 14 -16.98 -50.80 -18.73
N THR J 15 -17.16 -50.06 -17.64
CA THR J 15 -17.73 -48.73 -17.80
C THR J 15 -16.75 -47.75 -18.45
N ASN J 16 -15.45 -47.99 -18.35
CA ASN J 16 -14.52 -47.14 -19.06
C ASN J 16 -14.47 -47.48 -20.54
N SER J 17 -14.47 -48.77 -20.86
CA SER J 17 -14.44 -49.19 -22.26
C SER J 17 -15.66 -48.70 -22.99
N GLU J 18 -16.84 -49.12 -22.58
CA GLU J 18 -18.02 -48.89 -23.40
C GLU J 18 -18.37 -47.43 -23.51
N ARG J 19 -17.81 -46.58 -22.66
CA ARG J 19 -18.12 -45.16 -22.76
C ARG J 19 -17.49 -44.52 -23.97
N VAL J 20 -16.46 -45.13 -24.54
CA VAL J 20 -15.75 -44.55 -25.66
C VAL J 20 -16.01 -45.29 -26.96
N GLY J 21 -16.55 -46.51 -26.92
CA GLY J 21 -17.04 -47.12 -28.13
C GLY J 21 -16.66 -48.57 -28.38
N LYS J 22 -15.93 -49.19 -27.45
CA LYS J 22 -15.42 -50.53 -27.70
C LYS J 22 -16.56 -51.51 -27.90
N ARG J 23 -16.27 -52.60 -28.62
CA ARG J 23 -17.22 -53.68 -28.80
C ARG J 23 -16.84 -54.95 -28.07
N GLU J 24 -15.63 -55.05 -27.53
CA GLU J 24 -15.23 -56.23 -26.78
C GLU J 24 -14.31 -55.84 -25.63
N VAL J 25 -14.36 -56.63 -24.57
CA VAL J 25 -13.47 -56.47 -23.43
C VAL J 25 -13.04 -57.84 -22.93
N TYR J 26 -11.86 -57.87 -22.31
CA TYR J 26 -11.26 -59.09 -21.78
C TYR J 26 -11.10 -58.94 -20.27
N ILE J 27 -12.06 -59.45 -19.51
CA ILE J 27 -12.00 -59.38 -18.06
C ILE J 27 -10.92 -60.36 -17.59
N LYS J 28 -9.78 -59.84 -17.14
CA LYS J 28 -8.60 -60.69 -17.02
C LYS J 28 -8.72 -61.72 -15.90
N PRO J 29 -8.77 -61.39 -14.61
CA PRO J 29 -9.01 -62.45 -13.62
C PRO J 29 -10.50 -62.75 -13.55
N ALA J 30 -10.84 -64.03 -13.42
CA ALA J 30 -12.22 -64.46 -13.61
C ALA J 30 -12.62 -65.43 -12.51
N SER J 31 -13.27 -64.89 -11.47
CA SER J 31 -13.92 -65.72 -10.48
C SER J 31 -15.16 -66.38 -11.07
N LYS J 32 -15.83 -67.16 -10.25
CA LYS J 32 -17.20 -67.55 -10.55
C LYS J 32 -18.20 -66.50 -10.09
N LEU J 33 -17.76 -65.57 -9.24
CA LEU J 33 -18.63 -64.47 -8.82
C LEU J 33 -18.76 -63.42 -9.92
N ILE J 34 -17.68 -63.16 -10.63
CA ILE J 34 -17.76 -62.31 -11.81
C ILE J 34 -18.76 -62.86 -12.81
N GLY J 35 -18.61 -64.14 -13.15
CA GLY J 35 -19.54 -64.77 -14.07
C GLY J 35 -20.95 -64.80 -13.54
N GLU J 36 -21.11 -64.93 -12.24
CA GLU J 36 -22.44 -64.93 -11.66
C GLU J 36 -23.11 -63.56 -11.73
N VAL J 37 -22.32 -62.48 -11.66
CA VAL J 37 -22.91 -61.18 -11.94
C VAL J 37 -23.29 -61.08 -13.40
N LEU J 38 -22.37 -61.40 -14.30
CA LEU J 38 -22.65 -61.30 -15.73
C LEU J 38 -23.90 -62.07 -16.12
N ARG J 39 -24.17 -63.20 -15.48
CA ARG J 39 -25.35 -63.97 -15.83
C ARG J 39 -26.63 -63.16 -15.68
N VAL J 40 -26.72 -62.33 -14.64
CA VAL J 40 -27.93 -61.55 -14.43
C VAL J 40 -27.83 -60.15 -15.02
N MET J 41 -26.63 -59.70 -15.32
CA MET J 41 -26.45 -58.45 -16.03
C MET J 41 -26.73 -58.60 -17.52
N GLN J 42 -26.77 -59.83 -18.01
CA GLN J 42 -27.19 -60.10 -19.38
C GLN J 42 -28.69 -60.34 -19.51
N LYS J 43 -29.30 -60.99 -18.51
CA LYS J 43 -30.71 -61.36 -18.64
C LYS J 43 -31.60 -60.14 -18.80
N TYR J 44 -31.22 -59.01 -18.23
CA TYR J 44 -32.02 -57.80 -18.33
C TYR J 44 -31.73 -57.01 -19.60
N GLY J 45 -30.75 -57.43 -20.39
CA GLY J 45 -30.46 -56.80 -21.66
C GLY J 45 -29.42 -55.71 -21.59
N TYR J 46 -28.27 -55.98 -21.00
CA TYR J 46 -27.21 -54.99 -20.94
C TYR J 46 -25.96 -55.37 -21.71
N ILE J 47 -25.69 -56.65 -21.94
CA ILE J 47 -24.50 -57.09 -22.64
C ILE J 47 -24.90 -58.16 -23.65
N GLY J 48 -23.91 -58.63 -24.42
CA GLY J 48 -24.15 -59.55 -25.51
C GLY J 48 -24.09 -61.00 -25.07
N GLU J 49 -23.07 -61.72 -25.52
CA GLU J 49 -22.82 -63.06 -25.01
C GLU J 49 -21.35 -63.18 -24.64
N PHE J 50 -21.05 -64.16 -23.80
CA PHE J 50 -19.74 -64.28 -23.20
C PHE J 50 -19.36 -65.75 -23.03
N GLU J 51 -18.07 -66.02 -23.10
CA GLU J 51 -17.55 -67.35 -22.82
C GLU J 51 -16.22 -67.24 -22.10
N PHE J 52 -15.82 -68.36 -21.49
CA PHE J 52 -14.67 -68.42 -20.60
C PHE J 52 -13.50 -69.05 -21.35
N ILE J 53 -12.45 -68.27 -21.56
CA ILE J 53 -11.25 -68.73 -22.27
C ILE J 53 -10.18 -69.05 -21.24
N ASP J 54 -9.76 -70.31 -21.16
CA ASP J 54 -8.82 -70.73 -20.13
C ASP J 54 -7.38 -70.63 -20.61
N ASP J 55 -6.48 -70.26 -19.69
CA ASP J 55 -5.08 -70.14 -20.02
C ASP J 55 -4.17 -70.65 -18.91
N GLY J 56 -4.62 -71.66 -18.16
CA GLY J 56 -3.82 -72.21 -17.10
C GLY J 56 -3.64 -71.32 -15.90
N ARG J 57 -4.15 -70.10 -15.92
CA ARG J 57 -4.10 -69.19 -14.78
C ARG J 57 -5.40 -68.41 -14.73
N ALA J 58 -6.38 -68.94 -14.03
CA ALA J 58 -7.61 -68.24 -13.67
C ALA J 58 -8.50 -67.87 -14.86
N GLY J 59 -8.07 -68.12 -16.09
CA GLY J 59 -8.92 -67.85 -17.24
C GLY J 59 -9.16 -66.36 -17.43
N VAL J 60 -9.89 -66.06 -18.50
CA VAL J 60 -10.33 -64.70 -18.83
C VAL J 60 -11.81 -64.76 -19.22
N TYR J 61 -12.35 -63.63 -19.62
CA TYR J 61 -13.75 -63.54 -20.02
C TYR J 61 -13.84 -62.65 -21.24
N ARG J 62 -14.33 -63.20 -22.34
CA ARG J 62 -14.63 -62.39 -23.52
C ARG J 62 -16.08 -61.96 -23.44
N VAL J 63 -16.30 -60.65 -23.36
CA VAL J 63 -17.63 -60.07 -23.26
C VAL J 63 -17.71 -58.98 -24.31
N GLN J 64 -18.76 -58.98 -25.11
CA GLN J 64 -18.93 -57.98 -26.15
C GLN J 64 -20.13 -57.12 -25.85
N LEU J 65 -19.95 -55.81 -25.94
CA LEU J 65 -20.93 -54.86 -25.48
C LEU J 65 -21.96 -54.57 -26.56
N LEU J 66 -23.01 -53.86 -26.16
CA LEU J 66 -24.05 -53.38 -27.04
C LEU J 66 -24.25 -51.88 -26.97
N GLY J 67 -23.47 -51.19 -26.15
CA GLY J 67 -23.65 -49.76 -25.98
C GLY J 67 -24.97 -49.40 -25.33
N LYS J 68 -25.30 -50.06 -24.21
CA LYS J 68 -26.61 -49.88 -23.62
C LYS J 68 -26.58 -49.71 -22.10
N ILE J 69 -25.45 -49.37 -21.51
CA ILE J 69 -25.39 -49.10 -20.08
C ILE J 69 -24.87 -47.69 -19.87
N ASN J 70 -25.36 -47.06 -18.81
CA ASN J 70 -24.97 -45.69 -18.49
C ASN J 70 -23.85 -45.63 -17.45
N LYS J 71 -23.90 -46.51 -16.45
CA LYS J 71 -22.91 -46.50 -15.39
C LYS J 71 -23.02 -47.75 -14.55
N ALA J 72 -21.91 -48.45 -14.34
CA ALA J 72 -21.84 -49.61 -13.46
C ALA J 72 -20.75 -49.38 -12.44
N GLY J 73 -20.84 -50.09 -11.32
CA GLY J 73 -19.85 -49.91 -10.27
C GLY J 73 -20.00 -50.97 -9.21
N ALA J 74 -19.35 -50.75 -8.07
CA ALA J 74 -19.41 -51.71 -6.96
C ALA J 74 -19.74 -50.98 -5.67
N ILE J 75 -20.76 -51.48 -4.97
CA ILE J 75 -21.12 -51.01 -3.62
C ILE J 75 -20.08 -51.62 -2.68
N LYS J 76 -19.15 -50.84 -2.19
CA LYS J 76 -18.02 -51.58 -1.65
C LYS J 76 -18.22 -52.15 -0.25
N PRO J 77 -18.56 -51.35 0.78
CA PRO J 77 -18.62 -51.94 2.13
C PRO J 77 -19.52 -53.15 2.26
N ARG J 78 -20.39 -53.40 1.28
CA ARG J 78 -21.26 -54.59 1.24
C ARG J 78 -22.20 -54.65 2.45
N PHE J 79 -23.00 -53.59 2.60
CA PHE J 79 -23.93 -53.53 3.70
C PHE J 79 -24.96 -54.64 3.56
N PRO J 80 -25.50 -55.12 4.67
CA PRO J 80 -26.66 -56.01 4.61
C PRO J 80 -27.96 -55.23 4.54
N VAL J 81 -28.98 -55.85 3.93
CA VAL J 81 -30.27 -55.20 3.81
C VAL J 81 -31.36 -56.11 4.36
N LYS J 82 -32.23 -55.55 5.18
CA LYS J 82 -33.43 -56.24 5.57
C LYS J 82 -34.31 -56.44 4.36
N ALA J 83 -35.34 -57.27 4.49
CA ALA J 83 -36.15 -57.63 3.35
C ALA J 83 -37.19 -56.58 3.01
N ARG J 84 -37.46 -55.64 3.91
CA ARG J 84 -38.49 -54.64 3.72
C ARG J 84 -37.92 -53.25 3.50
N ASP J 85 -36.62 -53.14 3.25
CA ASP J 85 -35.89 -51.87 3.30
C ASP J 85 -35.03 -51.71 2.06
N TYR J 86 -35.62 -51.92 0.89
CA TYR J 86 -34.90 -51.75 -0.36
C TYR J 86 -34.98 -50.33 -0.88
N GLU J 87 -36.20 -49.75 -0.93
CA GLU J 87 -36.39 -48.41 -1.46
C GLU J 87 -35.39 -47.42 -0.87
N ARG J 88 -35.08 -47.57 0.42
CA ARG J 88 -34.16 -46.64 1.05
C ARG J 88 -32.80 -46.64 0.37
N TRP J 89 -32.33 -47.82 -0.05
CA TRP J 89 -31.07 -47.92 -0.77
C TRP J 89 -31.24 -47.61 -2.24
N GLU J 90 -32.45 -47.75 -2.77
CA GLU J 90 -32.68 -47.45 -4.16
C GLU J 90 -32.65 -45.95 -4.40
N LYS J 91 -33.08 -45.17 -3.42
CA LYS J 91 -33.07 -43.71 -3.54
C LYS J 91 -31.68 -43.13 -3.40
N ARG J 92 -30.65 -43.93 -3.23
CA ARG J 92 -29.28 -43.43 -3.16
C ARG J 92 -28.47 -43.72 -4.41
N PHE J 93 -28.82 -44.77 -5.15
CA PHE J 93 -28.04 -45.21 -6.29
C PHE J 93 -28.73 -44.98 -7.63
N LEU J 94 -29.98 -45.37 -7.78
CA LEU J 94 -30.62 -45.29 -9.08
C LEU J 94 -31.41 -44.01 -9.24
N PRO J 95 -31.72 -43.60 -10.48
CA PRO J 95 -32.39 -42.30 -10.71
C PRO J 95 -33.90 -42.31 -10.90
N ALA J 96 -34.63 -43.41 -10.69
CA ALA J 96 -36.08 -43.38 -10.82
C ALA J 96 -36.65 -44.59 -10.10
N PHE J 97 -37.97 -44.76 -10.20
CA PHE J 97 -38.58 -45.71 -9.27
C PHE J 97 -38.50 -47.16 -9.71
N GLU J 98 -38.19 -47.46 -10.96
CA GLU J 98 -37.93 -48.85 -11.32
C GLU J 98 -36.79 -48.95 -12.30
N PHE J 99 -35.84 -48.03 -12.22
CA PHE J 99 -34.72 -47.92 -13.13
C PHE J 99 -33.62 -48.89 -12.71
N GLY J 100 -32.87 -49.38 -13.68
CA GLY J 100 -31.70 -50.19 -13.35
C GLY J 100 -31.99 -51.39 -12.47
N ILE J 101 -30.91 -51.98 -11.96
CA ILE J 101 -31.00 -53.11 -11.04
C ILE J 101 -29.96 -52.95 -9.94
N LEU J 102 -30.25 -53.60 -8.82
CA LEU J 102 -29.44 -53.52 -7.61
C LEU J 102 -29.11 -54.96 -7.20
N ILE J 103 -27.93 -55.43 -7.61
CA ILE J 103 -27.61 -56.85 -7.49
C ILE J 103 -27.35 -57.19 -6.03
N VAL J 104 -28.03 -58.22 -5.53
CA VAL J 104 -27.98 -58.61 -4.13
C VAL J 104 -27.56 -60.07 -4.05
N SER J 105 -26.73 -60.38 -3.07
CA SER J 105 -26.19 -61.74 -2.91
C SER J 105 -26.97 -62.47 -1.81
N THR J 106 -28.16 -62.93 -2.16
CA THR J 106 -29.03 -63.53 -1.18
C THR J 106 -28.50 -64.90 -0.78
N SER J 107 -29.27 -65.61 0.05
CA SER J 107 -28.89 -66.92 0.54
C SER J 107 -29.18 -68.04 -0.44
N GLN J 108 -29.67 -67.71 -1.63
CA GLN J 108 -30.04 -68.69 -2.64
C GLN J 108 -29.52 -68.29 -4.01
N GLY J 109 -28.34 -67.71 -4.06
CA GLY J 109 -27.74 -67.28 -5.31
C GLY J 109 -27.60 -65.77 -5.36
N VAL J 110 -27.35 -65.28 -6.56
CA VAL J 110 -27.28 -63.85 -6.84
C VAL J 110 -28.45 -63.49 -7.74
N MET J 111 -29.11 -62.38 -7.46
CA MET J 111 -30.34 -62.04 -8.12
C MET J 111 -30.68 -60.58 -7.89
N SER J 112 -31.34 -59.96 -8.87
CA SER J 112 -31.71 -58.57 -8.75
C SER J 112 -32.76 -58.39 -7.67
N HIS J 113 -32.82 -57.17 -7.11
CA HIS J 113 -33.68 -56.95 -5.97
C HIS J 113 -35.15 -57.13 -6.32
N LYS J 114 -35.50 -56.94 -7.59
CA LYS J 114 -36.87 -57.18 -8.00
C LYS J 114 -37.27 -58.63 -7.84
N GLU J 115 -36.31 -59.55 -7.81
CA GLU J 115 -36.60 -60.95 -7.54
C GLU J 115 -36.38 -61.33 -6.08
N ALA J 116 -35.79 -60.45 -5.30
CA ALA J 116 -35.70 -60.69 -3.86
C ALA J 116 -36.96 -60.24 -3.15
N ARG J 117 -37.57 -59.15 -3.61
CA ARG J 117 -38.79 -58.70 -2.98
C ARG J 117 -39.97 -59.62 -3.26
N GLU J 118 -39.85 -60.50 -4.26
CA GLU J 118 -40.90 -61.48 -4.49
C GLU J 118 -40.87 -62.56 -3.41
N LYS J 119 -39.72 -63.21 -3.24
CA LYS J 119 -39.59 -64.22 -2.21
C LYS J 119 -39.38 -63.64 -0.83
N GLY J 120 -39.12 -62.34 -0.72
CA GLY J 120 -38.97 -61.72 0.58
C GLY J 120 -37.73 -62.16 1.31
N ILE J 121 -36.56 -61.75 0.83
CA ILE J 121 -35.30 -62.11 1.45
C ILE J 121 -34.35 -60.91 1.36
N GLY J 122 -33.23 -61.03 2.05
CA GLY J 122 -32.26 -59.96 2.09
C GLY J 122 -30.89 -60.48 1.75
N GLY J 123 -29.84 -59.80 2.17
CA GLY J 123 -28.51 -60.27 1.91
C GLY J 123 -27.58 -59.13 1.60
N ARG J 124 -26.28 -59.40 1.57
CA ARG J 124 -25.32 -58.34 1.30
C ARG J 124 -25.51 -57.78 -0.10
N LEU J 125 -25.44 -56.46 -0.23
CA LEU J 125 -25.37 -55.86 -1.55
C LEU J 125 -23.97 -56.02 -2.11
N ILE J 126 -23.85 -56.12 -3.44
CA ILE J 126 -22.51 -56.18 -4.01
C ILE J 126 -22.27 -55.11 -5.07
N ALA J 127 -23.17 -54.93 -6.02
CA ALA J 127 -22.94 -53.99 -7.10
C ALA J 127 -24.26 -53.39 -7.57
N TYR J 128 -24.18 -52.50 -8.56
CA TYR J 128 -25.36 -51.86 -9.13
C TYR J 128 -25.09 -51.47 -10.57
N VAL J 129 -26.08 -51.67 -11.43
CA VAL J 129 -25.98 -51.35 -12.84
C VAL J 129 -27.21 -50.54 -13.23
N TYR J 130 -27.04 -49.56 -14.10
CA TYR J 130 -28.19 -48.88 -14.67
C TYR J 130 -27.86 -48.21 -15.97
N ALA K 2 -18.86 -49.18 65.95
CA ALA K 2 -19.41 -49.04 64.61
C ALA K 2 -18.72 -49.97 63.63
N ILE K 3 -19.35 -51.10 63.35
CA ILE K 3 -18.83 -52.10 62.42
C ILE K 3 -19.75 -52.14 61.21
N TRP K 4 -19.20 -51.80 60.06
CA TRP K 4 -19.94 -51.69 58.81
C TRP K 4 -19.45 -52.75 57.85
N GLN K 5 -20.37 -53.43 57.18
CA GLN K 5 -19.99 -54.49 56.26
C GLN K 5 -20.54 -54.28 54.86
N GLY K 6 -20.64 -53.03 54.43
CA GLY K 6 -21.08 -52.72 53.10
C GLY K 6 -19.98 -52.95 52.09
N ARG K 7 -20.12 -52.31 50.94
CA ARG K 7 -19.12 -52.46 49.89
C ARG K 7 -17.79 -51.85 50.33
N SER K 8 -16.76 -52.00 49.50
CA SER K 8 -15.43 -51.54 49.82
C SER K 8 -15.16 -50.19 49.16
N LEU K 9 -14.01 -49.62 49.46
CA LEU K 9 -13.64 -48.27 49.04
C LEU K 9 -12.43 -48.28 48.12
N ARG K 10 -12.35 -49.26 47.23
CA ARG K 10 -11.20 -49.38 46.35
C ARG K 10 -11.57 -50.27 45.19
N LYS K 11 -11.44 -49.75 43.97
CA LYS K 11 -11.75 -50.53 42.79
C LYS K 11 -10.79 -51.70 42.67
N PRO K 12 -11.14 -52.73 41.89
CA PRO K 12 -10.18 -53.80 41.60
C PRO K 12 -8.89 -53.31 40.96
N SER K 13 -8.90 -52.14 40.33
CA SER K 13 -7.73 -51.64 39.65
C SER K 13 -6.90 -50.71 40.51
N GLY K 14 -7.39 -50.31 41.67
CA GLY K 14 -6.62 -49.50 42.59
C GLY K 14 -7.04 -48.06 42.72
N GLY K 15 -8.10 -47.64 42.03
CA GLY K 15 -8.58 -46.28 42.17
C GLY K 15 -9.53 -46.16 43.34
N ARG K 16 -9.54 -44.98 43.94
CA ARG K 16 -10.31 -44.77 45.15
C ARG K 16 -11.70 -44.25 44.83
N ILE K 17 -12.63 -44.54 45.73
CA ILE K 17 -14.05 -44.34 45.49
C ILE K 17 -14.60 -43.38 46.54
N VAL K 18 -15.42 -42.45 46.10
CA VAL K 18 -16.21 -41.62 47.00
C VAL K 18 -17.55 -42.29 47.23
N LEU K 19 -18.07 -42.17 48.45
CA LEU K 19 -19.36 -42.74 48.79
C LEU K 19 -20.45 -41.73 48.51
N ALA K 20 -21.51 -42.18 47.87
CA ALA K 20 -22.57 -41.28 47.45
C ALA K 20 -23.58 -40.98 48.54
N ARG K 21 -23.62 -41.77 49.59
CA ARG K 21 -24.70 -41.73 50.57
C ARG K 21 -24.12 -41.89 51.97
N LYS K 22 -24.98 -42.22 52.93
CA LYS K 22 -24.57 -42.58 54.28
C LYS K 22 -24.81 -44.07 54.51
N LYS K 23 -24.56 -44.51 55.73
CA LYS K 23 -24.47 -45.93 56.05
C LYS K 23 -25.82 -46.44 56.53
N ARG K 24 -26.42 -47.33 55.77
CA ARG K 24 -27.71 -47.86 56.17
C ARG K 24 -27.58 -48.74 57.41
N LYS K 25 -28.62 -48.74 58.22
CA LYS K 25 -28.61 -49.52 59.45
C LYS K 25 -28.70 -51.01 59.18
N ARG K 26 -29.28 -51.40 58.05
CA ARG K 26 -29.49 -52.80 57.73
C ARG K 26 -28.23 -53.50 57.28
N GLU K 27 -27.07 -52.88 57.45
CA GLU K 27 -25.82 -53.47 57.00
C GLU K 27 -24.72 -53.48 58.05
N LEU K 28 -24.99 -53.00 59.26
CA LEU K 28 -23.96 -52.94 60.27
C LEU K 28 -23.67 -54.33 60.83
N GLY K 29 -22.67 -54.40 61.71
CA GLY K 29 -22.28 -55.65 62.32
C GLY K 29 -22.08 -55.48 63.83
N ARG K 30 -21.80 -56.61 64.48
CA ARG K 30 -21.64 -56.66 65.92
C ARG K 30 -20.23 -57.10 66.26
N GLU K 31 -20.00 -57.37 67.54
CA GLU K 31 -18.72 -57.70 68.10
C GLU K 31 -18.54 -59.21 68.16
N PRO K 32 -17.33 -59.71 67.93
CA PRO K 32 -17.10 -61.15 68.05
C PRO K 32 -17.25 -61.60 69.49
N SER K 33 -17.84 -62.78 69.66
CA SER K 33 -18.09 -63.33 70.98
C SER K 33 -17.02 -64.37 71.25
N ASN K 34 -15.91 -63.91 71.81
CA ASN K 34 -14.78 -64.80 72.05
C ASN K 34 -15.14 -65.77 73.16
N THR K 35 -15.42 -67.01 72.80
CA THR K 35 -15.76 -68.01 73.80
C THR K 35 -14.54 -68.37 74.63
N ARG K 36 -14.79 -68.82 75.86
CA ARG K 36 -13.73 -69.25 76.74
C ARG K 36 -14.15 -70.55 77.41
N VAL K 37 -13.17 -71.27 77.93
CA VAL K 37 -13.42 -72.44 78.76
C VAL K 37 -13.56 -71.95 80.20
N ALA K 38 -14.68 -72.27 80.83
CA ALA K 38 -14.97 -71.74 82.15
C ALA K 38 -15.59 -72.84 82.99
N GLU K 39 -16.18 -72.45 84.12
CA GLU K 39 -16.88 -73.37 85.00
C GLU K 39 -18.31 -72.94 85.24
N GLN K 40 -18.87 -72.14 84.33
CA GLN K 40 -20.30 -71.84 84.31
C GLN K 40 -20.61 -71.21 82.97
N ASP K 41 -21.52 -71.80 82.21
CA ASP K 41 -21.77 -71.36 80.84
C ASP K 41 -22.76 -70.20 80.83
N LYS K 42 -22.28 -69.02 80.46
CA LYS K 42 -23.10 -67.82 80.34
C LYS K 42 -23.48 -67.61 78.89
N ARG K 43 -24.74 -67.23 78.66
CA ARG K 43 -25.21 -67.02 77.30
C ARG K 43 -26.42 -66.09 77.30
N LYS K 44 -26.52 -65.31 76.23
CA LYS K 44 -27.55 -64.28 76.09
C LYS K 44 -28.39 -64.54 74.85
N ILE K 45 -29.41 -63.71 74.65
CA ILE K 45 -30.31 -63.81 73.51
C ILE K 45 -30.42 -62.45 72.87
N ILE K 46 -30.20 -62.39 71.56
CA ILE K 46 -30.12 -61.14 70.81
C ILE K 46 -31.30 -61.04 69.88
N ARG K 47 -31.83 -59.83 69.69
CA ARG K 47 -32.91 -59.60 68.74
C ARG K 47 -32.36 -59.09 67.43
N THR K 48 -32.72 -59.76 66.35
CA THR K 48 -32.11 -59.55 65.05
C THR K 48 -33.12 -59.07 64.02
N TYR K 49 -32.59 -58.54 62.93
CA TYR K 49 -33.37 -57.96 61.85
C TYR K 49 -34.51 -58.88 61.44
N GLY K 50 -35.72 -58.36 61.52
CA GLY K 50 -36.90 -59.11 61.21
C GLY K 50 -37.69 -59.54 62.42
N GLY K 51 -37.13 -59.41 63.61
CA GLY K 51 -37.79 -59.86 64.81
C GLY K 51 -37.35 -61.20 65.31
N ASN K 52 -36.37 -61.81 64.67
CA ASN K 52 -35.88 -63.14 65.04
C ASN K 52 -34.96 -63.03 66.24
N LYS K 53 -34.23 -64.09 66.54
CA LYS K 53 -33.34 -64.15 67.69
C LYS K 53 -32.13 -64.98 67.34
N LYS K 54 -31.16 -64.99 68.23
CA LYS K 54 -29.90 -65.69 67.97
C LYS K 54 -29.18 -65.86 69.30
N VAL K 55 -29.01 -67.10 69.74
CA VAL K 55 -28.45 -67.41 71.06
C VAL K 55 -26.93 -67.46 70.96
N ARG K 56 -26.25 -66.95 71.98
CA ARG K 56 -24.85 -66.57 71.89
C ARG K 56 -24.10 -67.07 73.13
N LEU K 57 -23.19 -68.04 72.94
CA LEU K 57 -22.31 -68.45 74.03
C LEU K 57 -21.22 -67.45 74.29
N THR K 58 -20.78 -67.38 75.55
CA THR K 58 -19.69 -66.50 75.92
C THR K 58 -18.69 -67.24 76.80
N ALA K 59 -19.12 -68.33 77.42
CA ALA K 59 -18.25 -69.23 78.17
C ALA K 59 -18.93 -70.59 78.22
N ALA K 60 -18.16 -71.66 78.04
CA ALA K 60 -18.74 -72.99 77.86
C ALA K 60 -18.26 -73.95 78.93
N ALA K 61 -19.04 -75.02 79.12
CA ALA K 61 -18.70 -76.02 80.12
C ALA K 61 -18.68 -77.44 79.59
N TYR K 62 -19.57 -77.81 78.69
CA TYR K 62 -19.72 -79.19 78.25
C TYR K 62 -19.55 -79.29 76.73
N ALA K 63 -19.61 -80.51 76.21
CA ALA K 63 -19.12 -80.75 74.85
C ALA K 63 -20.02 -81.52 73.89
N ASN K 64 -20.84 -82.45 74.37
CA ASN K 64 -21.68 -83.28 73.50
C ASN K 64 -20.85 -84.03 72.45
N VAL K 65 -19.96 -84.88 72.92
CA VAL K 65 -19.06 -85.56 71.99
C VAL K 65 -19.76 -86.75 71.36
N PHE K 66 -19.43 -87.02 70.10
CA PHE K 66 -20.12 -88.02 69.31
C PHE K 66 -19.11 -89.05 68.80
N ASP K 67 -19.60 -89.95 67.97
CA ASP K 67 -18.81 -91.10 67.55
C ASP K 67 -19.23 -91.51 66.15
N LYS K 68 -18.87 -92.73 65.75
CA LYS K 68 -19.10 -93.19 64.38
C LYS K 68 -20.51 -93.71 64.17
N SER K 69 -21.11 -94.34 65.18
CA SER K 69 -22.47 -94.86 65.06
C SER K 69 -23.47 -94.01 65.82
N GLY K 70 -23.14 -92.76 66.12
CA GLY K 70 -24.06 -91.91 66.84
C GLY K 70 -24.22 -92.31 68.29
N LYS K 71 -23.18 -92.13 69.09
CA LYS K 71 -23.21 -92.45 70.51
C LYS K 71 -22.82 -91.19 71.28
N GLY K 72 -23.82 -90.37 71.60
CA GLY K 72 -23.54 -89.11 72.25
C GLY K 72 -23.27 -89.26 73.73
N ARG K 73 -22.36 -88.42 74.24
CA ARG K 73 -21.99 -88.41 75.64
C ARG K 73 -21.61 -86.99 76.03
N LYS K 74 -22.16 -86.50 77.13
CA LYS K 74 -21.90 -85.14 77.57
C LYS K 74 -20.81 -85.15 78.62
N VAL K 75 -19.64 -84.62 78.26
CA VAL K 75 -18.51 -84.48 79.17
C VAL K 75 -18.16 -83.01 79.24
N ARG K 76 -17.47 -82.62 80.31
CA ARG K 76 -16.94 -81.28 80.40
C ARG K 76 -15.51 -81.25 79.90
N ILE K 77 -15.13 -80.12 79.33
CA ILE K 77 -13.86 -80.01 78.62
C ILE K 77 -12.78 -79.52 79.56
N ILE K 78 -11.53 -79.73 79.19
CA ILE K 78 -10.41 -79.34 80.03
C ILE K 78 -9.76 -78.11 79.44
N ARG K 79 -9.35 -78.17 78.17
CA ARG K 79 -8.76 -77.02 77.52
C ARG K 79 -8.66 -77.30 76.02
N VAL K 80 -8.28 -76.26 75.28
CA VAL K 80 -8.08 -76.34 73.84
C VAL K 80 -6.60 -76.55 73.56
N ILE K 81 -6.30 -77.23 72.46
CA ILE K 81 -4.93 -77.36 71.96
C ILE K 81 -4.96 -77.20 70.45
N GLU K 82 -4.00 -76.43 69.92
CA GLU K 82 -3.77 -76.33 68.48
C GLU K 82 -5.02 -75.83 67.74
N ASN K 83 -5.31 -74.57 67.95
CA ASN K 83 -6.31 -73.89 67.12
C ASN K 83 -5.70 -73.54 65.77
N PRO K 84 -6.27 -74.00 64.66
CA PRO K 84 -5.69 -73.68 63.35
C PRO K 84 -6.00 -72.26 62.89
N ALA K 85 -7.15 -71.72 63.30
CA ALA K 85 -7.58 -70.44 62.76
C ALA K 85 -6.61 -69.34 63.11
N ASN K 86 -6.47 -69.02 64.40
CA ASN K 86 -5.63 -67.93 64.84
C ASN K 86 -4.45 -68.48 65.62
N ARG K 87 -3.37 -67.71 65.62
CA ARG K 87 -2.10 -68.21 66.15
C ARG K 87 -2.06 -68.22 67.65
N GLN K 88 -2.96 -67.51 68.33
CA GLN K 88 -2.91 -67.39 69.78
C GLN K 88 -4.30 -67.56 70.38
N PHE K 89 -5.03 -68.58 69.93
CA PHE K 89 -6.29 -68.90 70.57
C PHE K 89 -6.18 -70.03 71.58
N ALA K 90 -5.46 -71.11 71.22
CA ALA K 90 -5.27 -72.20 72.17
C ALA K 90 -4.59 -71.70 73.43
N ARG K 91 -3.68 -70.73 73.30
CA ARG K 91 -3.04 -70.14 74.46
C ARG K 91 -4.03 -69.40 75.36
N ARG K 92 -5.19 -69.02 74.84
CA ARG K 92 -6.18 -68.28 75.60
C ARG K 92 -7.53 -69.00 75.71
N ASN K 93 -7.62 -70.22 75.17
CA ASN K 93 -8.81 -71.06 75.29
C ASN K 93 -10.04 -70.42 74.65
N ILE K 94 -9.96 -70.26 73.33
CA ILE K 94 -11.09 -69.84 72.52
C ILE K 94 -11.48 -71.03 71.65
N ILE K 95 -12.74 -71.46 71.75
CA ILE K 95 -13.25 -72.56 70.93
C ILE K 95 -13.93 -71.94 69.73
N THR K 96 -13.39 -72.13 68.53
CA THR K 96 -14.12 -71.56 67.41
C THR K 96 -14.85 -72.57 66.53
N LYS K 97 -14.18 -73.29 65.65
CA LYS K 97 -14.90 -74.30 64.89
C LYS K 97 -14.03 -75.47 64.46
N GLY K 98 -12.73 -75.30 64.51
CA GLY K 98 -11.86 -76.37 64.06
C GLY K 98 -10.90 -76.73 65.17
N ALA K 99 -10.99 -76.00 66.26
CA ALA K 99 -10.14 -76.26 67.41
C ALA K 99 -10.27 -77.70 67.82
N ILE K 100 -9.16 -78.30 68.23
CA ILE K 100 -9.13 -79.71 68.61
C ILE K 100 -9.18 -79.73 70.13
N ILE K 101 -10.40 -79.85 70.65
CA ILE K 101 -10.61 -79.91 72.09
C ILE K 101 -10.16 -81.26 72.62
N GLU K 102 -9.46 -81.24 73.75
CA GLU K 102 -9.10 -82.45 74.45
C GLU K 102 -10.03 -82.61 75.64
N THR K 103 -10.98 -83.51 75.53
CA THR K 103 -11.92 -83.73 76.62
C THR K 103 -11.25 -84.59 77.68
N GLU K 104 -12.04 -85.06 78.65
CA GLU K 104 -11.51 -85.97 79.64
C GLU K 104 -11.62 -87.44 79.22
N ILE K 105 -12.08 -87.71 77.99
CA ILE K 105 -12.11 -89.07 77.47
C ILE K 105 -11.37 -89.19 76.14
N GLY K 106 -10.59 -88.19 75.78
CA GLY K 106 -9.76 -88.28 74.61
C GLY K 106 -9.61 -86.92 73.95
N LYS K 107 -9.41 -86.95 72.64
CA LYS K 107 -9.39 -85.75 71.81
C LYS K 107 -10.66 -85.70 70.98
N ALA K 108 -11.03 -84.50 70.54
CA ALA K 108 -12.25 -84.34 69.78
C ALA K 108 -12.18 -83.06 68.95
N LYS K 109 -12.86 -83.08 67.82
CA LYS K 109 -12.86 -81.95 66.90
C LYS K 109 -14.23 -81.28 66.88
N VAL K 110 -14.24 -79.96 67.10
CA VAL K 110 -15.49 -79.21 67.14
C VAL K 110 -16.05 -79.09 65.72
N THR K 111 -17.37 -79.16 65.60
CA THR K 111 -18.01 -79.12 64.29
C THR K 111 -19.25 -78.25 64.28
N SER K 112 -19.29 -77.21 65.10
CA SER K 112 -20.46 -76.34 65.11
C SER K 112 -20.06 -75.02 65.74
N ARG K 113 -20.64 -73.94 65.24
CA ARG K 113 -20.24 -72.61 65.65
C ARG K 113 -20.86 -72.28 67.00
N PRO K 114 -20.06 -72.06 68.04
CA PRO K 114 -20.65 -71.68 69.33
C PRO K 114 -21.24 -70.29 69.31
N GLY K 115 -20.65 -69.36 68.58
CA GLY K 115 -21.13 -67.99 68.57
C GLY K 115 -22.42 -67.79 67.80
N GLN K 116 -22.95 -68.81 67.17
CA GLN K 116 -24.19 -68.70 66.40
C GLN K 116 -25.32 -69.50 67.00
N ASP K 117 -25.07 -70.72 67.48
CA ASP K 117 -26.12 -71.56 68.01
C ASP K 117 -25.94 -71.92 69.48
N GLY K 118 -24.92 -71.40 70.13
CA GLY K 118 -24.84 -71.50 71.57
C GLY K 118 -24.61 -72.89 72.13
N VAL K 119 -24.10 -73.83 71.34
CA VAL K 119 -23.75 -75.15 71.83
C VAL K 119 -22.41 -75.55 71.23
N VAL K 120 -21.68 -76.40 71.94
CA VAL K 120 -20.43 -76.95 71.48
C VAL K 120 -20.66 -78.40 71.09
N ASN K 121 -20.11 -78.81 69.96
CA ASN K 121 -20.37 -80.14 69.43
C ASN K 121 -19.09 -80.69 68.81
N ALA K 122 -18.68 -81.86 69.24
CA ALA K 122 -17.44 -82.44 68.76
C ALA K 122 -17.68 -83.82 68.18
N ILE K 123 -16.69 -84.29 67.44
CA ILE K 123 -16.60 -85.67 67.01
C ILE K 123 -15.38 -86.29 67.65
N LEU K 124 -15.49 -87.58 67.95
CA LEU K 124 -14.41 -88.31 68.60
C LEU K 124 -13.29 -88.46 67.59
N LEU K 125 -12.32 -87.56 67.66
CA LEU K 125 -11.27 -87.51 66.66
C LEU K 125 -10.51 -88.82 66.65
N GLU K 126 -10.69 -89.58 65.58
CA GLU K 126 -9.93 -90.81 65.41
C GLU K 126 -8.46 -90.46 65.28
N GLU K 127 -7.61 -91.28 65.89
CA GLU K 127 -6.20 -90.98 66.05
C GLU K 127 -5.41 -91.29 64.78
N ARG L 2 11.67 50.78 -86.81
CA ARG L 2 11.04 49.71 -86.03
C ARG L 2 11.42 49.79 -84.56
N ILE L 3 10.52 49.32 -83.70
CA ILE L 3 10.67 49.45 -82.26
C ILE L 3 10.29 48.14 -81.60
N ILE L 4 10.88 47.89 -80.43
CA ILE L 4 10.51 46.76 -79.60
C ILE L 4 10.31 47.30 -78.19
N GLN L 5 9.60 46.51 -77.38
CA GLN L 5 9.34 46.91 -76.01
C GLN L 5 9.04 45.69 -75.16
N THR L 6 9.70 45.60 -74.01
CA THR L 6 9.61 44.43 -73.15
C THR L 6 9.36 44.82 -71.71
N THR L 7 9.37 43.86 -70.79
CA THR L 7 8.91 44.07 -69.43
C THR L 7 9.82 43.32 -68.47
N GLY L 8 9.77 43.71 -67.20
CA GLY L 8 10.44 42.96 -66.16
C GLY L 8 9.92 43.29 -64.79
N LYS L 9 9.57 42.29 -64.00
CA LYS L 9 8.99 42.47 -62.68
C LYS L 9 9.90 41.83 -61.65
N ARG L 10 10.04 42.48 -60.49
CA ARG L 10 10.89 41.97 -59.42
C ARG L 10 10.32 42.49 -58.10
N LYS L 11 9.50 41.66 -57.46
CA LYS L 11 8.91 41.94 -56.15
C LYS L 11 8.40 43.37 -56.02
N THR L 12 7.31 43.68 -56.75
CA THR L 12 6.69 45.01 -56.77
C THR L 12 7.64 46.06 -57.35
N ALA L 13 8.00 45.85 -58.60
CA ALA L 13 8.69 46.85 -59.39
C ALA L 13 8.52 46.43 -60.85
N ILE L 14 7.97 47.30 -61.67
CA ILE L 14 7.73 46.96 -63.07
C ILE L 14 8.60 47.87 -63.93
N ALA L 15 9.03 47.36 -65.08
CA ALA L 15 9.91 48.13 -65.94
C ALA L 15 9.50 47.97 -67.40
N ARG L 16 9.29 49.09 -68.08
CA ARG L 16 8.93 49.09 -69.49
C ARG L 16 10.09 49.67 -70.29
N ALA L 17 10.59 48.90 -71.26
CA ALA L 17 11.74 49.30 -72.05
C ALA L 17 11.35 49.53 -73.50
N VAL L 18 12.11 50.37 -74.19
CA VAL L 18 11.93 50.64 -75.62
C VAL L 18 13.30 50.70 -76.27
N ILE L 19 13.50 49.92 -77.33
CA ILE L 19 14.80 49.83 -77.96
C ILE L 19 14.69 50.19 -79.44
N ARG L 20 15.69 50.86 -79.96
CA ARG L 20 15.70 51.39 -81.32
C ARG L 20 17.12 51.87 -81.61
N GLU L 21 17.38 52.15 -82.88
CA GLU L 21 18.72 52.57 -83.30
C GLU L 21 19.08 53.92 -82.70
N GLY L 22 20.38 54.16 -82.57
CA GLY L 22 20.86 55.41 -82.01
C GLY L 22 22.37 55.47 -81.88
N LYS L 23 22.85 56.31 -80.97
CA LYS L 23 24.27 56.54 -80.77
C LYS L 23 24.87 55.74 -79.62
N GLY L 24 24.10 54.88 -78.98
CA GLY L 24 24.60 54.05 -77.91
C GLY L 24 24.33 54.54 -76.51
N ARG L 25 23.38 55.46 -76.33
CA ARG L 25 23.04 55.98 -75.02
C ARG L 25 21.81 55.26 -74.48
N VAL L 26 21.65 55.32 -73.16
CA VAL L 26 20.56 54.61 -72.50
C VAL L 26 20.17 55.36 -71.24
N ARG L 27 18.88 55.66 -71.12
CA ARG L 27 18.34 56.42 -70.00
C ARG L 27 17.50 55.54 -69.12
N ILE L 28 17.37 55.93 -67.85
CA ILE L 28 16.50 55.23 -66.91
C ILE L 28 15.76 56.26 -66.06
N ASN L 29 14.46 56.37 -66.28
CA ASN L 29 13.62 57.42 -65.71
C ASN L 29 14.06 58.81 -66.09
N GLY L 30 14.92 58.93 -67.10
CA GLY L 30 15.52 60.20 -67.46
C GLY L 30 16.96 60.33 -67.02
N LYS L 31 17.39 59.55 -66.07
CA LYS L 31 18.79 59.58 -65.69
C LYS L 31 19.63 58.86 -66.74
N PRO L 32 20.82 59.37 -67.03
CA PRO L 32 21.77 58.58 -67.81
C PRO L 32 22.38 57.48 -66.95
N VAL L 33 22.55 56.30 -67.54
CA VAL L 33 23.03 55.15 -66.78
C VAL L 33 24.35 55.47 -66.09
N GLU L 34 25.20 56.28 -66.72
CA GLU L 34 26.49 56.61 -66.14
C GLU L 34 26.38 57.31 -64.78
N LEU L 35 25.22 57.86 -64.45
CA LEU L 35 25.06 58.57 -63.19
C LEU L 35 24.01 57.84 -62.36
N VAL L 36 24.45 56.81 -61.65
CA VAL L 36 23.65 56.14 -60.64
C VAL L 36 24.54 55.97 -59.42
N GLU L 37 24.12 56.51 -58.29
CA GLU L 37 25.04 56.71 -57.17
C GLU L 37 25.42 55.42 -56.44
N PRO L 38 24.46 54.57 -56.04
CA PRO L 38 24.85 53.38 -55.30
C PRO L 38 25.52 52.39 -56.22
N GLU L 39 26.84 52.54 -56.38
CA GLU L 39 27.64 51.83 -57.37
C GLU L 39 27.25 50.36 -57.52
N ILE L 40 26.87 49.72 -56.41
CA ILE L 40 26.45 48.33 -56.47
C ILE L 40 25.14 48.16 -57.23
N ALA L 41 24.38 49.24 -57.41
CA ALA L 41 23.19 49.21 -58.25
C ALA L 41 23.45 49.73 -59.66
N ARG L 42 24.60 50.36 -59.90
CA ARG L 42 24.97 50.74 -61.25
C ARG L 42 25.67 49.61 -61.99
N PHE L 43 26.51 48.85 -61.30
CA PHE L 43 27.11 47.68 -61.93
C PHE L 43 26.09 46.57 -62.16
N THR L 44 24.86 46.73 -61.70
CA THR L 44 23.85 45.69 -61.80
C THR L 44 23.07 45.76 -63.10
N ILE L 45 23.00 46.94 -63.73
CA ILE L 45 22.28 47.09 -64.98
C ILE L 45 23.21 47.24 -66.16
N LEU L 46 24.52 47.14 -65.96
CA LEU L 46 25.49 47.19 -67.04
C LEU L 46 26.04 45.83 -67.40
N GLU L 47 25.46 44.76 -66.87
CA GLU L 47 25.98 43.45 -67.16
C GLU L 47 25.51 42.92 -68.52
N PRO L 48 24.26 43.13 -68.91
CA PRO L 48 23.91 42.78 -70.29
C PRO L 48 24.64 43.63 -71.31
N LEU L 49 24.79 44.93 -71.06
CA LEU L 49 25.42 45.83 -72.03
C LEU L 49 26.94 45.75 -72.02
N ILE L 50 27.53 45.01 -71.09
CA ILE L 50 28.95 44.74 -71.13
C ILE L 50 29.24 43.30 -71.54
N LEU L 51 28.28 42.39 -71.38
CA LEU L 51 28.43 41.02 -71.81
C LEU L 51 28.10 40.84 -73.28
N ALA L 52 27.64 41.90 -73.95
CA ALA L 52 27.41 41.84 -75.39
C ALA L 52 28.53 42.49 -76.19
N GLY L 53 29.30 43.37 -75.58
CA GLY L 53 30.41 43.97 -76.28
C GLY L 53 30.13 45.42 -76.65
N GLU L 54 31.21 46.17 -76.83
CA GLU L 54 31.14 47.58 -77.15
C GLU L 54 30.87 47.84 -78.61
N GLU L 55 30.39 46.82 -79.33
CA GLU L 55 29.97 46.95 -80.71
C GLU L 55 28.45 47.01 -80.84
N ILE L 56 27.74 46.05 -80.23
CA ILE L 56 26.29 46.14 -80.18
C ILE L 56 25.86 47.27 -79.26
N TRP L 57 26.60 47.49 -78.18
CA TRP L 57 26.31 48.57 -77.26
C TRP L 57 26.43 49.94 -77.91
N ASN L 58 26.80 50.03 -79.17
CA ASN L 58 26.94 51.32 -79.82
C ASN L 58 26.10 51.41 -81.09
N SER L 59 25.00 50.68 -81.14
CA SER L 59 24.08 50.80 -82.26
C SER L 59 22.63 50.75 -81.82
N VAL L 60 22.34 51.00 -80.54
CA VAL L 60 20.99 50.95 -80.01
C VAL L 60 20.81 52.05 -78.99
N ASP L 61 19.55 52.44 -78.78
CA ASP L 61 19.15 53.28 -77.67
C ASP L 61 18.04 52.58 -76.90
N ILE L 62 18.17 52.52 -75.59
CA ILE L 62 17.15 51.95 -74.72
C ILE L 62 16.75 53.02 -73.72
N ASP L 63 15.50 52.94 -73.25
CA ASP L 63 14.99 53.94 -72.32
C ASP L 63 13.86 53.33 -71.51
N VAL L 64 14.12 53.05 -70.24
CA VAL L 64 13.22 52.30 -69.39
C VAL L 64 12.51 53.22 -68.42
N LYS L 65 11.44 52.71 -67.83
CA LYS L 65 10.67 53.42 -66.81
C LYS L 65 10.29 52.43 -65.73
N VAL L 66 10.48 52.81 -64.47
CA VAL L 66 10.27 51.89 -63.35
C VAL L 66 9.48 52.57 -62.25
N GLN L 67 8.88 51.75 -61.39
CA GLN L 67 8.10 52.26 -60.27
C GLN L 67 7.79 51.19 -59.24
N GLY L 68 8.06 51.46 -57.97
CA GLY L 68 7.92 50.52 -56.90
C GLY L 68 9.27 50.08 -56.36
N GLY L 69 9.22 49.37 -55.23
CA GLY L 69 10.43 48.79 -54.71
C GLY L 69 11.45 49.83 -54.26
N GLY L 70 12.71 49.44 -54.33
CA GLY L 70 13.74 50.28 -53.78
C GLY L 70 14.94 50.28 -54.69
N PHE L 71 16.06 50.86 -54.25
CA PHE L 71 17.12 51.12 -55.19
C PHE L 71 17.71 49.85 -55.78
N MET L 72 17.47 48.70 -55.17
CA MET L 72 18.01 47.44 -55.65
C MET L 72 16.94 46.52 -56.19
N GLY L 73 15.68 46.80 -55.98
CA GLY L 73 14.63 46.02 -56.58
C GLY L 73 14.11 46.59 -57.86
N GLN L 74 14.67 47.71 -58.30
CA GLN L 74 14.41 48.28 -59.62
C GLN L 74 15.59 48.15 -60.55
N ALA L 75 16.81 48.14 -60.03
CA ALA L 75 17.96 47.83 -60.86
C ALA L 75 17.81 46.46 -61.51
N GLU L 76 17.30 45.48 -60.77
CA GLU L 76 17.16 44.15 -61.34
C GLU L 76 16.02 44.08 -62.34
N ALA L 77 14.94 44.83 -62.11
CA ALA L 77 13.90 44.95 -63.13
C ALA L 77 14.47 45.51 -64.43
N ALA L 78 15.22 46.60 -64.31
CA ALA L 78 15.86 47.16 -65.49
C ALA L 78 16.71 46.12 -66.19
N ARG L 79 17.48 45.33 -65.43
CA ARG L 79 18.36 44.37 -66.07
C ARG L 79 17.58 43.31 -66.82
N ILE L 80 16.50 42.82 -66.23
CA ILE L 80 15.70 41.79 -66.91
C ILE L 80 15.12 42.35 -68.21
N ALA L 81 14.55 43.55 -68.16
CA ALA L 81 13.97 44.12 -69.37
C ALA L 81 15.04 44.35 -70.43
N ILE L 82 16.22 44.80 -70.02
CA ILE L 82 17.26 45.12 -71.01
C ILE L 82 17.79 43.85 -71.65
N ALA L 83 17.95 42.78 -70.88
CA ALA L 83 18.38 41.52 -71.48
C ALA L 83 17.34 41.00 -72.46
N ARG L 84 16.07 41.04 -72.05
CA ARG L 84 15.04 40.53 -72.94
C ARG L 84 14.91 41.37 -74.20
N ALA L 85 15.28 42.65 -74.13
CA ALA L 85 15.24 43.46 -75.33
C ALA L 85 16.44 43.18 -76.23
N LEU L 86 17.63 43.07 -75.64
CA LEU L 86 18.82 42.81 -76.44
C LEU L 86 18.75 41.47 -77.14
N VAL L 87 18.09 40.48 -76.54
CA VAL L 87 18.04 39.16 -77.18
C VAL L 87 17.04 39.12 -78.32
N GLU L 88 16.41 40.23 -78.67
CA GLU L 88 15.51 40.29 -79.82
C GLU L 88 15.97 41.25 -80.90
N TRP L 89 16.52 42.39 -80.54
CA TRP L 89 17.06 43.30 -81.54
C TRP L 89 18.09 42.60 -82.40
N THR L 90 19.19 42.17 -81.80
CA THR L 90 20.15 41.37 -82.54
C THR L 90 19.56 40.02 -82.94
N GLY L 91 18.69 39.46 -82.10
CA GLY L 91 17.93 38.29 -82.49
C GLY L 91 18.74 37.06 -82.81
N ASP L 92 19.95 36.93 -82.27
CA ASP L 92 20.75 35.75 -82.48
C ASP L 92 20.54 34.77 -81.34
N MET L 93 21.37 33.72 -81.29
CA MET L 93 21.35 32.78 -80.19
C MET L 93 22.71 32.51 -79.58
N ASN L 94 23.79 32.73 -80.31
CA ASN L 94 25.11 32.62 -79.71
C ASN L 94 25.38 33.71 -78.68
N LEU L 95 24.50 34.71 -78.59
CA LEU L 95 24.48 35.66 -77.48
C LEU L 95 23.47 35.28 -76.41
N LYS L 96 22.30 34.79 -76.81
CA LYS L 96 21.33 34.30 -75.84
C LYS L 96 21.93 33.21 -74.97
N GLU L 97 22.86 32.43 -75.51
CA GLU L 97 23.48 31.38 -74.71
C GLU L 97 24.28 31.97 -73.54
N LYS L 98 25.13 32.95 -73.83
CA LYS L 98 25.91 33.58 -72.78
C LYS L 98 25.05 34.26 -71.73
N PHE L 99 23.76 34.45 -72.00
CA PHE L 99 22.83 34.95 -71.02
C PHE L 99 22.21 33.84 -70.19
N ILE L 100 22.75 32.64 -70.27
CA ILE L 100 22.31 31.55 -69.40
C ILE L 100 23.47 30.93 -68.62
N LYS L 101 24.69 30.99 -69.12
CA LYS L 101 25.84 30.57 -68.34
C LYS L 101 26.18 31.58 -67.25
N TYR L 102 26.10 32.87 -67.55
CA TYR L 102 26.46 33.88 -66.56
C TYR L 102 25.40 33.98 -65.47
N ASP L 103 24.14 34.05 -65.85
CA ASP L 103 23.05 34.18 -64.87
C ASP L 103 21.76 33.74 -65.54
N ARG L 104 21.17 32.66 -65.05
CA ARG L 104 19.97 32.14 -65.71
C ARG L 104 18.77 33.06 -65.55
N THR L 105 18.74 33.84 -64.48
CA THR L 105 17.54 34.63 -64.19
C THR L 105 17.44 35.88 -65.03
N MET L 106 18.49 36.26 -65.77
CA MET L 106 18.39 37.44 -66.62
C MET L 106 17.26 37.34 -67.63
N LEU L 107 16.73 36.14 -67.87
CA LEU L 107 15.63 35.95 -68.80
C LEU L 107 14.38 35.37 -68.18
N VAL L 108 14.51 34.58 -67.10
CA VAL L 108 13.33 33.98 -66.48
C VAL L 108 12.82 34.77 -65.29
N GLY L 109 13.58 35.71 -64.77
CA GLY L 109 13.10 36.50 -63.66
C GLY L 109 13.03 35.69 -62.37
N ASP L 110 12.52 36.35 -61.34
CA ASP L 110 12.50 35.81 -59.99
C ASP L 110 11.06 35.63 -59.54
N PRO L 111 10.65 34.44 -59.16
CA PRO L 111 9.26 34.23 -58.74
C PRO L 111 8.99 34.41 -57.26
N ARG L 112 9.88 35.08 -56.52
CA ARG L 112 9.80 35.15 -55.07
C ARG L 112 9.16 36.45 -54.61
N ARG L 113 8.26 36.34 -53.63
CA ARG L 113 7.61 37.48 -53.00
C ARG L 113 7.63 37.26 -51.50
N THR L 114 7.28 38.30 -50.74
CA THR L 114 7.26 38.14 -49.29
C THR L 114 6.18 37.16 -48.89
N GLU L 115 6.07 36.93 -47.59
CA GLU L 115 5.12 35.98 -47.06
C GLU L 115 4.36 36.62 -45.92
N PRO L 116 3.04 36.39 -45.84
CA PRO L 116 2.21 37.11 -44.87
C PRO L 116 2.68 36.92 -43.43
N HIS L 117 2.07 37.67 -42.52
CA HIS L 117 2.45 37.59 -41.12
C HIS L 117 1.43 36.77 -40.34
N LYS L 118 1.83 36.33 -39.15
CA LYS L 118 1.02 35.42 -38.37
C LYS L 118 0.88 35.92 -36.92
N PRO L 119 -0.13 35.49 -36.20
CA PRO L 119 -0.40 36.08 -34.87
C PRO L 119 0.34 35.57 -33.64
N ASN L 120 1.62 35.90 -33.51
CA ASN L 120 2.22 35.85 -32.18
C ASN L 120 3.02 37.12 -31.89
N ARG L 121 3.63 37.68 -32.92
CA ARG L 121 4.06 39.06 -32.92
C ARG L 121 3.44 39.84 -34.06
N SER L 122 3.43 39.26 -35.25
CA SER L 122 2.63 39.71 -36.38
C SER L 122 3.07 41.04 -36.89
N THR L 123 4.02 41.70 -36.26
CA THR L 123 4.65 42.86 -36.83
C THR L 123 6.11 42.64 -37.11
N LYS L 124 6.66 41.49 -36.72
CA LYS L 124 8.05 41.16 -36.98
C LYS L 124 8.23 40.14 -38.08
N GLY L 125 7.32 39.19 -38.23
CA GLY L 125 7.40 38.25 -39.31
C GLY L 125 6.48 37.06 -39.12
N PRO L 126 6.51 36.14 -40.08
CA PRO L 126 5.62 34.97 -40.01
C PRO L 126 6.07 33.93 -39.00
N ARG L 127 7.36 33.83 -38.70
CA ARG L 127 7.87 32.78 -37.84
C ARG L 127 8.54 33.26 -36.57
N ALA L 128 8.72 34.55 -36.37
CA ALA L 128 9.34 35.07 -35.15
C ALA L 128 8.29 35.34 -34.08
N LYS L 129 8.55 34.87 -32.87
CA LYS L 129 7.58 34.89 -31.78
C LYS L 129 8.12 35.65 -30.56
N ARG L 130 7.34 35.62 -29.50
CA ARG L 130 7.71 36.23 -28.23
C ARG L 130 8.62 35.29 -27.46
N GLN L 131 8.95 35.62 -26.22
CA GLN L 131 9.94 34.88 -25.45
C GLN L 131 9.26 34.15 -24.32
N LYS L 132 9.48 32.83 -24.25
CA LYS L 132 8.79 32.00 -23.29
C LYS L 132 9.19 32.35 -21.88
N SER L 133 8.27 32.12 -20.95
CA SER L 133 8.48 32.50 -19.55
C SER L 133 7.88 31.42 -18.68
N TYR L 134 8.70 30.45 -18.29
CA TYR L 134 8.39 29.60 -17.16
C TYR L 134 8.82 30.31 -15.89
N ARG L 135 8.20 29.95 -14.77
CA ARG L 135 8.55 30.51 -13.47
C ARG L 135 8.50 32.04 -13.47
N MET M 1 -27.48 59.86 -77.33
CA MET M 1 -26.37 60.70 -76.90
C MET M 1 -26.55 61.01 -75.41
N GLN M 2 -25.67 61.84 -74.88
CA GLN M 2 -25.57 62.18 -73.47
C GLN M 2 -25.07 61.00 -72.66
N LYS M 3 -24.89 59.86 -73.33
CA LYS M 3 -24.02 58.77 -72.87
C LYS M 3 -24.30 58.42 -71.40
N ALA M 4 -25.48 57.86 -71.18
CA ALA M 4 -25.83 57.38 -69.85
C ALA M 4 -24.73 56.51 -69.28
N ARG M 5 -24.62 56.48 -67.95
CA ARG M 5 -23.61 55.69 -67.27
C ARG M 5 -24.24 54.95 -66.11
N ILE M 6 -24.18 53.62 -66.15
CA ILE M 6 -24.86 52.74 -65.22
C ILE M 6 -23.82 52.03 -64.37
N LYS M 7 -24.11 51.89 -63.08
CA LYS M 7 -23.14 51.37 -62.13
C LYS M 7 -23.76 50.29 -61.26
N LEU M 8 -23.43 49.04 -61.54
CA LEU M 8 -23.92 47.90 -60.77
C LEU M 8 -22.88 47.49 -59.75
N ALA M 9 -23.35 46.96 -58.62
CA ALA M 9 -22.47 46.64 -57.50
C ALA M 9 -23.16 45.65 -56.60
N SER M 10 -22.60 44.46 -56.44
CA SER M 10 -23.29 43.42 -55.68
C SER M 10 -22.29 42.44 -55.09
N THR M 11 -22.74 41.70 -54.10
CA THR M 11 -21.86 40.79 -53.36
C THR M 11 -21.82 39.38 -53.94
N ASN M 12 -22.90 38.91 -54.55
CA ASN M 12 -22.87 37.65 -55.28
C ASN M 12 -22.40 37.90 -56.70
N VAL M 13 -21.36 37.18 -57.12
CA VAL M 13 -20.73 37.49 -58.39
C VAL M 13 -21.59 37.01 -59.55
N ARG M 14 -22.15 35.81 -59.44
CA ARG M 14 -22.94 35.27 -60.53
C ARG M 14 -24.12 36.17 -60.84
N SER M 15 -24.90 36.52 -59.83
CA SER M 15 -26.13 37.26 -60.01
C SER M 15 -25.92 38.63 -60.52
N LEU M 16 -24.68 38.98 -60.85
CA LEU M 16 -24.36 40.23 -61.51
C LEU M 16 -24.17 40.04 -63.01
N GLU M 17 -23.50 38.97 -63.40
CA GLU M 17 -23.22 38.74 -64.80
C GLU M 17 -24.49 38.64 -65.61
N GLU M 18 -25.58 38.17 -65.00
CA GLU M 18 -26.81 37.95 -65.76
C GLU M 18 -27.48 39.28 -66.10
N VAL M 19 -27.50 40.23 -65.17
CA VAL M 19 -28.02 41.55 -65.51
C VAL M 19 -27.07 42.26 -66.46
N ALA M 20 -25.76 42.01 -66.34
CA ALA M 20 -24.84 42.57 -67.32
C ALA M 20 -25.17 42.09 -68.72
N ASN M 21 -25.35 40.79 -68.91
CA ASN M 21 -25.63 40.27 -70.25
C ASN M 21 -27.02 40.67 -70.73
N GLN M 22 -27.98 40.83 -69.83
CA GLN M 22 -29.25 41.41 -70.22
C GLN M 22 -29.04 42.78 -70.86
N ILE M 23 -28.28 43.65 -70.19
CA ILE M 23 -28.04 44.98 -70.74
C ILE M 23 -27.31 44.90 -72.07
N LYS M 24 -26.30 44.04 -72.14
CA LYS M 24 -25.56 43.86 -73.38
C LYS M 24 -26.48 43.46 -74.53
N GLN M 25 -27.31 42.45 -74.31
CA GLN M 25 -28.19 41.95 -75.36
C GLN M 25 -29.20 43.01 -75.77
N ILE M 26 -29.87 43.62 -74.79
CA ILE M 26 -30.85 44.65 -75.09
C ILE M 26 -30.24 45.72 -75.97
N ALA M 27 -29.05 46.21 -75.61
CA ALA M 27 -28.36 47.16 -76.47
C ALA M 27 -28.17 46.59 -77.86
N GLU M 28 -27.70 45.33 -77.94
CA GLU M 28 -27.36 44.76 -79.24
C GLU M 28 -28.59 44.63 -80.13
N ARG M 29 -29.67 44.08 -79.59
CA ARG M 29 -30.87 43.82 -80.39
C ARG M 29 -31.35 45.08 -81.12
N THR M 30 -31.29 46.23 -80.44
CA THR M 30 -31.66 47.51 -81.03
C THR M 30 -30.41 48.10 -81.67
N GLY M 31 -30.47 49.35 -82.14
CA GLY M 31 -29.31 49.98 -82.71
C GLY M 31 -28.65 50.98 -81.78
N VAL M 32 -27.54 50.58 -81.16
CA VAL M 32 -26.81 51.43 -80.24
C VAL M 32 -25.45 50.80 -79.95
N ARG M 33 -24.44 51.64 -79.75
CA ARG M 33 -23.12 51.17 -79.32
C ARG M 33 -23.06 51.09 -77.80
N MET M 34 -21.99 50.47 -77.30
CA MET M 34 -21.88 50.25 -75.86
C MET M 34 -20.45 49.87 -75.53
N SER M 35 -20.00 50.27 -74.34
CA SER M 35 -18.70 49.87 -73.81
C SER M 35 -18.92 48.76 -72.80
N GLY M 36 -18.37 47.58 -73.07
CA GLY M 36 -18.62 46.41 -72.28
C GLY M 36 -18.33 46.60 -70.81
N PRO M 37 -18.84 45.71 -69.97
CA PRO M 37 -18.68 45.87 -68.53
C PRO M 37 -17.23 45.99 -68.10
N ILE M 38 -16.86 47.16 -67.59
CA ILE M 38 -15.49 47.46 -67.20
C ILE M 38 -15.34 47.11 -65.72
N PRO M 39 -14.61 46.07 -65.37
CA PRO M 39 -14.49 45.68 -63.95
C PRO M 39 -13.72 46.72 -63.16
N LEU M 40 -14.29 47.14 -62.07
CA LEU M 40 -13.63 48.05 -61.16
C LEU M 40 -13.13 47.30 -59.94
N PRO M 41 -12.15 47.85 -59.22
CA PRO M 41 -11.53 47.08 -58.13
C PRO M 41 -12.54 46.65 -57.08
N THR M 42 -12.40 45.39 -56.65
CA THR M 42 -13.21 44.88 -55.56
C THR M 42 -12.89 45.62 -54.28
N LYS M 43 -13.91 45.84 -53.46
CA LYS M 43 -13.76 46.48 -52.16
C LYS M 43 -14.12 45.44 -51.09
N ARG M 44 -13.12 44.95 -50.39
CA ARG M 44 -13.26 43.88 -49.41
C ARG M 44 -13.10 44.46 -48.01
N ILE M 45 -14.12 44.30 -47.17
CA ILE M 45 -14.09 44.82 -45.83
C ILE M 45 -13.72 43.69 -44.87
N ARG M 46 -12.78 43.94 -43.98
CA ARG M 46 -12.13 42.91 -43.19
C ARG M 46 -12.20 43.27 -41.72
N ILE M 47 -12.50 42.28 -40.88
CA ILE M 47 -12.76 42.52 -39.47
C ILE M 47 -12.03 41.45 -38.65
N VAL M 48 -11.00 41.86 -37.92
CA VAL M 48 -10.22 40.95 -37.07
C VAL M 48 -10.72 41.06 -35.64
N THR M 49 -10.89 39.93 -34.99
CA THR M 49 -11.42 39.88 -33.64
C THR M 49 -10.74 38.76 -32.88
N ARG M 50 -10.86 38.77 -31.56
CA ARG M 50 -10.35 37.66 -30.75
C ARG M 50 -11.35 36.51 -30.85
N LYS M 51 -11.19 35.50 -30.02
CA LYS M 51 -12.08 34.35 -30.19
C LYS M 51 -12.70 33.89 -28.88
N SER M 52 -12.06 34.17 -27.77
CA SER M 52 -12.60 33.61 -26.55
C SER M 52 -13.30 34.66 -25.72
N PRO M 53 -14.34 34.27 -24.99
CA PRO M 53 -15.06 35.22 -24.14
C PRO M 53 -14.23 35.74 -22.96
N ASP M 54 -13.65 34.82 -22.21
CA ASP M 54 -12.79 35.15 -21.08
C ASP M 54 -11.41 35.52 -21.59
N GLY M 55 -10.42 35.57 -20.70
CA GLY M 55 -9.08 35.94 -21.10
C GLY M 55 -8.05 34.84 -20.93
N GLU M 56 -8.48 33.65 -20.56
CA GLU M 56 -7.58 32.55 -20.30
C GLU M 56 -7.37 31.72 -21.57
N GLY M 57 -6.21 31.07 -21.63
CA GLY M 57 -5.80 30.35 -22.82
C GLY M 57 -4.99 31.22 -23.76
N SER M 58 -4.41 30.58 -24.77
CA SER M 58 -3.65 31.31 -25.76
C SER M 58 -4.57 32.25 -26.54
N ALA M 59 -3.97 33.09 -27.36
CA ALA M 59 -4.68 34.11 -28.10
C ALA M 59 -4.77 33.68 -29.55
N THR M 60 -5.98 33.38 -30.01
CA THR M 60 -6.24 32.94 -31.37
C THR M 60 -7.37 33.78 -31.95
N PHE M 61 -7.25 34.14 -33.22
CA PHE M 61 -8.07 35.17 -33.82
C PHE M 61 -8.87 34.66 -35.00
N ASP M 62 -9.81 35.48 -35.46
CA ASP M 62 -10.63 35.24 -36.63
C ASP M 62 -10.37 36.29 -37.71
N ARG M 63 -10.71 35.95 -38.95
CA ARG M 63 -10.60 36.91 -40.04
C ARG M 63 -11.87 36.84 -40.88
N TRP M 64 -12.88 37.61 -40.49
CA TRP M 64 -14.09 37.70 -41.29
C TRP M 64 -13.88 38.66 -42.44
N GLU M 65 -14.58 38.42 -43.55
CA GLU M 65 -14.30 39.17 -44.76
C GLU M 65 -15.52 39.22 -45.65
N LEU M 66 -15.76 40.38 -46.28
CA LEU M 66 -16.93 40.61 -47.13
C LEU M 66 -16.49 41.33 -48.38
N ARG M 67 -16.75 40.74 -49.54
CA ARG M 67 -16.28 41.26 -50.81
C ARG M 67 -17.45 41.81 -51.61
N ILE M 68 -17.22 42.92 -52.31
CA ILE M 68 -18.25 43.63 -53.04
C ILE M 68 -17.73 43.89 -54.45
N HIS M 69 -18.32 43.22 -55.43
CA HIS M 69 -17.88 43.33 -56.82
C HIS M 69 -18.61 44.47 -57.51
N LYS M 70 -17.87 45.25 -58.30
CA LYS M 70 -18.44 46.38 -59.01
C LYS M 70 -18.25 46.21 -60.51
N ARG M 71 -18.98 47.01 -61.29
CA ARG M 71 -18.88 47.06 -62.74
C ARG M 71 -19.19 48.48 -63.19
N LEU M 72 -19.10 48.70 -64.50
CA LEU M 72 -19.40 50.02 -65.07
C LEU M 72 -19.72 49.87 -66.55
N ILE M 73 -20.82 50.46 -66.98
CA ILE M 73 -21.29 50.35 -68.37
C ILE M 73 -21.56 51.74 -68.92
N ASP M 74 -21.07 52.00 -70.12
CA ASP M 74 -21.34 53.24 -70.84
C ASP M 74 -22.23 52.92 -72.03
N ILE M 75 -23.28 53.72 -72.23
CA ILE M 75 -24.25 53.48 -73.28
C ILE M 75 -24.89 54.79 -73.70
N GLU M 76 -25.33 54.84 -74.95
CA GLU M 76 -26.01 56.01 -75.48
C GLU M 76 -27.45 56.04 -74.98
N ALA M 77 -28.24 56.99 -75.46
CA ALA M 77 -29.62 57.15 -75.02
C ALA M 77 -30.54 57.13 -76.23
N ASP M 78 -31.31 56.06 -76.35
CA ASP M 78 -32.43 55.98 -77.27
C ASP M 78 -33.62 55.47 -76.48
N GLU M 79 -34.74 56.19 -76.56
CA GLU M 79 -35.90 55.83 -75.76
C GLU M 79 -36.35 54.40 -76.03
N ARG M 80 -36.10 53.91 -77.24
CA ARG M 80 -36.41 52.51 -77.53
C ARG M 80 -35.58 51.58 -76.65
N ALA M 81 -34.37 51.99 -76.28
CA ALA M 81 -33.50 51.24 -75.36
C ALA M 81 -33.47 51.84 -73.97
N MET M 82 -33.48 53.18 -73.87
CA MET M 82 -33.57 53.83 -72.58
C MET M 82 -34.78 53.35 -71.80
N ARG M 83 -35.86 53.01 -72.51
CA ARG M 83 -37.00 52.38 -71.88
C ARG M 83 -36.77 50.88 -71.72
N GLN M 84 -36.14 50.25 -72.70
CA GLN M 84 -35.98 48.79 -72.68
C GLN M 84 -35.17 48.33 -71.49
N ILE M 85 -34.39 49.22 -70.89
CA ILE M 85 -33.60 48.88 -69.71
C ILE M 85 -34.31 49.27 -68.42
N MET M 86 -35.63 49.46 -68.48
CA MET M 86 -36.43 49.76 -67.29
C MET M 86 -37.23 48.58 -66.78
N ARG M 87 -37.61 47.66 -67.65
CA ARG M 87 -38.28 46.43 -67.25
C ARG M 87 -37.27 45.33 -66.94
N ILE M 88 -36.06 45.72 -66.53
CA ILE M 88 -34.98 44.76 -66.40
C ILE M 88 -35.09 43.98 -65.09
N ARG M 89 -35.67 44.57 -64.05
CA ARG M 89 -36.06 43.86 -62.83
C ARG M 89 -34.84 43.19 -62.16
N VAL M 90 -33.96 44.04 -61.65
CA VAL M 90 -32.74 43.61 -60.97
C VAL M 90 -33.09 42.68 -59.81
N PRO M 91 -32.16 41.83 -59.37
CA PRO M 91 -32.41 41.02 -58.16
C PRO M 91 -32.38 41.88 -56.91
N GLU M 92 -32.55 41.27 -55.74
CA GLU M 92 -32.66 42.04 -54.52
C GLU M 92 -31.32 42.34 -53.87
N ASP M 93 -30.25 41.63 -54.27
CA ASP M 93 -28.93 41.83 -53.71
C ASP M 93 -28.01 42.61 -54.63
N VAL M 94 -28.58 43.45 -55.49
CA VAL M 94 -27.83 44.23 -56.46
C VAL M 94 -28.29 45.67 -56.37
N THR M 95 -27.40 46.58 -56.68
CA THR M 95 -27.70 48.00 -56.70
C THR M 95 -27.47 48.53 -58.10
N ILE M 96 -28.35 49.42 -58.54
CA ILE M 96 -28.21 50.04 -59.85
C ILE M 96 -28.43 51.53 -59.71
N GLU M 97 -27.71 52.30 -60.53
CA GLU M 97 -27.76 53.75 -60.51
C GLU M 97 -27.56 54.22 -61.94
N ILE M 98 -28.39 55.14 -62.39
CA ILE M 98 -28.35 55.62 -63.76
C ILE M 98 -28.19 57.13 -63.76
N GLU M 99 -27.38 57.63 -64.69
CA GLU M 99 -27.09 59.06 -64.75
C GLU M 99 -26.43 59.34 -66.09
N LEU M 100 -26.72 60.51 -66.65
CA LEU M 100 -26.19 60.90 -67.95
C LEU M 100 -25.16 62.00 -67.79
N ILE M 101 -24.39 62.22 -68.84
CA ILE M 101 -23.32 63.20 -68.82
C ILE M 101 -23.51 64.25 -69.90
N LYS N 10 75.18 -17.51 -42.02
CA LYS N 10 73.92 -17.30 -41.33
C LYS N 10 73.69 -15.83 -41.05
N LYS N 11 74.29 -15.36 -39.95
CA LYS N 11 74.27 -13.96 -39.54
C LYS N 11 72.88 -13.41 -39.34
N GLU N 12 71.86 -14.27 -39.38
CA GLU N 12 70.47 -13.87 -39.26
C GLU N 12 70.09 -13.96 -37.79
N LYS N 13 70.06 -12.82 -37.10
CA LYS N 13 69.50 -12.80 -35.78
C LYS N 13 67.98 -12.80 -35.86
N TRP N 14 67.36 -13.45 -34.88
CA TRP N 14 65.92 -13.43 -34.73
C TRP N 14 65.62 -13.25 -33.26
N GLY N 15 64.35 -13.23 -32.91
CA GLY N 15 63.99 -13.04 -31.52
C GLY N 15 62.53 -13.31 -31.27
N ILE N 16 62.11 -13.01 -30.06
CA ILE N 16 60.73 -13.21 -29.64
C ILE N 16 60.20 -11.91 -29.06
N ALA N 17 58.91 -11.66 -29.28
CA ALA N 17 58.23 -10.52 -28.69
C ALA N 17 57.06 -11.05 -27.87
N HIS N 18 57.17 -10.91 -26.56
CA HIS N 18 56.10 -11.23 -25.62
C HIS N 18 55.23 -10.00 -25.46
N ILE N 19 53.94 -10.14 -25.72
CA ILE N 19 53.03 -9.01 -25.69
C ILE N 19 51.97 -9.34 -24.65
N TYR N 20 52.02 -8.66 -23.51
CA TYR N 20 51.15 -8.92 -22.38
C TYR N 20 50.10 -7.85 -22.30
N SER N 21 48.83 -8.21 -22.44
CA SER N 21 47.78 -7.19 -22.48
C SER N 21 46.58 -7.58 -21.65
N SER N 22 46.08 -6.62 -20.87
CA SER N 22 44.90 -6.81 -20.04
C SER N 22 44.00 -5.61 -20.21
N TYR N 23 43.01 -5.48 -19.34
CA TYR N 23 42.11 -4.33 -19.40
C TYR N 23 42.72 -3.07 -18.83
N ASN N 24 43.94 -3.13 -18.34
CA ASN N 24 44.50 -2.02 -17.60
C ASN N 24 45.87 -1.58 -18.07
N ASN N 25 46.57 -2.35 -18.89
CA ASN N 25 47.87 -1.91 -19.37
C ASN N 25 48.29 -2.81 -20.53
N THR N 26 49.56 -2.68 -20.92
CA THR N 26 50.13 -3.40 -22.06
C THR N 26 51.64 -3.32 -21.97
N ILE N 27 52.30 -4.46 -22.10
CA ILE N 27 53.76 -4.54 -22.01
C ILE N 27 54.27 -5.26 -23.24
N ILE N 28 55.33 -4.74 -23.84
CA ILE N 28 55.99 -5.34 -24.99
C ILE N 28 57.43 -5.65 -24.60
N HIS N 29 57.87 -6.87 -24.88
CA HIS N 29 59.15 -7.38 -24.43
C HIS N 29 59.83 -8.09 -25.59
N ILE N 30 61.00 -7.61 -25.99
CA ILE N 30 61.76 -8.18 -27.09
C ILE N 30 63.00 -8.84 -26.51
N THR N 31 63.11 -10.16 -26.70
CA THR N 31 64.16 -11.01 -26.18
C THR N 31 64.77 -11.82 -27.32
N ASP N 32 65.88 -12.50 -27.04
CA ASP N 32 66.53 -13.31 -28.05
C ASP N 32 65.88 -14.68 -28.15
N ILE N 33 66.38 -15.51 -29.07
CA ILE N 33 65.64 -16.70 -29.50
C ILE N 33 65.50 -17.73 -28.38
N THR N 34 66.48 -17.79 -27.47
CA THR N 34 66.32 -18.71 -26.35
C THR N 34 65.26 -18.19 -25.38
N GLY N 35 65.19 -16.87 -25.20
CA GLY N 35 64.25 -16.25 -24.30
C GLY N 35 64.86 -15.76 -23.01
N ALA N 36 66.15 -15.94 -22.80
CA ALA N 36 66.75 -15.70 -21.49
C ALA N 36 67.62 -14.46 -21.43
N GLU N 37 67.66 -13.64 -22.47
CA GLU N 37 68.46 -12.43 -22.49
C GLU N 37 67.61 -11.33 -23.12
N THR N 38 67.21 -10.35 -22.30
CA THR N 38 66.30 -9.34 -22.79
C THR N 38 67.04 -8.32 -23.63
N ILE N 39 66.29 -7.62 -24.48
CA ILE N 39 66.83 -6.55 -25.31
C ILE N 39 66.05 -5.26 -25.13
N SER N 40 64.72 -5.32 -25.16
CA SER N 40 63.96 -4.08 -25.03
C SER N 40 62.62 -4.32 -24.35
N ARG N 41 62.28 -3.50 -23.38
CA ARG N 41 61.05 -3.68 -22.62
C ARG N 41 60.34 -2.36 -22.44
N TRP N 42 59.13 -2.25 -22.96
CA TRP N 42 58.36 -1.01 -22.93
C TRP N 42 56.95 -1.28 -22.46
N SER N 43 56.32 -0.27 -21.89
CA SER N 43 54.99 -0.40 -21.31
C SER N 43 54.08 0.68 -21.85
N GLY N 44 52.91 0.83 -21.24
CA GLY N 44 51.96 1.81 -21.70
C GLY N 44 51.97 3.06 -20.84
N GLY N 45 52.22 2.90 -19.57
CA GLY N 45 52.33 4.04 -18.71
C GLY N 45 53.65 4.75 -18.80
N MET N 46 54.52 4.28 -19.67
CA MET N 46 55.78 4.94 -19.96
C MET N 46 55.68 5.87 -21.15
N VAL N 47 54.49 6.05 -21.74
CA VAL N 47 54.32 6.98 -22.84
C VAL N 47 53.17 7.95 -22.59
N VAL N 48 51.97 7.43 -22.34
CA VAL N 48 50.79 8.26 -22.12
C VAL N 48 50.71 8.67 -20.65
N LYS N 49 49.84 9.62 -20.34
CA LYS N 49 49.77 10.16 -18.99
C LYS N 49 48.44 9.92 -18.27
N ALA N 50 47.34 9.77 -19.00
CA ALA N 50 46.05 9.52 -18.38
C ALA N 50 45.88 8.03 -18.09
N ASP N 51 45.53 7.72 -16.85
CA ASP N 51 45.28 6.32 -16.52
C ASP N 51 44.04 5.77 -17.22
N ARG N 52 43.23 6.63 -17.84
CA ARG N 52 42.12 6.14 -18.65
C ARG N 52 42.65 5.35 -19.85
N ASP N 53 43.51 5.96 -20.64
CA ASP N 53 43.92 5.41 -21.93
C ASP N 53 45.23 4.66 -21.86
N GLU N 54 45.76 4.42 -20.66
CA GLU N 54 46.90 3.52 -20.52
C GLU N 54 46.70 2.16 -21.17
N PRO N 55 45.49 1.59 -21.26
CA PRO N 55 45.32 0.36 -22.02
C PRO N 55 44.90 0.56 -23.46
N SER N 56 44.75 1.78 -23.92
CA SER N 56 44.16 2.09 -25.22
C SER N 56 44.95 1.48 -26.36
N PRO N 57 44.43 1.51 -27.58
CA PRO N 57 45.23 1.03 -28.72
C PRO N 57 46.36 1.97 -29.09
N TYR N 58 46.20 3.27 -28.86
CA TYR N 58 47.25 4.22 -29.19
C TYR N 58 48.48 4.00 -28.33
N ALA N 59 48.30 3.74 -27.04
CA ALA N 59 49.43 3.51 -26.16
C ALA N 59 50.25 2.33 -26.64
N ALA N 60 49.58 1.23 -26.97
CA ALA N 60 50.29 0.10 -27.54
C ALA N 60 50.99 0.49 -28.83
N MET N 61 50.33 1.27 -29.66
CA MET N 61 50.89 1.58 -30.97
C MET N 61 52.16 2.40 -30.85
N LEU N 62 52.28 3.22 -29.80
CA LEU N 62 53.49 4.02 -29.59
C LEU N 62 54.59 3.26 -28.88
N ALA N 63 54.24 2.54 -27.82
CA ALA N 63 55.24 1.73 -27.12
C ALA N 63 55.84 0.69 -28.03
N ALA N 64 55.01 -0.01 -28.81
CA ALA N 64 55.48 -1.02 -29.74
C ALA N 64 56.30 -0.44 -30.88
N ARG N 65 56.33 0.88 -31.03
CA ARG N 65 57.24 1.49 -31.98
C ARG N 65 58.56 1.82 -31.33
N ARG N 66 58.52 2.38 -30.13
CA ARG N 66 59.78 2.69 -29.47
C ARG N 66 60.51 1.45 -28.99
N ALA N 67 59.84 0.30 -28.95
CA ALA N 67 60.55 -0.95 -28.67
C ALA N 67 61.31 -1.41 -29.89
N ALA N 68 60.62 -1.50 -31.03
CA ALA N 68 61.26 -1.92 -32.26
C ALA N 68 62.41 -1.00 -32.63
N GLU N 69 62.28 0.30 -32.37
CA GLU N 69 63.36 1.20 -32.75
C GLU N 69 64.67 0.83 -32.08
N GLU N 70 64.67 0.67 -30.75
CA GLU N 70 65.91 0.34 -30.07
C GLU N 70 66.29 -1.12 -30.18
N ALA N 71 65.38 -1.99 -30.61
CA ALA N 71 65.78 -3.38 -30.82
C ALA N 71 66.33 -3.64 -32.21
N LEU N 72 65.99 -2.80 -33.19
CA LEU N 72 66.55 -2.94 -34.52
C LEU N 72 67.99 -2.48 -34.58
N GLU N 73 68.42 -1.60 -33.68
CA GLU N 73 69.78 -1.10 -33.75
C GLU N 73 70.79 -2.12 -33.24
N LYS N 74 70.40 -2.99 -32.33
CA LYS N 74 71.26 -4.07 -31.87
C LYS N 74 71.15 -5.33 -32.73
N GLY N 75 70.68 -5.20 -33.97
CA GLY N 75 70.91 -6.22 -34.96
C GLY N 75 69.71 -7.07 -35.32
N ILE N 76 68.66 -7.08 -34.53
CA ILE N 76 67.57 -8.01 -34.76
C ILE N 76 66.85 -7.68 -36.05
N VAL N 77 66.52 -8.72 -36.82
CA VAL N 77 65.95 -8.56 -38.15
C VAL N 77 64.51 -9.06 -38.22
N GLY N 78 64.19 -10.12 -37.48
CA GLY N 78 62.84 -10.63 -37.43
C GLY N 78 62.41 -10.85 -36.00
N VAL N 79 61.17 -11.31 -35.84
CA VAL N 79 60.66 -11.59 -34.50
C VAL N 79 59.45 -12.48 -34.61
N HIS N 80 59.36 -13.45 -33.70
CA HIS N 80 58.19 -14.29 -33.54
C HIS N 80 57.30 -13.67 -32.48
N ILE N 81 56.02 -14.02 -32.51
CA ILE N 81 55.01 -13.36 -31.68
C ILE N 81 54.49 -14.32 -30.63
N ARG N 82 54.34 -13.83 -29.40
CA ARG N 82 53.66 -14.59 -28.36
C ARG N 82 52.75 -13.64 -27.61
N VAL N 83 51.45 -13.78 -27.80
CA VAL N 83 50.46 -12.88 -27.23
C VAL N 83 49.86 -13.54 -25.99
N ARG N 84 49.73 -12.77 -24.91
CA ARG N 84 49.29 -13.32 -23.64
C ARG N 84 48.32 -12.38 -22.95
N ALA N 85 47.29 -12.95 -22.37
CA ALA N 85 46.30 -12.37 -21.49
C ALA N 85 46.61 -12.74 -20.05
N PRO N 86 46.05 -12.04 -19.08
CA PRO N 86 46.30 -12.42 -17.69
C PRO N 86 46.05 -13.89 -17.43
N GLY N 87 44.85 -14.36 -17.74
CA GLY N 87 44.54 -15.77 -17.67
C GLY N 87 44.68 -16.35 -16.27
N GLY N 88 44.49 -17.65 -16.15
CA GLY N 88 44.54 -18.26 -14.84
C GLY N 88 43.23 -18.07 -14.14
N SER N 89 43.28 -17.51 -12.93
CA SER N 89 42.08 -17.26 -12.15
C SER N 89 41.48 -15.88 -12.42
N LYS N 90 41.72 -15.32 -13.59
CA LYS N 90 41.22 -14.01 -13.97
C LYS N 90 40.78 -14.11 -15.43
N SER N 91 40.57 -12.97 -16.08
CA SER N 91 40.02 -12.97 -17.42
C SER N 91 40.91 -13.72 -18.40
N LYS N 92 40.29 -14.29 -19.43
CA LYS N 92 41.00 -15.06 -20.44
C LYS N 92 41.00 -14.42 -21.81
N THR N 93 40.54 -13.18 -21.93
CA THR N 93 40.43 -12.54 -23.22
C THR N 93 41.40 -11.39 -23.31
N PRO N 94 42.25 -11.33 -24.33
CA PRO N 94 43.21 -10.23 -24.42
C PRO N 94 42.52 -8.90 -24.59
N GLY N 95 43.15 -7.85 -24.05
CA GLY N 95 42.59 -6.53 -24.10
C GLY N 95 42.64 -5.93 -25.49
N PRO N 96 42.51 -4.60 -25.57
CA PRO N 96 42.48 -3.94 -26.89
C PRO N 96 43.85 -3.64 -27.49
N GLY N 97 44.95 -3.93 -26.79
CA GLY N 97 46.26 -3.61 -27.33
C GLY N 97 46.92 -4.69 -28.16
N ALA N 98 46.33 -5.87 -28.23
CA ALA N 98 47.00 -7.00 -28.87
C ALA N 98 47.04 -6.83 -30.38
N GLN N 99 45.86 -6.76 -31.00
CA GLN N 99 45.82 -6.62 -32.44
C GLN N 99 46.44 -5.31 -32.91
N ALA N 100 46.50 -4.30 -32.04
CA ALA N 100 47.11 -3.04 -32.44
C ALA N 100 48.62 -3.10 -32.37
N ALA N 101 49.17 -3.78 -31.37
CA ALA N 101 50.62 -3.89 -31.27
C ALA N 101 51.18 -4.80 -32.35
N ILE N 102 50.49 -5.91 -32.65
CA ILE N 102 50.99 -6.76 -33.72
C ILE N 102 50.95 -6.04 -35.06
N ARG N 103 49.95 -5.17 -35.26
CA ARG N 103 49.81 -4.51 -36.55
C ARG N 103 50.79 -3.37 -36.75
N ALA N 104 51.34 -2.82 -35.67
CA ALA N 104 52.29 -1.73 -35.74
C ALA N 104 53.70 -2.17 -35.36
N LEU N 105 53.97 -3.46 -35.41
CA LEU N 105 55.31 -3.97 -35.21
C LEU N 105 56.02 -4.31 -36.50
N ALA N 106 55.28 -4.78 -37.51
CA ALA N 106 55.84 -4.98 -38.84
C ALA N 106 55.84 -3.71 -39.66
N ARG N 107 54.97 -2.76 -39.34
CA ARG N 107 55.00 -1.46 -40.02
C ARG N 107 56.23 -0.66 -39.63
N ALA N 108 56.98 -1.11 -38.64
CA ALA N 108 58.13 -0.39 -38.13
C ALA N 108 59.45 -0.90 -38.68
N GLY N 109 59.42 -1.92 -39.54
CA GLY N 109 60.61 -2.41 -40.20
C GLY N 109 60.94 -3.86 -39.92
N LEU N 110 60.48 -4.43 -38.81
CA LEU N 110 60.78 -5.82 -38.53
C LEU N 110 59.97 -6.74 -39.45
N LYS N 111 60.39 -7.99 -39.51
CA LYS N 111 59.61 -9.04 -40.15
C LYS N 111 58.71 -9.69 -39.11
N ILE N 112 57.96 -10.71 -39.51
CA ILE N 112 57.07 -11.40 -38.59
C ILE N 112 57.00 -12.86 -38.99
N GLY N 113 57.42 -13.74 -38.09
CA GLY N 113 57.28 -15.16 -38.33
C GLY N 113 55.96 -15.69 -37.84
N ARG N 114 55.98 -16.79 -37.11
CA ARG N 114 54.76 -17.41 -36.63
C ARG N 114 54.20 -16.66 -35.44
N VAL N 115 52.90 -16.77 -35.27
CA VAL N 115 52.15 -16.12 -34.19
C VAL N 115 51.48 -17.21 -33.37
N GLU N 116 51.21 -16.92 -32.09
CA GLU N 116 50.45 -17.84 -31.26
C GLU N 116 50.08 -17.13 -29.97
N ASP N 117 49.12 -17.70 -29.25
CA ASP N 117 48.67 -17.21 -27.97
C ASP N 117 48.99 -18.23 -26.89
N VAL N 118 49.47 -17.77 -25.74
CA VAL N 118 49.96 -18.70 -24.73
C VAL N 118 49.33 -18.41 -23.38
N THR N 119 48.11 -17.92 -23.38
CA THR N 119 47.45 -17.58 -22.14
C THR N 119 47.34 -18.81 -21.25
N PRO N 120 47.72 -18.72 -19.97
CA PRO N 120 47.64 -19.90 -19.09
C PRO N 120 46.20 -20.26 -18.77
N ILE N 121 45.88 -21.53 -18.92
CA ILE N 121 44.54 -22.07 -18.68
C ILE N 121 44.62 -23.18 -17.64
N PRO N 122 43.76 -23.19 -16.63
CA PRO N 122 43.78 -24.27 -15.66
C PRO N 122 42.85 -25.39 -16.04
N HIS N 123 43.25 -26.61 -15.68
CA HIS N 123 42.38 -27.78 -15.79
C HIS N 123 41.62 -27.95 -14.48
N ASP N 124 40.65 -27.05 -14.30
CA ASP N 124 39.85 -26.92 -13.08
C ASP N 124 40.74 -26.53 -11.88
N GLY N 125 41.26 -25.30 -11.94
CA GLY N 125 42.12 -24.74 -10.92
C GLY N 125 41.38 -24.02 -9.81
N THR N 126 42.03 -22.99 -9.26
CA THR N 126 41.63 -22.34 -8.01
C THR N 126 40.49 -21.35 -8.23
N ARG N 127 40.22 -20.51 -7.20
CA ARG N 127 38.98 -19.75 -7.02
C ARG N 127 39.13 -18.26 -7.31
N PRO N 128 38.15 -17.66 -8.00
CA PRO N 128 38.23 -16.22 -8.29
C PRO N 128 37.80 -15.33 -7.16
N LYS N 129 37.73 -14.02 -7.41
CA LYS N 129 37.34 -13.05 -6.38
C LYS N 129 35.83 -12.84 -6.43
N GLY N 130 35.34 -11.87 -5.66
CA GLY N 130 33.92 -11.62 -5.59
C GLY N 130 33.23 -12.46 -4.56
N GLY N 131 32.68 -13.57 -4.99
CA GLY N 131 32.13 -14.55 -4.09
C GLY N 131 30.63 -14.69 -4.21
N ARG N 132 30.21 -15.67 -4.99
CA ARG N 132 28.85 -16.20 -4.97
C ARG N 132 27.85 -15.14 -5.40
N ARG N 133 28.29 -13.90 -5.53
CA ARG N 133 27.39 -12.86 -6.01
C ARG N 133 28.07 -11.84 -6.91
N GLY N 134 29.32 -12.01 -7.27
CA GLY N 134 29.96 -11.11 -8.21
C GLY N 134 30.24 -9.72 -7.67
N ARG N 135 30.42 -8.80 -8.60
CA ARG N 135 30.69 -7.39 -8.30
C ARG N 135 29.41 -6.62 -8.51
N ARG N 136 28.57 -6.56 -7.48
CA ARG N 136 27.29 -5.89 -7.61
C ARG N 136 27.49 -4.38 -7.67
N VAL N 137 28.15 -3.90 -8.73
CA VAL N 137 28.37 -2.49 -8.91
C VAL N 137 27.13 -1.90 -9.55
N PRO O 2 -3.45 -36.92 -1.63
CA PRO O 2 -4.81 -37.38 -1.91
C PRO O 2 -4.90 -38.85 -2.26
N GLY O 3 -5.76 -39.57 -1.59
CA GLY O 3 -5.98 -40.97 -1.87
C GLY O 3 -7.45 -41.18 -2.12
N LYS O 4 -8.09 -42.15 -1.50
CA LYS O 4 -9.54 -42.11 -1.57
C LYS O 4 -10.13 -41.45 -0.35
N LYS O 5 -10.02 -42.08 0.81
CA LYS O 5 -10.46 -41.53 2.08
C LYS O 5 -10.10 -42.57 3.10
N ALA O 6 -9.72 -42.18 4.30
CA ALA O 6 -8.83 -43.12 4.97
C ALA O 6 -9.53 -44.38 5.49
N PRO O 7 -10.34 -44.32 6.55
CA PRO O 7 -10.89 -45.60 7.01
C PRO O 7 -12.26 -45.95 6.44
N ASN O 8 -12.30 -46.38 5.19
CA ASN O 8 -13.52 -46.88 4.57
C ASN O 8 -13.55 -48.40 4.57
N GLY O 9 -13.56 -48.98 5.77
CA GLY O 9 -13.61 -50.41 5.93
C GLY O 9 -14.95 -50.83 6.48
N GLU O 10 -15.13 -52.14 6.64
CA GLU O 10 -16.35 -52.53 7.31
C GLU O 10 -16.18 -52.66 8.80
N PHE O 11 -15.04 -53.15 9.26
CA PHE O 11 -14.77 -53.28 10.69
C PHE O 11 -13.84 -52.20 11.18
N ALA O 12 -13.98 -51.00 10.65
CA ALA O 12 -13.07 -49.91 10.96
C ALA O 12 -13.79 -48.77 11.64
N GLY O 13 -14.64 -49.08 12.62
CA GLY O 13 -15.42 -48.03 13.25
C GLY O 13 -14.61 -47.16 14.18
N ARG O 14 -13.75 -47.77 14.97
CA ARG O 14 -13.06 -47.04 16.03
C ARG O 14 -12.15 -45.97 15.45
N LYS O 15 -11.36 -46.31 14.43
CA LYS O 15 -10.47 -45.32 13.84
C LYS O 15 -11.26 -44.19 13.22
N LEU O 16 -12.42 -44.50 12.65
CA LEU O 16 -13.24 -43.48 12.02
C LEU O 16 -13.77 -42.50 13.06
N LYS O 17 -14.35 -43.02 14.14
CA LYS O 17 -14.88 -42.15 15.18
C LYS O 17 -13.77 -41.31 15.79
N LEU O 18 -12.60 -41.90 16.00
CA LEU O 18 -11.48 -41.13 16.55
C LEU O 18 -11.03 -40.03 15.62
N LYS O 19 -10.95 -40.30 14.32
CA LYS O 19 -10.59 -39.26 13.36
C LYS O 19 -11.55 -38.09 13.45
N ARG O 20 -12.85 -38.37 13.43
CA ARG O 20 -13.80 -37.26 13.44
C ARG O 20 -13.75 -36.51 14.76
N LYS O 21 -13.72 -37.22 15.88
CA LYS O 21 -13.66 -36.54 17.18
C LYS O 21 -12.41 -35.70 17.32
N LYS O 22 -11.30 -36.12 16.71
CA LYS O 22 -10.08 -35.35 16.87
C LYS O 22 -10.05 -34.14 15.95
N PHE O 23 -10.67 -34.21 14.79
CA PHE O 23 -10.68 -33.03 13.93
C PHE O 23 -11.86 -32.12 14.18
N ARG O 24 -12.75 -32.47 15.11
CA ARG O 24 -13.76 -31.50 15.50
C ARG O 24 -13.20 -30.37 16.33
N TRP O 25 -12.04 -30.56 16.97
CA TRP O 25 -11.51 -29.53 17.85
C TRP O 25 -10.83 -28.41 17.10
N SER O 26 -10.47 -28.63 15.83
CA SER O 26 -9.91 -27.56 15.03
C SER O 26 -10.95 -26.49 14.70
N ASP O 27 -12.20 -26.71 15.06
CA ASP O 27 -13.27 -25.73 14.96
C ASP O 27 -13.03 -24.62 15.96
N ILE O 28 -13.90 -23.61 15.94
CA ILE O 28 -13.83 -22.55 16.94
C ILE O 28 -15.14 -22.27 17.62
N ARG O 29 -16.29 -22.66 17.07
CA ARG O 29 -17.54 -22.48 17.77
C ARG O 29 -17.82 -23.61 18.73
N TYR O 30 -17.38 -24.82 18.39
CA TYR O 30 -17.56 -25.97 19.26
C TYR O 30 -16.59 -25.93 20.42
N LYS O 31 -15.33 -25.56 20.16
CA LYS O 31 -14.37 -25.40 21.24
C LYS O 31 -14.83 -24.36 22.24
N ARG O 32 -15.25 -23.20 21.75
CA ARG O 32 -15.72 -22.13 22.61
C ARG O 32 -16.96 -22.50 23.41
N ARG O 33 -17.56 -23.66 23.16
CA ARG O 33 -18.78 -24.08 23.82
C ARG O 33 -18.57 -25.17 24.85
N VAL O 34 -17.76 -26.18 24.53
CA VAL O 34 -17.56 -27.26 25.48
C VAL O 34 -16.68 -26.81 26.63
N LEU O 35 -15.72 -25.93 26.36
CA LEU O 35 -14.89 -25.41 27.43
C LEU O 35 -15.59 -24.32 28.23
N ARG O 36 -16.66 -23.75 27.68
CA ARG O 36 -17.38 -22.65 28.33
C ARG O 36 -16.45 -21.48 28.56
N LEU O 37 -15.96 -20.91 27.46
CA LEU O 37 -14.98 -19.84 27.51
C LEU O 37 -15.59 -18.45 27.50
N LYS O 38 -16.81 -18.31 26.99
CA LYS O 38 -17.50 -17.02 27.08
C LYS O 38 -17.59 -16.57 28.52
N GLU O 39 -18.14 -17.42 29.39
CA GLU O 39 -18.12 -17.19 30.82
C GLU O 39 -16.67 -17.11 31.31
N LYS O 40 -16.51 -16.63 32.53
CA LYS O 40 -15.24 -16.37 33.21
C LYS O 40 -14.32 -15.46 32.42
N SER O 41 -14.85 -14.77 31.41
CA SER O 41 -14.21 -13.66 30.73
C SER O 41 -15.23 -12.59 30.42
N ASP O 42 -16.31 -12.56 31.18
CA ASP O 42 -17.54 -11.91 30.76
C ASP O 42 -18.15 -11.12 31.90
N PRO O 43 -18.17 -9.79 31.82
CA PRO O 43 -18.62 -9.01 32.97
C PRO O 43 -20.11 -9.10 33.25
N LEU O 44 -20.94 -9.58 32.33
CA LEU O 44 -22.35 -9.70 32.64
C LEU O 44 -22.76 -11.09 33.12
N GLU O 45 -21.91 -12.10 32.92
CA GLU O 45 -22.10 -13.43 33.48
C GLU O 45 -23.41 -14.06 33.02
N GLY O 46 -23.50 -14.29 31.71
CA GLY O 46 -24.61 -15.05 31.16
C GLY O 46 -25.97 -14.47 31.45
N ALA O 47 -26.18 -13.21 31.15
CA ALA O 47 -27.43 -12.52 31.42
C ALA O 47 -27.80 -11.65 30.24
N PRO O 48 -29.08 -11.35 30.07
CA PRO O 48 -29.50 -10.40 29.02
C PRO O 48 -29.69 -8.96 29.47
N GLN O 49 -29.46 -8.65 30.74
CA GLN O 49 -29.45 -7.26 31.20
C GLN O 49 -28.51 -7.13 32.38
N ALA O 50 -28.36 -5.91 32.85
CA ALA O 50 -27.64 -5.66 34.10
C ALA O 50 -28.04 -4.28 34.60
N ARG O 51 -27.66 -3.99 35.83
CA ARG O 51 -27.99 -2.72 36.46
C ARG O 51 -26.73 -2.15 37.08
N GLY O 52 -26.43 -0.90 36.77
CA GLY O 52 -25.20 -0.29 37.21
C GLY O 52 -25.42 1.13 37.69
N ILE O 53 -24.35 1.74 38.19
CA ILE O 53 -24.40 3.08 38.73
C ILE O 53 -23.36 3.92 38.02
N VAL O 54 -23.79 5.03 37.42
CA VAL O 54 -22.91 5.78 36.53
C VAL O 54 -21.81 6.44 37.33
N LEU O 55 -20.66 6.64 36.69
CA LEU O 55 -19.52 7.31 37.30
C LEU O 55 -19.18 8.62 36.63
N GLU O 56 -19.30 8.72 35.31
CA GLU O 56 -18.94 9.95 34.61
C GLU O 56 -19.56 9.93 33.23
N LYS O 57 -19.32 11.01 32.48
CA LYS O 57 -19.82 11.16 31.13
C LYS O 57 -18.69 11.51 30.20
N ILE O 58 -18.64 10.86 29.04
CA ILE O 58 -17.51 10.94 28.13
C ILE O 58 -18.01 11.02 26.69
N ALA O 59 -17.08 11.17 25.76
CA ALA O 59 -17.36 11.17 24.34
C ALA O 59 -16.20 10.52 23.59
N VAL O 60 -16.52 9.87 22.48
CA VAL O 60 -15.55 9.12 21.69
C VAL O 60 -15.49 9.70 20.29
N GLU O 61 -14.41 9.38 19.59
CA GLU O 61 -14.26 9.74 18.19
C GLU O 61 -14.74 8.60 17.31
N ALA O 62 -15.42 8.94 16.21
CA ALA O 62 -15.89 7.90 15.31
C ALA O 62 -14.72 7.39 14.48
N LYS O 63 -15.00 6.54 13.50
CA LYS O 63 -13.96 5.79 12.81
C LYS O 63 -13.23 6.66 11.79
N GLN O 64 -12.48 6.01 10.90
CA GLN O 64 -11.68 6.78 9.95
C GLN O 64 -12.55 7.57 8.98
N PRO O 65 -13.40 6.94 8.12
CA PRO O 65 -14.20 7.71 7.16
C PRO O 65 -15.54 8.15 7.73
N ASN O 66 -15.51 8.71 8.93
CA ASN O 66 -16.67 9.38 9.51
C ASN O 66 -16.15 10.56 10.32
N SER O 67 -17.07 11.37 10.83
CA SER O 67 -16.68 12.55 11.58
C SER O 67 -17.75 12.84 12.60
N GLY O 68 -17.34 13.02 13.84
CA GLY O 68 -18.27 13.32 14.91
C GLY O 68 -17.71 12.81 16.22
N MET O 69 -18.48 13.03 17.28
CA MET O 69 -18.17 12.48 18.58
C MET O 69 -19.43 11.86 19.14
N ARG O 70 -19.31 10.61 19.60
CA ARG O 70 -20.44 9.85 20.10
C ARG O 70 -20.40 9.86 21.61
N LYS O 71 -21.51 10.26 22.23
CA LYS O 71 -21.58 10.40 23.67
C LYS O 71 -21.72 9.04 24.33
N ALA O 72 -21.16 8.90 25.53
CA ALA O 72 -21.13 7.63 26.22
C ALA O 72 -20.95 7.88 27.72
N VAL O 73 -21.11 6.81 28.50
CA VAL O 73 -20.96 6.88 29.95
C VAL O 73 -20.14 5.69 30.43
N ARG O 74 -19.59 5.84 31.64
CA ARG O 74 -18.88 4.76 32.31
C ARG O 74 -19.75 4.25 33.44
N VAL O 75 -20.20 3.00 33.33
CA VAL O 75 -21.09 2.39 34.30
C VAL O 75 -20.28 1.40 35.13
N GLN O 76 -20.58 1.33 36.42
CA GLN O 76 -20.00 0.36 37.32
C GLN O 76 -21.10 -0.56 37.81
N LEU O 77 -20.91 -1.86 37.63
CA LEU O 77 -22.01 -2.80 37.79
C LEU O 77 -22.31 -2.99 39.27
N ILE O 78 -23.18 -3.93 39.59
CA ILE O 78 -23.54 -4.26 40.95
C ILE O 78 -23.11 -5.66 41.32
N LYS O 79 -23.50 -6.64 40.50
CA LYS O 79 -23.22 -8.03 40.85
C LYS O 79 -21.74 -8.35 40.84
N ASN O 80 -20.92 -7.55 40.17
CA ASN O 80 -19.49 -7.79 40.11
C ASN O 80 -18.69 -6.67 40.73
N GLY O 81 -18.90 -5.44 40.31
CA GLY O 81 -18.02 -4.34 40.63
C GLY O 81 -17.12 -3.90 39.49
N LYS O 82 -17.25 -4.51 38.31
CA LYS O 82 -16.43 -4.14 37.16
C LYS O 82 -16.94 -2.85 36.56
N VAL O 83 -16.21 -2.35 35.56
CA VAL O 83 -16.49 -1.09 34.91
C VAL O 83 -16.65 -1.35 33.42
N VAL O 84 -17.77 -0.92 32.86
CA VAL O 84 -18.04 -1.07 31.44
C VAL O 84 -18.37 0.30 30.87
N THR O 85 -18.24 0.42 29.55
CA THR O 85 -18.51 1.65 28.84
C THR O 85 -19.78 1.47 28.01
N ALA O 86 -20.80 2.24 28.32
CA ALA O 86 -22.09 2.15 27.65
C ALA O 86 -22.33 3.37 26.77
N PHE O 87 -23.28 3.24 25.85
CA PHE O 87 -23.55 4.26 24.85
C PHE O 87 -25.02 4.67 24.91
N CYS O 88 -25.27 5.97 24.83
CA CYS O 88 -26.62 6.49 24.98
C CYS O 88 -27.24 6.74 23.62
N PRO O 89 -28.27 5.98 23.22
CA PRO O 89 -28.86 6.16 21.90
C PRO O 89 -30.03 7.13 21.89
N GLY O 90 -30.09 7.95 20.85
CA GLY O 90 -31.15 8.92 20.71
C GLY O 90 -30.65 10.35 20.68
N ASP O 91 -31.36 11.23 20.00
CA ASP O 91 -30.94 12.63 19.86
C ASP O 91 -31.25 13.38 21.15
N GLY O 92 -30.24 13.57 21.98
CA GLY O 92 -30.39 14.32 23.19
C GLY O 92 -30.53 13.50 24.45
N ALA O 93 -30.01 12.28 24.46
CA ALA O 93 -30.11 11.45 25.65
C ALA O 93 -29.11 11.86 26.72
N ILE O 94 -27.92 12.33 26.32
CA ILE O 94 -26.86 12.65 27.25
C ILE O 94 -27.26 13.82 28.14
N LYS O 95 -28.45 14.37 27.89
CA LYS O 95 -28.96 15.47 28.70
C LYS O 95 -29.80 14.99 29.86
N PHE O 96 -29.99 13.69 30.02
CA PHE O 96 -30.77 13.14 31.12
C PHE O 96 -29.93 12.34 32.10
N ILE O 97 -28.86 11.72 31.65
CA ILE O 97 -28.05 10.87 32.52
C ILE O 97 -27.32 11.78 33.49
N ASP O 98 -27.75 11.82 34.74
CA ASP O 98 -26.99 12.51 35.77
C ASP O 98 -26.09 11.51 36.49
N GLU O 99 -25.15 12.03 37.26
CA GLU O 99 -24.33 11.16 38.09
C GLU O 99 -25.19 10.48 39.15
N HIS O 100 -24.74 9.32 39.60
CA HIS O 100 -25.40 8.57 40.67
C HIS O 100 -26.80 8.12 40.24
N ASP O 101 -26.88 7.50 39.08
CA ASP O 101 -28.13 6.98 38.57
C ASP O 101 -28.03 5.47 38.42
N GLU O 102 -29.16 4.80 38.60
CA GLU O 102 -29.24 3.36 38.44
C GLU O 102 -29.77 3.08 37.04
N VAL O 103 -28.87 2.71 36.15
CA VAL O 103 -29.19 2.52 34.75
C VAL O 103 -29.25 1.04 34.48
N ILE O 104 -29.92 0.66 33.40
CA ILE O 104 -29.98 -0.71 32.95
C ILE O 104 -29.17 -0.84 31.68
N ILE O 105 -28.73 -2.06 31.38
CA ILE O 105 -27.71 -2.29 30.37
C ILE O 105 -28.07 -3.53 29.57
N GLU O 106 -28.00 -3.41 28.25
CA GLU O 106 -28.23 -4.46 27.28
C GLU O 106 -26.99 -4.66 26.44
N GLY O 107 -27.06 -5.59 25.50
CA GLY O 107 -26.07 -5.69 24.46
C GLY O 107 -26.26 -4.61 23.43
N ILE O 108 -25.54 -4.74 22.32
CA ILE O 108 -25.66 -3.75 21.26
C ILE O 108 -25.99 -4.43 19.94
N GLY O 109 -25.80 -5.73 19.89
CA GLY O 109 -26.20 -6.48 18.72
C GLY O 109 -25.36 -6.22 17.50
N GLY O 110 -24.12 -6.66 17.51
CA GLY O 110 -23.28 -6.55 16.34
C GLY O 110 -22.91 -7.92 15.86
N PRO O 111 -21.86 -8.03 15.07
CA PRO O 111 -21.41 -9.35 14.63
C PRO O 111 -20.76 -10.10 15.78
N LYS O 112 -21.09 -11.38 15.90
CA LYS O 112 -20.48 -12.25 16.90
C LYS O 112 -20.75 -11.79 18.32
N GLY O 113 -21.89 -11.13 18.54
CA GLY O 113 -22.21 -10.57 19.84
C GLY O 113 -21.43 -9.34 20.23
N GLY O 114 -20.40 -8.96 19.49
CA GLY O 114 -19.54 -7.87 19.90
C GLY O 114 -20.09 -6.51 19.56
N SER O 115 -19.26 -5.66 18.98
CA SER O 115 -19.58 -4.26 18.76
C SER O 115 -20.22 -4.07 17.39
N MET O 116 -20.45 -2.82 17.00
CA MET O 116 -21.08 -2.55 15.72
C MET O 116 -20.68 -1.16 15.25
N GLY O 117 -20.95 -0.89 13.98
CA GLY O 117 -20.84 0.43 13.38
C GLY O 117 -19.48 1.06 13.60
N ASP O 118 -19.48 2.40 13.64
CA ASP O 118 -18.24 3.14 13.79
C ASP O 118 -17.76 3.18 15.23
N ILE O 119 -18.67 3.30 16.18
CA ILE O 119 -18.31 3.18 17.60
C ILE O 119 -17.62 1.85 17.79
N PRO O 120 -16.32 1.82 17.95
CA PRO O 120 -15.58 0.57 17.76
C PRO O 120 -15.46 -0.32 18.99
N GLY O 121 -15.47 0.27 20.18
CA GLY O 121 -15.14 -0.49 21.36
C GLY O 121 -16.25 -0.52 22.39
N ILE O 122 -17.32 0.20 22.13
CA ILE O 122 -18.49 0.17 22.98
C ILE O 122 -19.32 -1.05 22.62
N ARG O 123 -19.79 -1.78 23.65
CA ARG O 123 -20.62 -2.94 23.39
C ARG O 123 -21.78 -3.06 24.36
N TYR O 124 -22.26 -1.95 24.89
CA TYR O 124 -23.46 -1.97 25.71
C TYR O 124 -24.17 -0.65 25.54
N LYS O 125 -25.50 -0.66 25.65
CA LYS O 125 -26.31 0.52 25.42
C LYS O 125 -27.36 0.68 26.50
N VAL O 126 -27.58 1.91 26.95
CA VAL O 126 -28.52 2.15 28.03
C VAL O 126 -29.94 2.00 27.53
N VAL O 127 -30.84 1.50 28.38
CA VAL O 127 -32.25 1.39 28.05
C VAL O 127 -33.13 2.12 29.07
N LYS O 128 -32.87 1.93 30.36
CA LYS O 128 -33.69 2.50 31.41
C LYS O 128 -32.85 3.34 32.34
N VAL O 129 -33.37 4.50 32.71
CA VAL O 129 -32.74 5.40 33.67
C VAL O 129 -33.74 5.64 34.80
N ASN O 130 -33.41 5.14 35.99
CA ASN O 130 -34.28 5.30 37.16
C ASN O 130 -35.65 4.68 36.95
N ARG O 131 -35.71 3.66 36.09
CA ARG O 131 -36.96 2.95 35.78
C ARG O 131 -37.93 3.83 35.00
N VAL O 132 -37.42 4.51 33.98
CA VAL O 132 -38.23 5.21 32.99
C VAL O 132 -37.52 5.05 31.65
N SER O 133 -38.20 4.44 30.69
CA SER O 133 -37.55 4.06 29.44
C SER O 133 -36.92 5.27 28.76
N LEU O 134 -35.62 5.18 28.50
CA LEU O 134 -34.92 6.29 27.87
C LEU O 134 -35.58 6.69 26.55
N LYS O 135 -36.16 5.71 25.84
CA LYS O 135 -36.84 6.00 24.59
C LYS O 135 -37.91 7.05 24.79
N GLU O 136 -38.73 6.92 25.83
CA GLU O 136 -39.78 7.89 26.06
C GLU O 136 -39.20 9.24 26.42
N LEU O 137 -38.38 9.29 27.47
CA LEU O 137 -37.75 10.54 27.91
C LEU O 137 -37.19 11.33 26.73
N VAL O 138 -36.52 10.66 25.80
CA VAL O 138 -35.88 11.38 24.70
C VAL O 138 -36.92 12.10 23.84
N LYS O 139 -38.14 11.59 23.79
CA LYS O 139 -39.17 12.17 22.93
C LYS O 139 -40.38 12.68 23.73
N GLY O 140 -40.15 13.17 24.93
CA GLY O 140 -41.25 13.69 25.72
C GLY O 140 -42.07 12.57 26.33
N ARG O 141 -43.39 12.75 26.33
CA ARG O 141 -44.32 11.65 26.53
C ARG O 141 -44.30 11.07 27.94
N LYS O 142 -43.35 11.48 28.78
CA LYS O 142 -43.27 10.93 30.12
C LYS O 142 -42.30 11.76 30.95
N GLU O 143 -42.51 11.75 32.27
CA GLU O 143 -41.72 12.51 33.21
C GLU O 143 -40.73 11.61 33.94
N LYS O 144 -39.63 12.22 34.40
CA LYS O 144 -38.49 11.59 35.04
C LYS O 144 -38.55 11.72 36.56
N PRO O 145 -38.24 10.64 37.28
CA PRO O 145 -38.23 10.69 38.75
C PRO O 145 -36.85 11.04 39.28
N ARG O 146 -36.80 11.31 40.59
CA ARG O 146 -35.57 11.66 41.29
C ARG O 146 -34.94 12.91 40.67
N ARG O 147 -35.67 14.02 40.85
CA ARG O 147 -35.30 15.34 40.32
C ARG O 147 -35.41 15.40 38.80
N ASP P 3 50.39 85.46 -29.93
CA ASP P 3 49.02 85.83 -29.62
C ASP P 3 48.23 84.69 -29.00
N PHE P 4 48.79 83.49 -29.04
CA PHE P 4 48.04 82.30 -28.63
C PHE P 4 48.14 82.10 -27.13
N ARG P 5 47.09 81.49 -26.57
CA ARG P 5 46.96 81.32 -25.14
C ARG P 5 46.39 79.92 -24.90
N HIS P 6 46.35 79.52 -23.63
CA HIS P 6 45.94 78.16 -23.28
C HIS P 6 44.75 78.09 -22.36
N ILE P 7 44.49 79.13 -21.56
CA ILE P 7 43.43 79.14 -20.57
C ILE P 7 42.85 80.54 -20.50
N VAL P 8 41.56 80.67 -20.74
CA VAL P 8 40.86 81.96 -20.69
C VAL P 8 39.69 81.80 -19.74
N ARG P 9 39.18 82.92 -19.25
CA ARG P 9 38.09 82.91 -18.28
C ARG P 9 37.10 84.01 -18.60
N VAL P 10 35.82 83.69 -18.51
CA VAL P 10 34.74 84.63 -18.75
C VAL P 10 33.67 84.39 -17.70
N ALA P 11 33.53 85.32 -16.76
CA ALA P 11 32.46 85.30 -15.77
C ALA P 11 32.45 84.00 -14.99
N GLY P 12 33.53 83.78 -14.25
CA GLY P 12 33.60 82.63 -13.37
C GLY P 12 34.36 81.46 -13.95
N VAL P 13 33.63 80.47 -14.45
CA VAL P 13 34.26 79.26 -14.96
C VAL P 13 35.26 79.62 -16.03
N ASP P 14 36.43 79.00 -15.99
CA ASP P 14 37.45 79.22 -17.00
C ASP P 14 37.40 78.09 -18.03
N LEU P 15 37.71 78.43 -19.27
CA LEU P 15 37.40 77.57 -20.39
C LEU P 15 38.66 77.23 -21.16
N ASP P 16 38.63 76.04 -21.78
CA ASP P 16 39.78 75.53 -22.51
C ASP P 16 40.12 76.46 -23.67
N GLY P 17 41.23 76.17 -24.32
CA GLY P 17 41.71 77.07 -25.35
C GLY P 17 42.07 76.37 -26.63
N ASN P 18 41.95 75.06 -26.64
CA ASN P 18 42.19 74.27 -27.85
C ASN P 18 40.90 73.77 -28.47
N LYS P 19 39.76 74.19 -27.95
CA LYS P 19 38.46 73.81 -28.48
C LYS P 19 37.87 74.93 -29.30
N GLN P 20 36.86 74.58 -30.09
CA GLN P 20 36.14 75.58 -30.86
C GLN P 20 35.38 76.50 -29.91
N LEU P 21 35.07 77.69 -30.39
CA LEU P 21 34.55 78.69 -29.48
C LEU P 21 33.17 78.31 -29.00
N ARG P 22 32.39 77.62 -29.83
CA ARG P 22 31.02 77.31 -29.44
C ARG P 22 30.95 76.23 -28.38
N TRP P 23 31.89 75.31 -28.35
CA TRP P 23 31.92 74.31 -27.29
C TRP P 23 32.62 74.81 -26.03
N ALA P 24 33.62 75.68 -26.17
CA ALA P 24 34.31 76.21 -25.00
C ALA P 24 33.36 76.93 -24.07
N LEU P 25 32.32 77.56 -24.60
CA LEU P 25 31.35 78.24 -23.77
C LEU P 25 30.31 77.30 -23.17
N THR P 26 30.22 76.06 -23.64
CA THR P 26 29.21 75.15 -23.10
C THR P 26 29.40 74.92 -21.61
N ALA P 27 30.64 74.96 -21.13
CA ALA P 27 30.92 74.63 -19.74
C ALA P 27 30.20 75.56 -18.76
N ILE P 28 30.03 76.84 -19.12
CA ILE P 28 29.42 77.78 -18.19
C ILE P 28 28.00 77.33 -17.88
N LYS P 29 27.75 76.98 -16.63
CA LYS P 29 26.42 76.50 -16.27
C LYS P 29 25.37 77.58 -16.51
N GLY P 30 24.51 77.37 -17.49
CA GLY P 30 23.60 78.40 -17.95
C GLY P 30 23.70 78.70 -19.42
N VAL P 31 24.62 78.08 -20.15
CA VAL P 31 24.79 78.27 -21.58
C VAL P 31 24.93 76.91 -22.21
N GLY P 32 23.90 76.45 -22.91
CA GLY P 32 23.95 75.19 -23.61
C GLY P 32 24.67 75.33 -24.92
N ILE P 33 24.30 74.49 -25.89
CA ILE P 33 24.94 74.62 -27.19
C ILE P 33 24.16 75.55 -28.10
N ASN P 34 22.84 75.53 -28.04
CA ASN P 34 22.07 76.37 -28.92
C ASN P 34 22.06 77.82 -28.50
N PHE P 35 22.37 78.11 -27.24
CA PHE P 35 22.55 79.50 -26.84
C PHE P 35 23.94 80.02 -27.10
N ALA P 36 24.90 79.15 -27.34
CA ALA P 36 26.26 79.61 -27.59
C ALA P 36 26.43 80.04 -29.03
N THR P 37 25.92 79.24 -29.97
CA THR P 37 25.91 79.63 -31.37
C THR P 37 25.30 81.01 -31.54
N MET P 38 24.20 81.26 -30.85
CA MET P 38 23.52 82.55 -30.97
C MET P 38 24.42 83.70 -30.56
N VAL P 39 25.06 83.60 -29.39
CA VAL P 39 25.82 84.72 -28.88
C VAL P 39 27.07 84.93 -29.71
N CYS P 40 27.70 83.84 -30.15
CA CYS P 40 28.86 84.00 -31.02
C CYS P 40 28.49 84.70 -32.32
N ARG P 41 27.32 84.39 -32.87
CA ARG P 41 26.89 85.08 -34.08
C ARG P 41 26.64 86.56 -33.81
N VAL P 42 25.89 86.86 -32.75
CA VAL P 42 25.49 88.23 -32.46
C VAL P 42 26.71 89.09 -32.14
N ALA P 43 27.70 88.50 -31.47
CA ALA P 43 28.89 89.27 -31.11
C ALA P 43 29.63 89.74 -32.34
N GLY P 44 29.77 88.88 -33.33
CA GLY P 44 30.37 89.28 -34.58
C GLY P 44 31.60 88.48 -34.96
N LEU P 45 31.67 87.23 -34.50
CA LEU P 45 32.83 86.42 -34.77
C LEU P 45 32.44 84.96 -34.87
N ASP P 46 33.27 84.18 -35.56
CA ASP P 46 32.93 82.84 -35.97
C ASP P 46 32.74 81.92 -34.76
N PRO P 47 31.96 80.86 -34.91
CA PRO P 47 31.94 79.79 -33.90
C PRO P 47 32.94 78.67 -34.14
N PHE P 48 33.90 78.84 -35.04
CA PHE P 48 34.87 77.81 -35.33
C PHE P 48 36.30 78.23 -35.04
N MET P 49 36.52 79.46 -34.60
CA MET P 49 37.86 79.91 -34.30
C MET P 49 38.35 79.29 -33.00
N LYS P 50 39.65 79.03 -32.95
CA LYS P 50 40.23 78.41 -31.76
C LYS P 50 40.11 79.35 -30.58
N ALA P 51 39.56 78.83 -29.47
CA ALA P 51 39.23 79.69 -28.34
C ALA P 51 40.42 80.46 -27.82
N GLY P 52 41.63 79.91 -27.96
CA GLY P 52 42.79 80.61 -27.48
C GLY P 52 43.05 81.92 -28.19
N TYR P 53 42.49 82.09 -29.38
CA TYR P 53 42.69 83.28 -30.18
C TYR P 53 41.72 84.40 -29.83
N LEU P 54 41.18 84.40 -28.62
CA LEU P 54 40.25 85.43 -28.19
C LEU P 54 41.04 86.54 -27.52
N THR P 55 41.20 87.66 -28.21
CA THR P 55 41.71 88.84 -27.54
C THR P 55 40.69 89.34 -26.52
N ASP P 56 41.11 90.28 -25.68
CA ASP P 56 40.36 90.53 -24.46
C ASP P 56 39.22 91.53 -24.63
N GLU P 57 39.32 92.48 -25.55
CA GLU P 57 38.17 93.33 -25.80
C GLU P 57 36.98 92.50 -26.27
N GLN P 58 37.23 91.42 -26.99
CA GLN P 58 36.16 90.51 -27.34
C GLN P 58 35.60 89.82 -26.10
N VAL P 59 36.44 89.51 -25.12
CA VAL P 59 35.92 89.00 -23.86
C VAL P 59 35.00 90.02 -23.22
N LYS P 60 35.38 91.29 -23.29
CA LYS P 60 34.50 92.34 -22.78
C LYS P 60 33.17 92.33 -23.50
N LYS P 61 33.21 92.16 -24.82
CA LYS P 61 31.99 92.07 -25.62
C LYS P 61 31.11 90.91 -25.16
N ILE P 62 31.70 89.73 -25.02
CA ILE P 62 30.95 88.54 -24.64
C ILE P 62 30.35 88.72 -23.25
N GLU P 63 31.11 89.28 -22.31
CA GLU P 63 30.58 89.51 -20.97
C GLU P 63 29.44 90.50 -21.00
N GLU P 64 29.55 91.53 -21.83
CA GLU P 64 28.41 92.41 -22.03
C GLU P 64 27.19 91.63 -22.45
N ILE P 65 27.32 90.80 -23.48
CA ILE P 65 26.17 90.13 -24.06
C ILE P 65 25.52 89.20 -23.04
N LEU P 66 26.32 88.40 -22.33
CA LEU P 66 25.74 87.41 -21.41
C LEU P 66 25.01 88.04 -20.23
N GLN P 67 25.13 89.36 -20.06
CA GLN P 67 24.61 90.00 -18.86
C GLN P 67 23.30 90.73 -19.07
N ASP P 68 22.89 90.96 -20.32
CA ASP P 68 21.53 91.39 -20.65
C ASP P 68 21.33 91.12 -22.13
N PRO P 69 21.17 89.87 -22.54
CA PRO P 69 21.25 89.56 -23.97
C PRO P 69 20.05 90.01 -24.75
N VAL P 70 18.93 90.32 -24.11
CA VAL P 70 17.73 90.67 -24.85
C VAL P 70 17.92 91.97 -25.60
N ALA P 71 18.77 92.87 -25.10
CA ALA P 71 18.96 94.20 -25.67
C ALA P 71 19.96 94.23 -26.82
N HIS P 72 20.53 93.09 -27.19
CA HIS P 72 21.51 93.03 -28.26
C HIS P 72 21.04 92.23 -29.46
N GLY P 73 19.89 91.57 -29.37
CA GLY P 73 19.38 90.81 -30.50
C GLY P 73 18.88 89.44 -30.12
N ILE P 74 19.40 88.89 -29.03
CA ILE P 74 18.92 87.61 -28.53
C ILE P 74 17.44 87.77 -28.20
N PRO P 75 16.55 87.04 -28.84
CA PRO P 75 15.13 87.28 -28.69
C PRO P 75 14.61 86.72 -27.38
N ARG P 76 13.44 87.19 -26.99
CA ARG P 76 12.86 86.82 -25.70
C ARG P 76 11.97 85.60 -25.78
N TRP P 77 12.20 84.71 -26.73
CA TRP P 77 11.62 83.38 -26.68
C TRP P 77 12.68 82.32 -26.52
N ALA P 78 13.93 82.72 -26.38
CA ALA P 78 15.10 81.86 -26.28
C ALA P 78 15.95 82.27 -25.11
N VAL P 79 15.35 82.40 -23.94
CA VAL P 79 16.03 82.98 -22.81
C VAL P 79 15.79 82.13 -21.57
N ASN P 80 16.79 82.09 -20.69
CA ASN P 80 16.84 81.16 -19.57
C ASN P 80 15.53 81.12 -18.78
N ARG P 81 14.94 82.27 -18.57
CA ARG P 81 13.64 82.33 -17.93
C ARG P 81 12.97 83.62 -18.35
N PRO P 82 11.78 83.53 -18.95
CA PRO P 82 11.03 84.75 -19.27
C PRO P 82 10.05 85.09 -18.16
N LYS P 83 9.59 86.34 -18.19
CA LYS P 83 8.53 86.79 -17.30
C LYS P 83 8.86 86.45 -15.85
N ASP P 84 9.90 87.11 -15.34
CA ASP P 84 10.37 86.84 -13.99
C ASP P 84 9.24 87.01 -12.98
N TYR P 85 9.09 86.03 -12.09
CA TYR P 85 7.97 85.98 -11.16
C TYR P 85 7.89 87.22 -10.28
N GLU P 86 8.96 87.98 -10.18
CA GLU P 86 8.94 89.20 -9.39
C GLU P 86 8.75 90.45 -10.25
N THR P 87 9.02 90.36 -11.53
CA THR P 87 8.82 91.45 -12.46
C THR P 87 8.83 90.89 -13.87
N GLY P 88 7.95 91.39 -14.72
CA GLY P 88 7.76 90.79 -16.04
C GLY P 88 8.93 90.88 -16.99
N ARG P 89 10.07 91.38 -16.53
CA ARG P 89 11.27 91.43 -17.36
C ARG P 89 11.70 90.03 -17.75
N ASP P 90 12.39 89.93 -18.88
CA ASP P 90 12.84 88.64 -19.40
C ASP P 90 14.36 88.53 -19.21
N LEU P 91 14.78 87.53 -18.45
CA LEU P 91 16.14 87.46 -17.94
C LEU P 91 16.83 86.18 -18.36
N HIS P 92 18.17 86.23 -18.42
CA HIS P 92 19.01 85.06 -18.63
C HIS P 92 20.09 85.05 -17.58
N LEU P 93 20.04 84.08 -16.69
CA LEU P 93 20.94 83.98 -15.55
C LEU P 93 22.08 83.01 -15.85
N ILE P 94 23.12 83.07 -15.05
CA ILE P 94 24.21 82.10 -15.17
C ILE P 94 24.68 81.63 -13.80
N THR P 95 25.78 80.89 -13.78
CA THR P 95 26.07 79.87 -12.77
C THR P 95 25.63 80.20 -11.35
N ALA P 96 26.15 81.29 -10.79
CA ALA P 96 25.90 81.55 -9.38
C ALA P 96 24.46 81.97 -9.15
N LYS P 97 23.95 82.85 -10.00
CA LYS P 97 22.59 83.33 -9.82
C LYS P 97 21.54 82.30 -10.21
N LEU P 98 21.92 81.24 -10.91
CA LEU P 98 20.93 80.33 -11.45
C LEU P 98 20.36 79.41 -10.37
N ASP P 99 21.21 78.58 -9.79
CA ASP P 99 20.74 77.61 -8.82
C ASP P 99 20.02 78.26 -7.65
N MET P 100 20.39 79.48 -7.29
CA MET P 100 19.67 80.18 -6.24
C MET P 100 18.25 80.51 -6.66
N ALA P 101 18.08 80.93 -7.91
CA ALA P 101 16.73 81.26 -8.38
C ALA P 101 15.84 80.02 -8.36
N ILE P 102 16.36 78.89 -8.82
CA ILE P 102 15.60 77.65 -8.76
C ILE P 102 15.30 77.28 -7.31
N ARG P 103 16.28 77.43 -6.42
CA ARG P 103 16.09 77.09 -5.03
C ARG P 103 14.97 77.91 -4.41
N GLU P 104 14.92 79.21 -4.71
CA GLU P 104 13.85 80.02 -4.13
C GLU P 104 12.51 79.74 -4.81
N ASP P 105 12.52 79.39 -6.10
CA ASP P 105 11.29 78.91 -6.73
C ASP P 105 10.80 77.61 -6.12
N ILE P 106 11.68 76.85 -5.47
CA ILE P 106 11.24 75.64 -4.77
C ILE P 106 10.74 75.98 -3.37
N MET P 107 11.47 76.84 -2.67
CA MET P 107 11.03 77.25 -1.35
C MET P 107 9.66 77.91 -1.41
N ARG P 108 9.37 78.64 -2.48
CA ARG P 108 8.07 79.28 -2.57
C ARG P 108 6.94 78.25 -2.58
N LEU P 109 7.17 77.10 -3.21
CA LEU P 109 6.17 76.05 -3.19
C LEU P 109 6.17 75.31 -1.87
N ARG P 110 7.30 75.30 -1.16
CA ARG P 110 7.32 74.68 0.15
C ARG P 110 6.53 75.49 1.16
N ARG P 111 6.52 76.82 1.03
CA ARG P 111 5.80 77.65 1.99
C ARG P 111 4.32 77.32 2.01
N ILE P 112 3.64 77.55 0.88
CA ILE P 112 2.19 77.42 0.86
C ILE P 112 1.71 76.00 1.03
N ARG P 113 2.62 75.03 1.07
CA ARG P 113 2.26 73.62 1.26
C ARG P 113 1.34 73.13 0.14
N ALA P 114 1.83 73.23 -1.09
CA ALA P 114 1.10 72.75 -2.25
C ALA P 114 1.25 71.24 -2.34
N TYR P 115 0.87 70.65 -3.47
CA TYR P 115 1.18 69.25 -3.68
C TYR P 115 2.52 69.06 -4.35
N ARG P 116 2.94 70.02 -5.15
CA ARG P 116 4.23 69.97 -5.84
C ARG P 116 5.38 70.43 -4.97
N GLY P 117 5.12 70.70 -3.70
CA GLY P 117 6.16 71.15 -2.81
C GLY P 117 6.52 70.04 -1.85
N ILE P 118 5.51 69.23 -1.49
CA ILE P 118 5.75 68.12 -0.59
C ILE P 118 6.53 67.01 -1.28
N ARG P 119 6.32 66.82 -2.58
CA ARG P 119 7.14 65.86 -3.29
C ARG P 119 8.59 66.30 -3.32
N HIS P 120 8.83 67.57 -3.59
CA HIS P 120 10.18 68.12 -3.45
C HIS P 120 10.71 67.94 -2.04
N GLU P 121 9.85 67.98 -1.04
CA GLU P 121 10.30 67.73 0.33
C GLU P 121 10.84 66.31 0.47
N LEU P 122 10.01 65.32 0.15
CA LEU P 122 10.33 63.93 0.44
C LEU P 122 11.17 63.25 -0.64
N GLY P 123 11.60 63.98 -1.66
CA GLY P 123 12.46 63.42 -2.68
C GLY P 123 11.83 62.26 -3.42
N LEU P 124 10.76 62.55 -4.14
CA LEU P 124 9.96 61.58 -4.87
C LEU P 124 9.72 62.14 -6.26
N PRO P 125 9.09 61.40 -7.18
CA PRO P 125 8.72 62.01 -8.46
C PRO P 125 7.91 63.27 -8.28
N VAL P 126 7.80 64.10 -9.31
CA VAL P 126 7.07 65.35 -9.22
C VAL P 126 6.06 65.51 -10.34
N ARG P 127 6.21 64.84 -11.46
CA ARG P 127 5.47 65.10 -12.67
C ARG P 127 4.59 63.93 -13.05
N GLY P 128 4.02 63.26 -12.07
CA GLY P 128 2.95 62.30 -12.31
C GLY P 128 3.38 60.96 -12.86
N GLN P 129 4.46 60.41 -12.36
CA GLN P 129 4.87 59.08 -12.78
C GLN P 129 4.23 58.03 -11.89
N ARG P 130 4.44 56.78 -12.25
CA ARG P 130 3.98 55.65 -11.46
C ARG P 130 5.16 55.08 -10.69
N THR P 131 4.87 54.44 -9.55
CA THR P 131 5.99 54.01 -8.72
C THR P 131 5.83 52.65 -8.09
N ARG P 132 5.01 51.76 -8.63
CA ARG P 132 5.01 50.41 -8.13
C ARG P 132 6.24 49.65 -8.54
N SER P 133 6.90 50.06 -9.62
CA SER P 133 7.84 49.19 -10.33
C SER P 133 9.20 49.82 -10.59
N ASN P 134 9.27 51.12 -10.77
CA ASN P 134 10.55 51.76 -11.02
C ASN P 134 10.83 52.76 -9.91
N PHE P 135 11.89 53.54 -10.08
CA PHE P 135 12.29 54.54 -9.10
C PHE P 135 12.68 53.88 -7.78
N ARG P 136 13.53 52.87 -7.87
CA ARG P 136 13.98 52.11 -6.70
C ARG P 136 15.33 52.65 -6.29
N ARG P 137 15.31 53.75 -5.54
CA ARG P 137 16.51 54.39 -5.03
C ARG P 137 16.89 53.92 -3.64
N GLY P 138 16.45 52.76 -3.22
CA GLY P 138 16.68 52.24 -1.89
C GLY P 138 17.48 50.97 -1.90
N GLN P 139 17.29 50.14 -0.86
CA GLN P 139 18.07 48.93 -0.68
C GLN P 139 17.17 47.76 -0.30
N THR P 140 17.48 46.59 -0.85
CA THR P 140 16.66 45.39 -0.77
C THR P 140 16.23 45.01 0.64
N VAL P 141 15.12 44.27 0.74
CA VAL P 141 14.57 43.82 2.01
C VAL P 141 14.38 42.32 1.93
N GLY P 142 14.70 41.61 3.01
CA GLY P 142 14.61 40.17 3.07
C GLY P 142 13.51 39.68 3.99
N VAL P 143 13.22 38.39 3.87
CA VAL P 143 12.21 37.77 4.72
C VAL P 143 12.82 36.60 5.50
N SER P 144 13.26 35.55 4.81
CA SER P 144 13.66 34.34 5.49
C SER P 144 14.46 33.42 4.57
N ARG P 145 15.56 32.87 5.10
CA ARG P 145 16.31 31.81 4.42
C ARG P 145 17.34 31.15 5.33
N ALA Q 2 -39.73 67.34 -8.13
CA ALA Q 2 -40.11 66.42 -9.19
C ALA Q 2 -39.51 65.04 -8.96
N LYS Q 3 -40.36 64.02 -8.92
CA LYS Q 3 -39.92 62.64 -8.81
C LYS Q 3 -39.53 62.03 -10.16
N ALA Q 4 -39.51 62.84 -11.22
CA ALA Q 4 -38.92 62.47 -12.49
C ALA Q 4 -37.56 63.11 -12.71
N ASP Q 5 -36.95 63.66 -11.65
CA ASP Q 5 -35.63 64.27 -11.72
C ASP Q 5 -34.62 63.51 -10.87
N TYR Q 6 -34.89 62.27 -10.51
CA TYR Q 6 -33.98 61.52 -9.68
C TYR Q 6 -33.83 60.06 -10.09
N ASN Q 7 -34.46 59.64 -11.17
CA ASN Q 7 -34.18 58.35 -11.79
C ASN Q 7 -33.82 58.52 -13.26
N LYS Q 8 -33.56 59.75 -13.70
CA LYS Q 8 -33.28 60.07 -15.09
C LYS Q 8 -31.80 60.35 -15.30
N ARG Q 9 -31.25 59.79 -16.37
CA ARG Q 9 -29.81 59.83 -16.66
C ARG Q 9 -29.40 61.16 -17.29
N LYS Q 10 -28.22 61.18 -17.88
CA LYS Q 10 -27.63 62.34 -18.53
C LYS Q 10 -27.28 61.98 -19.96
N PRO Q 11 -27.43 62.93 -20.89
CA PRO Q 11 -27.09 62.65 -22.29
C PRO Q 11 -25.62 62.77 -22.64
N ARG Q 12 -24.83 61.72 -22.42
CA ARG Q 12 -23.43 61.74 -22.82
C ARG Q 12 -23.30 61.79 -24.33
N LYS Q 13 -22.12 62.19 -24.81
CA LYS Q 13 -21.86 62.09 -26.24
C LYS Q 13 -20.43 61.70 -26.57
N PHE Q 14 -19.67 61.15 -25.61
CA PHE Q 14 -18.40 60.50 -25.89
C PHE Q 14 -17.91 59.84 -24.60
N GLY Q 15 -16.98 58.92 -24.76
CA GLY Q 15 -16.56 58.09 -23.65
C GLY Q 15 -17.29 56.76 -23.67
N LYS Q 16 -16.70 55.78 -22.96
CA LYS Q 16 -17.20 54.42 -23.03
C LYS Q 16 -18.68 54.32 -22.74
N GLY Q 17 -19.24 55.29 -22.06
CA GLY Q 17 -20.65 55.28 -21.71
C GLY Q 17 -21.55 55.94 -22.72
N ALA Q 18 -21.05 56.23 -23.92
CA ALA Q 18 -21.85 56.89 -24.93
C ALA Q 18 -22.52 55.93 -25.91
N ARG Q 19 -22.06 54.69 -25.99
CA ARG Q 19 -22.59 53.72 -26.94
C ARG Q 19 -22.72 52.38 -26.27
N ARG Q 20 -23.74 51.63 -26.67
CA ARG Q 20 -23.95 50.28 -26.15
C ARG Q 20 -24.40 49.36 -27.27
N CYS Q 21 -24.21 48.06 -27.07
CA CYS Q 21 -24.47 47.10 -28.12
C CYS Q 21 -25.94 47.12 -28.49
N ILE Q 22 -26.21 46.91 -29.78
CA ILE Q 22 -27.57 47.01 -30.28
C ILE Q 22 -28.42 45.80 -29.95
N ARG Q 23 -27.82 44.75 -29.43
CA ARG Q 23 -28.50 43.47 -29.22
C ARG Q 23 -28.35 42.93 -27.80
N CYS Q 24 -27.20 43.14 -27.17
CA CYS Q 24 -26.94 42.68 -25.81
C CYS Q 24 -27.14 43.78 -24.78
N GLY Q 25 -26.45 44.91 -24.92
CA GLY Q 25 -26.65 46.05 -24.06
C GLY Q 25 -25.49 46.41 -23.16
N GLN Q 26 -24.26 46.11 -23.54
CA GLN Q 26 -23.12 46.33 -22.67
C GLN Q 26 -22.26 47.48 -23.18
N TYR Q 27 -21.57 48.13 -22.26
CA TYR Q 27 -20.54 49.10 -22.60
C TYR Q 27 -19.19 48.42 -22.60
N GLY Q 28 -18.28 48.92 -23.41
CA GLY Q 28 -16.95 48.37 -23.45
C GLY Q 28 -16.41 48.13 -24.84
N PRO Q 29 -16.15 46.86 -25.17
CA PRO Q 29 -15.53 46.53 -26.46
C PRO Q 29 -16.49 46.48 -27.62
N ILE Q 30 -16.76 47.61 -28.25
CA ILE Q 30 -17.80 47.70 -29.27
C ILE Q 30 -17.17 48.04 -30.61
N ILE Q 31 -17.68 47.41 -31.66
CA ILE Q 31 -17.12 47.51 -33.01
C ILE Q 31 -17.75 48.72 -33.70
N ARG Q 32 -16.91 49.58 -34.27
CA ARG Q 32 -17.41 50.77 -34.94
C ARG Q 32 -16.90 50.87 -36.37
N ILE Q 33 -16.44 49.78 -36.95
CA ILE Q 33 -15.93 49.82 -38.31
C ILE Q 33 -17.11 49.81 -39.28
N HIS Q 34 -17.14 50.81 -40.17
CA HIS Q 34 -18.16 50.94 -41.22
C HIS Q 34 -19.58 51.00 -40.67
N GLY Q 35 -19.76 51.24 -39.39
CA GLY Q 35 -21.06 51.63 -38.90
C GLY Q 35 -21.74 50.71 -37.92
N LEU Q 36 -21.75 49.40 -38.15
CA LEU Q 36 -22.47 48.51 -37.26
C LEU Q 36 -21.91 48.61 -35.85
N MET Q 37 -22.77 48.43 -34.86
CA MET Q 37 -22.46 48.73 -33.46
C MET Q 37 -22.84 47.53 -32.61
N LEU Q 38 -21.93 46.55 -32.50
CA LEU Q 38 -22.17 45.34 -31.73
C LEU Q 38 -20.98 45.07 -30.82
N CYS Q 39 -21.17 44.13 -29.89
CA CYS Q 39 -20.10 43.69 -29.02
C CYS Q 39 -19.00 43.06 -29.85
N ARG Q 40 -17.93 42.65 -29.19
CA ARG Q 40 -17.03 41.72 -29.82
C ARG Q 40 -17.50 40.28 -29.68
N HIS Q 41 -18.49 40.03 -28.82
CA HIS Q 41 -18.99 38.69 -28.57
C HIS Q 41 -20.20 38.34 -29.40
N CYS Q 42 -21.04 39.33 -29.72
CA CYS Q 42 -22.23 39.06 -30.52
C CYS Q 42 -21.89 39.03 -32.00
N PHE Q 43 -20.97 39.88 -32.43
CA PHE Q 43 -20.57 39.87 -33.83
C PHE Q 43 -20.00 38.53 -34.25
N ARG Q 44 -19.50 37.75 -33.30
CA ARG Q 44 -18.87 36.50 -33.66
C ARG Q 44 -19.87 35.37 -33.86
N GLU Q 45 -21.06 35.46 -33.26
CA GLU Q 45 -22.06 34.43 -33.42
C GLU Q 45 -23.28 34.92 -34.19
N VAL Q 46 -23.13 36.01 -34.94
CA VAL Q 46 -24.15 36.45 -35.88
C VAL Q 46 -23.59 36.76 -37.24
N ALA Q 47 -22.27 36.71 -37.41
CA ALA Q 47 -21.65 37.17 -38.65
C ALA Q 47 -22.06 36.34 -39.86
N PRO Q 48 -22.01 35.01 -39.84
CA PRO Q 48 -22.33 34.26 -41.07
C PRO Q 48 -23.75 34.45 -41.57
N LYS Q 49 -24.61 35.14 -40.83
CA LYS Q 49 -25.89 35.58 -41.34
C LYS Q 49 -25.88 37.03 -41.79
N LEU Q 50 -24.89 37.80 -41.38
CA LEU Q 50 -24.70 39.15 -41.89
C LEU Q 50 -24.08 39.16 -43.27
N GLY Q 51 -23.66 38.03 -43.78
CA GLY Q 51 -23.07 37.91 -45.09
C GLY Q 51 -21.61 37.54 -45.06
N PHE Q 52 -20.92 37.74 -43.96
CA PHE Q 52 -19.49 37.53 -43.93
C PHE Q 52 -19.16 36.07 -44.09
N ARG Q 53 -17.91 35.81 -44.44
CA ARG Q 53 -17.37 34.47 -44.56
C ARG Q 53 -15.92 34.52 -44.12
N LYS Q 54 -15.37 33.37 -43.78
CA LYS Q 54 -13.99 33.27 -43.36
C LYS Q 54 -13.23 32.50 -44.42
N TYR Q 55 -12.32 33.18 -45.11
CA TYR Q 55 -11.54 32.55 -46.17
C TYR Q 55 -10.16 32.15 -45.69
N GLU Q 56 -9.50 33.00 -44.92
CA GLU Q 56 -8.23 32.62 -44.30
C GLU Q 56 -8.30 32.81 -42.82
N ALA R 2 5.22 -53.81 -7.66
CA ALA R 2 6.57 -53.40 -7.99
C ALA R 2 7.53 -53.98 -6.98
N ARG R 3 8.82 -53.72 -7.16
CA ARG R 3 9.84 -54.28 -6.29
C ARG R 3 9.59 -53.91 -4.84
N MET R 4 10.13 -54.74 -3.95
CA MET R 4 9.77 -54.64 -2.54
C MET R 4 10.37 -53.38 -1.91
N HIS R 5 11.65 -53.11 -2.18
CA HIS R 5 12.31 -51.96 -1.58
C HIS R 5 12.40 -50.79 -2.55
N ALA R 6 13.02 -50.99 -3.71
CA ALA R 6 12.93 -50.00 -4.76
C ALA R 6 11.50 -49.97 -5.29
N ARG R 7 11.25 -49.15 -6.29
CA ARG R 7 9.87 -49.07 -6.77
C ARG R 7 9.78 -49.15 -8.28
N LYS R 8 10.80 -49.68 -8.97
CA LYS R 8 10.70 -49.85 -10.41
C LYS R 8 9.70 -50.95 -10.72
N ARG R 9 9.17 -50.93 -11.94
CA ARG R 9 8.22 -51.98 -12.31
C ARG R 9 8.91 -53.23 -12.83
N GLY R 10 9.51 -53.17 -13.99
CA GLY R 10 10.17 -54.37 -14.50
C GLY R 10 9.16 -55.42 -14.93
N LYS R 11 9.43 -56.15 -16.00
CA LYS R 11 8.47 -57.17 -16.42
C LYS R 11 9.10 -58.44 -16.93
N SER R 12 10.41 -58.57 -16.92
CA SER R 12 11.04 -59.78 -17.41
C SER R 12 10.70 -60.94 -16.51
N GLY R 13 10.07 -61.96 -17.06
CA GLY R 13 9.84 -63.19 -16.33
C GLY R 13 9.99 -64.36 -17.27
N SER R 14 9.18 -65.39 -17.07
CA SER R 14 9.06 -66.48 -18.02
C SER R 14 7.60 -66.86 -18.14
N LYS R 15 7.23 -67.36 -19.31
CA LYS R 15 5.84 -67.47 -19.72
C LYS R 15 5.60 -68.85 -20.30
N ARG R 16 4.79 -69.63 -19.66
CA ARG R 16 4.49 -70.97 -20.09
C ARG R 16 3.30 -70.97 -21.02
N PRO R 17 3.11 -72.04 -21.79
CA PRO R 17 1.86 -72.22 -22.49
C PRO R 17 0.94 -73.09 -21.67
N PRO R 18 -0.37 -72.94 -21.83
CA PRO R 18 -1.31 -73.83 -21.14
C PRO R 18 -1.11 -75.26 -21.60
N ARG R 19 -0.83 -76.14 -20.66
CA ARG R 19 -0.46 -77.50 -21.00
C ARG R 19 -1.00 -78.45 -19.94
N THR R 20 -1.42 -79.63 -20.38
CA THR R 20 -2.01 -80.65 -19.52
C THR R 20 -1.21 -81.93 -19.48
N ALA R 21 -0.86 -82.48 -20.63
CA ALA R 21 -0.10 -83.73 -20.74
C ALA R 21 1.24 -83.47 -21.40
N PRO R 22 2.24 -84.31 -21.15
CA PRO R 22 3.58 -84.06 -21.68
C PRO R 22 3.58 -84.05 -23.19
N PRO R 23 4.60 -83.46 -23.81
CA PRO R 23 4.65 -83.44 -25.28
C PRO R 23 4.89 -84.83 -25.83
N ILE R 24 4.24 -85.10 -26.96
CA ILE R 24 4.29 -86.42 -27.57
C ILE R 24 5.72 -86.79 -27.95
N TRP R 25 6.56 -85.81 -28.25
CA TRP R 25 7.90 -86.14 -28.67
C TRP R 25 8.83 -86.47 -27.50
N LEU R 26 8.32 -86.66 -26.29
CA LEU R 26 9.17 -87.14 -25.21
C LEU R 26 9.27 -88.65 -25.21
N GLU R 27 10.34 -89.14 -24.58
CA GLU R 27 10.62 -90.56 -24.55
C GLU R 27 11.10 -91.03 -23.18
N TYR R 28 10.94 -90.23 -22.14
CA TYR R 28 11.41 -90.59 -20.82
C TYR R 28 10.25 -91.07 -19.95
N THR R 29 10.44 -92.20 -19.29
CA THR R 29 9.53 -92.68 -18.28
C THR R 29 9.55 -91.72 -17.08
N VAL R 30 8.63 -91.95 -16.14
CA VAL R 30 8.70 -91.25 -14.86
C VAL R 30 9.95 -91.64 -14.09
N GLU R 31 10.23 -92.95 -14.02
CA GLU R 31 11.34 -93.41 -13.19
C GLU R 31 12.68 -93.06 -13.81
N ASP R 32 12.75 -93.08 -15.14
CA ASP R 32 13.96 -92.64 -15.81
C ASP R 32 14.21 -91.16 -15.60
N ILE R 33 13.20 -90.43 -15.15
CA ILE R 33 13.37 -89.04 -14.74
C ILE R 33 13.76 -88.93 -13.28
N GLU R 34 13.17 -89.75 -12.41
CA GLU R 34 13.54 -89.68 -10.99
C GLU R 34 14.99 -90.06 -10.78
N ASN R 35 15.48 -91.06 -11.51
CA ASN R 35 16.88 -91.44 -11.38
C ASN R 35 17.80 -90.32 -11.83
N LEU R 36 17.45 -89.61 -12.92
CA LEU R 36 18.24 -88.45 -13.31
C LEU R 36 18.21 -87.38 -12.25
N VAL R 37 17.04 -87.12 -11.68
CA VAL R 37 16.91 -86.06 -10.68
C VAL R 37 17.85 -86.32 -9.53
N VAL R 38 17.85 -87.54 -9.01
CA VAL R 38 18.76 -87.87 -7.91
C VAL R 38 20.20 -87.86 -8.37
N LYS R 39 20.46 -88.26 -9.61
CA LYS R 39 21.83 -88.38 -10.12
C LYS R 39 22.63 -87.09 -9.95
N LEU R 40 21.96 -85.93 -10.02
CA LEU R 40 22.66 -84.66 -10.04
C LEU R 40 22.82 -84.04 -8.65
N ARG R 41 21.85 -84.25 -7.76
CA ARG R 41 21.93 -83.61 -6.45
C ARG R 41 23.19 -84.02 -5.70
N LYS R 42 23.71 -85.21 -5.96
CA LYS R 42 24.96 -85.67 -5.36
C LYS R 42 26.18 -85.10 -6.05
N GLU R 43 26.00 -84.22 -7.03
CA GLU R 43 27.09 -83.41 -7.55
C GLU R 43 27.11 -82.02 -6.94
N GLY R 44 26.19 -81.74 -6.02
CA GLY R 44 26.13 -80.44 -5.37
C GLY R 44 25.55 -79.36 -6.25
N TYR R 45 24.28 -79.47 -6.60
CA TYR R 45 23.59 -78.44 -7.36
C TYR R 45 22.38 -77.95 -6.61
N SER R 46 22.04 -76.69 -6.83
CA SER R 46 20.87 -76.09 -6.19
C SER R 46 19.61 -76.78 -6.70
N THR R 47 18.54 -76.69 -5.90
CA THR R 47 17.27 -77.23 -6.36
C THR R 47 16.65 -76.41 -7.47
N ALA R 48 17.22 -75.26 -7.80
CA ALA R 48 16.78 -74.44 -8.91
C ALA R 48 17.68 -74.57 -10.10
N MET R 49 18.92 -74.94 -9.88
CA MET R 49 19.88 -75.18 -10.95
C MET R 49 19.85 -76.61 -11.43
N ILE R 50 19.03 -77.47 -10.83
CA ILE R 50 18.78 -78.79 -11.41
C ILE R 50 17.92 -78.67 -12.64
N GLY R 51 16.74 -78.08 -12.51
CA GLY R 51 15.83 -78.00 -13.63
C GLY R 51 16.42 -77.33 -14.84
N THR R 52 17.30 -76.36 -14.64
CA THR R 52 17.92 -75.70 -15.78
C THR R 52 18.77 -76.67 -16.59
N ILE R 53 19.50 -77.56 -15.91
CA ILE R 53 20.32 -78.52 -16.65
C ILE R 53 19.45 -79.50 -17.40
N LEU R 54 18.39 -80.01 -16.76
CA LEU R 54 17.47 -80.91 -17.44
C LEU R 54 16.91 -80.25 -18.68
N ARG R 55 16.42 -79.03 -18.55
CA ARG R 55 15.79 -78.34 -19.67
C ARG R 55 16.79 -78.10 -20.79
N ASP R 56 17.99 -77.61 -20.46
CA ASP R 56 18.93 -77.21 -21.50
C ASP R 56 19.55 -78.42 -22.19
N GLN R 57 19.79 -79.50 -21.47
CA GLN R 57 20.59 -80.59 -22.02
C GLN R 57 19.80 -81.85 -22.34
N TYR R 58 18.88 -82.28 -21.49
CA TYR R 58 18.16 -83.50 -21.76
C TYR R 58 16.80 -83.27 -22.40
N GLY R 59 16.45 -82.03 -22.71
CA GLY R 59 15.21 -81.77 -23.42
C GLY R 59 13.95 -82.12 -22.66
N ILE R 60 14.02 -82.21 -21.34
CA ILE R 60 12.83 -82.41 -20.51
C ILE R 60 12.31 -81.03 -20.12
N PRO R 61 11.18 -80.59 -20.63
CA PRO R 61 10.53 -79.41 -20.08
C PRO R 61 10.07 -79.68 -18.66
N THR R 62 9.67 -78.61 -17.97
CA THR R 62 9.41 -78.61 -16.54
C THR R 62 8.74 -79.89 -16.07
N VAL R 63 9.31 -80.49 -15.03
CA VAL R 63 8.84 -81.75 -14.49
C VAL R 63 7.42 -81.68 -13.96
N LYS R 64 6.87 -80.49 -13.81
CA LYS R 64 5.51 -80.38 -13.30
C LYS R 64 4.52 -80.61 -14.42
N LEU R 65 4.73 -81.67 -15.19
CA LEU R 65 3.77 -82.16 -16.16
C LEU R 65 3.29 -83.55 -15.81
N PHE R 66 3.89 -84.18 -14.81
CA PHE R 66 3.77 -85.62 -14.59
C PHE R 66 3.05 -85.88 -13.28
N ARG R 67 1.98 -86.67 -13.37
CA ARG R 67 1.20 -86.99 -12.19
C ARG R 67 2.02 -87.82 -11.21
N ASP R 68 1.96 -87.44 -9.94
CA ASP R 68 2.74 -88.11 -8.92
C ASP R 68 2.37 -89.59 -8.84
N PRO R 69 3.33 -90.50 -8.86
CA PRO R 69 2.97 -91.93 -8.85
C PRO R 69 2.40 -92.38 -7.52
N ASP R 70 2.91 -91.86 -6.41
CA ASP R 70 2.50 -92.29 -5.08
C ASP R 70 1.23 -91.62 -4.61
N ASN R 71 0.75 -90.58 -5.31
CA ASN R 71 -0.45 -89.89 -4.89
C ASN R 71 -1.12 -89.23 -6.11
N PRO R 72 -2.43 -89.40 -6.27
CA PRO R 72 -3.08 -88.79 -7.43
C PRO R 72 -3.19 -87.28 -7.37
N ASN R 73 -3.27 -86.70 -6.18
CA ASN R 73 -3.50 -85.27 -6.08
C ASN R 73 -2.32 -84.48 -6.61
N ARG R 74 -1.16 -84.64 -5.98
CA ARG R 74 -0.02 -83.79 -6.25
C ARG R 74 0.62 -84.17 -7.58
N LYS R 75 1.44 -83.25 -8.08
CA LYS R 75 2.25 -83.47 -9.26
C LYS R 75 3.72 -83.45 -8.85
N LEU R 76 4.58 -84.01 -9.69
CA LEU R 76 6.00 -84.04 -9.39
C LEU R 76 6.57 -82.64 -9.38
N THR R 77 7.33 -82.33 -8.34
CA THR R 77 8.19 -81.16 -8.27
C THR R 77 9.47 -81.60 -7.59
N ILE R 78 10.61 -81.10 -8.07
CA ILE R 78 11.90 -81.64 -7.65
C ILE R 78 11.98 -81.75 -6.15
N THR R 79 11.55 -80.74 -5.42
CA THR R 79 11.66 -80.80 -3.98
C THR R 79 10.71 -81.81 -3.36
N ARG R 80 9.85 -82.45 -4.15
CA ARG R 80 9.08 -83.58 -3.66
C ARG R 80 9.70 -84.91 -4.04
N ILE R 81 10.52 -84.93 -5.10
CA ILE R 81 11.22 -86.15 -5.47
C ILE R 81 12.33 -86.43 -4.46
N LEU R 82 13.05 -85.39 -4.06
CA LEU R 82 14.17 -85.58 -3.15
C LEU R 82 13.69 -86.09 -1.80
N GLU R 83 12.56 -85.55 -1.32
CA GLU R 83 11.94 -86.05 -0.10
C GLU R 83 11.41 -87.46 -0.25
N LYS R 84 11.62 -88.09 -1.39
CA LYS R 84 11.38 -89.51 -1.53
C LYS R 84 12.57 -90.32 -1.10
N HIS R 85 13.79 -89.83 -1.36
CA HIS R 85 15.00 -90.50 -0.95
C HIS R 85 15.81 -89.70 0.07
N GLY R 86 15.20 -88.71 0.72
CA GLY R 86 15.79 -88.08 1.87
C GLY R 86 16.93 -87.13 1.61
N LEU R 87 17.28 -86.88 0.36
CA LEU R 87 18.36 -85.95 0.02
C LEU R 87 17.88 -84.51 -0.10
N ALA R 88 16.76 -84.20 0.52
CA ALA R 88 16.14 -82.89 0.39
C ALA R 88 16.88 -81.88 1.25
N PRO R 89 16.56 -80.59 1.10
CA PRO R 89 17.09 -79.59 2.03
C PRO R 89 16.53 -79.78 3.44
N GLU R 90 17.31 -79.34 4.41
CA GLU R 90 16.93 -79.33 5.81
C GLU R 90 16.63 -77.93 6.31
N ILE R 91 16.73 -76.93 5.45
CA ILE R 91 16.33 -75.55 5.71
C ILE R 91 16.04 -74.93 4.36
N PRO R 92 14.91 -74.25 4.19
CA PRO R 92 14.54 -73.75 2.86
C PRO R 92 15.65 -72.98 2.18
N GLU R 93 16.17 -73.52 1.08
CA GLU R 93 17.37 -72.99 0.45
C GLU R 93 17.22 -71.53 0.04
N ASP R 94 16.00 -71.02 -0.02
CA ASP R 94 15.82 -69.58 -0.18
C ASP R 94 16.36 -68.84 1.04
N LEU R 95 15.92 -69.26 2.23
CA LEU R 95 16.42 -68.69 3.46
C LEU R 95 17.92 -68.89 3.59
N MET R 96 18.42 -70.03 3.11
CA MET R 96 19.85 -70.31 3.19
C MET R 96 20.66 -69.38 2.30
N PHE R 97 20.19 -69.13 1.08
CA PHE R 97 20.89 -68.20 0.21
C PHE R 97 20.88 -66.81 0.79
N LEU R 98 19.76 -66.41 1.37
CA LEU R 98 19.68 -65.08 1.95
C LEU R 98 20.63 -64.96 3.14
N ILE R 99 20.76 -66.01 3.94
CA ILE R 99 21.64 -65.92 5.10
C ILE R 99 23.09 -65.88 4.68
N LYS R 100 23.49 -66.79 3.79
CA LYS R 100 24.90 -66.78 3.39
C LYS R 100 25.27 -65.51 2.66
N ARG R 101 24.35 -64.93 1.89
CA ARG R 101 24.70 -63.68 1.20
C ARG R 101 24.93 -62.52 2.14
N ALA R 102 24.70 -62.72 3.44
CA ALA R 102 24.76 -61.67 4.43
C ALA R 102 25.78 -62.00 5.50
N VAL R 103 26.71 -62.90 5.19
CA VAL R 103 27.79 -63.20 6.10
C VAL R 103 29.15 -62.76 5.55
N ASN R 104 29.31 -62.69 4.23
CA ASN R 104 30.54 -62.11 3.72
C ASN R 104 30.48 -60.58 3.75
N LEU R 105 29.35 -60.00 3.39
CA LEU R 105 29.16 -58.57 3.48
C LEU R 105 29.40 -58.07 4.89
N ARG R 106 29.14 -58.91 5.88
CA ARG R 106 29.32 -58.53 7.26
C ARG R 106 30.77 -58.61 7.71
N LYS R 107 31.63 -59.25 6.93
CA LYS R 107 33.06 -59.23 7.20
C LYS R 107 33.81 -58.29 6.30
N HIS R 108 33.13 -57.72 5.31
CA HIS R 108 33.65 -56.54 4.63
C HIS R 108 33.39 -55.30 5.46
N LEU R 109 32.16 -55.15 5.94
CA LEU R 109 31.76 -53.98 6.70
C LEU R 109 32.49 -53.87 8.02
N GLU R 110 33.45 -54.75 8.26
CA GLU R 110 34.29 -54.66 9.44
C GLU R 110 35.75 -54.48 9.08
N GLN R 111 36.04 -54.12 7.84
CA GLN R 111 37.28 -53.47 7.47
C GLN R 111 37.04 -52.08 6.92
N HIS R 112 35.93 -51.90 6.24
CA HIS R 112 35.46 -50.66 5.65
C HIS R 112 34.26 -50.16 6.44
N PRO R 113 34.45 -49.55 7.61
CA PRO R 113 33.31 -49.11 8.41
C PRO R 113 32.77 -47.74 8.05
N LYS R 114 33.26 -47.12 6.97
CA LYS R 114 32.70 -45.87 6.48
C LYS R 114 31.88 -46.05 5.23
N ASP R 115 31.78 -47.28 4.72
CA ASP R 115 30.99 -47.57 3.54
C ASP R 115 29.52 -47.54 3.95
N LEU R 116 28.99 -46.32 4.06
CA LEU R 116 27.61 -46.17 4.52
C LEU R 116 26.58 -46.56 3.48
N HIS R 117 26.99 -46.83 2.25
CA HIS R 117 26.05 -47.18 1.21
C HIS R 117 25.90 -48.67 1.02
N SER R 118 26.87 -49.46 1.47
CA SER R 118 26.70 -50.90 1.51
C SER R 118 26.04 -51.37 2.79
N MET R 119 26.31 -50.71 3.92
CA MET R 119 25.68 -51.10 5.17
C MET R 119 24.16 -50.93 5.14
N ARG R 120 23.62 -50.33 4.09
CA ARG R 120 22.18 -50.34 3.90
C ARG R 120 21.73 -51.63 3.25
N GLY R 121 22.56 -52.21 2.40
CA GLY R 121 22.27 -53.54 1.91
C GLY R 121 22.05 -54.54 3.03
N LEU R 122 22.81 -54.39 4.13
CA LEU R 122 22.60 -55.26 5.28
C LEU R 122 21.20 -55.12 5.83
N GLN R 123 20.79 -53.89 6.14
CA GLN R 123 19.47 -53.70 6.72
C GLN R 123 18.40 -54.26 5.81
N LEU R 124 18.61 -54.15 4.51
CA LEU R 124 17.56 -54.61 3.60
C LEU R 124 17.53 -56.14 3.50
N ILE R 125 18.70 -56.76 3.45
CA ILE R 125 18.77 -58.22 3.43
C ILE R 125 18.17 -58.81 4.70
N GLU R 126 18.45 -58.20 5.85
CA GLU R 126 17.93 -58.76 7.09
C GLU R 126 16.45 -58.50 7.27
N SER R 127 15.95 -57.37 6.79
CA SER R 127 14.50 -57.19 6.73
C SER R 127 13.87 -58.35 5.98
N LYS R 128 14.45 -58.75 4.86
CA LYS R 128 13.88 -59.87 4.12
C LYS R 128 13.99 -61.18 4.90
N ILE R 129 15.12 -61.40 5.57
CA ILE R 129 15.28 -62.63 6.35
C ILE R 129 14.16 -62.76 7.37
N ARG R 130 13.91 -61.70 8.14
CA ARG R 130 12.86 -61.78 9.15
C ARG R 130 11.50 -61.98 8.50
N ARG R 131 11.25 -61.30 7.38
CA ARG R 131 10.00 -61.52 6.66
C ARG R 131 9.78 -62.98 6.36
N LEU R 132 10.83 -63.71 5.99
CA LEU R 132 10.65 -65.10 5.61
C LEU R 132 10.56 -66.02 6.82
N VAL R 133 11.32 -65.74 7.87
CA VAL R 133 11.27 -66.65 9.01
C VAL R 133 9.94 -66.54 9.72
N LYS R 134 9.29 -65.39 9.65
CA LYS R 134 7.93 -65.29 10.20
C LYS R 134 7.03 -66.32 9.56
N TYR R 135 7.03 -66.38 8.24
CA TYR R 135 6.12 -67.26 7.51
C TYR R 135 6.50 -68.72 7.70
N TYR R 136 7.80 -69.03 7.77
CA TYR R 136 8.19 -70.42 7.98
C TYR R 136 7.79 -70.90 9.37
N LYS R 137 8.08 -70.12 10.40
CA LYS R 137 7.58 -70.44 11.73
C LYS R 137 6.08 -70.67 11.70
N ARG R 138 5.34 -69.85 10.96
CA ARG R 138 3.89 -70.00 10.95
C ARG R 138 3.45 -71.30 10.29
N LYS R 139 4.11 -71.72 9.21
CA LYS R 139 3.72 -72.91 8.47
C LYS R 139 4.35 -74.19 9.01
N GLY R 140 4.69 -74.24 10.29
CA GLY R 140 5.22 -75.45 10.89
C GLY R 140 6.58 -75.89 10.40
N LYS R 141 7.19 -75.17 9.46
CA LYS R 141 8.41 -75.62 8.81
C LYS R 141 9.65 -75.40 9.66
N LEU R 142 9.67 -74.37 10.49
CA LEU R 142 10.85 -74.11 11.31
C LEU R 142 10.54 -74.30 12.78
N PRO R 143 11.39 -74.98 13.54
CA PRO R 143 11.16 -75.10 14.97
C PRO R 143 11.22 -73.73 15.65
N LYS R 144 10.29 -73.49 16.57
CA LYS R 144 10.12 -72.18 17.19
C LYS R 144 11.28 -71.77 18.08
N ASP R 145 12.27 -72.64 18.28
CA ASP R 145 13.43 -72.33 19.11
C ASP R 145 14.61 -71.80 18.29
N TRP R 146 14.34 -71.08 17.21
CA TRP R 146 15.35 -70.73 16.22
C TRP R 146 15.17 -69.27 15.87
N ARG R 147 16.17 -68.45 16.20
CA ARG R 147 16.13 -67.02 15.92
C ARG R 147 17.38 -66.61 15.17
N TYR R 148 17.22 -65.66 14.25
CA TYR R 148 18.33 -65.19 13.46
C TYR R 148 19.17 -64.24 14.29
N ASP R 149 20.43 -64.60 14.53
CA ASP R 149 21.42 -63.74 15.16
C ASP R 149 22.61 -63.58 14.23
N PRO R 150 22.99 -62.36 13.87
CA PRO R 150 24.25 -62.18 13.13
C PRO R 150 25.47 -62.64 13.87
N GLU R 151 25.40 -62.77 15.20
CA GLU R 151 26.58 -62.97 16.01
C GLU R 151 27.30 -64.26 15.68
N GLN R 152 26.56 -65.33 15.38
CA GLN R 152 27.14 -66.64 15.16
C GLN R 152 27.53 -66.82 13.70
N ALA R 153 28.62 -67.54 13.48
CA ALA R 153 29.11 -67.88 12.14
C ALA R 153 29.46 -66.66 11.31
N VAL S 2 -24.82 -91.79 34.78
CA VAL S 2 -23.67 -90.94 35.05
C VAL S 2 -24.16 -89.52 35.36
N ARG S 3 -23.55 -88.89 36.36
CA ARG S 3 -24.02 -87.60 36.85
C ARG S 3 -24.12 -86.58 35.72
N ASP S 4 -25.12 -85.72 35.83
CA ASP S 4 -25.30 -84.59 34.94
C ASP S 4 -25.86 -83.42 35.73
N ILE S 5 -25.57 -82.22 35.24
CA ILE S 5 -25.94 -80.99 35.92
C ILE S 5 -26.92 -80.15 35.12
N GLY S 6 -27.39 -80.65 33.99
CA GLY S 6 -28.38 -79.92 33.22
C GLY S 6 -27.76 -79.16 32.07
N LEU S 7 -26.78 -79.77 31.42
CA LEU S 7 -26.07 -79.09 30.34
C LEU S 7 -26.01 -79.94 29.07
N ARG S 8 -26.01 -81.26 29.24
CA ARG S 8 -25.69 -82.20 28.17
C ARG S 8 -24.29 -81.94 27.63
N ILE S 9 -23.31 -82.14 28.52
CA ILE S 9 -21.89 -82.15 28.20
C ILE S 9 -21.26 -83.27 29.03
N GLN S 10 -20.03 -83.61 28.71
CA GLN S 10 -19.62 -84.84 29.38
C GLN S 10 -18.79 -84.56 30.62
N PRO S 11 -18.84 -85.44 31.61
CA PRO S 11 -18.13 -85.21 32.87
C PRO S 11 -16.65 -85.49 32.72
N PRO S 12 -15.82 -85.02 33.65
CA PRO S 12 -14.36 -85.17 33.53
C PRO S 12 -13.88 -86.58 33.78
N ALA S 13 -12.55 -86.76 33.81
CA ALA S 13 -11.94 -88.08 33.84
C ALA S 13 -11.24 -88.39 35.15
N GLU S 14 -11.53 -87.65 36.21
CA GLU S 14 -10.83 -87.82 37.47
C GLU S 14 -11.78 -87.44 38.60
N LYS S 15 -11.24 -87.23 39.80
CA LYS S 15 -12.05 -86.92 40.96
C LYS S 15 -11.42 -85.77 41.73
N CYS S 16 -12.27 -84.86 42.24
CA CYS S 16 -11.78 -83.67 42.92
C CYS S 16 -11.79 -83.87 44.43
N ASP S 17 -11.36 -82.83 45.14
CA ASP S 17 -11.24 -82.83 46.59
C ASP S 17 -11.96 -81.66 47.25
N ASP S 18 -11.97 -80.49 46.63
CA ASP S 18 -12.51 -79.29 47.25
C ASP S 18 -14.04 -79.36 47.26
N PRO S 19 -14.69 -78.44 47.98
CA PRO S 19 -16.15 -78.36 47.93
C PRO S 19 -16.70 -77.36 46.92
N LYS S 20 -15.85 -76.69 46.15
CA LYS S 20 -16.29 -75.79 45.10
C LYS S 20 -16.10 -76.41 43.72
N CYS S 21 -16.37 -77.70 43.58
CA CYS S 21 -16.36 -78.38 42.29
C CYS S 21 -17.78 -78.75 41.92
N PRO S 22 -18.33 -78.23 40.83
CA PRO S 22 -19.74 -78.48 40.53
C PRO S 22 -20.08 -79.94 40.31
N TRP S 23 -19.12 -80.80 39.95
CA TRP S 23 -19.40 -82.21 39.78
C TRP S 23 -19.15 -83.03 41.04
N HIS S 24 -18.24 -82.57 41.90
CA HIS S 24 -17.79 -83.35 43.03
C HIS S 24 -18.26 -82.82 44.38
N GLY S 25 -18.66 -81.56 44.46
CA GLY S 25 -19.01 -80.97 45.72
C GLY S 25 -20.42 -80.43 45.79
N HIS S 26 -20.60 -79.31 46.48
CA HIS S 26 -21.92 -78.76 46.74
C HIS S 26 -22.13 -77.41 46.09
N LEU S 27 -21.47 -77.15 44.97
CA LEU S 27 -21.73 -75.92 44.24
C LEU S 27 -22.81 -76.16 43.21
N LYS S 28 -23.62 -75.14 42.98
CA LYS S 28 -24.78 -75.25 42.10
C LYS S 28 -24.80 -74.09 41.14
N ILE S 29 -24.92 -74.37 39.86
CA ILE S 29 -24.80 -73.38 38.80
C ILE S 29 -26.19 -73.04 38.29
N HIS S 30 -26.39 -71.77 37.97
CA HIS S 30 -27.67 -71.27 37.48
C HIS S 30 -27.43 -69.93 36.81
N GLY S 31 -27.83 -69.80 35.55
CA GLY S 31 -27.69 -68.52 34.88
C GLY S 31 -27.21 -68.58 33.44
N ARG S 32 -26.34 -67.66 33.06
CA ARG S 32 -25.81 -67.64 31.71
C ARG S 32 -24.81 -68.75 31.51
N VAL S 33 -24.43 -68.96 30.25
CA VAL S 33 -23.41 -69.95 29.89
C VAL S 33 -22.63 -69.36 28.73
N PHE S 34 -21.37 -69.04 28.95
CA PHE S 34 -20.54 -68.35 27.98
C PHE S 34 -19.48 -69.31 27.44
N GLU S 35 -18.55 -68.76 26.67
CA GLU S 35 -17.54 -69.58 26.02
C GLU S 35 -16.40 -68.67 25.59
N GLY S 36 -15.18 -69.04 25.91
CA GLY S 36 -14.04 -68.20 25.62
C GLY S 36 -12.74 -68.96 25.61
N ILE S 37 -11.64 -68.22 25.76
CA ILE S 37 -10.31 -68.79 25.82
C ILE S 37 -9.55 -68.18 26.99
N VAL S 38 -8.55 -68.89 27.47
CA VAL S 38 -7.80 -68.51 28.66
C VAL S 38 -6.62 -67.64 28.26
N VAL S 39 -6.25 -66.67 29.11
CA VAL S 39 -5.17 -65.76 28.81
C VAL S 39 -4.03 -65.84 29.81
N SER S 40 -4.32 -65.93 31.11
CA SER S 40 -3.25 -65.79 32.09
C SER S 40 -3.64 -66.42 33.41
N ASP S 41 -3.03 -67.56 33.76
CA ASP S 41 -3.37 -68.24 35.01
C ASP S 41 -2.11 -68.34 35.88
N LYS S 42 -1.78 -67.24 36.54
CA LYS S 42 -0.74 -67.17 37.55
C LYS S 42 -1.21 -67.56 38.94
N PRO S 43 -2.35 -67.07 39.43
CA PRO S 43 -2.75 -67.36 40.81
C PRO S 43 -3.41 -68.72 40.95
N ARG S 44 -3.52 -69.16 42.19
CA ARG S 44 -3.97 -70.52 42.48
C ARG S 44 -5.44 -70.66 42.18
N LYS S 45 -5.80 -71.72 41.46
CA LYS S 45 -7.18 -72.13 41.23
C LYS S 45 -8.00 -71.15 40.42
N THR S 46 -7.42 -70.06 39.90
CA THR S 46 -8.21 -69.09 39.15
C THR S 46 -7.55 -68.81 37.82
N VAL S 47 -8.39 -68.61 36.80
CA VAL S 47 -7.94 -68.32 35.44
C VAL S 47 -8.55 -67.00 35.00
N THR S 48 -8.31 -66.59 33.76
CA THR S 48 -8.89 -65.37 33.23
C THR S 48 -9.30 -65.61 31.78
N VAL S 49 -10.59 -65.52 31.51
CA VAL S 49 -11.17 -65.86 30.22
C VAL S 49 -11.54 -64.58 29.49
N GLU S 50 -11.31 -64.56 28.18
CA GLU S 50 -11.53 -63.36 27.37
C GLU S 50 -12.27 -63.73 26.10
N ARG S 51 -13.43 -63.13 25.89
CA ARG S 51 -14.19 -63.37 24.68
C ARG S 51 -14.42 -62.07 23.94
N GLN S 52 -14.50 -62.17 22.62
CA GLN S 52 -14.67 -61.03 21.74
C GLN S 52 -16.06 -61.02 21.12
N TYR S 53 -16.44 -59.86 20.64
CA TYR S 53 -17.73 -59.68 19.99
C TYR S 53 -17.70 -58.36 19.24
N TYR S 54 -18.60 -58.20 18.31
CA TYR S 54 -18.66 -57.01 17.47
C TYR S 54 -19.77 -56.09 17.94
N HIS S 55 -19.48 -54.80 17.96
CA HIS S 55 -20.45 -53.78 18.29
C HIS S 55 -20.74 -52.94 17.06
N TYR S 56 -21.98 -52.52 16.91
CA TYR S 56 -22.44 -51.88 15.69
C TYR S 56 -22.73 -50.42 15.96
N LEU S 57 -21.87 -49.54 15.48
CA LEU S 57 -22.17 -48.13 15.52
C LEU S 57 -23.39 -47.87 14.64
N LYS S 58 -23.87 -46.66 14.70
CA LYS S 58 -25.08 -46.39 13.93
C LYS S 58 -24.96 -45.19 13.04
N LYS S 59 -24.28 -44.13 13.48
CA LYS S 59 -24.06 -42.99 12.63
C LYS S 59 -23.19 -43.35 11.44
N TYR S 60 -22.08 -44.02 11.69
CA TYR S 60 -21.15 -44.40 10.65
C TYR S 60 -21.48 -45.74 10.01
N GLU S 61 -22.50 -46.44 10.48
CA GLU S 61 -22.95 -47.73 9.95
C GLU S 61 -21.79 -48.65 9.60
N ARG S 62 -20.99 -48.97 10.61
CA ARG S 62 -19.89 -49.90 10.50
C ARG S 62 -19.82 -50.68 11.80
N TYR S 63 -18.74 -51.41 12.02
CA TYR S 63 -18.65 -52.27 13.18
C TYR S 63 -17.45 -51.90 14.02
N GLU S 64 -17.15 -52.70 15.04
CA GLU S 64 -16.08 -52.39 15.96
C GLU S 64 -15.83 -53.60 16.84
N LEU S 65 -14.58 -53.93 17.09
CA LEU S 65 -14.23 -55.14 17.84
C LEU S 65 -14.08 -54.79 19.31
N ARG S 66 -14.81 -55.51 20.17
CA ARG S 66 -14.80 -55.27 21.61
C ARG S 66 -14.27 -56.47 22.36
N ARG S 67 -13.76 -56.25 23.58
CA ARG S 67 -13.23 -57.31 24.41
C ARG S 67 -13.89 -57.32 25.77
N SER S 68 -13.83 -58.48 26.44
CA SER S 68 -14.47 -58.63 27.74
C SER S 68 -13.70 -59.67 28.56
N ARG S 69 -12.98 -59.22 29.59
CA ARG S 69 -12.16 -60.08 30.42
C ARG S 69 -12.84 -60.34 31.75
N ILE S 70 -13.10 -61.61 32.06
CA ILE S 70 -13.73 -61.99 33.32
C ILE S 70 -12.85 -63.04 34.01
N HIS S 71 -13.23 -63.40 35.23
CA HIS S 71 -12.49 -64.35 36.03
C HIS S 71 -13.38 -65.53 36.38
N ALA S 72 -12.76 -66.69 36.57
CA ALA S 72 -13.52 -67.91 36.79
C ALA S 72 -12.71 -68.86 37.64
N HIS S 73 -13.35 -69.43 38.65
CA HIS S 73 -12.73 -70.49 39.43
C HIS S 73 -12.32 -71.65 38.52
N ASN S 74 -11.42 -72.48 39.01
CA ASN S 74 -10.79 -73.51 38.18
C ASN S 74 -10.52 -74.72 39.05
N PRO S 75 -11.40 -75.72 39.02
CA PRO S 75 -11.29 -76.83 39.96
C PRO S 75 -9.97 -77.55 39.81
N PRO S 76 -9.50 -78.24 40.85
CA PRO S 76 -8.19 -78.89 40.77
C PRO S 76 -8.19 -80.13 39.92
N CYS S 77 -9.35 -80.61 39.48
CA CYS S 77 -9.39 -81.80 38.65
C CYS S 77 -9.11 -81.46 37.20
N ILE S 78 -9.80 -80.46 36.65
CA ILE S 78 -9.75 -80.19 35.22
C ILE S 78 -8.97 -78.92 34.95
N ASN S 79 -7.95 -78.65 35.76
CA ASN S 79 -7.16 -77.44 35.63
C ASN S 79 -6.85 -77.14 34.17
N ALA S 80 -7.15 -75.91 33.76
CA ALA S 80 -6.92 -75.46 32.40
C ALA S 80 -5.60 -74.72 32.32
N LYS S 81 -4.94 -74.81 31.18
CA LYS S 81 -3.72 -74.08 30.92
C LYS S 81 -4.04 -72.82 30.14
N VAL S 82 -3.03 -72.15 29.67
CA VAL S 82 -3.21 -70.97 28.84
C VAL S 82 -3.28 -71.38 27.38
N GLY S 83 -4.23 -70.80 26.65
CA GLY S 83 -4.34 -71.07 25.24
C GLY S 83 -5.21 -72.26 24.92
N ASP S 84 -6.47 -72.22 25.32
CA ASP S 84 -7.40 -73.31 25.05
C ASP S 84 -8.82 -72.82 25.29
N ARG S 85 -9.79 -73.51 24.70
CA ARG S 85 -11.16 -73.09 24.84
C ARG S 85 -11.78 -73.73 26.07
N VAL S 86 -12.67 -73.00 26.72
CA VAL S 86 -13.31 -73.46 27.94
C VAL S 86 -14.78 -73.10 27.87
N LEU S 87 -15.55 -73.66 28.80
CA LEU S 87 -16.95 -73.32 28.95
C LEU S 87 -17.20 -72.94 30.40
N ILE S 88 -17.93 -71.85 30.65
CA ILE S 88 -18.10 -71.35 32.00
C ILE S 88 -19.56 -71.00 32.25
N ALA S 89 -20.01 -71.18 33.49
CA ALA S 89 -21.39 -70.97 33.87
C ALA S 89 -21.46 -70.07 35.11
N GLU S 90 -22.62 -69.48 35.34
CA GLU S 90 -22.78 -68.49 36.38
C GLU S 90 -23.24 -69.12 37.68
N THR S 91 -22.72 -68.60 38.79
CA THR S 91 -23.13 -69.05 40.12
C THR S 91 -23.01 -67.88 41.09
N ARG S 92 -23.09 -68.20 42.38
CA ARG S 92 -23.09 -67.20 43.44
C ARG S 92 -21.70 -66.57 43.58
N PRO S 93 -21.56 -65.50 44.36
CA PRO S 93 -20.26 -64.84 44.47
C PRO S 93 -19.28 -65.68 45.26
N LEU S 94 -18.07 -65.82 44.72
CA LEU S 94 -17.04 -66.62 45.37
C LEU S 94 -15.92 -65.80 45.97
N SER S 95 -15.67 -64.60 45.47
CA SER S 95 -14.73 -63.67 46.08
C SER S 95 -15.04 -62.28 45.51
N LYS S 96 -14.13 -61.33 45.73
CA LYS S 96 -14.42 -59.97 45.27
C LYS S 96 -14.50 -59.86 43.76
N THR S 97 -14.03 -60.85 43.01
CA THR S 97 -14.05 -60.74 41.56
C THR S 97 -14.37 -62.03 40.81
N LYS S 98 -14.69 -63.12 41.49
CA LYS S 98 -14.87 -64.42 40.84
C LYS S 98 -16.32 -64.85 40.99
N HIS S 99 -17.07 -64.88 39.89
CA HIS S 99 -18.46 -65.28 39.94
C HIS S 99 -18.85 -66.36 38.95
N PHE S 100 -17.92 -66.90 38.18
CA PHE S 100 -18.20 -68.00 37.27
C PHE S 100 -17.25 -69.16 37.58
N VAL S 101 -17.60 -70.33 37.09
CA VAL S 101 -16.80 -71.52 37.32
C VAL S 101 -16.58 -72.20 35.97
N VAL S 102 -15.40 -72.78 35.79
CA VAL S 102 -15.07 -73.47 34.55
C VAL S 102 -15.61 -74.88 34.65
N VAL S 103 -16.41 -75.30 33.67
CA VAL S 103 -17.02 -76.61 33.72
C VAL S 103 -16.41 -77.60 32.73
N ALA S 104 -15.74 -77.14 31.68
CA ALA S 104 -15.24 -78.09 30.70
C ALA S 104 -14.20 -77.43 29.82
N VAL S 105 -13.26 -78.23 29.34
CA VAL S 105 -12.20 -77.78 28.44
C VAL S 105 -12.45 -78.38 27.06
N LEU S 106 -12.43 -77.53 26.05
CA LEU S 106 -12.52 -77.93 24.66
C LEU S 106 -11.30 -77.40 23.93
N GLU S 107 -10.70 -78.23 23.09
CA GLU S 107 -9.53 -77.84 22.30
C GLU S 107 -8.36 -77.44 23.21
N ARG S 108 -7.86 -78.45 23.93
CA ARG S 108 -6.88 -78.21 24.97
C ARG S 108 -5.58 -77.61 24.43
N ALA S 109 -4.85 -78.38 23.61
CA ALA S 109 -3.48 -77.99 23.30
C ALA S 109 -3.44 -76.95 22.19
N GLU S 110 -3.89 -77.30 21.00
CA GLU S 110 -3.76 -76.45 19.83
C GLU S 110 -4.98 -75.55 19.66
N GLY T 2 5.54 12.31 -50.15
CA GLY T 2 4.90 11.01 -50.13
C GLY T 2 3.74 10.88 -51.09
N LYS T 3 4.05 10.84 -52.38
CA LYS T 3 3.02 10.84 -53.41
C LYS T 3 2.44 9.43 -53.50
N ILE T 4 1.61 9.10 -52.53
CA ILE T 4 0.86 7.86 -52.54
C ILE T 4 -0.42 8.09 -53.33
N ARG T 5 -0.68 7.23 -54.32
CA ARG T 5 -1.92 7.34 -55.06
C ARG T 5 -3.10 7.06 -54.14
N GLN T 6 -4.15 7.86 -54.29
CA GLN T 6 -5.25 7.85 -53.34
C GLN T 6 -6.02 6.54 -53.44
N GLY T 7 -7.05 6.43 -52.61
CA GLY T 7 -7.85 5.23 -52.58
C GLY T 7 -8.93 5.17 -53.64
N PHE T 8 -9.60 6.29 -53.88
CA PHE T 8 -10.72 6.31 -54.81
C PHE T 8 -10.28 6.59 -56.24
N ILE T 9 -8.99 6.76 -56.49
CA ILE T 9 -8.53 6.94 -57.86
C ILE T 9 -8.31 5.58 -58.52
N LYS T 10 -7.68 4.66 -57.80
CA LYS T 10 -7.52 3.31 -58.31
C LYS T 10 -8.88 2.66 -58.58
N ARG T 11 -9.80 2.78 -57.63
CA ARG T 11 -11.06 2.06 -57.71
C ARG T 11 -11.94 2.53 -58.85
N VAL T 12 -11.57 3.58 -59.56
CA VAL T 12 -12.27 3.95 -60.78
C VAL T 12 -11.39 3.78 -62.02
N ALA T 13 -10.09 4.03 -61.91
CA ALA T 13 -9.21 3.80 -63.05
C ALA T 13 -9.23 2.33 -63.45
N ARG T 14 -9.27 1.42 -62.47
CA ARG T 14 -9.38 0.01 -62.83
C ARG T 14 -10.73 -0.33 -63.42
N GLU T 15 -11.76 0.46 -63.14
CA GLU T 15 -13.06 0.17 -63.71
C GLU T 15 -13.19 0.65 -65.14
N LEU T 16 -12.57 1.76 -65.51
CA LEU T 16 -12.69 2.20 -66.89
C LEU T 16 -11.50 1.81 -67.75
N PHE T 17 -10.48 1.18 -67.18
CA PHE T 17 -9.44 0.54 -67.96
C PHE T 17 -9.77 -0.91 -68.26
N ASN T 18 -10.80 -1.46 -67.60
CA ASN T 18 -11.30 -2.79 -67.90
C ASN T 18 -12.69 -2.75 -68.49
N LYS T 19 -13.04 -1.63 -69.13
CA LYS T 19 -14.34 -1.48 -69.77
C LYS T 19 -14.18 -1.01 -71.20
N TYR T 20 -13.18 -0.18 -71.46
CA TYR T 20 -12.90 0.34 -72.80
C TYR T 20 -11.44 0.08 -73.17
N PRO T 21 -11.00 -1.18 -73.10
CA PRO T 21 -9.57 -1.48 -73.13
C PRO T 21 -8.87 -1.11 -74.42
N ASN T 22 -9.55 -0.51 -75.40
CA ASN T 22 -8.90 -0.11 -76.63
C ASN T 22 -8.98 1.39 -76.90
N GLU T 23 -9.79 2.13 -76.14
CA GLU T 23 -9.84 3.57 -76.30
C GLU T 23 -8.70 4.29 -75.58
N PHE T 24 -7.71 3.57 -75.08
CA PHE T 24 -6.67 4.12 -74.22
C PHE T 24 -5.30 3.75 -74.77
N THR T 25 -4.62 4.70 -75.38
CA THR T 25 -3.27 4.48 -75.85
C THR T 25 -2.29 4.77 -74.70
N ARG T 26 -1.00 4.93 -75.03
CA ARG T 26 0.02 5.22 -74.04
C ARG T 26 0.33 6.70 -73.89
N ASP T 27 -0.14 7.54 -74.81
CA ASP T 27 0.14 8.97 -74.70
C ASP T 27 -0.54 9.54 -73.47
N PHE T 28 0.13 10.50 -72.83
CA PHE T 28 -0.45 11.13 -71.65
C PHE T 28 -1.53 12.14 -72.06
N GLU T 29 -1.20 13.09 -72.92
CA GLU T 29 -2.14 14.13 -73.30
C GLU T 29 -3.26 13.63 -74.17
N HIS T 30 -3.20 12.38 -74.62
CA HIS T 30 -4.29 11.76 -75.34
C HIS T 30 -5.33 11.21 -74.36
N ASN T 31 -4.87 10.37 -73.43
CA ASN T 31 -5.72 9.92 -72.34
C ASN T 31 -6.29 11.09 -71.56
N LYS T 32 -5.47 12.12 -71.33
CA LYS T 32 -5.94 13.26 -70.55
C LYS T 32 -7.17 13.90 -71.16
N LYS T 33 -7.31 13.84 -72.48
CA LYS T 33 -8.54 14.32 -73.11
C LYS T 33 -9.60 13.24 -73.09
N LYS T 34 -9.20 11.98 -73.27
CA LYS T 34 -10.18 10.90 -73.33
C LYS T 34 -10.88 10.66 -72.01
N VAL T 35 -10.33 11.18 -70.91
CA VAL T 35 -10.90 10.90 -69.59
C VAL T 35 -12.03 11.84 -69.27
N GLU T 36 -11.90 13.12 -69.62
CA GLU T 36 -12.89 14.11 -69.24
C GLU T 36 -14.27 13.76 -69.78
N GLU T 37 -14.34 13.19 -70.98
CA GLU T 37 -15.62 12.98 -71.62
C GLU T 37 -16.23 11.61 -71.35
N LEU T 38 -15.47 10.65 -70.83
CA LEU T 38 -16.05 9.36 -70.49
C LEU T 38 -16.62 9.33 -69.08
N THR T 39 -16.36 10.35 -68.28
CA THR T 39 -16.81 10.38 -66.88
C THR T 39 -17.62 11.64 -66.63
N ASN T 40 -17.91 11.92 -65.37
CA ASN T 40 -18.56 13.17 -64.99
C ASN T 40 -17.69 13.98 -64.02
N VAL T 41 -16.37 13.87 -64.15
CA VAL T 41 -15.48 14.61 -63.27
C VAL T 41 -15.54 16.09 -63.59
N THR T 42 -15.54 16.91 -62.55
CA THR T 42 -15.55 18.36 -62.69
C THR T 42 -14.34 19.02 -62.08
N SER T 43 -13.44 18.27 -61.46
CA SER T 43 -12.22 18.84 -60.91
C SER T 43 -11.22 19.06 -62.04
N LYS T 44 -10.00 19.38 -61.69
CA LYS T 44 -8.96 19.47 -62.71
C LYS T 44 -7.73 18.66 -62.35
N LYS T 45 -7.36 18.61 -61.07
CA LYS T 45 -6.25 17.77 -60.65
C LYS T 45 -6.65 16.33 -60.44
N ILE T 46 -7.94 16.00 -60.58
CA ILE T 46 -8.35 14.61 -60.46
C ILE T 46 -8.20 13.89 -61.79
N ARG T 47 -8.58 14.53 -62.90
CA ARG T 47 -8.40 13.88 -64.18
C ARG T 47 -6.93 13.68 -64.50
N ASN T 48 -6.05 14.54 -63.99
CA ASN T 48 -4.63 14.38 -64.28
C ASN T 48 -4.08 13.13 -63.62
N ARG T 49 -4.47 12.86 -62.38
CA ARG T 49 -3.96 11.68 -61.71
C ARG T 49 -4.60 10.40 -62.25
N ILE T 50 -5.87 10.46 -62.62
CA ILE T 50 -6.51 9.33 -63.27
C ILE T 50 -5.80 8.99 -64.56
N ALA T 51 -5.52 10.01 -65.38
CA ALA T 51 -4.80 9.79 -66.63
C ALA T 51 -3.44 9.17 -66.37
N GLY T 52 -2.69 9.70 -65.42
CA GLY T 52 -1.39 9.14 -65.10
C GLY T 52 -1.48 7.68 -64.69
N TYR T 53 -2.46 7.35 -63.86
CA TYR T 53 -2.56 5.97 -63.40
C TYR T 53 -2.91 5.04 -64.53
N ILE T 54 -3.83 5.44 -65.41
CA ILE T 54 -4.21 4.58 -66.51
C ILE T 54 -3.04 4.39 -67.47
N THR T 55 -2.26 5.43 -67.69
CA THR T 55 -1.10 5.28 -68.56
C THR T 55 -0.10 4.29 -67.98
N LYS T 56 0.19 4.42 -66.69
CA LYS T 56 1.03 3.43 -66.03
C LYS T 56 0.47 2.03 -66.22
N LEU T 57 -0.83 1.89 -66.00
CA LEU T 57 -1.46 0.58 -66.10
C LEU T 57 -1.26 -0.03 -67.48
N VAL T 58 -1.56 0.72 -68.53
CA VAL T 58 -1.54 0.11 -69.85
C VAL T 58 -0.12 -0.22 -70.26
N ARG T 59 0.85 0.64 -69.94
CA ARG T 59 2.20 0.33 -70.34
C ARG T 59 2.82 -0.75 -69.48
N MET T 60 2.27 -0.99 -68.28
CA MET T 60 2.76 -2.07 -67.44
C MET T 60 2.12 -3.40 -67.80
N LYS T 61 0.89 -3.38 -68.29
CA LYS T 61 0.23 -4.58 -68.75
C LYS T 61 0.75 -5.04 -70.10
N GLU T 62 0.62 -4.20 -71.14
CA GLU T 62 0.95 -4.63 -72.49
C GLU T 62 2.32 -5.28 -72.58
N GLU T 63 3.31 -4.77 -71.85
CA GLU T 63 4.65 -5.32 -71.85
C GLU T 63 4.73 -6.62 -71.08
N GLY T 64 3.61 -7.22 -70.69
CA GLY T 64 3.67 -8.52 -70.09
C GLY T 64 2.96 -8.65 -68.75
N LYS T 65 3.72 -8.93 -67.71
CA LYS T 65 3.14 -9.32 -66.43
C LYS T 65 2.35 -8.17 -65.83
N ILE T 66 1.21 -8.52 -65.23
CA ILE T 66 0.24 -7.54 -64.76
C ILE T 66 0.20 -7.60 -63.24
N LEU T 67 0.83 -6.62 -62.60
CA LEU T 67 0.81 -6.45 -61.14
C LEU T 67 0.26 -5.07 -60.77
N ARG U 3 11.44 93.68 0.04
CA ARG U 3 11.23 92.25 0.00
C ARG U 3 10.38 91.85 1.19
N LYS U 4 9.43 92.71 1.52
CA LYS U 4 8.32 92.35 2.40
C LYS U 4 6.98 92.48 1.72
N GLU U 5 6.87 93.31 0.68
CA GLU U 5 5.70 93.36 -0.15
C GLU U 5 5.72 92.24 -1.17
N PHE U 6 4.54 91.90 -1.67
CA PHE U 6 4.37 90.85 -2.66
C PHE U 6 4.05 91.49 -3.99
N ARG U 7 4.83 91.15 -5.02
CA ARG U 7 4.65 91.67 -6.36
C ARG U 7 4.54 90.49 -7.32
N TYR U 8 3.49 90.47 -8.12
CA TYR U 8 3.30 89.31 -8.99
C TYR U 8 4.03 89.48 -10.31
N ARG U 9 3.70 90.49 -11.07
CA ARG U 9 4.48 90.76 -12.27
C ARG U 9 4.88 92.20 -12.30
N GLY U 10 5.25 92.73 -11.13
CA GLY U 10 5.48 94.14 -10.97
C GLY U 10 4.31 94.92 -10.45
N TYR U 11 3.22 94.25 -10.07
CA TYR U 11 2.00 94.91 -9.62
C TYR U 11 1.65 94.42 -8.22
N THR U 12 1.49 95.36 -7.29
CA THR U 12 1.20 95.02 -5.91
C THR U 12 -0.20 94.43 -5.80
N LEU U 13 -0.61 94.12 -4.58
CA LEU U 13 -1.90 93.45 -4.40
C LEU U 13 -3.06 94.38 -4.70
N GLU U 14 -3.17 95.49 -3.96
CA GLU U 14 -4.24 96.44 -4.21
C GLU U 14 -4.05 97.19 -5.52
N GLN U 15 -2.88 97.11 -6.13
CA GLN U 15 -2.71 97.62 -7.48
C GLN U 15 -3.32 96.69 -8.49
N LEU U 16 -3.40 95.40 -8.19
CA LEU U 16 -4.08 94.45 -9.05
C LEU U 16 -5.44 94.05 -8.50
N MET U 17 -5.76 94.42 -7.27
CA MET U 17 -7.05 94.05 -6.72
C MET U 17 -8.19 94.74 -7.46
N ASN U 18 -7.97 95.95 -7.97
CA ASN U 18 -8.98 96.62 -8.75
C ASN U 18 -8.89 96.32 -10.23
N MET U 19 -7.93 95.49 -10.64
CA MET U 19 -7.76 95.19 -12.05
C MET U 19 -8.87 94.27 -12.54
N SER U 20 -9.09 94.27 -13.85
CA SER U 20 -10.22 93.58 -14.46
C SER U 20 -9.91 92.09 -14.58
N LEU U 21 -10.73 91.36 -15.35
CA LEU U 21 -10.54 89.94 -15.54
C LEU U 21 -10.03 89.57 -16.92
N GLU U 22 -10.15 90.45 -17.90
CA GLU U 22 -9.51 90.21 -19.18
C GLU U 22 -8.12 90.82 -19.25
N GLU U 23 -7.89 91.92 -18.52
CA GLU U 23 -6.56 92.44 -18.37
C GLU U 23 -5.75 91.64 -17.36
N LEU U 24 -6.43 90.85 -16.52
CA LEU U 24 -5.71 90.03 -15.56
C LEU U 24 -5.04 88.85 -16.23
N ALA U 25 -5.74 88.20 -17.17
CA ALA U 25 -5.26 86.94 -17.71
C ALA U 25 -3.96 87.08 -18.49
N LYS U 26 -3.58 88.29 -18.90
CA LYS U 26 -2.27 88.43 -19.52
C LYS U 26 -1.14 88.27 -18.54
N LEU U 27 -1.45 88.10 -17.26
CA LEU U 27 -0.45 87.95 -16.21
C LEU U 27 -0.60 86.63 -15.49
N LEU U 28 -1.00 85.59 -16.20
CA LEU U 28 -1.11 84.24 -15.65
C LEU U 28 -0.59 83.29 -16.70
N PRO U 29 -0.14 82.09 -16.30
CA PRO U 29 0.40 81.14 -17.29
C PRO U 29 -0.67 80.64 -18.24
N ALA U 30 -0.33 79.72 -19.13
CA ALA U 30 -1.30 79.26 -20.12
C ALA U 30 -2.55 78.76 -19.44
N ARG U 31 -2.44 77.68 -18.68
CA ARG U 31 -3.63 76.92 -18.31
C ARG U 31 -4.71 77.80 -17.72
N GLN U 32 -4.33 78.71 -16.83
CA GLN U 32 -5.31 79.55 -16.18
C GLN U 32 -5.83 80.65 -17.10
N ARG U 33 -5.00 81.16 -18.01
CA ARG U 33 -5.50 82.09 -19.00
C ARG U 33 -6.56 81.44 -19.89
N ARG U 34 -6.37 80.18 -20.27
CA ARG U 34 -7.37 79.53 -21.10
C ARG U 34 -8.63 79.21 -20.32
N SER U 35 -8.49 78.74 -19.08
CA SER U 35 -9.70 78.49 -18.28
C SER U 35 -10.50 79.75 -18.10
N LEU U 36 -9.85 80.87 -17.82
CA LEU U 36 -10.54 82.14 -17.71
C LEU U 36 -11.18 82.59 -19.03
N LYS U 37 -10.94 81.88 -20.12
CA LYS U 37 -11.40 82.32 -21.43
C LYS U 37 -12.54 81.48 -21.99
N ARG U 38 -12.70 80.24 -21.53
CA ARG U 38 -13.88 79.45 -21.84
C ARG U 38 -14.98 79.65 -20.82
N GLY U 39 -14.98 80.77 -20.12
CA GLY U 39 -15.99 81.03 -19.12
C GLY U 39 -15.88 80.13 -17.91
N LEU U 40 -16.49 80.53 -16.81
CA LEU U 40 -16.53 79.71 -15.62
C LEU U 40 -17.72 78.76 -15.67
N THR U 41 -17.57 77.61 -15.02
CA THR U 41 -18.61 76.62 -14.97
C THR U 41 -19.76 77.13 -14.11
N PRO U 42 -20.93 76.49 -14.16
CA PRO U 42 -22.04 76.95 -13.31
C PRO U 42 -21.73 76.88 -11.83
N GLU U 43 -21.12 75.79 -11.37
CA GLU U 43 -20.86 75.67 -9.94
C GLU U 43 -19.93 76.76 -9.45
N GLN U 44 -18.93 77.11 -10.25
CA GLN U 44 -18.03 78.17 -9.84
C GLN U 44 -18.72 79.52 -9.87
N LYS U 45 -19.74 79.68 -10.70
CA LYS U 45 -20.58 80.87 -10.59
C LYS U 45 -21.28 80.91 -9.24
N LYS U 46 -21.93 79.81 -8.86
CA LYS U 46 -22.61 79.74 -7.58
C LYS U 46 -21.65 79.96 -6.42
N LEU U 47 -20.38 79.64 -6.60
CA LEU U 47 -19.43 79.84 -5.50
C LEU U 47 -18.88 81.26 -5.46
N LEU U 48 -18.66 81.88 -6.62
CA LEU U 48 -18.25 83.28 -6.60
C LEU U 48 -19.35 84.16 -6.03
N ARG U 49 -20.60 83.81 -6.33
CA ARG U 49 -21.73 84.56 -5.80
C ARG U 49 -22.00 84.25 -4.34
N LYS U 50 -21.07 83.54 -3.69
CA LYS U 50 -21.07 83.36 -2.26
C LYS U 50 -19.78 83.84 -1.63
N ILE U 51 -18.72 83.99 -2.40
CA ILE U 51 -17.53 84.66 -1.89
C ILE U 51 -17.71 86.16 -1.88
N ARG U 52 -18.35 86.73 -2.89
CA ARG U 52 -18.47 88.18 -2.93
C ARG U 52 -19.36 88.69 -1.81
N LEU U 53 -20.46 88.01 -1.51
CA LEU U 53 -21.29 88.40 -0.37
C LEU U 53 -20.50 88.30 0.92
N ALA U 54 -19.77 87.20 1.11
CA ALA U 54 -18.94 87.05 2.29
C ALA U 54 -17.78 88.03 2.32
N LYS U 55 -17.56 88.77 1.23
CA LYS U 55 -16.53 89.78 1.21
C LYS U 55 -17.04 91.16 1.58
N LYS U 56 -18.32 91.47 1.33
CA LYS U 56 -18.80 92.82 1.60
C LYS U 56 -19.13 93.01 3.07
N GLY U 57 -20.26 92.44 3.51
CA GLY U 57 -20.53 92.37 4.93
C GLY U 57 -21.25 91.13 5.38
N LYS U 58 -21.82 90.42 4.42
CA LYS U 58 -22.82 89.41 4.71
C LYS U 58 -22.19 88.03 4.71
N TYR U 59 -23.04 87.02 4.94
CA TYR U 59 -22.65 85.62 4.90
C TYR U 59 -21.44 85.37 5.81
N ASN U 60 -21.68 85.52 7.11
CA ASN U 60 -20.68 85.19 8.11
C ASN U 60 -20.90 83.73 8.54
N LYS U 61 -20.45 82.83 7.67
CA LYS U 61 -20.76 81.41 7.79
C LYS U 61 -19.77 80.65 6.93
N PRO U 62 -19.26 79.50 7.38
CA PRO U 62 -18.14 78.85 6.69
C PRO U 62 -18.46 78.47 5.25
N ILE U 63 -17.62 78.95 4.32
CA ILE U 63 -17.77 78.60 2.92
C ILE U 63 -17.29 77.19 2.70
N ARG U 64 -18.14 76.37 2.12
CA ARG U 64 -17.79 75.00 1.79
C ARG U 64 -17.89 74.82 0.28
N THR U 65 -17.43 73.67 -0.21
CA THR U 65 -17.44 73.46 -1.66
C THR U 65 -17.01 72.04 -1.99
N HIS U 66 -17.34 71.64 -3.21
CA HIS U 66 -16.73 70.49 -3.85
C HIS U 66 -15.85 70.82 -5.03
N CYS U 67 -15.91 72.05 -5.53
CA CYS U 67 -15.19 72.40 -6.75
C CYS U 67 -13.74 72.66 -6.42
N ARG U 68 -12.91 71.63 -6.56
CA ARG U 68 -11.47 71.77 -6.38
C ARG U 68 -10.79 72.44 -7.56
N ASP U 69 -11.50 72.63 -8.67
CA ASP U 69 -10.96 73.21 -9.89
C ASP U 69 -10.88 74.72 -9.88
N MET U 70 -11.48 75.38 -8.89
CA MET U 70 -11.55 76.83 -8.91
C MET U 70 -10.15 77.44 -8.83
N ILE U 71 -9.93 78.49 -9.61
CA ILE U 71 -8.63 79.14 -9.69
C ILE U 71 -8.61 80.29 -8.71
N VAL U 72 -7.64 80.28 -7.79
CA VAL U 72 -7.59 81.30 -6.76
C VAL U 72 -7.43 82.66 -7.42
N LEU U 73 -8.08 83.67 -6.85
CA LEU U 73 -8.14 84.97 -7.48
C LEU U 73 -7.96 86.06 -6.44
N PRO U 74 -7.61 87.28 -6.87
CA PRO U 74 -7.42 88.38 -5.91
C PRO U 74 -8.64 88.71 -5.07
N GLU U 75 -9.81 88.11 -5.31
CA GLU U 75 -10.91 88.29 -4.37
C GLU U 75 -10.71 87.45 -3.12
N MET U 76 -10.22 86.22 -3.29
CA MET U 76 -10.17 85.28 -2.19
C MET U 76 -8.97 85.48 -1.27
N VAL U 77 -8.09 86.42 -1.57
CA VAL U 77 -6.92 86.60 -0.70
C VAL U 77 -7.37 87.24 0.60
N GLY U 78 -7.10 86.57 1.71
CA GLY U 78 -7.42 87.08 3.02
C GLY U 78 -8.32 86.15 3.80
N LEU U 79 -9.31 85.56 3.16
CA LEU U 79 -10.25 84.72 3.86
C LEU U 79 -9.84 83.26 3.77
N THR U 80 -10.60 82.40 4.43
CA THR U 80 -10.24 81.01 4.64
C THR U 80 -11.41 80.13 4.24
N ILE U 81 -11.28 79.43 3.12
CA ILE U 81 -12.39 78.64 2.61
C ILE U 81 -12.04 77.17 2.76
N TYR U 82 -12.98 76.30 2.43
CA TYR U 82 -12.81 74.87 2.60
C TYR U 82 -12.76 74.19 1.24
N VAL U 83 -12.40 72.92 1.27
CA VAL U 83 -12.41 72.05 0.10
C VAL U 83 -13.02 70.73 0.55
N HIS U 84 -13.00 69.73 -0.32
CA HIS U 84 -13.53 68.42 -0.01
C HIS U 84 -12.58 67.37 -0.56
N ASN U 85 -11.76 66.79 0.30
CA ASN U 85 -10.72 65.85 -0.13
C ASN U 85 -11.20 64.42 -0.15
N GLY U 86 -12.50 64.21 -0.34
CA GLY U 86 -12.98 62.85 -0.49
C GLY U 86 -13.90 62.42 0.62
N LYS U 87 -13.59 62.78 1.85
CA LYS U 87 -14.41 62.41 2.97
C LYS U 87 -14.70 63.54 3.93
N GLU U 88 -14.01 64.67 3.84
CA GLU U 88 -14.19 65.71 4.82
C GLU U 88 -13.67 67.02 4.24
N PHE U 89 -14.09 68.12 4.86
CA PHE U 89 -13.76 69.45 4.39
C PHE U 89 -12.59 70.00 5.19
N VAL U 90 -11.54 70.41 4.49
CA VAL U 90 -10.24 70.69 5.08
C VAL U 90 -9.88 72.16 4.86
N PRO U 91 -9.58 72.92 5.90
CA PRO U 91 -9.42 74.38 5.72
C PRO U 91 -8.12 74.75 5.03
N VAL U 92 -8.18 75.79 4.20
CA VAL U 92 -7.05 76.28 3.43
C VAL U 92 -6.99 77.79 3.59
N GLU U 93 -6.18 78.28 4.53
CA GLU U 93 -6.11 79.71 4.78
C GLU U 93 -5.40 80.41 3.62
N ILE U 94 -6.18 81.09 2.78
CA ILE U 94 -5.65 81.64 1.54
C ILE U 94 -4.74 82.83 1.82
N LYS U 95 -3.54 82.79 1.25
CA LYS U 95 -2.56 83.85 1.32
C LYS U 95 -2.18 84.28 -0.09
N PRO U 96 -1.60 85.46 -0.26
CA PRO U 96 -0.94 85.77 -1.52
C PRO U 96 0.08 84.70 -1.83
N GLU U 97 0.55 84.69 -3.08
CA GLU U 97 1.39 83.64 -3.65
C GLU U 97 0.62 82.37 -3.88
N MET U 98 -0.70 82.40 -3.75
CA MET U 98 -1.53 81.30 -4.19
C MET U 98 -2.26 81.58 -5.48
N ILE U 99 -2.52 82.85 -5.81
CA ILE U 99 -3.27 83.18 -7.00
C ILE U 99 -2.62 82.55 -8.21
N GLY U 100 -3.41 81.88 -9.02
CA GLY U 100 -2.87 81.15 -10.14
C GLY U 100 -2.93 79.67 -9.91
N HIS U 101 -2.66 79.23 -8.69
CA HIS U 101 -2.73 77.82 -8.41
C HIS U 101 -4.19 77.36 -8.35
N TYR U 102 -4.38 76.06 -8.28
CA TYR U 102 -5.71 75.51 -8.17
C TYR U 102 -6.11 75.38 -6.71
N LEU U 103 -7.41 75.48 -6.46
CA LEU U 103 -7.92 75.34 -5.10
C LEU U 103 -7.55 73.99 -4.52
N GLY U 104 -7.99 72.92 -5.16
CA GLY U 104 -7.68 71.59 -4.65
C GLY U 104 -6.21 71.24 -4.56
N GLU U 105 -5.34 72.14 -5.01
CA GLU U 105 -3.91 71.85 -4.97
C GLU U 105 -3.37 71.77 -3.57
N PHE U 106 -4.07 72.34 -2.59
CA PHE U 106 -3.58 72.42 -1.23
C PHE U 106 -4.26 71.45 -0.28
N ALA U 107 -5.21 70.66 -0.76
CA ALA U 107 -5.94 69.70 0.06
C ALA U 107 -5.55 68.29 -0.38
N PRO U 108 -4.50 67.71 0.21
CA PRO U 108 -4.03 66.41 -0.26
C PRO U 108 -5.04 65.32 -0.03
N THR U 109 -4.82 64.21 -0.71
CA THR U 109 -5.87 63.24 -0.94
C THR U 109 -5.50 61.79 -0.67
N ARG U 110 -4.24 61.48 -0.37
CA ARG U 110 -3.83 60.13 -0.02
C ARG U 110 -2.93 60.20 1.19
N LYS U 111 -3.22 59.38 2.19
CA LYS U 111 -2.44 59.41 3.41
C LYS U 111 -1.01 58.94 3.14
N ARG U 112 -0.03 59.70 3.61
CA ARG U 112 1.37 59.34 3.42
C ARG U 112 1.64 57.94 3.91
N VAL U 113 2.48 57.21 3.20
CA VAL U 113 2.59 55.77 3.37
C VAL U 113 3.83 55.43 4.18
N GLN U 114 3.70 54.48 5.09
CA GLN U 114 4.78 54.03 5.97
C GLN U 114 4.73 52.52 6.02
N HIS U 115 5.88 51.89 5.90
CA HIS U 115 5.92 50.51 5.44
C HIS U 115 6.17 49.51 6.55
N GLY U 116 5.41 48.43 6.53
CA GLY U 116 5.49 47.40 7.53
C GLY U 116 6.58 46.41 7.17
N ALA U 117 6.24 45.13 6.99
CA ALA U 117 7.25 44.15 6.70
C ALA U 117 6.74 43.17 5.66
N PRO U 118 7.59 42.73 4.75
CA PRO U 118 7.14 41.79 3.72
C PRO U 118 6.56 40.53 4.31
N GLY U 119 5.62 39.93 3.57
CA GLY U 119 4.90 38.79 4.07
C GLY U 119 5.03 37.57 3.20
N ILE U 120 4.00 36.72 3.20
CA ILE U 120 4.07 35.43 2.53
C ILE U 120 3.81 35.58 1.04
N GLY U 121 4.87 35.76 0.27
CA GLY U 121 4.75 35.89 -1.16
C GLY U 121 5.60 37.01 -1.69
N ALA U 122 6.19 37.79 -0.80
CA ALA U 122 6.99 38.93 -1.21
C ALA U 122 8.24 38.52 -1.96
N THR U 123 8.53 37.22 -2.01
CA THR U 123 9.72 36.71 -2.67
C THR U 123 9.52 35.23 -2.91
N ARG U 124 10.24 34.69 -3.90
CA ARG U 124 10.14 33.29 -4.29
C ARG U 124 10.59 32.28 -3.23
N SER U 125 10.97 32.77 -2.06
CA SER U 125 11.39 31.86 -1.00
C SER U 125 10.30 31.59 0.01
N SER U 126 9.14 32.21 -0.13
CA SER U 126 8.04 32.05 0.80
C SER U 126 6.72 31.95 0.07
N MET U 127 6.72 31.32 -1.10
CA MET U 127 5.52 31.23 -1.92
C MET U 127 4.90 29.84 -1.90
N PHE U 128 5.68 28.81 -2.24
CA PHE U 128 5.22 27.43 -2.19
C PHE U 128 5.58 26.73 -0.89
N VAL U 129 6.46 27.33 -0.08
CA VAL U 129 6.79 26.75 1.23
C VAL U 129 5.75 27.11 2.27
N ALA U 130 4.66 27.77 1.85
CA ALA U 130 3.56 28.08 2.74
C ALA U 130 2.24 27.44 2.33
N VAL U 131 1.98 27.31 1.02
CA VAL U 131 0.68 26.85 0.54
C VAL U 131 0.61 25.33 0.48
N LYS U 132 1.59 24.66 1.11
CA LYS U 132 1.66 23.20 1.17
C LYS U 132 1.87 22.63 -0.22
N ALA V 2 22.28 70.99 -72.67
CA ALA V 2 21.82 70.03 -71.68
C ALA V 2 20.89 70.69 -70.69
N THR V 3 20.22 69.86 -69.89
CA THR V 3 19.21 70.31 -68.93
C THR V 3 19.65 69.95 -67.52
N VAL V 4 18.74 70.12 -66.56
CA VAL V 4 19.03 69.68 -65.20
C VAL V 4 18.84 68.19 -65.01
N TYR V 5 18.26 67.50 -65.99
CA TYR V 5 18.15 66.05 -65.93
C TYR V 5 19.45 65.35 -66.27
N ASP V 6 20.56 66.06 -66.41
CA ASP V 6 21.79 65.50 -66.97
C ASP V 6 22.96 65.52 -66.01
N VAL V 7 22.75 65.88 -64.75
CA VAL V 7 23.81 65.90 -63.75
C VAL V 7 23.25 65.47 -62.41
N PRO V 8 24.11 65.10 -61.48
CA PRO V 8 23.63 64.77 -60.14
C PRO V 8 23.15 66.01 -59.39
N GLY V 9 22.27 65.77 -58.42
CA GLY V 9 21.59 66.88 -57.78
C GLY V 9 22.49 67.76 -56.94
N ASP V 10 23.39 67.14 -56.16
CA ASP V 10 24.13 67.90 -55.16
C ASP V 10 25.12 68.87 -55.81
N LEU V 11 25.84 68.41 -56.84
CA LEU V 11 26.76 69.30 -57.53
C LEU V 11 26.04 70.51 -58.12
N LEU V 12 24.91 70.27 -58.76
CA LEU V 12 24.16 71.37 -59.37
C LEU V 12 23.66 72.33 -58.30
N VAL V 13 23.23 71.81 -57.15
CA VAL V 13 22.71 72.71 -56.11
C VAL V 13 23.84 73.54 -55.53
N GLU V 14 25.00 72.92 -55.29
CA GLU V 14 26.16 73.67 -54.82
C GLU V 14 26.54 74.78 -55.79
N ARG V 15 26.51 74.49 -57.08
CA ARG V 15 26.92 75.52 -58.04
C ARG V 15 25.86 76.60 -58.19
N VAL V 16 24.58 76.24 -58.07
CA VAL V 16 23.52 77.24 -58.20
C VAL V 16 23.57 78.22 -57.05
N ALA V 17 23.69 77.71 -55.82
CA ALA V 17 23.71 78.56 -54.65
C ALA V 17 24.81 79.61 -54.71
N GLN V 18 25.81 79.40 -55.55
CA GLN V 18 26.89 80.36 -55.67
C GLN V 18 26.42 81.60 -56.42
N ARG V 19 25.98 81.43 -57.67
CA ARG V 19 25.51 82.58 -58.43
C ARG V 19 24.30 83.22 -57.77
N LEU V 20 23.54 82.44 -57.00
CA LEU V 20 22.36 83.02 -56.37
C LEU V 20 22.68 84.17 -55.44
N LYS V 21 23.91 84.25 -54.93
CA LYS V 21 24.22 85.27 -53.95
C LYS V 21 24.20 86.68 -54.52
N GLU V 22 24.00 86.85 -55.82
CA GLU V 22 24.11 88.16 -56.45
C GLU V 22 22.75 88.80 -56.77
N ILE V 23 21.67 88.04 -56.69
CA ILE V 23 20.34 88.59 -56.92
C ILE V 23 19.97 89.41 -55.69
N PRO V 24 19.68 90.70 -55.85
CA PRO V 24 19.43 91.55 -54.67
C PRO V 24 18.19 91.20 -53.89
N GLU V 25 17.30 90.37 -54.45
CA GLU V 25 16.05 90.06 -53.78
C GLU V 25 16.24 88.96 -52.75
N ILE V 26 17.08 87.98 -53.05
CA ILE V 26 17.41 86.93 -52.09
C ILE V 26 18.30 87.54 -51.02
N LYS V 27 17.80 87.63 -49.79
CA LYS V 27 18.65 88.04 -48.68
C LYS V 27 18.01 87.51 -47.41
N PRO V 28 18.81 87.14 -46.42
CA PRO V 28 18.27 86.42 -45.27
C PRO V 28 17.47 87.34 -44.37
N PRO V 29 16.37 86.83 -43.80
CA PRO V 29 15.54 87.66 -42.93
C PRO V 29 16.21 88.01 -41.61
N GLU V 30 15.46 88.65 -40.73
CA GLU V 30 16.00 89.19 -39.50
C GLU V 30 16.14 88.15 -38.39
N TRP V 31 15.62 86.95 -38.58
CA TRP V 31 15.71 85.92 -37.55
C TRP V 31 16.39 84.67 -38.08
N ALA V 32 17.28 84.83 -39.04
CA ALA V 32 17.94 83.67 -39.61
C ALA V 32 19.00 83.08 -38.68
N PRO V 33 19.78 83.88 -37.96
CA PRO V 33 20.80 83.28 -37.09
C PRO V 33 20.26 82.61 -35.85
N PHE V 34 18.96 82.56 -35.63
CA PHE V 34 18.42 82.12 -34.35
C PHE V 34 17.45 80.97 -34.47
N VAL V 35 17.53 80.18 -35.52
CA VAL V 35 16.44 79.28 -35.88
C VAL V 35 17.01 77.94 -36.34
N LYS V 36 16.43 76.85 -35.85
CA LYS V 36 16.69 75.56 -36.44
C LYS V 36 15.53 75.20 -37.37
N THR V 37 15.81 74.33 -38.33
CA THR V 37 14.92 74.14 -39.46
C THR V 37 14.00 72.94 -39.23
N GLY V 38 13.09 73.10 -38.29
CA GLY V 38 12.11 72.06 -38.13
C GLY V 38 12.17 71.42 -36.75
N ARG V 39 11.00 71.03 -36.26
CA ARG V 39 10.83 70.45 -34.93
C ARG V 39 11.55 69.13 -34.75
N HIS V 40 12.20 68.60 -35.77
CA HIS V 40 12.81 67.30 -35.70
C HIS V 40 14.33 67.35 -35.60
N LYS V 41 14.91 68.54 -35.52
CA LYS V 41 16.34 68.68 -35.39
C LYS V 41 16.73 68.83 -33.94
N GLU V 42 18.01 69.05 -33.70
CA GLU V 42 18.49 69.31 -32.35
C GLU V 42 19.37 70.55 -32.28
N ARG V 43 20.06 70.88 -33.37
CA ARG V 43 21.03 71.96 -33.35
C ARG V 43 20.84 72.86 -34.56
N LEU V 44 21.37 74.07 -34.46
CA LEU V 44 21.18 75.05 -35.51
C LEU V 44 22.10 74.75 -36.68
N PRO V 45 21.77 75.25 -37.87
CA PRO V 45 22.67 75.09 -39.02
C PRO V 45 24.05 75.66 -38.73
N GLU V 46 25.05 75.08 -39.37
CA GLU V 46 26.44 75.34 -39.03
C GLU V 46 27.13 76.32 -39.96
N GLN V 47 26.90 76.24 -41.26
CA GLN V 47 27.52 77.22 -42.14
C GLN V 47 26.81 78.56 -42.01
N GLU V 48 27.44 79.60 -42.54
CA GLU V 48 26.85 80.92 -42.43
C GLU V 48 25.85 81.21 -43.53
N ASP V 49 26.07 80.69 -44.73
CA ASP V 49 25.12 80.82 -45.82
C ASP V 49 24.20 79.62 -45.90
N TRP V 50 23.54 79.30 -44.80
CA TRP V 50 22.59 78.22 -44.91
C TRP V 50 21.33 78.64 -45.64
N TRP V 51 21.15 79.94 -45.87
CA TRP V 51 19.98 80.41 -46.59
C TRP V 51 20.05 80.03 -48.05
N TYR V 52 21.13 80.42 -48.72
CA TYR V 52 21.22 80.26 -50.17
C TYR V 52 21.11 78.82 -50.58
N TYR V 53 21.58 77.88 -49.76
CA TYR V 53 21.41 76.49 -50.11
C TYR V 53 19.96 76.09 -50.09
N ARG V 54 19.21 76.56 -49.09
CA ARG V 54 17.79 76.24 -49.03
C ARG V 54 17.06 76.78 -50.24
N VAL V 55 17.27 78.06 -50.55
CA VAL V 55 16.60 78.66 -51.70
C VAL V 55 16.97 77.93 -52.99
N ALA V 56 18.26 77.66 -53.20
CA ALA V 56 18.70 77.01 -54.42
C ALA V 56 18.17 75.60 -54.52
N SER V 57 18.00 74.90 -53.41
CA SER V 57 17.33 73.62 -53.46
C SER V 57 15.86 73.77 -53.73
N ILE V 58 15.29 74.95 -53.48
CA ILE V 58 13.87 75.12 -53.73
C ILE V 58 13.60 75.40 -55.21
N LEU V 59 14.49 76.12 -55.90
CA LEU V 59 14.31 76.27 -57.34
C LEU V 59 14.22 74.91 -58.03
N ARG V 60 15.32 74.15 -57.97
CA ARG V 60 15.40 72.87 -58.67
C ARG V 60 14.26 71.94 -58.25
N ARG V 61 13.56 72.32 -57.20
CA ARG V 61 12.49 71.52 -56.66
C ARG V 61 11.15 71.91 -57.23
N VAL V 62 11.00 73.12 -57.75
CA VAL V 62 9.80 73.47 -58.52
C VAL V 62 10.05 73.45 -60.01
N TYR V 63 11.30 73.37 -60.45
CA TYR V 63 11.58 73.09 -61.85
C TYR V 63 10.97 71.75 -62.24
N LEU V 64 11.48 70.68 -61.66
CA LEU V 64 11.07 69.31 -61.99
C LEU V 64 10.03 68.77 -61.04
N ASP V 65 9.17 69.62 -60.51
CA ASP V 65 7.99 69.15 -59.81
C ASP V 65 6.73 69.91 -60.19
N GLY V 66 6.83 71.00 -60.93
CA GLY V 66 5.67 71.63 -61.49
C GLY V 66 4.84 72.33 -60.44
N PRO V 67 3.54 72.22 -60.52
CA PRO V 67 2.69 72.87 -59.52
C PRO V 67 2.75 72.17 -58.18
N VAL V 68 3.43 72.80 -57.23
CA VAL V 68 3.65 72.23 -55.91
C VAL V 68 3.38 73.32 -54.89
N GLY V 69 2.88 72.93 -53.72
CA GLY V 69 2.41 73.87 -52.72
C GLY V 69 3.18 73.77 -51.41
N ILE V 70 2.96 74.77 -50.57
CA ILE V 70 3.70 74.88 -49.31
C ILE V 70 3.54 73.61 -48.48
N GLU V 71 2.33 73.21 -48.23
CA GLU V 71 2.20 72.03 -47.39
C GLU V 71 2.64 70.78 -48.06
N ARG V 72 3.24 70.82 -49.24
CA ARG V 72 3.89 69.66 -49.81
C ARG V 72 5.39 69.77 -49.83
N LEU V 73 5.93 70.98 -49.70
CA LEU V 73 7.35 71.19 -49.48
C LEU V 73 7.73 71.05 -48.02
N ARG V 74 6.78 70.75 -47.14
CA ARG V 74 7.07 70.49 -45.75
C ARG V 74 7.15 69.01 -45.46
N THR V 75 6.60 68.17 -46.31
CA THR V 75 6.85 66.75 -46.19
C THR V 75 8.24 66.41 -46.70
N TYR V 76 8.72 67.13 -47.72
CA TYR V 76 10.02 66.82 -48.27
C TYR V 76 11.13 67.15 -47.29
N TYR V 77 10.98 68.26 -46.56
CA TYR V 77 12.03 68.74 -45.68
C TYR V 77 11.84 68.31 -44.24
N GLY V 78 11.24 67.14 -44.01
CA GLY V 78 11.10 66.57 -42.70
C GLY V 78 12.05 65.41 -42.51
N GLY V 79 12.00 64.83 -41.33
CA GLY V 79 12.92 63.76 -41.02
C GLY V 79 12.45 62.90 -39.89
N ARG V 80 13.40 62.19 -39.30
CA ARG V 80 13.16 61.29 -38.19
C ARG V 80 13.65 61.94 -36.90
N LYS V 81 12.88 61.80 -35.82
CA LYS V 81 13.16 62.48 -34.57
C LYS V 81 13.73 61.53 -33.53
N ASN V 82 14.63 62.05 -32.72
CA ASN V 82 15.24 61.30 -31.61
C ASN V 82 14.60 61.80 -30.32
N ARG V 83 13.49 61.20 -29.96
CA ARG V 83 12.70 61.68 -28.83
C ARG V 83 12.93 60.84 -27.58
N GLY V 84 14.17 60.84 -27.08
CA GLY V 84 14.42 60.29 -25.76
C GLY V 84 14.29 58.78 -25.71
N HIS V 85 13.71 58.29 -24.64
CA HIS V 85 13.52 56.86 -24.40
C HIS V 85 12.47 56.24 -25.27
N ALA V 86 11.87 56.87 -26.26
CA ALA V 86 10.82 56.31 -27.06
C ALA V 86 11.27 56.12 -28.49
N PRO V 87 10.60 55.26 -29.26
CA PRO V 87 11.04 55.00 -30.64
C PRO V 87 11.02 56.25 -31.49
N GLU V 88 11.61 56.12 -32.67
CA GLU V 88 11.72 57.22 -33.62
C GLU V 88 10.45 57.37 -34.44
N ARG V 89 10.31 58.50 -35.13
CA ARG V 89 9.03 58.85 -35.72
C ARG V 89 9.24 59.99 -36.70
N PHE V 90 8.45 60.01 -37.77
CA PHE V 90 8.61 60.99 -38.84
C PHE V 90 7.73 62.21 -38.60
N TYR V 91 8.27 63.39 -38.90
CA TYR V 91 7.61 64.66 -38.65
C TYR V 91 7.86 65.64 -39.79
N LYS V 92 6.93 66.58 -39.98
CA LYS V 92 7.03 67.58 -41.02
C LYS V 92 7.96 68.70 -40.56
N ALA V 93 8.04 69.78 -41.33
CA ALA V 93 8.93 70.89 -41.04
C ALA V 93 8.14 72.16 -40.82
N GLY V 94 8.85 73.24 -40.50
CA GLY V 94 8.21 74.50 -40.24
C GLY V 94 7.65 75.12 -41.50
N GLY V 95 7.18 76.35 -41.37
CA GLY V 95 6.60 77.02 -42.52
C GLY V 95 7.27 78.30 -42.96
N SER V 96 7.83 79.05 -42.02
CA SER V 96 8.28 80.40 -42.33
C SER V 96 9.47 80.39 -43.27
N ILE V 97 10.46 79.53 -42.99
CA ILE V 97 11.67 79.45 -43.80
C ILE V 97 11.32 79.14 -45.25
N ILE V 98 10.20 78.47 -45.50
CA ILE V 98 9.83 78.10 -46.86
C ILE V 98 8.96 79.16 -47.51
N ARG V 99 7.96 79.67 -46.78
CA ARG V 99 7.11 80.70 -47.35
C ARG V 99 7.94 81.91 -47.77
N LYS V 100 8.91 82.30 -46.95
CA LYS V 100 9.75 83.42 -47.33
C LYS V 100 10.54 83.12 -48.58
N ALA V 101 11.06 81.91 -48.70
CA ALA V 101 11.81 81.55 -49.89
C ALA V 101 10.95 81.68 -51.14
N LEU V 102 9.71 81.21 -51.07
CA LEU V 102 8.88 81.23 -52.26
C LEU V 102 8.46 82.65 -52.61
N GLN V 103 8.17 83.47 -51.61
CA GLN V 103 7.83 84.87 -51.91
C GLN V 103 9.02 85.61 -52.50
N GLN V 104 10.23 85.32 -52.02
CA GLN V 104 11.41 86.00 -52.55
C GLN V 104 11.72 85.57 -53.97
N LEU V 105 11.56 84.27 -54.26
CA LEU V 105 11.73 83.81 -55.63
C LEU V 105 10.64 84.36 -56.55
N GLU V 106 9.44 84.58 -56.02
CA GLU V 106 8.41 85.21 -56.83
C GLU V 106 8.81 86.63 -57.17
N ALA V 107 9.28 87.39 -56.18
CA ALA V 107 9.68 88.77 -56.43
C ALA V 107 10.91 88.85 -57.34
N ALA V 108 11.79 87.85 -57.28
CA ALA V 108 12.94 87.82 -58.17
C ALA V 108 12.50 87.72 -59.62
N GLY V 109 11.58 86.80 -59.90
CA GLY V 109 11.06 86.64 -61.25
C GLY V 109 11.21 85.23 -61.76
N PHE V 110 11.39 84.27 -60.86
CA PHE V 110 11.68 82.90 -61.26
C PHE V 110 10.50 81.96 -61.14
N VAL V 111 9.53 82.26 -60.28
CA VAL V 111 8.33 81.45 -60.13
C VAL V 111 7.12 82.35 -60.25
N GLU V 112 5.95 81.77 -60.12
CA GLU V 112 4.70 82.53 -60.23
C GLU V 112 3.59 81.71 -59.61
N LYS V 113 2.58 82.41 -59.12
CA LYS V 113 1.50 81.76 -58.39
C LYS V 113 0.42 81.36 -59.37
N VAL V 114 0.43 80.11 -59.79
CA VAL V 114 -0.73 79.58 -60.51
C VAL V 114 -1.90 79.48 -59.54
N PRO V 115 -3.06 80.05 -59.86
CA PRO V 115 -4.13 80.13 -58.86
C PRO V 115 -4.78 78.76 -58.65
N GLY V 116 -5.00 78.43 -57.37
CA GLY V 116 -5.67 77.22 -56.98
C GLY V 116 -4.85 75.95 -57.05
N LYS V 117 -3.65 75.99 -57.64
CA LYS V 117 -2.90 74.77 -57.87
C LYS V 117 -1.43 74.85 -57.46
N GLY V 118 -1.02 75.92 -56.77
CA GLY V 118 0.36 76.00 -56.31
C GLY V 118 1.19 76.96 -57.12
N ARG V 119 2.48 76.69 -57.25
CA ARG V 119 3.38 77.56 -58.00
C ARG V 119 4.15 76.74 -59.02
N VAL V 120 4.52 77.39 -60.13
CA VAL V 120 5.32 76.79 -61.19
C VAL V 120 6.43 77.75 -61.59
N ILE V 121 7.32 77.25 -62.44
CA ILE V 121 8.51 77.98 -62.83
C ILE V 121 8.24 78.71 -64.13
N THR V 122 8.94 79.80 -64.34
CA THR V 122 8.77 80.69 -65.48
C THR V 122 9.80 80.36 -66.55
N PRO V 123 9.72 80.99 -67.72
CA PRO V 123 10.81 80.82 -68.69
C PRO V 123 12.14 81.36 -68.22
N LYS V 124 12.14 82.54 -67.59
CA LYS V 124 13.34 83.08 -66.98
C LYS V 124 14.03 82.06 -66.09
N GLY V 125 13.24 81.31 -65.32
CA GLY V 125 13.82 80.33 -64.42
C GLY V 125 14.43 79.16 -65.16
N ARG V 126 13.80 78.71 -66.24
CA ARG V 126 14.38 77.61 -67.00
C ARG V 126 15.68 78.03 -67.64
N SER V 127 15.73 79.24 -68.19
CA SER V 127 16.99 79.75 -68.72
C SER V 127 18.07 79.79 -67.65
N PHE V 128 17.73 80.36 -66.49
CA PHE V 128 18.66 80.42 -65.37
C PHE V 128 19.24 79.06 -65.04
N LEU V 129 18.38 78.04 -64.93
CA LEU V 129 18.86 76.75 -64.45
C LEU V 129 19.62 75.98 -65.53
N ASP V 130 19.11 75.99 -66.76
CA ASP V 130 19.78 75.22 -67.80
C ASP V 130 21.11 75.83 -68.22
N LYS V 131 21.24 77.16 -68.16
CA LYS V 131 22.54 77.75 -68.46
C LYS V 131 23.60 77.22 -67.50
N ILE V 132 23.28 77.13 -66.22
CA ILE V 132 24.25 76.64 -65.24
C ILE V 132 24.47 75.14 -65.41
N ALA V 133 23.42 74.38 -65.73
CA ALA V 133 23.59 72.95 -65.96
C ALA V 133 24.58 72.70 -67.10
N THR V 134 24.42 73.42 -68.21
CA THR V 134 25.35 73.28 -69.32
C THR V 134 26.75 73.74 -68.96
N GLU V 135 26.86 74.87 -68.26
CA GLU V 135 28.16 75.36 -67.86
C GLU V 135 28.90 74.32 -67.04
N LEU V 136 28.21 73.66 -66.12
CA LEU V 136 28.86 72.62 -65.33
C LEU V 136 29.24 71.43 -66.21
N LYS V 137 28.27 70.89 -66.96
CA LYS V 137 28.53 69.67 -67.70
C LYS V 137 29.62 69.84 -68.75
N LYS V 138 29.89 71.06 -69.20
CA LYS V 138 30.96 71.20 -70.20
C LYS V 138 32.32 70.87 -69.60
N GLU V 139 32.35 70.46 -68.34
CA GLU V 139 33.59 70.08 -67.68
C GLU V 139 33.52 68.75 -66.95
N LEU V 140 32.33 68.23 -66.70
CA LEU V 140 32.16 66.90 -66.14
C LEU V 140 32.40 65.81 -67.17
N GLU V 141 32.67 66.16 -68.42
CA GLU V 141 32.96 65.18 -69.43
C GLU V 141 34.45 64.98 -69.69
N GLU V 142 35.29 65.96 -69.31
CA GLU V 142 36.74 65.75 -69.36
C GLU V 142 37.13 64.53 -68.55
N ILE V 143 36.81 64.54 -67.25
CA ILE V 143 37.15 63.44 -66.36
C ILE V 143 36.19 62.27 -66.45
N ILE V 144 35.08 62.42 -67.16
CA ILE V 144 34.20 61.30 -67.46
C ILE V 144 33.97 61.28 -68.97
N PRO V 145 34.81 60.63 -69.75
CA PRO V 145 34.75 60.79 -71.20
C PRO V 145 33.62 60.03 -71.86
N GLU V 146 32.65 59.57 -71.08
CA GLU V 146 31.53 58.83 -71.64
C GLU V 146 30.26 59.65 -71.74
N LEU V 147 30.20 60.81 -71.08
CA LEU V 147 29.09 61.72 -71.27
C LEU V 147 29.15 62.43 -72.60
N LYS V 148 30.31 62.43 -73.27
CA LYS V 148 30.48 63.12 -74.54
C LYS V 148 29.38 62.80 -75.54
N LYS V 149 28.72 61.64 -75.40
CA LYS V 149 27.69 61.26 -76.36
C LYS V 149 26.54 62.25 -76.33
N TYR V 150 25.84 62.32 -75.22
CA TYR V 150 24.72 63.24 -75.08
C TYR V 150 25.12 64.52 -74.38
N MET W 1 -92.97 -26.24 28.32
CA MET W 1 -92.12 -27.40 28.54
C MET W 1 -92.87 -28.70 28.26
N GLU W 2 -92.20 -29.61 27.57
CA GLU W 2 -92.72 -30.95 27.34
C GLU W 2 -91.63 -31.97 27.64
N ILE W 3 -91.95 -32.94 28.49
CA ILE W 3 -90.99 -33.89 29.03
C ILE W 3 -91.16 -35.24 28.34
N LYS W 4 -90.05 -35.83 27.93
CA LYS W 4 -90.00 -37.23 27.51
C LYS W 4 -88.99 -37.94 28.40
N ILE W 5 -89.38 -39.07 28.95
CA ILE W 5 -88.50 -39.86 29.80
C ILE W 5 -87.83 -40.94 28.97
N THR W 6 -86.52 -41.05 29.12
CA THR W 6 -85.72 -41.90 28.25
C THR W 6 -85.26 -43.20 28.90
N GLU W 7 -85.24 -43.28 30.22
CA GLU W 7 -84.79 -44.53 30.85
C GLU W 7 -85.30 -44.60 32.28
N VAL W 8 -86.04 -45.66 32.60
CA VAL W 8 -86.37 -45.98 33.98
C VAL W 8 -85.67 -47.29 34.31
N LYS W 9 -84.62 -47.20 35.14
CA LYS W 9 -83.77 -48.33 35.45
C LYS W 9 -83.88 -48.64 36.94
N GLU W 10 -84.26 -49.87 37.25
CA GLU W 10 -84.53 -50.22 38.65
C GLU W 10 -83.23 -50.48 39.40
N ASN W 11 -83.36 -50.65 40.72
CA ASN W 11 -82.19 -50.94 41.55
C ASN W 11 -82.67 -51.67 42.79
N LYS W 12 -82.33 -52.96 42.88
CA LYS W 12 -82.79 -53.78 43.98
C LYS W 12 -81.87 -53.72 45.19
N LEU W 13 -80.61 -53.30 45.02
CA LEU W 13 -79.67 -53.26 46.13
C LEU W 13 -79.85 -51.99 46.94
N ILE W 14 -79.62 -50.84 46.32
CA ILE W 14 -79.88 -49.58 46.99
C ILE W 14 -81.37 -49.40 47.21
N GLY W 15 -82.19 -49.99 46.35
CA GLY W 15 -83.62 -49.88 46.48
C GLY W 15 -84.18 -48.58 45.94
N ARG W 16 -84.05 -48.35 44.65
CA ARG W 16 -84.54 -47.11 44.05
C ARG W 16 -84.74 -47.34 42.56
N LYS W 17 -84.91 -46.24 41.83
CA LYS W 17 -84.98 -46.30 40.37
C LYS W 17 -84.45 -44.98 39.82
N GLU W 18 -83.67 -45.06 38.76
CA GLU W 18 -83.12 -43.88 38.11
C GLU W 18 -83.96 -43.51 36.90
N ILE W 19 -84.25 -42.23 36.78
CA ILE W 19 -85.16 -41.70 35.77
C ILE W 19 -84.37 -40.71 34.91
N TYR W 20 -84.13 -41.07 33.66
CA TYR W 20 -83.41 -40.21 32.73
C TYR W 20 -84.40 -39.63 31.74
N PHE W 21 -84.58 -38.31 31.79
CA PHE W 21 -85.52 -37.64 30.91
C PHE W 21 -84.91 -36.42 30.22
N GLU W 22 -85.74 -35.62 29.55
CA GLU W 22 -85.24 -34.49 28.78
C GLU W 22 -86.38 -33.52 28.52
N ILE W 23 -86.09 -32.22 28.57
CA ILE W 23 -87.08 -31.17 28.42
C ILE W 23 -86.82 -30.44 27.11
N TYR W 24 -87.91 -30.04 26.44
CA TYR W 24 -87.86 -29.34 25.17
C TYR W 24 -88.67 -28.06 25.34
N HIS W 25 -88.00 -26.91 25.33
CA HIS W 25 -88.63 -25.64 25.70
C HIS W 25 -88.03 -24.48 24.91
N PRO W 26 -88.39 -24.36 23.63
CA PRO W 26 -87.88 -23.22 22.84
C PRO W 26 -88.60 -21.94 23.22
N GLY W 27 -87.83 -20.93 23.63
CA GLY W 27 -88.39 -19.63 23.92
C GLY W 27 -88.76 -19.37 25.36
N GLU W 28 -88.37 -20.23 26.29
CA GLU W 28 -88.68 -20.07 27.70
C GLU W 28 -87.43 -20.33 28.52
N PRO W 29 -87.38 -19.83 29.74
CA PRO W 29 -86.20 -20.07 30.57
C PRO W 29 -86.04 -21.54 30.91
N THR W 30 -84.96 -21.91 31.58
CA THR W 30 -84.84 -23.27 32.07
C THR W 30 -85.88 -23.51 33.15
N PRO W 31 -86.68 -24.56 33.07
CA PRO W 31 -87.75 -24.79 34.03
C PRO W 31 -87.29 -24.76 35.48
N SER W 32 -88.20 -24.50 36.40
CA SER W 32 -87.82 -24.51 37.81
C SER W 32 -87.68 -25.94 38.30
N ARG W 33 -87.43 -26.09 39.59
CA ARG W 33 -87.39 -27.43 40.16
C ARG W 33 -88.76 -27.85 40.65
N LYS W 34 -89.49 -26.93 41.28
CA LYS W 34 -90.87 -27.21 41.66
C LYS W 34 -91.67 -27.72 40.47
N ASP W 35 -91.46 -27.11 39.30
CA ASP W 35 -92.30 -27.39 38.15
C ASP W 35 -91.97 -28.75 37.52
N VAL W 36 -90.68 -29.04 37.36
CA VAL W 36 -90.31 -30.35 36.86
C VAL W 36 -90.76 -31.44 37.82
N LYS W 37 -90.62 -31.19 39.12
CA LYS W 37 -91.06 -32.18 40.09
C LYS W 37 -92.55 -32.43 39.96
N GLY W 38 -93.33 -31.35 39.81
CA GLY W 38 -94.76 -31.52 39.63
C GLY W 38 -95.11 -32.35 38.41
N LYS W 39 -94.51 -32.02 37.27
CA LYS W 39 -94.82 -32.76 36.05
C LYS W 39 -94.47 -34.23 36.20
N LEU W 40 -93.34 -34.54 36.85
CA LEU W 40 -92.98 -35.94 37.02
C LEU W 40 -93.95 -36.66 37.94
N VAL W 41 -94.22 -36.10 39.12
CA VAL W 41 -95.09 -36.78 40.07
C VAL W 41 -96.52 -36.86 39.59
N ALA W 42 -96.90 -36.05 38.59
CA ALA W 42 -98.20 -36.24 37.96
C ALA W 42 -98.14 -37.30 36.87
N MET W 43 -97.04 -37.35 36.12
CA MET W 43 -96.92 -38.31 35.03
C MET W 43 -96.86 -39.73 35.57
N LEU W 44 -95.85 -40.05 36.37
CA LEU W 44 -95.72 -41.43 36.83
C LEU W 44 -96.40 -41.69 38.16
N ASP W 45 -97.08 -40.70 38.72
CA ASP W 45 -97.84 -40.84 39.97
C ASP W 45 -97.00 -41.48 41.06
N LEU W 46 -95.99 -40.75 41.48
CA LEU W 46 -95.11 -41.18 42.54
C LEU W 46 -95.48 -40.47 43.84
N ASN W 47 -94.73 -40.72 44.89
CA ASN W 47 -94.81 -39.87 46.08
C ASN W 47 -94.10 -38.56 45.79
N PRO W 48 -94.70 -37.42 46.09
CA PRO W 48 -94.08 -36.14 45.73
C PRO W 48 -92.99 -35.68 46.70
N GLU W 49 -92.68 -36.46 47.73
CA GLU W 49 -91.70 -36.06 48.72
C GLU W 49 -90.57 -37.05 48.90
N THR W 50 -90.58 -38.18 48.19
CA THR W 50 -89.41 -39.05 48.19
C THR W 50 -88.56 -38.88 46.94
N THR W 51 -89.08 -38.24 45.89
CA THR W 51 -88.32 -38.07 44.67
C THR W 51 -87.40 -36.86 44.78
N VAL W 52 -86.15 -37.05 44.38
CA VAL W 52 -85.21 -35.94 44.31
C VAL W 52 -84.83 -35.71 42.86
N ILE W 53 -84.48 -34.48 42.54
CA ILE W 53 -84.03 -34.07 41.21
C ILE W 53 -82.53 -33.82 41.34
N GLN W 54 -81.73 -34.78 40.89
CA GLN W 54 -80.30 -34.63 41.05
C GLN W 54 -79.75 -33.49 40.21
N TYR W 55 -80.15 -33.38 38.94
CA TYR W 55 -79.68 -32.22 38.19
C TYR W 55 -80.57 -31.96 36.99
N ILE W 56 -80.59 -30.70 36.56
CA ILE W 56 -81.14 -30.28 35.26
C ILE W 56 -80.21 -29.22 34.69
N ARG W 57 -79.75 -29.42 33.46
CA ARG W 57 -78.81 -28.47 32.91
C ARG W 57 -79.02 -28.32 31.42
N SER W 58 -78.67 -27.13 30.94
CA SER W 58 -78.98 -26.71 29.58
C SER W 58 -77.70 -26.55 28.78
N TYR W 59 -77.76 -26.92 27.51
CA TYR W 59 -76.60 -26.95 26.64
C TYR W 59 -76.57 -25.70 25.79
N PHE W 60 -75.47 -25.55 25.06
CA PHE W 60 -75.22 -24.35 24.29
C PHE W 60 -76.20 -24.27 23.13
N GLY W 61 -77.07 -23.26 23.16
CA GLY W 61 -77.97 -22.98 22.06
C GLY W 61 -78.63 -24.20 21.49
N SER W 62 -79.46 -24.88 22.28
CA SER W 62 -80.13 -26.08 21.83
C SER W 62 -81.60 -26.13 22.20
N TYR W 63 -82.09 -25.18 23.01
CA TYR W 63 -83.47 -25.17 23.51
C TYR W 63 -83.95 -26.57 23.86
N LYS W 64 -83.14 -27.28 24.63
CA LYS W 64 -83.47 -28.61 25.13
C LYS W 64 -82.50 -28.93 26.25
N SER W 65 -83.03 -29.28 27.41
CA SER W 65 -82.24 -29.50 28.62
C SER W 65 -82.30 -30.95 29.02
N LYS W 66 -81.28 -31.36 29.78
CA LYS W 66 -81.16 -32.75 30.22
C LYS W 66 -81.25 -32.79 31.73
N GLY W 67 -82.06 -33.73 32.25
CA GLY W 67 -82.26 -33.86 33.67
C GLY W 67 -82.04 -35.30 34.12
N TYR W 68 -82.03 -35.47 35.44
CA TYR W 68 -81.83 -36.79 36.02
C TYR W 68 -82.26 -36.73 37.47
N ALA W 69 -83.15 -37.67 37.84
CA ALA W 69 -83.82 -37.68 39.12
C ALA W 69 -83.80 -39.09 39.70
N LYS W 70 -83.99 -39.17 41.01
CA LYS W 70 -83.98 -40.43 41.73
C LYS W 70 -85.17 -40.50 42.65
N TYR W 71 -85.78 -41.68 42.75
CA TYR W 71 -87.00 -41.88 43.50
C TYR W 71 -86.87 -43.11 44.38
N TYR W 72 -87.30 -43.01 45.63
CA TYR W 72 -87.06 -44.04 46.62
C TYR W 72 -88.35 -44.69 47.08
N TYR W 73 -88.27 -45.97 47.39
CA TYR W 73 -89.40 -46.68 47.98
C TYR W 73 -89.58 -46.31 49.45
N ASP W 74 -88.60 -46.64 50.27
CA ASP W 74 -88.65 -46.28 51.68
C ASP W 74 -88.30 -44.81 51.85
N LYS W 75 -88.82 -44.21 52.92
CA LYS W 75 -88.44 -42.83 53.19
C LYS W 75 -87.10 -42.73 53.88
N ASP W 76 -86.92 -43.49 54.96
CA ASP W 76 -85.72 -43.31 55.76
C ASP W 76 -84.46 -43.80 55.06
N ARG W 77 -84.58 -44.85 54.25
CA ARG W 77 -83.46 -45.26 53.42
C ARG W 77 -82.93 -44.08 52.63
N MET W 78 -83.82 -43.40 51.90
CA MET W 78 -83.45 -42.16 51.23
C MET W 78 -82.74 -41.23 52.19
N LEU W 79 -83.33 -41.04 53.36
CA LEU W 79 -82.76 -40.13 54.34
C LEU W 79 -81.48 -40.66 54.97
N TYR W 80 -81.06 -41.88 54.63
CA TYR W 80 -79.85 -42.47 55.15
C TYR W 80 -78.71 -42.50 54.15
N ILE W 81 -78.94 -42.98 52.93
CA ILE W 81 -77.86 -43.06 51.96
C ILE W 81 -77.69 -41.79 51.13
N GLU W 82 -78.71 -40.97 51.01
CA GLU W 82 -78.57 -39.78 50.19
C GLU W 82 -77.68 -38.78 50.91
N PRO W 83 -76.89 -38.03 50.18
CA PRO W 83 -76.02 -37.04 50.81
C PRO W 83 -76.84 -35.95 51.49
N GLU W 84 -76.17 -35.00 52.12
CA GLU W 84 -76.91 -33.93 52.77
C GLU W 84 -77.34 -32.87 51.78
N TYR W 85 -76.39 -32.31 51.03
CA TYR W 85 -76.65 -31.06 50.31
C TYR W 85 -77.78 -31.21 49.31
N ILE W 86 -77.99 -32.40 48.76
CA ILE W 86 -79.01 -32.51 47.71
C ILE W 86 -80.41 -32.41 48.30
N LEU W 87 -80.62 -32.90 49.51
CA LEU W 87 -81.92 -32.77 50.14
C LEU W 87 -82.24 -31.31 50.42
N ILE W 88 -81.23 -30.54 50.81
CA ILE W 88 -81.46 -29.12 51.09
C ILE W 88 -81.76 -28.37 49.80
N ARG W 89 -80.92 -28.55 48.76
CA ARG W 89 -81.19 -27.88 47.49
C ARG W 89 -82.56 -28.23 46.97
N ASP W 90 -82.98 -29.48 47.11
CA ASP W 90 -84.34 -29.87 46.75
C ASP W 90 -85.33 -29.63 47.88
N GLY W 91 -84.91 -28.91 48.93
CA GLY W 91 -85.84 -28.39 49.91
C GLY W 91 -86.42 -29.40 50.88
N ILE W 92 -86.19 -30.69 50.71
CA ILE W 92 -86.87 -31.71 51.50
C ILE W 92 -86.60 -31.49 52.98
N ILE W 93 -85.35 -31.64 53.38
CA ILE W 93 -84.95 -31.31 54.75
C ILE W 93 -84.57 -29.84 54.80
N GLU W 94 -84.42 -29.30 56.00
CA GLU W 94 -83.94 -27.94 56.14
C GLU W 94 -82.92 -27.82 57.26
N ALA X 2 -8.71 -60.46 -31.75
CA ALA X 2 -8.51 -61.85 -32.13
C ALA X 2 -7.39 -62.47 -31.31
N LEU X 3 -7.56 -62.47 -30.00
CA LEU X 3 -6.58 -63.00 -29.05
C LEU X 3 -5.24 -62.30 -29.21
N PRO X 4 -5.13 -61.03 -28.81
CA PRO X 4 -3.82 -60.36 -28.84
C PRO X 4 -2.84 -61.07 -27.92
N ARG X 5 -1.57 -60.69 -28.04
CA ARG X 5 -0.54 -61.29 -27.19
C ARG X 5 -0.74 -60.98 -25.72
N ASN X 6 -1.60 -60.02 -25.37
CA ASN X 6 -1.76 -59.63 -23.97
C ASN X 6 -2.33 -60.76 -23.13
N VAL X 7 -3.14 -61.62 -23.73
CA VAL X 7 -3.82 -62.69 -23.01
C VAL X 7 -3.37 -64.03 -23.58
N ILE X 8 -3.18 -64.99 -22.69
CA ILE X 8 -2.59 -66.28 -23.04
C ILE X 8 -1.29 -66.06 -23.78
N PRO X 9 -0.23 -65.62 -23.10
CA PRO X 9 1.05 -65.44 -23.80
C PRO X 9 1.63 -66.77 -24.26
N MET X 10 2.50 -66.68 -25.26
CA MET X 10 3.14 -67.85 -25.85
C MET X 10 4.62 -67.58 -26.01
N PRO X 11 5.46 -68.55 -25.72
CA PRO X 11 6.91 -68.31 -25.75
C PRO X 11 7.39 -67.93 -27.14
N ARG X 12 8.67 -67.60 -27.21
CA ARG X 12 9.32 -67.24 -28.46
C ARG X 12 10.57 -68.06 -28.72
N SER X 13 10.77 -69.14 -27.98
CA SER X 13 11.89 -70.03 -28.18
C SER X 13 11.36 -71.43 -28.43
N ARG X 14 12.11 -72.20 -29.21
CA ARG X 14 11.67 -73.49 -29.67
C ARG X 14 12.58 -74.59 -29.13
N PHE X 15 12.11 -75.82 -29.21
CA PHE X 15 12.94 -76.99 -29.02
C PHE X 15 13.56 -77.39 -30.35
N LEU X 16 14.77 -77.93 -30.28
CA LEU X 16 15.53 -78.30 -31.46
C LEU X 16 15.86 -79.78 -31.37
N ARG X 17 16.31 -80.35 -32.48
CA ARG X 17 16.70 -81.75 -32.54
C ARG X 17 18.10 -81.86 -33.10
N VAL X 18 19.01 -81.08 -32.54
CA VAL X 18 20.35 -80.97 -33.09
C VAL X 18 21.04 -82.34 -33.12
N LYS X 19 21.92 -82.52 -34.09
CA LYS X 19 22.63 -83.77 -34.31
C LYS X 19 24.13 -83.52 -34.21
N CYS X 20 24.80 -84.31 -33.39
CA CYS X 20 26.21 -84.08 -33.11
C CYS X 20 27.04 -84.18 -34.39
N ILE X 21 28.30 -83.78 -34.29
CA ILE X 21 29.18 -83.76 -35.45
C ILE X 21 30.10 -84.98 -35.42
N ASP X 22 30.91 -85.06 -34.37
CA ASP X 22 31.91 -86.11 -34.23
C ASP X 22 31.42 -87.28 -33.40
N CYS X 23 30.10 -87.43 -33.27
CA CYS X 23 29.51 -88.57 -32.56
C CYS X 23 28.33 -89.19 -33.29
N GLY X 24 27.66 -88.49 -34.19
CA GLY X 24 26.42 -88.96 -34.76
C GLY X 24 25.24 -88.95 -33.80
N ASN X 25 25.45 -88.64 -32.54
CA ASN X 25 24.38 -88.63 -31.56
C ASN X 25 23.32 -87.60 -31.92
N GLU X 26 22.06 -87.97 -31.74
CA GLU X 26 20.92 -87.09 -31.99
C GLU X 26 20.25 -86.78 -30.65
N GLN X 27 20.02 -85.49 -30.40
CA GLN X 27 19.57 -85.02 -29.10
C GLN X 27 18.33 -84.15 -29.25
N ILE X 28 17.95 -83.51 -28.14
CA ILE X 28 16.96 -82.43 -28.11
C ILE X 28 17.51 -81.39 -27.15
N VAL X 29 17.50 -80.13 -27.56
CA VAL X 29 18.14 -79.07 -26.78
C VAL X 29 17.22 -77.88 -26.63
N PHE X 30 17.71 -76.83 -25.99
CA PHE X 30 16.98 -75.57 -25.86
C PHE X 30 17.71 -74.48 -26.61
N SER X 31 16.95 -73.62 -27.27
CA SER X 31 17.54 -72.57 -28.10
C SER X 31 18.04 -71.38 -27.30
N HIS X 32 17.69 -71.25 -26.03
CA HIS X 32 18.17 -70.16 -25.17
C HIS X 32 18.80 -70.74 -23.92
N PRO X 33 19.92 -71.43 -24.05
CA PRO X 33 20.50 -72.11 -22.89
C PRO X 33 21.05 -71.12 -21.89
N ALA X 34 20.87 -71.44 -20.61
CA ALA X 34 21.46 -70.69 -19.52
C ALA X 34 22.70 -71.37 -18.98
N THR X 35 23.28 -72.30 -19.73
CA THR X 35 24.49 -73.01 -19.36
C THR X 35 25.25 -73.34 -20.64
N ARG X 36 26.23 -74.22 -20.54
CA ARG X 36 27.03 -74.64 -21.67
C ARG X 36 26.69 -76.07 -22.00
N VAL X 37 26.04 -76.27 -23.12
CA VAL X 37 25.56 -77.60 -23.51
C VAL X 37 26.70 -78.38 -24.12
N ARG X 38 26.72 -79.68 -23.88
CA ARG X 38 27.78 -80.55 -24.38
C ARG X 38 27.19 -81.92 -24.67
N CYS X 39 27.81 -82.61 -25.62
CA CYS X 39 27.35 -83.93 -26.03
C CYS X 39 27.17 -84.86 -24.84
N ASN X 40 26.12 -85.67 -24.88
CA ASN X 40 25.84 -86.61 -23.81
C ASN X 40 26.85 -87.74 -23.73
N VAL X 41 27.68 -87.90 -24.76
CA VAL X 41 28.66 -88.98 -24.81
C VAL X 41 30.07 -88.43 -25.00
N CYS X 42 30.28 -87.71 -26.09
CA CYS X 42 31.63 -87.28 -26.44
C CYS X 42 32.08 -86.06 -25.64
N GLY X 43 31.28 -84.99 -25.65
CA GLY X 43 31.54 -83.84 -24.80
C GLY X 43 31.91 -82.56 -25.52
N ALA X 44 32.09 -82.56 -26.83
CA ALA X 44 32.39 -81.31 -27.53
C ALA X 44 31.21 -80.36 -27.43
N THR X 45 31.49 -79.10 -27.17
CA THR X 45 30.45 -78.15 -26.84
C THR X 45 29.53 -77.93 -28.04
N LEU X 46 28.22 -77.98 -27.80
CA LEU X 46 27.26 -77.78 -28.87
C LEU X 46 26.81 -76.33 -28.97
N VAL X 47 26.28 -75.77 -27.88
CA VAL X 47 25.82 -74.39 -27.88
C VAL X 47 26.59 -73.65 -26.79
N GLU X 48 26.90 -72.40 -27.05
CA GLU X 48 27.54 -71.54 -26.07
C GLU X 48 26.62 -70.38 -25.74
N PRO X 49 26.26 -70.15 -24.49
CA PRO X 49 25.21 -69.20 -24.18
C PRO X 49 25.67 -67.76 -24.38
N THR X 50 24.84 -66.96 -25.06
CA THR X 50 25.18 -65.58 -25.41
C THR X 50 23.97 -64.70 -25.14
N GLY X 51 23.88 -64.15 -23.93
CA GLY X 51 22.87 -63.16 -23.68
C GLY X 51 21.47 -63.65 -23.96
N GLY X 52 20.90 -63.17 -25.06
CA GLY X 52 19.58 -63.60 -25.47
C GLY X 52 19.45 -65.01 -25.99
N LYS X 53 20.03 -65.31 -27.15
CA LYS X 53 19.81 -66.59 -27.82
C LYS X 53 21.13 -67.25 -28.16
N GLY X 54 21.27 -68.52 -27.81
CA GLY X 54 22.50 -69.24 -28.05
C GLY X 54 22.87 -69.30 -29.51
N ILE X 55 24.04 -69.87 -29.76
CA ILE X 55 24.61 -69.99 -31.10
C ILE X 55 25.04 -71.43 -31.30
N ILE X 56 24.34 -72.13 -32.19
CA ILE X 56 24.40 -73.58 -32.31
C ILE X 56 25.48 -73.98 -33.30
N ARG X 57 26.22 -75.03 -32.94
CA ARG X 57 27.37 -75.49 -33.71
C ARG X 57 27.15 -76.89 -34.29
N ALA X 58 25.96 -77.15 -34.82
CA ALA X 58 25.68 -78.45 -35.42
C ALA X 58 24.51 -78.31 -36.39
N LYS X 59 23.94 -79.45 -36.79
CA LYS X 59 22.87 -79.49 -37.77
C LYS X 59 21.51 -79.51 -37.08
N ILE X 60 20.55 -78.77 -37.64
CA ILE X 60 19.19 -78.72 -37.13
C ILE X 60 18.35 -79.67 -37.97
N LEU X 61 17.75 -80.66 -37.32
CA LEU X 61 16.98 -81.66 -38.03
C LEU X 61 15.48 -81.44 -37.95
N GLU X 62 15.00 -80.77 -36.90
CA GLU X 62 13.58 -80.44 -36.78
C GLU X 62 13.47 -79.32 -35.76
N VAL X 63 12.37 -78.58 -35.84
CA VAL X 63 12.10 -77.46 -34.95
C VAL X 63 10.82 -77.78 -34.18
N LEU X 64 10.60 -79.07 -33.93
CA LEU X 64 9.56 -79.60 -33.05
C LEU X 64 8.30 -78.75 -32.91
N GLU Y 5 51.80 15.02 -42.25
CA GLU Y 5 52.13 16.39 -42.58
C GLU Y 5 51.43 16.83 -43.88
N GLY Y 6 51.27 15.90 -44.81
CA GLY Y 6 50.57 16.24 -46.03
C GLY Y 6 49.73 15.17 -46.70
N TYR Y 7 49.54 14.02 -46.06
CA TYR Y 7 49.01 12.87 -46.80
C TYR Y 7 47.58 13.05 -47.27
N PRO Y 8 47.32 13.14 -48.57
CA PRO Y 8 45.94 13.24 -49.05
C PRO Y 8 45.38 11.86 -49.36
N ALA Y 9 44.05 11.80 -49.37
CA ALA Y 9 43.36 10.54 -49.59
C ALA Y 9 42.02 10.81 -50.25
N GLU Y 10 41.59 9.89 -51.09
CA GLU Y 10 40.48 10.13 -52.02
C GLU Y 10 39.33 9.20 -51.69
N VAL Y 11 38.23 9.77 -51.18
CA VAL Y 11 37.07 9.01 -50.77
C VAL Y 11 36.49 8.22 -51.94
N ILE Y 12 36.01 7.02 -51.67
CA ILE Y 12 35.36 6.21 -52.70
C ILE Y 12 33.99 5.69 -52.30
N GLU Y 13 33.59 5.73 -51.02
CA GLU Y 13 32.32 5.14 -50.61
C GLU Y 13 31.99 5.58 -49.19
N ILE Y 14 30.74 5.93 -48.95
CA ILE Y 14 30.28 6.33 -47.63
C ILE Y 14 29.59 5.16 -46.97
N ILE Y 15 29.70 5.09 -45.65
CA ILE Y 15 29.22 3.91 -44.93
C ILE Y 15 28.09 4.24 -43.98
N GLY Y 16 28.07 5.43 -43.40
CA GLY Y 16 26.94 5.85 -42.59
C GLY Y 16 27.32 6.83 -41.52
N ARG Y 17 26.34 7.14 -40.67
CA ARG Y 17 26.45 8.18 -39.65
C ARG Y 17 26.70 7.55 -38.28
N THR Y 18 27.87 7.80 -37.72
CA THR Y 18 28.16 7.50 -36.33
C THR Y 18 27.83 8.75 -35.52
N GLY Y 19 28.30 8.84 -34.29
CA GLY Y 19 28.18 10.07 -33.54
C GLY Y 19 27.19 9.93 -32.41
N THR Y 20 27.51 10.58 -31.30
CA THR Y 20 26.57 10.60 -30.20
C THR Y 20 25.29 11.35 -30.57
N THR Y 21 25.37 12.22 -31.58
CA THR Y 21 24.26 13.03 -32.04
C THR Y 21 24.25 13.19 -33.55
N GLY Y 22 24.70 12.19 -34.27
CA GLY Y 22 24.62 12.20 -35.72
C GLY Y 22 25.47 13.30 -36.32
N ASP Y 23 26.77 13.21 -36.10
CA ASP Y 23 27.69 14.27 -36.47
C ASP Y 23 28.77 13.78 -37.42
N VAL Y 24 29.32 12.61 -37.17
CA VAL Y 24 30.47 12.11 -37.88
C VAL Y 24 30.01 11.08 -38.89
N THR Y 25 30.82 10.88 -39.92
CA THR Y 25 30.49 9.94 -40.99
C THR Y 25 31.66 9.00 -41.18
N GLN Y 26 31.36 7.71 -41.31
CA GLN Y 26 32.38 6.73 -41.59
C GLN Y 26 32.46 6.52 -43.10
N VAL Y 27 33.69 6.38 -43.60
CA VAL Y 27 33.97 6.49 -45.02
C VAL Y 27 35.26 5.76 -45.31
N LYS Y 28 35.34 5.16 -46.49
CA LYS Y 28 36.43 4.26 -46.85
C LYS Y 28 37.34 4.96 -47.85
N VAL Y 29 38.51 5.41 -47.41
CA VAL Y 29 39.37 6.25 -48.22
C VAL Y 29 40.45 5.41 -48.87
N ARG Y 30 41.17 6.01 -49.82
CA ARG Y 30 42.26 5.37 -50.54
C ARG Y 30 43.41 6.36 -50.62
N ILE Y 31 44.55 6.02 -50.02
CA ILE Y 31 45.67 6.95 -50.03
C ILE Y 31 46.26 7.04 -51.44
N LEU Y 32 46.95 8.15 -51.71
CA LEU Y 32 47.41 8.37 -53.06
C LEU Y 32 48.84 8.89 -53.19
N GLU Y 33 49.54 9.20 -52.09
CA GLU Y 33 50.96 9.49 -52.21
C GLU Y 33 51.62 9.40 -50.84
N GLY Y 34 52.63 8.54 -50.73
CA GLY Y 34 53.37 8.37 -49.51
C GLY Y 34 53.81 6.95 -49.23
N ARG Y 35 53.55 6.49 -48.00
CA ARG Y 35 54.02 5.17 -47.58
C ARG Y 35 53.17 4.05 -48.16
N ASP Y 36 51.84 4.18 -48.07
CA ASP Y 36 50.97 3.16 -48.64
C ASP Y 36 50.79 3.38 -50.14
N LYS Y 37 50.24 4.52 -50.53
CA LYS Y 37 50.02 4.88 -51.92
C LYS Y 37 49.24 3.78 -52.65
N GLY Y 38 48.04 3.50 -52.14
CA GLY Y 38 47.21 2.49 -52.74
C GLY Y 38 46.37 1.69 -51.76
N ARG Y 39 46.73 1.71 -50.49
CA ARG Y 39 45.98 0.96 -49.51
C ARG Y 39 44.63 1.63 -49.23
N VAL Y 40 43.71 0.84 -48.66
CA VAL Y 40 42.35 1.28 -48.36
C VAL Y 40 42.12 1.10 -46.87
N ILE Y 41 41.67 2.17 -46.20
CA ILE Y 41 41.43 2.15 -44.78
C ILE Y 41 40.06 2.79 -44.50
N ARG Y 42 39.71 2.87 -43.23
CA ARG Y 42 38.40 3.35 -42.81
C ARG Y 42 38.54 4.43 -41.75
N ARG Y 43 37.87 5.56 -41.96
CA ARG Y 43 38.06 6.70 -41.06
C ARG Y 43 36.76 7.47 -40.90
N ASN Y 44 36.67 8.19 -39.79
CA ASN Y 44 35.52 9.03 -39.47
C ASN Y 44 35.83 10.48 -39.80
N VAL Y 45 34.86 11.17 -40.41
CA VAL Y 45 35.04 12.56 -40.81
C VAL Y 45 33.95 13.42 -40.19
N ARG Y 46 34.25 14.69 -39.98
CA ARG Y 46 33.27 15.66 -39.52
C ARG Y 46 32.98 16.65 -40.64
N GLY Y 47 31.70 16.91 -40.88
CA GLY Y 47 31.28 17.75 -41.98
C GLY Y 47 30.59 16.95 -43.05
N PRO Y 48 30.27 17.58 -44.17
CA PRO Y 48 29.65 16.86 -45.29
C PRO Y 48 30.66 16.33 -46.28
N VAL Y 49 30.29 15.23 -46.94
CA VAL Y 49 31.18 14.51 -47.85
C VAL Y 49 30.39 13.95 -49.01
N ARG Y 50 30.88 14.18 -50.22
CA ARG Y 50 30.45 13.47 -51.42
C ARG Y 50 31.49 12.40 -51.74
N VAL Y 51 31.37 11.80 -52.89
CA VAL Y 51 32.35 10.83 -53.36
C VAL Y 51 33.30 11.56 -54.29
N GLY Y 52 34.55 11.10 -54.34
CA GLY Y 52 35.57 11.73 -55.12
C GLY Y 52 36.32 12.83 -54.41
N ASP Y 53 36.05 13.04 -53.12
CA ASP Y 53 36.66 14.12 -52.38
C ASP Y 53 38.15 13.87 -52.20
N ILE Y 54 38.83 14.81 -51.55
CA ILE Y 54 40.24 14.67 -51.21
C ILE Y 54 40.39 15.15 -49.78
N LEU Y 55 40.39 14.23 -48.83
CA LEU Y 55 40.71 14.58 -47.46
C LEU Y 55 42.21 14.74 -47.31
N ILE Y 56 42.62 15.45 -46.27
CA ILE Y 56 44.01 15.49 -45.85
C ILE Y 56 44.08 14.99 -44.43
N LEU Y 57 44.94 13.99 -44.21
CA LEU Y 57 45.08 13.39 -42.90
C LEU Y 57 46.54 13.44 -42.47
N ARG Y 58 46.84 12.85 -41.32
CA ARG Y 58 48.15 13.06 -40.72
C ARG Y 58 48.81 11.80 -40.17
N GLU Y 59 48.14 10.65 -40.18
CA GLU Y 59 48.75 9.42 -39.68
C GLU Y 59 48.86 8.34 -40.72
N THR Y 60 47.78 8.08 -41.46
CA THR Y 60 47.62 6.98 -42.41
C THR Y 60 47.55 5.62 -41.72
N GLU Y 61 47.50 5.57 -40.39
CA GLU Y 61 47.25 4.31 -39.69
C GLU Y 61 46.43 4.56 -38.43
N ARG Y 62 45.13 4.57 -38.56
CA ARG Y 62 44.32 4.54 -37.34
C ARG Y 62 43.17 3.56 -37.42
N GLU Y 63 42.51 3.45 -38.57
CA GLU Y 63 41.53 2.38 -38.84
C GLU Y 63 40.39 2.38 -37.81
N ALA Y 64 39.58 3.44 -37.90
CA ALA Y 64 38.46 3.65 -37.00
C ALA Y 64 37.65 2.37 -36.82
N ARG Y 65 37.09 2.21 -35.61
CA ARG Y 65 36.41 0.98 -35.26
C ARG Y 65 35.15 0.77 -36.08
N GLU Y 66 34.91 -0.49 -36.43
CA GLU Y 66 33.77 -0.86 -37.26
C GLU Y 66 32.45 -0.34 -36.67
N ILE Y 67 31.50 -0.09 -37.53
CA ILE Y 67 30.23 0.50 -37.15
C ILE Y 67 29.20 -0.62 -37.00
N LYS Y 68 28.04 -0.28 -36.43
CA LYS Y 68 27.03 -1.28 -36.09
C LYS Y 68 26.37 -1.78 -37.37
N SER Y 69 27.06 -2.73 -38.01
CA SER Y 69 26.57 -3.39 -39.24
C SER Y 69 26.04 -2.38 -40.25
N ARG Y 70 26.62 -1.18 -40.24
CA ARG Y 70 26.28 -0.07 -41.13
C ARG Y 70 24.88 0.48 -40.86
N ARG Y 71 24.12 -0.17 -39.98
CA ARG Y 71 22.83 0.34 -39.52
C ARG Y 71 22.62 -0.02 -38.06
N MET Z 1 -56.50 65.40 6.42
CA MET Z 1 -56.37 66.21 5.21
C MET Z 1 -57.09 67.54 5.37
N GLY Z 2 -57.94 67.64 6.38
CA GLY Z 2 -58.63 68.87 6.75
C GLY Z 2 -59.40 69.55 5.62
N GLN Z 3 -59.74 70.81 5.89
CA GLN Z 3 -60.52 71.63 4.97
C GLN Z 3 -59.85 73.00 4.85
N LYS Z 4 -59.50 73.39 3.63
CA LYS Z 4 -58.95 74.72 3.39
C LYS Z 4 -59.33 75.15 1.96
N TRP Z 5 -60.46 75.85 1.84
CA TRP Z 5 -60.73 76.65 0.65
C TRP Z 5 -61.77 77.69 1.05
N LYS Z 6 -61.32 78.90 1.35
CA LYS Z 6 -62.22 79.89 1.94
C LYS Z 6 -61.53 81.24 1.87
N LEU Z 7 -62.10 82.21 2.59
CA LEU Z 7 -61.50 83.53 2.77
C LEU Z 7 -61.32 84.26 1.44
N TYR Z 8 -62.00 83.75 0.40
CA TYR Z 8 -62.18 84.47 -0.84
C TYR Z 8 -63.18 85.60 -0.69
N ILE Z 9 -62.75 86.77 -0.24
CA ILE Z 9 -63.56 87.68 0.55
C ILE Z 9 -64.95 87.83 -0.07
N VAL Z 10 -65.97 87.61 0.76
CA VAL Z 10 -67.31 87.29 0.30
C VAL Z 10 -68.27 87.61 1.43
N LYS Z 11 -69.40 88.21 1.10
CA LYS Z 11 -70.48 88.50 2.02
C LYS Z 11 -71.81 88.20 1.32
N ASP Z 12 -72.90 88.64 1.95
CA ASP Z 12 -74.23 88.48 1.39
C ASP Z 12 -74.70 89.80 0.78
N GLY Z 13 -75.34 89.71 -0.38
CA GLY Z 13 -75.77 90.87 -1.13
C GLY Z 13 -74.86 91.21 -2.31
N LYS Z 14 -73.55 91.08 -2.13
CA LYS Z 14 -72.58 91.30 -3.20
C LYS Z 14 -71.32 90.50 -2.90
N VAL Z 15 -70.44 90.41 -3.90
CA VAL Z 15 -69.13 89.77 -3.75
C VAL Z 15 -68.10 90.59 -4.50
N ILE Z 16 -66.90 90.69 -3.92
CA ILE Z 16 -65.71 91.13 -4.64
C ILE Z 16 -64.57 90.21 -4.21
N ARG Z 17 -64.32 89.16 -4.99
CA ARG Z 17 -63.36 88.16 -4.58
C ARG Z 17 -61.97 88.74 -4.42
N LYS Z 18 -61.24 88.23 -3.43
CA LYS Z 18 -60.01 88.85 -2.97
C LYS Z 18 -58.96 88.93 -4.07
N ASN Z 19 -58.53 87.77 -4.56
CA ASN Z 19 -57.43 87.69 -5.52
C ASN Z 19 -57.95 87.65 -6.95
N LYS Z 20 -57.19 88.29 -7.84
CA LYS Z 20 -57.61 88.44 -9.23
C LYS Z 20 -57.53 87.11 -9.97
N PHE Z 21 -57.82 87.15 -11.26
CA PHE Z 21 -57.73 85.97 -12.12
C PHE Z 21 -56.26 85.75 -12.49
N CYS Z 22 -56.01 84.87 -13.45
CA CYS Z 22 -54.66 84.69 -13.95
C CYS Z 22 -54.56 85.27 -15.35
N PRO Z 23 -53.64 86.21 -15.58
CA PRO Z 23 -53.48 86.74 -16.94
C PRO Z 23 -52.82 85.76 -17.87
N ARG Z 24 -52.15 84.74 -17.34
CA ARG Z 24 -51.42 83.79 -18.19
C ARG Z 24 -52.39 82.82 -18.86
N CYS Z 25 -53.08 82.03 -18.04
CA CYS Z 25 -54.12 81.13 -18.51
C CYS Z 25 -55.42 81.92 -18.62
N GLY Z 26 -56.54 81.22 -18.80
CA GLY Z 26 -57.83 81.85 -18.83
C GLY Z 26 -58.20 82.43 -17.47
N PRO Z 27 -59.26 83.22 -17.41
CA PRO Z 27 -59.70 83.77 -16.13
C PRO Z 27 -60.28 82.68 -15.24
N GLY Z 28 -60.36 83.01 -13.95
CA GLY Z 28 -60.95 82.07 -13.00
C GLY Z 28 -59.96 81.57 -11.97
N VAL Z 29 -58.73 81.28 -12.38
CA VAL Z 29 -57.71 80.75 -11.50
C VAL Z 29 -57.00 81.91 -10.82
N PHE Z 30 -56.80 81.80 -9.51
CA PHE Z 30 -56.43 82.92 -8.69
C PHE Z 30 -54.91 83.03 -8.55
N MET Z 31 -54.45 83.98 -7.74
CA MET Z 31 -53.05 84.27 -7.52
C MET Z 31 -52.72 84.09 -6.04
N ALA Z 32 -51.51 84.47 -5.67
CA ALA Z 32 -51.03 84.29 -4.31
C ALA Z 32 -51.36 85.50 -3.45
N ASP Z 33 -51.09 85.36 -2.16
CA ASP Z 33 -51.14 86.48 -1.23
C ASP Z 33 -49.96 86.41 -0.27
N HIS Z 34 -48.78 86.11 -0.82
CA HIS Z 34 -47.60 85.92 0.02
C HIS Z 34 -47.28 87.19 0.80
N GLY Z 35 -47.32 88.33 0.14
CA GLY Z 35 -47.12 89.60 0.82
C GLY Z 35 -46.12 90.51 0.15
N ASP Z 36 -45.35 89.96 -0.79
CA ASP Z 36 -44.38 90.75 -1.54
C ASP Z 36 -44.59 90.67 -3.04
N ARG Z 37 -45.03 89.53 -3.54
CA ARG Z 37 -45.25 89.33 -4.96
C ARG Z 37 -46.47 88.43 -5.15
N TRP Z 38 -47.18 88.64 -6.25
CA TRP Z 38 -48.24 87.72 -6.65
C TRP Z 38 -47.56 86.63 -7.45
N ALA Z 39 -47.17 85.56 -6.76
CA ALA Z 39 -46.38 84.51 -7.37
C ALA Z 39 -47.13 83.76 -8.46
N CYS Z 40 -48.46 83.88 -8.51
CA CYS Z 40 -49.34 83.18 -9.44
C CYS Z 40 -49.29 81.68 -9.20
N GLY Z 41 -48.56 81.25 -8.19
CA GLY Z 41 -48.62 79.88 -7.74
C GLY Z 41 -47.99 78.86 -8.66
N ARG Z 42 -48.42 78.81 -9.91
CA ARG Z 42 -48.02 77.69 -10.76
C ARG Z 42 -47.38 78.10 -12.08
N CYS Z 43 -47.75 79.27 -12.62
CA CYS Z 43 -47.24 79.66 -13.93
C CYS Z 43 -45.96 80.48 -13.86
N GLY Z 44 -45.64 81.06 -12.71
CA GLY Z 44 -44.51 81.95 -12.61
C GLY Z 44 -44.88 83.37 -12.97
N TYR Z 45 -44.85 84.25 -11.96
CA TYR Z 45 -45.18 85.65 -12.15
C TYR Z 45 -44.81 86.42 -10.88
N THR Z 46 -44.08 87.53 -11.03
CA THR Z 46 -43.48 88.23 -9.89
C THR Z 46 -43.69 89.73 -10.06
N GLU Z 47 -44.93 90.16 -10.27
CA GLU Z 47 -45.16 91.57 -10.54
C GLU Z 47 -44.97 92.46 -9.32
N TRP Z 48 -44.46 91.92 -8.21
CA TRP Z 48 -44.35 92.66 -6.94
C TRP Z 48 -45.74 93.16 -6.52
N LYS Z 49 -46.56 92.19 -6.13
CA LYS Z 49 -48.01 92.21 -6.14
C LYS Z 49 -48.66 93.57 -5.87
N LYS Z 50 -49.58 93.96 -6.74
CA LYS Z 50 -50.32 95.20 -6.61
C LYS Z 50 -51.46 95.05 -5.60
N ALA AA 2 -20.19 55.52 -47.92
CA ALA AA 2 -19.89 55.17 -49.29
C ALA AA 2 -20.93 54.23 -49.84
N ILE AA 3 -20.56 52.97 -50.07
CA ILE AA 3 -21.52 51.98 -50.53
C ILE AA 3 -21.52 50.79 -49.59
N GLU AA 4 -20.39 50.55 -48.94
CA GLU AA 4 -20.34 49.50 -47.93
C GLU AA 4 -21.20 49.87 -46.73
N ARG AA 5 -21.22 51.14 -46.37
CA ARG AA 5 -22.11 51.57 -45.31
C ARG AA 5 -23.56 51.41 -45.68
N TYR AA 6 -23.85 51.31 -46.98
CA TYR AA 6 -25.20 50.96 -47.39
C TYR AA 6 -25.44 49.47 -47.29
N PHE AA 7 -24.47 48.67 -47.71
CA PHE AA 7 -24.69 47.22 -47.75
C PHE AA 7 -24.81 46.64 -46.36
N ILE AA 8 -24.02 47.11 -45.41
CA ILE AA 8 -24.03 46.55 -44.07
C ILE AA 8 -24.83 47.42 -43.09
N ARG AA 9 -25.72 48.26 -43.61
CA ARG AA 9 -26.78 48.84 -42.80
C ARG AA 9 -28.12 48.19 -43.09
N GLU AA 10 -28.30 47.70 -44.32
CA GLU AA 10 -29.52 47.02 -44.72
C GLU AA 10 -29.38 45.51 -44.63
N ALA AA 11 -28.28 45.02 -44.06
CA ALA AA 11 -28.15 43.62 -43.70
C ALA AA 11 -28.40 43.38 -42.21
N VAL AA 12 -28.31 44.42 -41.40
CA VAL AA 12 -28.53 44.28 -39.97
C VAL AA 12 -30.00 44.30 -39.62
N LYS AA 13 -30.79 45.15 -40.28
CA LYS AA 13 -32.22 45.22 -39.99
C LYS AA 13 -32.85 43.84 -40.04
N GLU AA 14 -32.52 43.06 -41.07
CA GLU AA 14 -33.04 41.71 -41.16
C GLU AA 14 -32.63 40.88 -39.95
N MET AA 15 -31.39 41.04 -39.50
CA MET AA 15 -30.93 40.28 -38.34
C MET AA 15 -31.82 40.59 -37.13
N LEU AA 16 -32.09 41.85 -36.89
CA LEU AA 16 -32.88 42.23 -35.71
C LEU AA 16 -34.32 41.74 -35.84
N ILE AA 17 -34.94 41.92 -37.00
CA ILE AA 17 -36.31 41.46 -37.20
C ILE AA 17 -36.39 39.97 -36.96
N ASP AA 18 -35.45 39.20 -37.54
CA ASP AA 18 -35.47 37.76 -37.42
C ASP AA 18 -35.27 37.32 -35.96
N GLU AA 19 -34.28 37.91 -35.28
CA GLU AA 19 -34.01 37.56 -33.90
C GLU AA 19 -35.16 37.93 -32.97
N PHE AA 20 -36.01 38.88 -33.35
CA PHE AA 20 -37.18 39.17 -32.53
C PHE AA 20 -38.34 38.23 -32.84
N LEU AA 21 -38.59 37.98 -34.12
CA LEU AA 21 -39.69 37.10 -34.47
C LEU AA 21 -39.44 35.68 -34.00
N GLU AA 22 -38.19 35.25 -33.89
CA GLU AA 22 -37.92 33.93 -33.32
C GLU AA 22 -38.62 33.78 -31.98
N LYS AA 23 -38.26 34.66 -31.03
CA LYS AA 23 -38.93 34.72 -29.75
C LYS AA 23 -40.44 34.78 -29.92
N GLU AA 24 -40.92 35.79 -30.66
CA GLU AA 24 -42.36 36.07 -30.67
C GLU AA 24 -43.15 34.87 -31.18
N LEU AA 25 -42.81 34.37 -32.35
CA LEU AA 25 -43.43 33.15 -32.85
C LEU AA 25 -42.62 31.93 -32.42
N ARG AA 26 -42.24 31.86 -31.15
CA ARG AA 26 -41.64 30.65 -30.60
C ARG AA 26 -42.45 29.41 -30.95
N ARG AA 27 -43.72 29.36 -30.57
CA ARG AA 27 -44.52 28.27 -31.07
C ARG AA 27 -44.93 28.58 -32.51
N ALA AA 28 -45.70 27.67 -33.10
CA ALA AA 28 -46.01 27.69 -34.53
C ALA AA 28 -44.75 27.65 -35.39
N GLY AA 29 -43.59 27.38 -34.79
CA GLY AA 29 -42.37 27.07 -35.50
C GLY AA 29 -41.97 28.03 -36.59
N TYR AA 30 -41.76 29.28 -36.23
CA TYR AA 30 -41.31 30.29 -37.18
C TYR AA 30 -40.11 29.78 -37.96
N GLY AA 31 -40.28 29.66 -39.27
CA GLY AA 31 -39.28 29.02 -40.11
C GLY AA 31 -38.23 29.94 -40.69
N GLY AA 32 -38.56 31.20 -40.89
CA GLY AA 32 -37.65 32.14 -41.50
C GLY AA 32 -38.41 33.14 -42.35
N LEU AA 33 -37.73 34.23 -42.70
CA LEU AA 33 -38.38 35.27 -43.49
C LEU AA 33 -37.56 35.74 -44.67
N ASP AA 34 -38.03 36.79 -45.33
CA ASP AA 34 -37.34 37.42 -46.46
C ASP AA 34 -38.01 38.74 -46.81
N ILE AA 35 -37.21 39.78 -47.03
CA ILE AA 35 -37.72 41.11 -47.32
C ILE AA 35 -37.53 41.38 -48.80
N LYS AA 36 -38.59 41.81 -49.47
CA LYS AA 36 -38.54 42.20 -50.87
C LYS AA 36 -38.79 43.70 -50.92
N LYS AA 37 -37.76 44.45 -51.27
CA LYS AA 37 -37.77 45.91 -51.21
C LYS AA 37 -38.10 46.44 -52.60
N THR AA 38 -39.30 46.95 -52.76
CA THR AA 38 -39.75 47.50 -54.04
C THR AA 38 -40.05 48.97 -53.83
N PRO AA 39 -40.26 49.76 -54.89
CA PRO AA 39 -40.74 51.13 -54.71
C PRO AA 39 -41.94 51.21 -53.77
N LEU AA 40 -42.11 52.39 -53.17
CA LEU AA 40 -43.27 52.78 -52.36
C LEU AA 40 -43.54 51.87 -51.17
N GLY AA 41 -42.63 50.96 -50.85
CA GLY AA 41 -42.82 50.11 -49.68
C GLY AA 41 -42.23 48.74 -49.89
N THR AA 42 -42.10 48.03 -48.78
CA THR AA 42 -41.51 46.70 -48.77
C THR AA 42 -42.62 45.65 -48.69
N LYS AA 43 -42.22 44.40 -48.48
CA LYS AA 43 -43.17 43.30 -48.38
C LYS AA 43 -42.50 42.14 -47.67
N VAL AA 44 -43.04 41.72 -46.54
CA VAL AA 44 -42.42 40.71 -45.71
C VAL AA 44 -43.18 39.40 -45.85
N ILE AA 45 -42.45 38.30 -45.71
CA ILE AA 45 -42.99 36.95 -45.84
C ILE AA 45 -42.43 36.11 -44.71
N ILE AA 46 -43.29 35.33 -44.06
CA ILE AA 46 -42.93 34.55 -42.89
C ILE AA 46 -43.48 33.13 -43.07
N PHE AA 47 -42.58 32.15 -43.21
CA PHE AA 47 -42.98 30.77 -43.46
C PHE AA 47 -43.22 30.06 -42.14
N ALA AA 48 -44.38 30.31 -41.54
CA ALA AA 48 -44.65 29.74 -40.24
C ALA AA 48 -44.93 28.25 -40.38
N ALA AA 49 -45.34 27.61 -39.29
CA ALA AA 49 -45.78 26.22 -39.33
C ALA AA 49 -47.21 26.06 -38.85
N ASN AA 50 -47.94 27.15 -38.69
CA ASN AA 50 -49.30 27.16 -38.19
C ASN AA 50 -49.94 28.50 -38.55
N PRO AA 51 -50.25 28.74 -39.83
CA PRO AA 51 -50.86 30.01 -40.24
C PRO AA 51 -51.95 30.53 -39.31
N GLY AA 52 -52.69 29.63 -38.69
CA GLY AA 52 -53.72 30.02 -37.76
C GLY AA 52 -53.21 30.87 -36.61
N TYR AA 53 -52.24 30.35 -35.84
CA TYR AA 53 -51.76 31.07 -34.67
C TYR AA 53 -51.08 32.37 -35.05
N VAL AA 54 -50.32 32.38 -36.14
CA VAL AA 54 -49.60 33.59 -36.50
C VAL AA 54 -50.56 34.68 -36.97
N ILE AA 55 -51.59 34.32 -37.74
CA ILE AA 55 -52.53 35.32 -38.23
C ILE AA 55 -53.23 35.99 -37.07
N GLY AA 56 -53.81 35.20 -36.18
CA GLY AA 56 -54.54 35.75 -35.06
C GLY AA 56 -55.96 35.22 -35.02
N ARG AA 57 -56.87 35.95 -34.38
CA ARG AA 57 -58.27 35.56 -34.37
C ARG AA 57 -59.04 36.33 -35.44
N GLY AA 58 -58.79 35.95 -36.69
CA GLY AA 58 -59.36 36.67 -37.81
C GLY AA 58 -58.65 37.96 -38.14
N GLY AA 59 -57.36 38.05 -37.87
CA GLY AA 59 -56.59 39.23 -38.18
C GLY AA 59 -56.43 40.24 -37.06
N ARG AA 60 -56.38 39.79 -35.81
CA ARG AA 60 -56.21 40.69 -34.68
C ARG AA 60 -54.81 40.65 -34.10
N ARG AA 61 -53.87 40.05 -34.81
CA ARG AA 61 -52.47 40.02 -34.40
C ARG AA 61 -51.55 40.70 -35.40
N ILE AA 62 -51.74 40.41 -36.69
CA ILE AA 62 -50.89 40.99 -37.73
C ILE AA 62 -50.94 42.50 -37.70
N ARG AA 63 -52.03 43.08 -37.22
CA ARG AA 63 -52.04 44.53 -37.01
C ARG AA 63 -50.95 44.95 -36.03
N GLU AA 64 -50.89 44.28 -34.89
CA GLU AA 64 -49.83 44.57 -33.93
C GLU AA 64 -48.47 44.27 -34.51
N LEU AA 65 -48.36 43.21 -35.30
CA LEU AA 65 -47.06 42.89 -35.89
C LEU AA 65 -46.60 44.00 -36.81
N THR AA 66 -47.50 44.54 -37.63
CA THR AA 66 -47.11 45.61 -38.55
C THR AA 66 -46.77 46.88 -37.78
N ARG AA 67 -47.59 47.27 -36.81
CA ARG AA 67 -47.28 48.49 -36.08
C ARG AA 67 -45.95 48.36 -35.35
N ILE AA 68 -45.68 47.18 -34.78
CA ILE AA 68 -44.45 47.00 -34.03
C ILE AA 68 -43.26 46.98 -34.97
N LEU AA 69 -43.40 46.31 -36.11
CA LEU AA 69 -42.34 46.18 -37.09
C LEU AA 69 -42.05 47.48 -37.82
N GLU AA 70 -42.95 48.46 -37.74
CA GLU AA 70 -42.70 49.74 -38.38
C GLU AA 70 -42.39 50.85 -37.40
N ARG AA 71 -42.74 50.71 -36.12
CA ARG AA 71 -42.46 51.77 -35.17
C ARG AA 71 -41.09 51.61 -34.52
N GLN AA 72 -40.73 50.38 -34.13
CA GLN AA 72 -39.44 50.12 -33.50
C GLN AA 72 -38.34 49.78 -34.50
N PHE AA 73 -38.70 49.33 -35.68
CA PHE AA 73 -37.75 48.96 -36.71
C PHE AA 73 -37.83 49.99 -37.85
N GLY AA 74 -37.15 49.70 -38.96
CA GLY AA 74 -37.27 50.54 -40.13
C GLY AA 74 -38.50 50.17 -40.94
N LEU AA 75 -38.33 49.91 -42.24
CA LEU AA 75 -39.40 49.34 -43.06
C LEU AA 75 -40.64 50.22 -43.05
N GLU AA 76 -40.49 51.39 -43.68
CA GLU AA 76 -41.47 52.46 -43.52
C GLU AA 76 -42.86 52.05 -44.03
N ASN AA 77 -42.96 51.16 -45.01
CA ASN AA 77 -44.24 50.71 -45.55
C ASN AA 77 -44.24 49.19 -45.63
N PRO AA 78 -44.67 48.51 -44.59
CA PRO AA 78 -44.64 47.05 -44.57
C PRO AA 78 -45.96 46.40 -44.99
N GLN AA 79 -45.87 45.13 -45.37
CA GLN AA 79 -47.03 44.35 -45.78
C GLN AA 79 -46.71 42.88 -45.56
N ILE AA 80 -47.22 42.32 -44.47
CA ILE AA 80 -46.87 40.97 -44.04
C ILE AA 80 -47.86 39.97 -44.64
N ASP AA 81 -47.41 38.74 -44.80
CA ASP AA 81 -48.27 37.62 -45.15
C ASP AA 81 -47.54 36.32 -44.87
N VAL AA 82 -48.26 35.31 -44.42
CA VAL AA 82 -47.67 34.07 -43.98
C VAL AA 82 -47.91 32.99 -45.04
N GLN AA 83 -47.21 31.88 -44.89
CA GLN AA 83 -47.07 30.88 -45.93
C GLN AA 83 -46.91 29.52 -45.21
N GLU AA 84 -46.43 28.51 -45.93
CA GLU AA 84 -46.24 27.20 -45.33
C GLU AA 84 -44.86 26.68 -45.69
N ILE AA 85 -44.27 25.92 -44.77
CA ILE AA 85 -42.85 25.61 -44.81
C ILE AA 85 -42.46 24.88 -46.08
N LYS AA 86 -41.25 25.16 -46.57
CA LYS AA 86 -40.77 24.55 -47.81
C LYS AA 86 -40.59 23.05 -47.67
N ASN AA 87 -39.86 22.60 -46.65
CA ASN AA 87 -39.63 21.20 -46.36
C ASN AA 87 -39.32 21.04 -44.88
N PRO AA 88 -40.34 20.83 -44.05
CA PRO AA 88 -40.13 20.89 -42.60
C PRO AA 88 -39.27 19.77 -42.05
N TYR AA 89 -39.00 18.73 -42.82
CA TYR AA 89 -38.19 17.62 -42.34
C TYR AA 89 -36.76 17.67 -42.83
N LEU AA 90 -36.40 18.71 -43.58
CA LEU AA 90 -35.03 18.90 -44.04
C LEU AA 90 -34.48 20.24 -43.57
N ASN AA 91 -35.12 20.83 -42.57
CA ASN AA 91 -34.73 22.12 -42.01
C ASN AA 91 -34.38 21.87 -40.55
N ALA AA 92 -33.10 21.89 -40.22
CA ALA AA 92 -32.69 21.54 -38.87
C ALA AA 92 -33.30 22.47 -37.83
N LYS AA 93 -33.42 23.75 -38.14
CA LYS AA 93 -33.83 24.71 -37.12
C LYS AA 93 -35.33 24.69 -36.87
N VAL AA 94 -36.04 23.70 -37.41
CA VAL AA 94 -37.39 23.41 -36.96
C VAL AA 94 -37.41 22.16 -36.10
N GLN AA 95 -36.66 21.13 -36.49
CA GLN AA 95 -36.60 19.92 -35.68
C GLN AA 95 -36.01 20.24 -34.32
N ALA AA 96 -35.07 21.17 -34.25
CA ALA AA 96 -34.49 21.49 -32.96
C ALA AA 96 -35.55 22.02 -32.01
N VAL AA 97 -36.42 22.92 -32.50
CA VAL AA 97 -37.44 23.48 -31.63
C VAL AA 97 -38.54 22.47 -31.35
N ARG AA 98 -38.85 21.60 -32.32
CA ARG AA 98 -39.83 20.55 -32.07
C ARG AA 98 -39.37 19.66 -30.92
N ILE AA 99 -38.12 19.21 -30.96
CA ILE AA 99 -37.62 18.34 -29.92
C ILE AA 99 -37.53 19.08 -28.58
N ALA AA 100 -37.15 20.36 -28.62
CA ALA AA 100 -37.09 21.12 -27.37
C ALA AA 100 -38.47 21.24 -26.74
N GLN AA 101 -39.50 21.50 -27.55
CA GLN AA 101 -40.85 21.58 -27.02
C GLN AA 101 -41.28 20.24 -26.44
N ALA AA 102 -41.09 19.16 -27.19
CA ALA AA 102 -41.45 17.84 -26.71
C ALA AA 102 -40.80 17.57 -25.36
N LEU AA 103 -39.53 17.92 -25.23
CA LEU AA 103 -38.84 17.72 -23.95
C LEU AA 103 -39.52 18.52 -22.84
N GLU AA 104 -39.70 19.82 -23.04
CA GLU AA 104 -40.24 20.58 -21.92
C GLU AA 104 -41.72 20.33 -21.68
N ARG AA 105 -42.38 19.54 -22.52
CA ARG AA 105 -43.73 19.12 -22.17
C ARG AA 105 -43.74 17.95 -21.20
N GLY AA 106 -42.72 17.10 -21.23
CA GLY AA 106 -42.59 16.05 -20.24
C GLY AA 106 -42.19 14.68 -20.74
N ILE AA 107 -41.88 14.56 -22.03
CA ILE AA 107 -41.49 13.26 -22.58
C ILE AA 107 -40.07 12.92 -22.14
N HIS AA 108 -39.74 11.64 -22.13
CA HIS AA 108 -38.38 11.23 -21.81
C HIS AA 108 -37.46 11.52 -22.98
N PHE AA 109 -36.20 11.81 -22.68
CA PHE AA 109 -35.38 12.35 -23.75
C PHE AA 109 -34.97 11.32 -24.79
N ARG AA 110 -35.28 10.04 -24.61
CA ARG AA 110 -34.91 9.05 -25.61
C ARG AA 110 -36.02 8.76 -26.61
N ARG AA 111 -37.27 8.81 -26.18
CA ARG AA 111 -38.37 8.64 -27.13
C ARG AA 111 -38.37 9.77 -28.14
N ALA AA 112 -38.13 11.00 -27.68
CA ALA AA 112 -38.14 12.15 -28.57
C ALA AA 112 -37.11 12.01 -29.69
N ALA AA 113 -35.89 11.58 -29.34
CA ALA AA 113 -34.83 11.55 -30.32
C ALA AA 113 -35.07 10.48 -31.37
N TYR AA 114 -35.57 9.31 -30.97
CA TYR AA 114 -35.80 8.27 -31.95
C TYR AA 114 -37.04 8.55 -32.80
N ALA AA 115 -38.09 9.11 -32.20
CA ALA AA 115 -39.17 9.66 -33.01
C ALA AA 115 -38.63 10.59 -34.09
N ALA AA 116 -37.82 11.58 -33.68
CA ALA AA 116 -37.35 12.58 -34.63
C ALA AA 116 -36.48 11.97 -35.71
N MET AA 117 -35.52 11.12 -35.32
CA MET AA 117 -34.62 10.56 -36.33
C MET AA 117 -35.37 9.65 -37.29
N ARG AA 118 -36.30 8.85 -36.79
CA ARG AA 118 -37.06 8.00 -37.70
C ARG AA 118 -37.86 8.82 -38.68
N ALA AA 119 -38.51 9.89 -38.19
CA ALA AA 119 -39.28 10.74 -39.09
C ALA AA 119 -38.39 11.36 -40.15
N ILE AA 120 -37.23 11.87 -39.76
CA ILE AA 120 -36.36 12.56 -40.70
C ILE AA 120 -35.83 11.60 -41.74
N MET AA 121 -35.19 10.51 -41.29
CA MET AA 121 -34.67 9.53 -42.25
C MET AA 121 -35.78 8.89 -43.06
N SER AA 122 -37.03 9.02 -42.63
CA SER AA 122 -38.15 8.58 -43.45
C SER AA 122 -38.42 9.55 -44.59
N ASN AA 123 -38.56 10.84 -44.28
CA ASN AA 123 -38.84 11.82 -45.30
C ASN AA 123 -37.72 11.99 -46.32
N GLY AA 124 -36.65 11.22 -46.18
CA GLY AA 124 -35.65 11.14 -47.25
C GLY AA 124 -34.37 11.94 -47.10
N ALA AA 125 -33.72 11.84 -45.96
CA ALA AA 125 -32.40 12.45 -45.75
C ALA AA 125 -31.30 11.40 -45.85
N ARG AA 126 -30.09 11.86 -46.11
CA ARG AA 126 -28.96 10.95 -46.24
C ARG AA 126 -28.38 10.55 -44.90
N GLY AA 127 -28.37 11.48 -43.95
CA GLY AA 127 -27.87 11.21 -42.62
C GLY AA 127 -28.18 12.35 -41.68
N VAL AA 128 -28.37 12.03 -40.40
CA VAL AA 128 -28.78 13.01 -39.40
C VAL AA 128 -27.98 12.74 -38.14
N GLU AA 129 -27.84 13.76 -37.30
CA GLU AA 129 -27.20 13.57 -36.01
C GLU AA 129 -27.73 14.54 -34.97
N ILE AA 130 -28.18 14.00 -33.85
CA ILE AA 130 -28.68 14.77 -32.73
C ILE AA 130 -27.69 14.67 -31.58
N ARG AA 131 -27.76 15.62 -30.66
CA ARG AA 131 -26.84 15.63 -29.53
C ARG AA 131 -27.48 16.45 -28.42
N ILE AA 132 -27.85 15.79 -27.33
CA ILE AA 132 -28.54 16.42 -26.20
C ILE AA 132 -27.60 16.40 -25.01
N SER AA 133 -27.64 17.45 -24.20
CA SER AA 133 -26.71 17.53 -23.08
C SER AA 133 -27.23 18.53 -22.07
N GLY AA 134 -27.55 18.06 -20.89
CA GLY AA 134 -28.00 18.92 -19.82
C GLY AA 134 -27.91 18.19 -18.53
N LYS AA 135 -28.83 18.49 -17.61
CA LYS AA 135 -28.86 17.87 -16.30
C LYS AA 135 -29.77 16.66 -16.25
N LEU AA 136 -29.95 15.98 -17.37
CA LEU AA 136 -30.92 14.89 -17.43
C LEU AA 136 -30.52 13.75 -16.51
N THR AA 137 -31.51 13.23 -15.79
CA THR AA 137 -31.39 12.09 -14.87
C THR AA 137 -30.11 12.15 -14.02
N GLY AA 138 -30.03 13.19 -13.21
CA GLY AA 138 -28.93 13.29 -12.26
C GLY AA 138 -28.75 14.73 -11.79
N GLU AA 139 -27.68 14.93 -11.04
CA GLU AA 139 -27.25 16.26 -10.67
C GLU AA 139 -25.86 16.59 -11.18
N ARG AA 140 -25.20 15.66 -11.86
CA ARG AA 140 -24.03 15.94 -12.66
C ARG AA 140 -24.43 15.81 -14.12
N ALA AA 141 -24.10 16.80 -14.93
CA ALA AA 141 -24.57 16.83 -16.30
C ALA AA 141 -23.95 15.69 -17.11
N LYS AA 142 -24.46 15.52 -18.32
CA LYS AA 142 -24.09 14.40 -19.17
C LYS AA 142 -24.16 14.86 -20.62
N SER AA 143 -24.18 13.91 -21.55
CA SER AA 143 -24.27 14.16 -22.97
C SER AA 143 -24.51 12.85 -23.68
N VAL AA 144 -25.31 12.88 -24.74
CA VAL AA 144 -25.64 11.67 -25.49
C VAL AA 144 -25.67 12.01 -26.97
N ARG AA 145 -25.56 11.00 -27.81
CA ARG AA 145 -25.40 11.19 -29.24
C ARG AA 145 -26.20 10.14 -29.99
N PHE AA 146 -26.82 10.53 -31.11
CA PHE AA 146 -27.55 9.61 -31.97
C PHE AA 146 -27.29 9.97 -33.42
N TYR AA 147 -27.02 8.98 -34.27
CA TYR AA 147 -26.75 9.29 -35.67
C TYR AA 147 -27.16 8.11 -36.56
N GLN AA 148 -27.22 8.36 -37.89
CA GLN AA 148 -27.83 7.37 -38.78
C GLN AA 148 -27.01 6.96 -39.99
N GLY AA 149 -26.29 7.88 -40.63
CA GLY AA 149 -25.60 7.50 -41.84
C GLY AA 149 -24.37 8.31 -42.20
N TYR AA 150 -24.25 8.67 -43.46
CA TYR AA 150 -23.20 9.58 -43.88
C TYR AA 150 -23.50 10.98 -43.39
N LEU AA 151 -22.47 11.66 -42.87
CA LEU AA 151 -22.60 13.04 -42.44
C LEU AA 151 -21.20 13.62 -42.34
N ALA AA 152 -20.89 14.61 -43.16
CA ALA AA 152 -19.56 15.20 -43.15
C ALA AA 152 -19.43 16.20 -42.01
N LYS AA 153 -18.23 16.33 -41.49
CA LYS AA 153 -18.02 17.13 -40.31
C LYS AA 153 -16.99 18.23 -40.48
N VAL AA 154 -15.93 18.02 -41.24
CA VAL AA 154 -14.91 19.03 -41.46
C VAL AA 154 -14.68 19.18 -42.95
N GLY AA 155 -13.98 20.24 -43.31
CA GLY AA 155 -13.70 20.57 -44.68
C GLY AA 155 -14.58 21.70 -45.15
N ASN AA 156 -14.57 21.93 -46.44
CA ASN AA 156 -15.51 22.89 -47.01
C ASN AA 156 -16.90 22.29 -47.20
N PRO AA 157 -17.03 21.08 -47.75
CA PRO AA 157 -18.39 20.56 -47.98
C PRO AA 157 -19.25 20.48 -46.73
N ALA AA 158 -18.66 20.26 -45.56
CA ALA AA 158 -19.44 20.27 -44.32
C ALA AA 158 -19.48 21.65 -43.71
N GLU AA 159 -19.78 22.63 -44.55
CA GLU AA 159 -20.09 23.98 -44.12
C GLU AA 159 -21.24 24.59 -44.88
N THR AA 160 -21.51 24.12 -46.10
CA THR AA 160 -22.55 24.65 -46.95
C THR AA 160 -23.65 23.67 -47.26
N LEU AA 161 -23.35 22.37 -47.29
CA LEU AA 161 -24.38 21.41 -47.62
C LEU AA 161 -25.23 21.05 -46.40
N VAL AA 162 -24.58 20.74 -45.28
CA VAL AA 162 -25.36 20.29 -44.13
C VAL AA 162 -26.10 21.47 -43.50
N SER AA 163 -27.16 21.13 -42.78
CA SER AA 163 -28.07 22.10 -42.19
C SER AA 163 -28.09 21.89 -40.70
N LYS AA 164 -27.75 22.91 -39.92
CA LYS AA 164 -27.59 22.75 -38.48
C LYS AA 164 -28.32 23.84 -37.72
N GLY AA 165 -28.83 23.48 -36.54
CA GLY AA 165 -29.60 24.39 -35.72
C GLY AA 165 -29.53 24.01 -34.26
N TYR AA 166 -29.77 24.99 -33.42
CA TYR AA 166 -29.58 24.89 -31.98
C TYR AA 166 -30.78 25.48 -31.27
N ALA AA 167 -31.05 25.00 -30.05
CA ALA AA 167 -32.21 25.45 -29.31
C ALA AA 167 -31.97 25.24 -27.83
N GLN AA 168 -32.88 25.77 -27.02
CA GLN AA 168 -32.86 25.56 -25.59
C GLN AA 168 -34.20 25.01 -25.12
N ALA AA 169 -34.23 24.47 -23.91
CA ALA AA 169 -35.48 23.91 -23.37
C ALA AA 169 -35.45 24.09 -21.85
N LEU AA 170 -36.05 25.17 -21.38
CA LEU AA 170 -36.08 25.44 -19.95
C LEU AA 170 -36.99 24.45 -19.23
N LEU AA 171 -36.61 24.04 -18.03
CA LEU AA 171 -37.34 23.03 -17.27
C LEU AA 171 -37.39 23.44 -15.80
N LYS AA 172 -37.74 22.49 -14.95
CA LYS AA 172 -37.81 22.72 -13.52
C LYS AA 172 -36.45 22.59 -12.86
N LEU AA 173 -35.57 21.77 -13.44
CA LEU AA 173 -34.19 21.73 -12.95
C LEU AA 173 -33.36 22.83 -13.59
N GLY AA 174 -33.19 22.80 -14.89
CA GLY AA 174 -32.43 23.81 -15.58
C GLY AA 174 -32.73 23.81 -17.06
N VAL AA 175 -31.72 24.14 -17.86
CA VAL AA 175 -31.84 24.20 -19.30
C VAL AA 175 -31.29 22.92 -19.89
N ILE AA 176 -31.52 22.73 -21.19
CA ILE AA 176 -30.99 21.60 -21.93
C ILE AA 176 -30.77 22.06 -23.37
N GLY AA 177 -29.58 21.80 -23.93
CA GLY AA 177 -29.26 22.22 -25.27
C GLY AA 177 -29.46 21.09 -26.26
N VAL AA 178 -30.05 21.42 -27.41
CA VAL AA 178 -30.31 20.46 -28.48
C VAL AA 178 -29.65 20.99 -29.74
N LYS AA 179 -28.97 20.12 -30.46
CA LYS AA 179 -28.22 20.54 -31.64
C LYS AA 179 -28.36 19.48 -32.71
N VAL AA 180 -28.98 19.85 -33.83
CA VAL AA 180 -29.30 18.90 -34.89
C VAL AA 180 -28.42 19.21 -36.09
N ALA AA 181 -28.35 18.27 -37.02
CA ALA AA 181 -27.59 18.47 -38.25
C ALA AA 181 -28.05 17.46 -39.29
N ILE AA 182 -28.65 17.94 -40.37
CA ILE AA 182 -29.29 17.10 -41.38
C ILE AA 182 -28.60 17.32 -42.71
N MET AA 183 -28.49 16.26 -43.50
CA MET AA 183 -27.86 16.35 -44.81
C MET AA 183 -28.91 16.26 -45.89
N PRO AA 184 -29.03 17.23 -46.80
CA PRO AA 184 -30.06 17.16 -47.81
C PRO AA 184 -29.87 15.95 -48.70
N PRO AA 185 -30.95 15.43 -49.29
CA PRO AA 185 -30.86 14.15 -50.00
C PRO AA 185 -29.96 14.15 -51.23
N ASP AA 186 -29.35 15.28 -51.56
CA ASP AA 186 -28.45 15.41 -52.69
C ASP AA 186 -27.11 15.89 -52.16
N ALA AA 187 -26.28 14.96 -51.72
CA ALA AA 187 -25.03 15.37 -51.10
C ALA AA 187 -23.99 15.72 -52.15
N ARG AA 188 -23.57 14.74 -52.95
CA ARG AA 188 -22.58 14.94 -54.00
C ARG AA 188 -21.28 15.50 -53.43
N LEU AA 189 -20.63 14.67 -52.62
CA LEU AA 189 -19.27 14.96 -52.22
C LEU AA 189 -18.34 14.79 -53.41
N PRO AA 190 -17.14 15.35 -53.35
CA PRO AA 190 -16.21 15.19 -54.47
C PRO AA 190 -15.86 13.75 -54.81
N ASP AA 191 -15.90 12.84 -53.83
CA ASP AA 191 -15.46 11.48 -54.06
C ASP AA 191 -16.43 10.67 -54.90
N GLU AA 192 -17.64 11.18 -55.13
CA GLU AA 192 -18.68 10.41 -55.82
C GLU AA 192 -18.59 10.66 -57.32
N ILE AA 193 -17.56 10.08 -57.90
CA ILE AA 193 -17.27 10.20 -59.33
C ILE AA 193 -17.80 8.96 -60.02
N GLU AA 194 -18.56 9.15 -61.08
CA GLU AA 194 -19.17 8.07 -61.82
C GLU AA 194 -18.67 8.08 -63.26
N ILE AA 195 -19.14 7.11 -64.04
CA ILE AA 195 -18.75 6.97 -65.43
C ILE AA 195 -20.00 7.08 -66.28
N ILE AA 196 -20.16 8.21 -66.95
CA ILE AA 196 -21.16 8.35 -68.00
C ILE AA 196 -20.77 7.39 -69.12
N GLU AA 197 -21.59 6.37 -69.33
CA GLU AA 197 -21.21 5.24 -70.16
C GLU AA 197 -21.79 5.36 -71.57
N LYS AA 198 -21.47 4.37 -72.39
CA LYS AA 198 -21.87 4.35 -73.79
C LYS AA 198 -23.14 3.51 -74.01
N MET BA 1 11.44 -24.33 13.85
CA MET BA 1 10.64 -23.28 14.46
C MET BA 1 9.23 -23.33 13.91
N LYS BA 2 8.95 -24.33 13.08
CA LYS BA 2 7.60 -24.57 12.57
C LYS BA 2 7.07 -23.34 11.83
N ARG BA 3 7.73 -23.06 10.71
CA ARG BA 3 7.42 -21.88 9.91
C ARG BA 3 6.29 -22.16 8.95
N ARG BA 4 5.72 -21.08 8.43
CA ARG BA 4 4.57 -21.13 7.52
C ARG BA 4 4.88 -20.22 6.34
N PRO BA 5 4.80 -20.72 5.10
CA PRO BA 5 5.33 -19.98 3.96
C PRO BA 5 4.48 -18.80 3.53
N ARG BA 6 3.38 -18.53 4.21
CA ARG BA 6 2.57 -17.37 3.86
C ARG BA 6 3.24 -16.06 4.22
N LYS BA 7 4.30 -16.10 5.02
CA LYS BA 7 4.88 -14.88 5.59
C LYS BA 7 6.15 -14.45 4.90
N TRP BA 8 6.66 -15.21 3.94
CA TRP BA 8 7.77 -14.71 3.15
C TRP BA 8 7.31 -13.82 2.01
N LYS BA 9 6.03 -13.53 1.93
CA LYS BA 9 5.46 -12.92 0.73
C LYS BA 9 5.67 -11.43 0.64
N LYS BA 10 6.09 -10.77 1.72
CA LYS BA 10 6.70 -9.44 1.66
C LYS BA 10 5.74 -8.33 1.26
N LYS BA 11 4.44 -8.61 1.14
CA LYS BA 11 3.52 -7.62 0.59
C LYS BA 11 3.38 -6.42 1.51
N GLY BA 12 2.88 -6.63 2.72
CA GLY BA 12 2.60 -5.53 3.61
C GLY BA 12 3.31 -5.65 4.94
N ARG BA 13 4.58 -6.04 4.91
CA ARG BA 13 5.32 -6.39 6.11
C ARG BA 13 6.81 -6.34 5.81
N MET BA 14 7.62 -6.77 6.76
CA MET BA 14 9.07 -6.80 6.60
C MET BA 14 9.57 -8.23 6.49
N ARG BA 15 10.85 -8.36 6.13
CA ARG BA 15 11.41 -9.67 5.82
C ARG BA 15 11.31 -10.61 7.01
N TRP BA 16 11.04 -11.88 6.73
CA TRP BA 16 10.84 -12.85 7.80
C TRP BA 16 12.17 -13.32 8.38
N LYS BA 17 13.16 -13.47 7.53
CA LYS BA 17 14.50 -13.84 7.99
C LYS BA 17 15.00 -12.88 9.05
N TRP BA 18 14.52 -11.63 9.05
CA TRP BA 18 14.93 -10.63 10.02
C TRP BA 18 13.94 -10.46 11.16
N ILE BA 19 12.75 -11.03 11.08
CA ILE BA 19 11.87 -11.04 12.23
C ILE BA 19 12.23 -12.17 13.17
N LYS BA 20 12.48 -13.35 12.60
CA LYS BA 20 12.93 -14.47 13.41
C LYS BA 20 14.15 -14.09 14.25
N LYS BA 21 15.11 -13.40 13.63
CA LYS BA 21 16.33 -13.01 14.31
C LYS BA 21 16.06 -12.08 15.48
N ARG BA 22 14.88 -11.44 15.51
CA ARG BA 22 14.52 -10.52 16.58
C ARG BA 22 13.68 -11.19 17.65
N ILE BA 23 12.91 -12.20 17.28
CA ILE BA 23 12.27 -13.04 18.29
C ILE BA 23 13.32 -13.79 19.11
N ARG BA 24 14.39 -14.22 18.46
CA ARG BA 24 15.44 -14.94 19.18
C ARG BA 24 16.12 -14.06 20.22
N ARG BA 25 16.37 -12.78 19.89
CA ARG BA 25 17.07 -11.92 20.82
C ARG BA 25 16.25 -11.58 22.05
N LEU BA 26 14.93 -11.79 22.00
CA LEU BA 26 14.07 -11.65 23.17
C LEU BA 26 13.97 -12.94 23.95
N LYS BA 27 13.92 -14.07 23.27
CA LYS BA 27 13.94 -15.32 24.00
C LYS BA 27 15.27 -15.55 24.69
N ARG BA 28 16.32 -14.85 24.28
CA ARG BA 28 17.57 -14.92 25.03
C ARG BA 28 17.54 -14.10 26.31
N GLN BA 29 16.72 -13.07 26.40
CA GLN BA 29 16.64 -12.26 27.61
C GLN BA 29 15.61 -12.79 28.58
N ARG BA 30 14.43 -13.17 28.11
CA ARG BA 30 13.48 -13.80 29.00
C ARG BA 30 14.03 -15.06 29.65
N LYS BA 31 15.17 -15.56 29.17
CA LYS BA 31 15.77 -16.77 29.68
C LYS BA 31 16.91 -16.50 30.64
N LYS BA 32 17.85 -15.64 30.27
CA LYS BA 32 18.91 -15.27 31.19
C LYS BA 32 18.33 -14.54 32.39
N GLU BA 33 17.66 -13.42 32.14
CA GLU BA 33 17.20 -12.57 33.22
C GLU BA 33 16.04 -13.22 33.94
N ARG BA 34 16.33 -14.27 34.70
CA ARG BA 34 15.38 -14.97 35.55
C ARG BA 34 14.30 -15.68 34.73
N GLY BA 35 14.74 -16.39 33.69
CA GLY BA 35 13.90 -17.36 33.04
C GLY BA 35 14.22 -18.71 33.64
N LEU BA 36 14.54 -18.68 34.93
CA LEU BA 36 15.03 -19.84 35.64
C LEU BA 36 13.93 -20.43 36.50
N MET CA 1 -75.19 77.15 -1.14
CA MET CA 1 -75.55 75.78 -0.83
C MET CA 1 -75.37 75.47 0.65
N ALA CA 2 -76.31 75.95 1.46
CA ALA CA 2 -76.20 75.92 2.92
C ALA CA 2 -76.52 74.56 3.50
N LYS CA 3 -76.76 74.49 4.80
CA LYS CA 3 -77.28 73.35 5.54
C LYS CA 3 -78.74 73.61 5.92
N PRO CA 4 -79.61 72.56 5.96
CA PRO CA 4 -81.04 72.77 6.24
C PRO CA 4 -81.37 73.62 7.46
N SER CA 5 -80.37 73.98 8.27
CA SER CA 5 -80.55 75.05 9.25
C SER CA 5 -80.29 76.41 8.62
N TYR CA 6 -80.93 76.62 7.46
CA TYR CA 6 -80.84 77.89 6.75
C TYR CA 6 -82.10 77.96 5.89
N VAL CA 7 -83.09 78.72 6.35
CA VAL CA 7 -84.43 78.68 5.75
C VAL CA 7 -84.43 79.67 4.59
N LYS CA 8 -83.92 79.20 3.46
CA LYS CA 8 -83.98 79.99 2.23
C LYS CA 8 -85.36 79.88 1.60
N PHE CA 9 -85.76 78.67 1.19
CA PHE CA 9 -87.14 78.38 0.81
C PHE CA 9 -87.32 76.87 0.83
N GLU CA 10 -88.43 76.39 0.26
CA GLU CA 10 -88.78 74.98 0.31
C GLU CA 10 -88.04 74.21 -0.79
N VAL CA 11 -88.37 72.92 -0.92
CA VAL CA 11 -87.78 72.05 -1.93
C VAL CA 11 -88.86 71.15 -2.53
N PRO CA 12 -89.27 71.40 -3.78
CA PRO CA 12 -90.21 70.49 -4.44
C PRO CA 12 -89.57 69.16 -4.82
N LYS CA 13 -90.36 68.24 -5.38
CA LYS CA 13 -89.88 66.88 -5.64
C LYS CA 13 -89.72 66.55 -7.11
N GLU CA 14 -90.53 67.13 -8.00
CA GLU CA 14 -90.29 66.95 -9.43
C GLU CA 14 -88.93 67.51 -9.81
N LEU CA 15 -88.53 68.62 -9.18
CA LEU CA 15 -87.20 69.18 -9.35
C LEU CA 15 -86.13 68.18 -8.96
N ALA CA 16 -86.25 67.63 -7.74
CA ALA CA 16 -85.32 66.62 -7.27
C ALA CA 16 -85.21 65.47 -8.26
N GLU CA 17 -86.35 64.91 -8.69
CA GLU CA 17 -86.31 63.78 -9.61
C GLU CA 17 -85.66 64.17 -10.93
N LYS CA 18 -86.31 65.07 -11.68
CA LYS CA 18 -85.86 65.41 -13.02
C LYS CA 18 -84.60 66.24 -13.05
N ALA CA 19 -83.89 66.46 -11.93
CA ALA CA 19 -82.53 66.99 -12.01
C ALA CA 19 -81.50 66.13 -11.28
N LEU CA 20 -81.91 65.15 -10.48
CA LEU CA 20 -80.98 64.24 -9.82
C LEU CA 20 -80.89 62.90 -10.53
N GLN CA 21 -82.04 62.32 -10.92
CA GLN CA 21 -81.99 61.21 -11.87
C GLN CA 21 -81.66 61.67 -13.27
N ALA CA 22 -81.51 62.98 -13.47
CA ALA CA 22 -81.13 63.56 -14.75
C ALA CA 22 -79.63 63.74 -14.88
N VAL CA 23 -78.83 62.91 -14.19
CA VAL CA 23 -77.38 63.01 -14.23
C VAL CA 23 -76.74 61.76 -14.81
N GLU CA 24 -77.23 60.57 -14.45
CA GLU CA 24 -76.72 59.34 -15.03
C GLU CA 24 -76.82 59.37 -16.56
N ILE CA 25 -78.04 59.57 -17.05
CA ILE CA 25 -78.30 59.83 -18.45
C ILE CA 25 -77.53 61.05 -18.96
N ALA CA 26 -77.07 61.90 -18.06
CA ALA CA 26 -76.28 63.08 -18.43
C ALA CA 26 -74.78 62.87 -18.27
N ARG CA 27 -74.38 61.85 -17.52
CA ARG CA 27 -72.96 61.52 -17.39
C ARG CA 27 -72.50 60.58 -18.50
N ASP CA 28 -73.35 59.64 -18.90
CA ASP CA 28 -72.98 58.72 -19.96
C ASP CA 28 -73.06 59.36 -21.35
N THR CA 29 -73.19 60.69 -21.42
CA THR CA 29 -73.21 61.41 -22.68
C THR CA 29 -72.24 62.57 -22.75
N GLY CA 30 -71.78 63.11 -21.62
CA GLY CA 30 -71.02 64.34 -21.65
C GLY CA 30 -69.81 64.36 -20.75
N LYS CA 31 -69.72 65.39 -19.90
CA LYS CA 31 -68.55 65.64 -19.06
C LYS CA 31 -69.04 66.11 -17.70
N ILE CA 32 -68.58 65.43 -16.65
CA ILE CA 32 -68.97 65.75 -15.28
C ILE CA 32 -67.82 66.48 -14.57
N ARG CA 33 -68.16 67.52 -13.82
CA ARG CA 33 -67.19 68.29 -13.03
C ARG CA 33 -67.75 68.32 -11.61
N LYS CA 34 -67.42 67.32 -10.82
CA LYS CA 34 -68.01 67.14 -9.51
C LYS CA 34 -67.39 68.11 -8.51
N GLY CA 35 -67.63 67.87 -7.24
CA GLY CA 35 -66.97 68.62 -6.18
C GLY CA 35 -67.41 70.06 -6.08
N THR CA 36 -67.19 70.65 -4.91
CA THR CA 36 -67.60 72.04 -4.68
C THR CA 36 -66.60 73.03 -5.29
N ASN CA 37 -65.35 73.00 -4.84
CA ASN CA 37 -64.37 74.03 -5.17
C ASN CA 37 -63.72 73.81 -6.53
N GLU CA 38 -64.22 72.86 -7.31
CA GLU CA 38 -63.74 72.59 -8.65
C GLU CA 38 -64.40 73.48 -9.69
N THR CA 39 -65.70 73.72 -9.54
CA THR CA 39 -66.45 74.46 -10.53
C THR CA 39 -66.55 75.94 -10.21
N THR CA 40 -66.34 76.33 -8.94
CA THR CA 40 -66.37 77.73 -8.55
C THR CA 40 -65.68 78.64 -9.55
N LYS CA 41 -64.52 78.25 -10.08
CA LYS CA 41 -63.87 79.03 -11.11
C LYS CA 41 -64.61 79.01 -12.44
N ALA CA 42 -65.21 77.88 -12.82
CA ALA CA 42 -65.87 77.81 -14.12
C ALA CA 42 -67.19 78.58 -14.12
N VAL CA 43 -67.88 78.60 -12.99
CA VAL CA 43 -69.05 79.45 -12.85
C VAL CA 43 -68.64 80.90 -12.60
N GLU CA 44 -67.46 81.13 -12.03
CA GLU CA 44 -66.90 82.47 -11.96
C GLU CA 44 -66.68 83.03 -13.36
N ARG CA 45 -66.17 82.20 -14.26
CA ARG CA 45 -66.26 82.52 -15.68
C ARG CA 45 -67.72 82.58 -16.12
N GLY CA 46 -68.48 81.52 -15.83
CA GLY CA 46 -69.85 81.40 -16.27
C GLY CA 46 -70.05 80.17 -17.14
N GLN CA 47 -69.20 79.16 -16.94
CA GLN CA 47 -69.19 77.96 -17.75
C GLN CA 47 -70.24 76.94 -17.33
N ALA CA 48 -70.83 77.09 -16.16
CA ALA CA 48 -71.71 76.06 -15.60
C ALA CA 48 -73.00 75.95 -16.42
N LYS CA 49 -73.35 74.72 -16.81
CA LYS CA 49 -74.58 74.47 -17.55
C LYS CA 49 -75.73 74.08 -16.63
N LEU CA 50 -75.55 73.00 -15.85
CA LEU CA 50 -76.59 72.50 -14.97
C LEU CA 50 -75.98 72.31 -13.58
N VAL CA 51 -75.93 73.38 -12.79
CA VAL CA 51 -75.35 73.33 -11.45
C VAL CA 51 -76.44 73.00 -10.44
N ILE CA 52 -76.18 72.02 -9.59
CA ILE CA 52 -77.15 71.54 -8.61
C ILE CA 52 -76.49 71.63 -7.23
N ILE CA 53 -76.77 72.71 -6.52
CA ILE CA 53 -76.09 73.01 -5.27
C ILE CA 53 -76.78 72.30 -4.11
N ALA CA 54 -75.99 71.83 -3.16
CA ALA CA 54 -76.47 70.87 -2.16
C ALA CA 54 -76.96 71.58 -0.90
N GLU CA 55 -77.49 70.77 0.03
CA GLU CA 55 -77.58 71.14 1.45
C GLU CA 55 -77.09 69.97 2.30
N ASP CA 56 -75.78 69.85 2.44
CA ASP CA 56 -75.22 68.89 3.38
C ASP CA 56 -73.98 69.36 4.12
N VAL CA 57 -73.40 70.52 3.78
CA VAL CA 57 -72.02 70.86 4.13
C VAL CA 57 -71.99 71.70 5.41
N ASP CA 58 -70.97 71.46 6.22
CA ASP CA 58 -70.74 72.14 7.48
C ASP CA 58 -69.26 72.29 7.72
N PRO CA 59 -68.84 73.28 8.53
CA PRO CA 59 -69.66 74.33 9.14
C PRO CA 59 -69.89 75.49 8.19
N GLU CA 60 -70.71 76.45 8.61
CA GLU CA 60 -71.23 77.45 7.68
C GLU CA 60 -70.14 78.44 7.30
N GLU CA 61 -69.12 77.93 6.61
CA GLU CA 61 -67.96 78.74 6.27
C GLU CA 61 -67.65 78.70 4.78
N ILE CA 62 -67.81 77.54 4.13
CA ILE CA 62 -67.64 77.42 2.69
C ILE CA 62 -68.93 76.82 2.15
N VAL CA 63 -70.04 77.08 2.84
CA VAL CA 63 -71.30 76.49 2.44
C VAL CA 63 -72.05 77.37 1.44
N ALA CA 64 -71.92 78.68 1.52
CA ALA CA 64 -72.70 79.58 0.66
C ALA CA 64 -71.72 80.33 -0.25
N HIS CA 65 -71.60 79.87 -1.47
CA HIS CA 65 -70.70 80.60 -2.37
C HIS CA 65 -71.39 81.02 -3.66
N LEU CA 66 -72.25 80.17 -4.20
CA LEU CA 66 -72.99 80.51 -5.41
C LEU CA 66 -74.21 81.38 -5.10
N PRO CA 67 -74.96 81.14 -4.03
CA PRO CA 67 -76.03 82.08 -3.65
C PRO CA 67 -75.51 83.50 -3.46
N PRO CA 68 -74.34 83.71 -2.83
CA PRO CA 68 -73.80 85.08 -2.80
C PRO CA 68 -73.17 85.51 -4.12
N LEU CA 69 -72.79 84.56 -4.97
CA LEU CA 69 -72.42 84.83 -6.35
C LEU CA 69 -73.61 84.74 -7.30
N CYS CA 70 -74.80 84.44 -6.77
CA CYS CA 70 -75.99 84.33 -7.61
C CYS CA 70 -76.33 85.66 -8.25
N GLU CA 71 -76.42 86.71 -7.44
CA GLU CA 71 -76.82 88.05 -7.90
C GLU CA 71 -75.77 88.74 -8.78
N GLU CA 72 -74.71 88.01 -9.16
CA GLU CA 72 -73.72 88.50 -10.11
C GLU CA 72 -73.68 87.70 -11.40
N LYS CA 73 -74.23 86.49 -11.43
CA LYS CA 73 -74.27 85.66 -12.62
C LYS CA 73 -75.70 85.19 -12.90
N GLU CA 74 -75.85 84.26 -13.85
CA GLU CA 74 -77.17 83.81 -14.28
C GLU CA 74 -77.58 82.47 -13.66
N ILE CA 75 -76.63 81.57 -13.43
CA ILE CA 75 -76.75 80.34 -12.65
C ILE CA 75 -78.06 79.58 -12.91
N PRO CA 76 -78.19 78.88 -14.03
CA PRO CA 76 -79.30 77.92 -14.15
C PRO CA 76 -79.09 76.77 -13.17
N TYR CA 77 -79.92 76.65 -12.14
CA TYR CA 77 -79.62 75.73 -11.05
C TYR CA 77 -80.90 75.12 -10.49
N ILE CA 78 -80.71 74.29 -9.45
CA ILE CA 78 -81.77 73.74 -8.61
C ILE CA 78 -81.25 73.76 -7.19
N TYR CA 79 -82.03 73.21 -6.26
CA TYR CA 79 -81.52 72.85 -4.94
C TYR CA 79 -81.47 71.33 -4.80
N VAL CA 80 -80.55 70.85 -3.99
CA VAL CA 80 -80.24 69.42 -3.86
C VAL CA 80 -80.79 68.92 -2.54
N PRO CA 81 -81.47 67.77 -2.52
CA PRO CA 81 -81.88 67.14 -1.26
C PRO CA 81 -80.74 66.56 -0.43
N SER CA 82 -79.90 65.71 -1.03
CA SER CA 82 -79.02 64.86 -0.25
C SER CA 82 -77.73 64.62 -1.03
N LYS CA 83 -76.99 63.57 -0.66
CA LYS CA 83 -75.63 63.34 -1.12
C LYS CA 83 -75.37 61.99 -1.74
N LYS CA 84 -76.13 60.96 -1.36
CA LYS CA 84 -75.82 59.60 -1.83
C LYS CA 84 -76.10 59.47 -3.32
N GLU CA 85 -77.31 59.81 -3.75
CA GLU CA 85 -77.60 59.90 -5.17
C GLU CA 85 -76.85 61.03 -5.86
N LEU CA 86 -76.12 61.86 -5.10
CA LEU CA 86 -75.37 62.98 -5.66
C LEU CA 86 -73.94 62.61 -5.98
N GLY CA 87 -73.34 61.74 -5.19
CA GLY CA 87 -72.08 61.12 -5.55
C GLY CA 87 -72.34 60.04 -6.58
N ALA CA 88 -73.45 59.29 -6.41
CA ALA CA 88 -73.76 58.20 -7.32
C ALA CA 88 -74.45 58.66 -8.60
N ALA CA 89 -74.92 59.90 -8.64
CA ALA CA 89 -75.47 60.44 -9.88
C ALA CA 89 -74.42 60.46 -10.97
N ALA CA 90 -73.16 60.54 -10.59
CA ALA CA 90 -72.04 60.47 -11.51
C ALA CA 90 -70.79 60.20 -10.69
N GLY CA 91 -70.03 59.18 -11.08
CA GLY CA 91 -68.72 58.98 -10.51
C GLY CA 91 -68.56 58.02 -9.35
N ILE CA 92 -68.56 58.54 -8.13
CA ILE CA 92 -67.96 57.88 -6.99
C ILE CA 92 -69.01 57.70 -5.90
N GLU CA 93 -68.56 57.15 -4.78
CA GLU CA 93 -69.33 57.09 -3.53
C GLU CA 93 -68.61 57.92 -2.46
N VAL CA 94 -68.86 59.22 -2.48
CA VAL CA 94 -68.57 60.12 -1.36
C VAL CA 94 -69.67 61.18 -1.34
N ALA CA 95 -69.75 61.92 -0.25
CA ALA CA 95 -70.71 63.02 -0.16
C ALA CA 95 -70.41 64.06 -1.25
N ALA CA 96 -71.41 64.38 -2.05
CA ALA CA 96 -71.24 65.29 -3.18
C ALA CA 96 -72.04 66.56 -2.95
N ALA CA 97 -71.55 67.65 -3.56
CA ALA CA 97 -72.11 68.98 -3.35
C ALA CA 97 -72.76 69.55 -4.61
N SER CA 98 -72.03 69.65 -5.72
CA SER CA 98 -72.58 70.29 -6.91
C SER CA 98 -71.99 69.65 -8.15
N VAL CA 99 -72.72 68.69 -8.71
CA VAL CA 99 -72.32 68.07 -9.98
C VAL CA 99 -72.80 69.01 -11.07
N ALA CA 100 -71.97 70.02 -11.36
CA ALA CA 100 -72.30 71.09 -12.31
C ALA CA 100 -71.58 70.80 -13.62
N ILE CA 101 -72.26 70.07 -14.50
CA ILE CA 101 -71.62 69.45 -15.66
C ILE CA 101 -71.95 70.26 -16.90
N ILE CA 102 -70.98 70.33 -17.82
CA ILE CA 102 -71.11 71.13 -19.03
C ILE CA 102 -71.46 70.21 -20.19
N GLU CA 103 -72.48 70.60 -20.96
CA GLU CA 103 -73.09 69.82 -22.03
C GLU CA 103 -73.62 68.50 -21.51
N PRO CA 104 -74.67 68.52 -20.66
CA PRO CA 104 -75.37 67.26 -20.35
C PRO CA 104 -76.31 66.86 -21.50
N GLY CA 105 -75.90 65.87 -22.28
CA GLY CA 105 -76.57 65.56 -23.52
C GLY CA 105 -77.78 64.64 -23.36
N LYS CA 106 -78.63 64.64 -24.37
CA LYS CA 106 -79.81 63.79 -24.46
C LYS CA 106 -80.79 64.01 -23.30
N ALA CA 107 -80.57 65.06 -22.50
CA ALA CA 107 -81.36 65.35 -21.31
C ALA CA 107 -81.75 66.82 -21.27
N ARG CA 108 -82.27 67.33 -22.38
CA ARG CA 108 -82.46 68.77 -22.54
C ARG CA 108 -83.87 69.26 -22.21
N ASP CA 109 -84.90 68.41 -22.34
CA ASP CA 109 -86.24 68.90 -22.01
C ASP CA 109 -86.42 69.07 -20.51
N LEU CA 110 -85.75 68.26 -19.70
CA LEU CA 110 -85.75 68.50 -18.26
C LEU CA 110 -85.09 69.83 -17.93
N VAL CA 111 -84.08 70.23 -18.72
CA VAL CA 111 -83.55 71.58 -18.59
C VAL CA 111 -84.64 72.59 -18.94
N GLU CA 112 -85.18 72.50 -20.15
CA GLU CA 112 -86.17 73.46 -20.64
C GLU CA 112 -87.37 73.58 -19.71
N GLU CA 113 -87.68 72.55 -18.93
CA GLU CA 113 -88.78 72.62 -17.98
C GLU CA 113 -88.33 73.17 -16.62
N ILE CA 114 -87.40 72.47 -15.96
CA ILE CA 114 -87.11 72.75 -14.57
C ILE CA 114 -86.16 73.91 -14.38
N ALA CA 115 -85.19 74.10 -15.27
CA ALA CA 115 -84.32 75.27 -15.16
C ALA CA 115 -85.13 76.55 -15.23
N MET CA 116 -86.11 76.61 -16.13
CA MET CA 116 -86.95 77.79 -16.22
C MET CA 116 -87.99 77.84 -15.12
N LYS CA 117 -88.44 76.69 -14.61
CA LYS CA 117 -89.31 76.71 -13.43
C LYS CA 117 -88.61 77.38 -12.27
N VAL CA 118 -87.41 76.90 -11.92
CA VAL CA 118 -86.65 77.48 -10.81
C VAL CA 118 -86.13 78.88 -11.16
N ARG CA 119 -86.04 79.21 -12.45
CA ARG CA 119 -85.82 80.60 -12.84
C ARG CA 119 -86.97 81.47 -12.36
N GLU CA 120 -88.18 81.21 -12.86
CA GLU CA 120 -89.32 82.05 -12.55
C GLU CA 120 -89.83 81.84 -11.13
N LEU CA 121 -89.28 80.88 -10.38
CA LEU CA 121 -89.63 80.70 -8.98
C LEU CA 121 -88.95 81.75 -8.11
N MET CA 122 -87.63 81.75 -8.09
CA MET CA 122 -86.81 82.66 -7.29
C MET CA 122 -85.41 82.64 -7.89
N LYS CA 123 -84.46 83.22 -7.17
CA LYS CA 123 -83.06 83.16 -7.56
C LYS CA 123 -82.17 83.10 -6.32
N VAL FA 13 -16.69 47.50 10.99
CA VAL FA 13 -15.43 47.51 11.72
C VAL FA 13 -14.57 46.37 11.19
N ILE FA 14 -14.48 45.28 11.96
CA ILE FA 14 -13.68 44.13 11.56
C ILE FA 14 -14.30 42.88 12.17
N ARG FA 15 -14.22 41.77 11.44
CA ARG FA 15 -14.75 40.48 11.87
C ARG FA 15 -13.56 39.62 12.27
N VAL FA 16 -13.37 39.44 13.56
CA VAL FA 16 -12.21 38.74 14.11
C VAL FA 16 -12.69 37.68 15.09
N PRO FA 17 -12.05 36.52 15.14
CA PRO FA 17 -12.44 35.50 16.12
C PRO FA 17 -12.18 35.91 17.56
N LEU FA 18 -12.96 36.87 18.06
CA LEU FA 18 -12.92 37.26 19.46
C LEU FA 18 -13.40 36.11 20.32
N PRO FA 19 -13.28 36.17 21.65
CA PRO FA 19 -13.93 35.13 22.47
C PRO FA 19 -15.43 35.28 22.43
N GLU FA 20 -16.11 34.38 21.72
CA GLU FA 20 -17.56 34.39 21.61
C GLU FA 20 -18.09 33.13 22.28
N GLY FA 21 -18.95 33.30 23.28
CA GLY FA 21 -19.47 32.15 23.98
C GLY FA 21 -18.58 31.75 25.13
N ASN FA 22 -17.70 30.77 24.91
CA ASN FA 22 -16.73 30.38 25.92
C ASN FA 22 -15.36 30.08 25.30
N GLN FA 23 -15.07 30.67 24.14
CA GLN FA 23 -13.87 30.35 23.39
C GLN FA 23 -12.60 30.58 24.22
N LEU FA 24 -11.51 29.94 23.78
CA LEU FA 24 -10.20 30.12 24.36
C LEU FA 24 -9.20 30.53 23.28
N PHE FA 25 -8.07 31.07 23.72
CA PHE FA 25 -7.00 31.49 22.83
C PHE FA 25 -5.87 30.48 22.91
N GLY FA 26 -5.58 29.83 21.80
CA GLY FA 26 -4.55 28.81 21.76
C GLY FA 26 -3.27 29.30 21.15
N VAL FA 27 -2.20 29.29 21.95
CA VAL FA 27 -0.83 29.55 21.50
C VAL FA 27 0.01 28.37 21.98
N VAL FA 28 0.47 27.58 21.06
CA VAL FA 28 0.95 26.23 21.36
C VAL FA 28 2.44 26.27 21.67
N GLU FA 29 2.89 25.27 22.43
CA GLU FA 29 4.30 25.08 22.73
C GLU FA 29 4.91 23.91 21.95
N GLN FA 30 4.33 22.72 22.02
CA GLN FA 30 4.90 21.56 21.34
C GLN FA 30 3.78 20.61 20.92
N ALA FA 31 4.03 19.89 19.83
CA ALA FA 31 3.16 18.84 19.31
C ALA FA 31 3.73 17.49 19.74
N LEU FA 32 3.19 16.93 20.82
CA LEU FA 32 3.63 15.62 21.25
C LEU FA 32 3.36 14.57 20.18
N GLY FA 33 2.31 14.75 19.39
CA GLY FA 33 2.05 13.85 18.30
C GLY FA 33 0.60 13.46 18.13
N ALA FA 34 0.24 13.10 16.89
CA ALA FA 34 -1.08 12.62 16.54
C ALA FA 34 -2.17 13.66 16.83
N GLY FA 35 -1.84 14.94 16.78
CA GLY FA 35 -2.81 16.02 16.88
C GLY FA 35 -2.87 16.70 18.24
N TRP FA 36 -2.27 16.12 19.27
CA TRP FA 36 -2.26 16.76 20.58
C TRP FA 36 -1.38 18.01 20.55
N MET FA 37 -1.92 19.14 20.99
CA MET FA 37 -1.16 20.39 21.07
C MET FA 37 -1.18 20.91 22.50
N ASP FA 38 -0.04 20.89 23.17
CA ASP FA 38 0.09 21.58 24.45
C ASP FA 38 -0.01 23.08 24.23
N VAL FA 39 -1.00 23.71 24.86
CA VAL FA 39 -1.22 25.15 24.68
C VAL FA 39 -0.83 25.88 25.96
N ARG FA 40 -0.43 27.13 25.79
CA ARG FA 40 0.06 27.97 26.87
C ARG FA 40 -0.79 29.24 26.90
N CYS FA 41 -1.92 29.16 27.58
CA CYS FA 41 -2.84 30.29 27.66
C CYS FA 41 -2.57 31.08 28.95
N GLU FA 42 -3.25 32.22 29.07
CA GLU FA 42 -3.14 33.05 30.27
C GLU FA 42 -3.85 32.45 31.48
N ASP FA 43 -4.39 31.24 31.36
CA ASP FA 43 -5.16 30.61 32.43
C ASP FA 43 -4.28 29.82 33.40
N GLY FA 44 -3.32 29.05 32.89
CA GLY FA 44 -2.32 28.47 33.76
C GLY FA 44 -2.18 26.96 33.69
N LYS FA 45 -3.30 26.24 33.60
CA LYS FA 45 -3.30 24.79 33.61
C LYS FA 45 -2.99 24.25 32.22
N ILE FA 46 -2.18 23.21 32.17
CA ILE FA 46 -1.72 22.66 30.90
C ILE FA 46 -2.93 22.11 30.15
N ARG FA 47 -3.29 22.75 29.05
CA ARG FA 47 -4.39 22.31 28.21
C ARG FA 47 -3.84 21.64 26.96
N ARG FA 48 -4.59 20.66 26.45
CA ARG FA 48 -4.13 19.79 25.37
C ARG FA 48 -5.19 19.77 24.28
N CYS FA 49 -5.01 20.62 23.27
CA CYS FA 49 -6.00 20.80 22.22
C CYS FA 49 -5.95 19.65 21.23
N ARG FA 50 -7.13 19.33 20.67
CA ARG FA 50 -7.27 18.44 19.53
C ARG FA 50 -8.12 19.13 18.47
N ILE FA 51 -8.26 18.47 17.33
CA ILE FA 51 -8.74 19.09 16.10
C ILE FA 51 -9.95 18.36 15.51
N PRO FA 52 -10.97 19.10 15.03
CA PRO FA 52 -12.06 18.49 14.25
C PRO FA 52 -11.63 18.13 12.84
N GLY FA 53 -12.57 17.73 12.00
CA GLY FA 53 -12.27 17.21 10.68
C GLY FA 53 -12.58 18.12 9.51
N LYS FA 54 -13.18 19.28 9.78
CA LYS FA 54 -13.54 20.19 8.70
C LYS FA 54 -12.33 20.96 8.16
N LEU FA 55 -11.36 21.28 9.02
CA LEU FA 55 -10.20 22.08 8.65
C LEU FA 55 -8.93 21.28 8.42
N ARG FA 56 -8.90 19.99 8.77
CA ARG FA 56 -7.69 19.19 8.64
C ARG FA 56 -7.27 19.06 7.18
N ARG FA 57 -8.01 19.74 6.29
CA ARG FA 57 -7.83 19.64 4.85
C ARG FA 57 -7.14 20.87 4.27
N ARG FA 58 -7.71 22.06 4.48
CA ARG FA 58 -7.38 23.24 3.71
C ARG FA 58 -6.44 24.20 4.43
N VAL FA 59 -6.17 23.99 5.72
CA VAL FA 59 -5.38 24.94 6.49
C VAL FA 59 -4.09 24.29 6.97
N TRP FA 60 -3.26 25.06 7.68
CA TRP FA 60 -1.93 24.60 8.06
C TRP FA 60 -1.47 25.35 9.30
N ILE FA 61 -1.54 24.68 10.46
CA ILE FA 61 -1.27 25.32 11.75
C ILE FA 61 0.11 24.86 12.24
N ARG FA 62 0.79 25.76 12.96
CA ARG FA 62 2.08 25.46 13.57
C ARG FA 62 2.20 26.29 14.85
N VAL FA 63 3.43 26.43 15.35
CA VAL FA 63 3.71 27.15 16.59
C VAL FA 63 3.88 28.63 16.29
N GLY FA 64 3.58 29.46 17.29
CA GLY FA 64 3.56 30.89 17.12
C GLY FA 64 2.27 31.44 16.55
N ASP FA 65 1.42 30.58 15.99
CA ASP FA 65 0.13 31.02 15.45
C ASP FA 65 -0.85 31.09 16.60
N LEU FA 66 -1.08 32.30 17.13
CA LEU FA 66 -2.19 32.48 18.04
C LEU FA 66 -3.47 32.22 17.28
N VAL FA 67 -4.30 31.33 17.81
CA VAL FA 67 -5.51 30.92 17.13
C VAL FA 67 -6.61 30.84 18.18
N ILE FA 68 -7.81 30.50 17.75
CA ILE FA 68 -8.92 30.33 18.67
C ILE FA 68 -9.24 28.85 18.77
N VAL FA 69 -9.64 28.43 19.97
CA VAL FA 69 -10.07 27.07 20.27
C VAL FA 69 -11.31 27.16 21.16
N GLN FA 70 -11.79 26.00 21.61
CA GLN FA 70 -12.93 25.99 22.53
C GLN FA 70 -12.68 24.95 23.62
N PRO FA 71 -12.88 25.30 24.90
CA PRO FA 71 -12.62 24.34 25.98
C PRO FA 71 -13.85 23.53 26.35
N TRP FA 72 -13.70 22.61 27.29
CA TRP FA 72 -14.77 21.70 27.68
C TRP FA 72 -14.90 21.70 29.19
N PRO FA 73 -16.14 21.75 29.72
CA PRO FA 73 -16.32 21.94 31.16
C PRO FA 73 -15.88 20.77 32.03
N VAL FA 74 -15.25 19.77 31.41
CA VAL FA 74 -14.81 18.57 32.12
C VAL FA 74 -13.38 18.78 32.61
N GLN FA 75 -13.24 19.01 33.91
CA GLN FA 75 -11.99 19.15 34.65
C GLN FA 75 -11.27 20.48 34.38
N SER FA 76 -11.71 21.21 33.36
CA SER FA 76 -11.21 22.57 33.05
C SER FA 76 -9.68 22.68 33.09
N ASP FA 77 -8.96 21.58 32.90
CA ASP FA 77 -7.51 21.55 33.03
C ASP FA 77 -6.81 21.30 31.70
N LYS FA 78 -7.13 20.19 31.04
CA LYS FA 78 -6.50 19.80 29.78
C LYS FA 78 -7.60 19.79 28.71
N ARG FA 79 -7.88 20.96 28.14
CA ARG FA 79 -9.02 21.14 27.27
C ARG FA 79 -8.60 21.98 26.07
N GLY FA 80 -9.58 22.36 25.25
CA GLY FA 80 -9.32 23.11 24.03
C GLY FA 80 -9.66 22.33 22.78
N ASP FA 81 -10.08 23.03 21.73
CA ASP FA 81 -10.48 22.39 20.48
C ASP FA 81 -10.50 23.44 19.38
N ILE FA 82 -9.71 23.24 18.32
CA ILE FA 82 -9.63 24.20 17.24
C ILE FA 82 -10.97 24.34 16.54
N VAL FA 83 -11.34 25.58 16.20
CA VAL FA 83 -12.50 25.79 15.33
C VAL FA 83 -12.13 26.72 14.18
N TYR FA 84 -11.10 27.55 14.37
CA TYR FA 84 -10.69 28.51 13.36
C TYR FA 84 -9.29 29.03 13.69
N ARG FA 85 -8.54 29.38 12.66
CA ARG FA 85 -7.17 29.84 12.80
C ARG FA 85 -7.09 31.35 12.71
N TYR FA 86 -5.86 31.89 12.69
CA TYR FA 86 -5.58 33.30 12.50
C TYR FA 86 -4.57 33.47 11.39
N THR FA 87 -4.74 34.51 10.59
CA THR FA 87 -3.81 34.83 9.52
C THR FA 87 -2.87 35.96 9.93
N GLN FA 88 -1.70 36.00 9.30
CA GLN FA 88 -0.65 36.94 9.70
C GLN FA 88 -1.09 38.40 9.61
N THR FA 89 -2.25 38.67 9.01
CA THR FA 89 -2.82 40.01 8.94
C THR FA 89 -3.71 40.32 10.14
N GLN FA 90 -3.83 39.39 11.08
CA GLN FA 90 -4.59 39.57 12.31
C GLN FA 90 -3.77 39.34 13.58
N VAL FA 91 -2.79 38.42 13.53
CA VAL FA 91 -2.11 37.97 14.75
C VAL FA 91 -1.46 39.13 15.48
N ASP FA 92 -0.83 40.05 14.74
CA ASP FA 92 -0.26 41.24 15.35
C ASP FA 92 -1.19 42.44 15.27
N TRP FA 93 -2.19 42.41 14.38
CA TRP FA 93 -3.23 43.43 14.41
C TRP FA 93 -3.91 43.47 15.77
N LEU FA 94 -4.04 42.32 16.43
CA LEU FA 94 -4.73 42.23 17.72
C LEU FA 94 -3.91 42.76 18.89
N LEU FA 95 -2.86 43.54 18.65
CA LEU FA 95 -2.06 44.14 19.72
C LEU FA 95 -2.55 45.52 20.12
N ARG FA 96 -2.80 46.40 19.15
CA ARG FA 96 -3.10 47.80 19.47
C ARG FA 96 -4.38 47.93 20.29
N LYS FA 97 -5.39 47.12 19.98
CA LYS FA 97 -6.58 47.09 20.82
C LYS FA 97 -6.29 46.51 22.19
N GLY FA 98 -5.16 45.84 22.37
CA GLY FA 98 -4.83 45.27 23.67
C GLY FA 98 -5.73 44.13 24.09
N LYS FA 99 -6.53 43.60 23.15
CA LYS FA 99 -7.41 42.48 23.46
C LYS FA 99 -6.62 41.30 24.02
N ILE FA 100 -5.36 41.19 23.62
CA ILE FA 100 -4.44 40.16 24.11
C ILE FA 100 -3.08 40.82 24.30
N THR FA 101 -2.43 40.51 25.41
CA THR FA 101 -1.08 40.99 25.66
C THR FA 101 -0.08 39.93 25.24
N GLN FA 102 0.88 40.31 24.40
CA GLN FA 102 1.79 39.34 23.80
C GLN FA 102 2.81 38.81 24.79
N GLU FA 103 2.93 39.41 25.97
CA GLU FA 103 3.86 38.92 26.98
C GLU FA 103 3.38 37.64 27.63
N PHE FA 104 2.23 37.11 27.21
CA PHE FA 104 1.86 35.73 27.45
C PHE FA 104 2.42 34.82 26.36
N LEU FA 105 3.38 35.32 25.57
CA LEU FA 105 4.05 34.53 24.55
C LEU FA 105 5.57 34.59 24.66
N THR FA 106 6.13 35.49 25.48
CA THR FA 106 7.54 35.50 25.83
C THR FA 106 7.74 35.36 27.34
N GLY FA 107 6.77 34.74 28.02
CA GLY FA 107 6.90 34.50 29.44
C GLY FA 107 5.75 35.02 30.26
N ALA GA 2 62.14 36.74 78.52
CA ALA GA 2 61.43 36.16 77.39
C ALA GA 2 61.10 34.70 77.65
N TRP GA 3 59.91 34.32 77.24
CA TRP GA 3 59.03 33.16 77.27
C TRP GA 3 59.71 31.93 76.69
N PRO GA 4 59.71 30.83 77.44
CA PRO GA 4 60.38 29.61 76.97
C PRO GA 4 59.70 29.04 75.73
N LYS GA 5 60.42 28.16 75.06
CA LYS GA 5 59.94 27.48 73.85
C LYS GA 5 59.60 26.04 74.23
N VAL GA 6 58.32 25.79 74.52
CA VAL GA 6 57.88 24.50 75.02
C VAL GA 6 56.87 23.90 74.05
N GLN GA 7 57.09 22.63 73.71
CA GLN GA 7 56.19 21.91 72.83
C GLN GA 7 54.83 21.77 73.52
N PRO GA 8 53.77 21.55 72.74
CA PRO GA 8 52.46 21.35 73.36
C PRO GA 8 52.41 20.04 74.14
N GLU GA 9 51.76 20.09 75.30
CA GLU GA 9 51.56 18.93 76.16
C GLU GA 9 50.11 18.49 76.20
N VAL GA 10 49.26 19.04 75.35
CA VAL GA 10 47.83 18.72 75.39
C VAL GA 10 47.25 18.98 74.01
N ASN GA 11 46.34 18.12 73.59
CA ASN GA 11 45.53 18.32 72.39
C ASN GA 11 44.09 18.55 72.84
N ILE GA 12 43.32 19.25 72.00
CA ILE GA 12 41.91 19.52 72.25
C ILE GA 12 41.16 19.33 70.95
N GLY GA 13 40.09 18.53 71.00
CA GLY GA 13 39.27 18.33 69.81
C GLY GA 13 38.26 19.44 69.61
N VAL GA 14 38.38 20.11 68.46
CA VAL GA 14 37.43 21.14 68.07
C VAL GA 14 36.49 20.47 67.07
N VAL GA 15 35.31 20.08 67.54
CA VAL GA 15 34.34 19.34 66.74
C VAL GA 15 33.03 20.11 66.72
N GLY GA 16 32.22 19.83 65.71
CA GLY GA 16 30.94 20.50 65.53
C GLY GA 16 30.47 20.43 64.09
N HIS GA 17 29.24 20.90 63.89
CA HIS GA 17 28.59 20.78 62.60
C HIS GA 17 28.97 21.94 61.66
N VAL GA 18 28.36 21.93 60.47
CA VAL GA 18 28.76 22.84 59.41
C VAL GA 18 28.54 24.28 59.84
N ASP GA 19 29.43 25.16 59.37
CA ASP GA 19 29.35 26.61 59.54
C ASP GA 19 29.28 27.05 60.99
N HIS GA 20 29.49 26.13 61.94
CA HIS GA 20 29.31 26.44 63.35
C HIS GA 20 30.25 27.54 63.83
N GLY GA 21 31.42 27.69 63.21
CA GLY GA 21 32.43 28.59 63.69
C GLY GA 21 33.61 27.84 64.26
N LYS GA 22 33.91 26.69 63.65
CA LYS GA 22 34.96 25.81 64.19
C LYS GA 22 36.35 26.33 63.84
N THR GA 23 36.66 26.39 62.54
CA THR GA 23 37.93 26.94 62.09
C THR GA 23 38.11 28.37 62.58
N THR GA 24 37.00 29.11 62.69
CA THR GA 24 37.09 30.46 63.21
C THR GA 24 37.27 30.45 64.74
N LEU GA 25 36.85 29.36 65.41
CA LEU GA 25 37.19 29.22 66.82
C LEU GA 25 38.67 28.99 67.03
N VAL GA 26 39.26 28.11 66.21
CA VAL GA 26 40.70 27.86 66.33
C VAL GA 26 41.47 29.10 65.90
N GLN GA 27 40.87 29.93 65.03
CA GLN GA 27 41.45 31.25 64.77
C GLN GA 27 41.31 32.16 65.98
N ALA GA 28 40.19 32.06 66.69
CA ALA GA 28 39.97 32.87 67.89
C ALA GA 28 40.98 32.54 68.97
N ILE GA 29 41.42 31.29 69.03
CA ILE GA 29 42.37 30.90 70.07
C ILE GA 29 43.81 31.11 69.59
N THR GA 30 44.10 30.76 68.34
CA THR GA 30 45.47 30.78 67.82
C THR GA 30 45.78 31.98 66.93
N GLY GA 31 44.83 32.42 66.11
CA GLY GA 31 45.10 33.40 65.08
C GLY GA 31 45.40 32.83 63.71
N ILE GA 32 45.22 31.52 63.51
CA ILE GA 32 45.51 30.83 62.26
C ILE GA 32 44.39 29.83 62.01
N TRP GA 33 44.21 29.45 60.74
CA TRP GA 33 43.09 28.65 60.27
C TRP GA 33 43.55 27.22 59.96
N THR GA 34 42.59 26.30 59.79
CA THR GA 34 42.92 24.90 59.49
C THR GA 34 42.49 24.44 58.10
N SER GA 35 42.28 25.37 57.16
CA SER GA 35 42.03 24.98 55.78
C SER GA 35 43.33 25.06 54.99
N LYS GA 36 43.89 23.90 54.64
CA LYS GA 36 45.23 23.84 54.07
C LYS GA 36 45.33 23.22 52.68
N HIS GA 37 44.31 22.53 52.19
CA HIS GA 37 44.29 22.09 50.79
C HIS GA 37 43.34 22.96 49.99
N SER GA 38 43.75 23.31 48.77
CA SER GA 38 43.04 24.30 47.96
C SER GA 38 41.54 24.05 47.95
N GLU GA 39 41.13 22.79 47.81
CA GLU GA 39 39.72 22.46 47.79
C GLU GA 39 39.01 22.90 49.07
N GLU GA 40 39.70 22.87 50.21
CA GLU GA 40 39.05 23.24 51.46
C GLU GA 40 38.62 24.70 51.44
N LEU GA 41 39.49 25.59 50.96
CA LEU GA 41 39.10 26.97 50.77
C LEU GA 41 38.03 27.11 49.69
N LYS GA 42 38.25 26.48 48.53
CA LYS GA 42 37.40 26.72 47.37
C LYS GA 42 35.97 26.21 47.61
N ARG GA 43 35.80 25.26 48.53
CA ARG GA 43 34.48 24.79 48.91
C ARG GA 43 33.99 25.41 50.20
N GLY GA 44 34.88 26.01 50.99
CA GLY GA 44 34.46 26.71 52.19
C GLY GA 44 33.91 25.80 53.28
N MET GA 45 34.27 24.52 53.26
CA MET GA 45 33.84 23.58 54.27
C MET GA 45 35.01 22.71 54.67
N THR GA 46 34.99 22.20 55.90
CA THR GA 46 36.06 21.36 56.41
C THR GA 46 35.97 19.99 55.77
N ILE GA 47 37.05 19.57 55.11
CA ILE GA 47 37.11 18.27 54.46
C ILE GA 47 38.04 17.38 55.27
N LYS GA 48 39.16 17.95 55.73
CA LYS GA 48 40.20 17.19 56.41
C LYS GA 48 40.53 17.87 57.74
N LEU GA 49 41.35 17.18 58.54
CA LEU GA 49 41.76 17.72 59.84
C LEU GA 49 42.99 18.62 59.68
N GLY GA 50 43.00 19.74 60.42
CA GLY GA 50 44.04 20.73 60.32
C GLY GA 50 44.89 20.83 61.58
N TYR GA 51 45.65 21.91 61.69
CA TYR GA 51 46.49 22.10 62.87
C TYR GA 51 46.74 23.58 63.11
N ALA GA 52 46.96 23.92 64.40
CA ALA GA 52 47.13 25.29 64.87
C ALA GA 52 47.66 25.24 66.29
N GLU GA 53 48.44 26.26 66.67
CA GLU GA 53 49.16 26.25 67.95
C GLU GA 53 49.20 27.63 68.59
N THR GA 54 49.38 27.64 69.91
CA THR GA 54 49.46 28.87 70.70
C THR GA 54 49.89 28.54 72.13
N ASN GA 55 50.24 29.58 72.88
CA ASN GA 55 50.64 29.43 74.28
C ASN GA 55 49.50 29.85 75.21
N ILE GA 56 49.82 29.95 76.50
CA ILE GA 56 48.90 30.53 77.48
C ILE GA 56 49.71 31.20 78.58
N GLY GA 57 49.41 32.47 78.84
CA GLY GA 57 50.00 33.20 79.94
C GLY GA 57 48.94 34.03 80.65
N VAL GA 58 49.05 34.08 81.97
CA VAL GA 58 48.09 34.77 82.83
C VAL GA 58 48.79 35.84 83.66
N CYS GA 59 48.20 37.03 83.72
CA CYS GA 59 48.76 38.17 84.43
C CYS GA 59 48.36 38.05 85.89
N GLU GA 60 49.32 37.70 86.76
CA GLU GA 60 49.01 37.41 88.16
C GLU GA 60 48.35 38.58 88.89
N SER GA 61 48.55 39.80 88.43
CA SER GA 61 47.93 40.95 89.07
C SER GA 61 46.50 41.20 88.60
N CYS GA 62 46.28 41.27 87.29
CA CYS GA 62 45.01 41.66 86.73
C CYS GA 62 43.91 40.69 87.15
N LYS GA 63 42.68 41.13 86.98
CA LYS GA 63 41.51 40.30 87.22
C LYS GA 63 41.33 39.32 86.08
N LYS GA 64 40.38 38.41 86.25
CA LYS GA 64 39.96 37.49 85.21
C LYS GA 64 38.92 38.16 84.31
N PRO GA 65 38.83 37.75 83.03
CA PRO GA 65 39.73 36.83 82.34
C PRO GA 65 40.49 37.44 81.17
N GLU GA 66 40.22 38.70 80.83
CA GLU GA 66 40.83 39.30 79.64
C GLU GA 66 42.36 39.20 79.65
N ALA GA 67 42.98 39.31 80.82
CA ALA GA 67 44.42 39.14 80.94
C ALA GA 67 44.90 37.78 80.44
N TYR GA 68 43.99 36.81 80.30
CA TYR GA 68 44.37 35.49 79.80
C TYR GA 68 44.64 35.55 78.31
N VAL GA 69 45.79 36.12 77.94
CA VAL GA 69 46.19 36.28 76.55
C VAL GA 69 47.37 35.36 76.28
N THR GA 70 47.43 34.87 75.03
CA THR GA 70 48.32 33.78 74.65
C THR GA 70 49.60 34.27 73.97
N GLU GA 71 50.10 35.44 74.36
CA GLU GA 71 51.33 35.98 73.80
C GLU GA 71 52.14 36.58 74.94
N PRO GA 72 53.44 36.81 74.76
CA PRO GA 72 54.21 37.43 75.84
C PRO GA 72 53.84 38.90 76.04
N SER GA 73 52.61 39.13 76.48
CA SER GA 73 52.08 40.46 76.70
C SER GA 73 50.89 40.39 77.65
N CYS GA 74 50.63 41.50 78.33
CA CYS GA 74 49.49 41.65 79.24
C CYS GA 74 48.69 42.90 78.94
N LYS GA 75 48.88 43.52 77.77
CA LYS GA 75 48.42 44.89 77.58
C LYS GA 75 46.90 44.99 77.48
N SER GA 76 46.23 43.86 77.25
CA SER GA 76 44.77 43.88 77.13
C SER GA 76 44.10 44.11 78.48
N CYS GA 77 44.77 43.73 79.57
CA CYS GA 77 44.32 44.05 80.92
C CYS GA 77 44.99 45.31 81.47
N GLY GA 78 45.81 45.99 80.67
CA GLY GA 78 46.42 47.23 81.07
C GLY GA 78 47.62 47.11 81.97
N SER GA 79 48.25 45.93 82.05
CA SER GA 79 49.36 45.67 82.94
C SER GA 79 50.67 45.72 82.17
N ASP GA 80 51.76 46.01 82.86
CA ASP GA 80 53.10 45.98 82.29
C ASP GA 80 53.81 44.66 82.53
N ASP GA 81 53.27 43.80 83.40
CA ASP GA 81 53.98 42.58 83.78
C ASP GA 81 53.90 41.51 82.69
N GLU GA 82 54.91 40.65 82.67
CA GLU GA 82 54.95 39.49 81.80
C GLU GA 82 54.21 38.33 82.45
N PRO GA 83 53.23 37.75 81.79
CA PRO GA 83 52.36 36.78 82.45
C PRO GA 83 53.09 35.50 82.78
N LYS GA 84 52.51 34.75 83.72
CA LYS GA 84 53.00 33.41 84.02
C LYS GA 84 52.64 32.49 82.86
N PHE GA 85 53.63 31.79 82.34
CA PHE GA 85 53.41 30.82 81.29
C PHE GA 85 52.87 29.54 81.89
N LEU GA 86 51.99 28.86 81.17
CA LEU GA 86 51.49 27.56 81.62
C LEU GA 86 51.89 26.44 80.65
N ARG GA 87 51.73 26.67 79.35
CA ARG GA 87 51.84 25.60 78.37
C ARG GA 87 51.84 26.20 76.97
N ARG GA 88 51.81 25.32 75.97
CA ARG GA 88 51.54 25.66 74.58
C ARG GA 88 50.42 24.75 74.09
N ILE GA 89 49.33 25.33 73.59
CA ILE GA 89 48.09 24.58 73.41
C ILE GA 89 47.66 24.58 71.94
N SER GA 90 47.17 23.41 71.50
CA SER GA 90 46.83 23.16 70.11
C SER GA 90 45.52 22.37 70.05
N PHE GA 91 45.07 22.06 68.82
CA PHE GA 91 43.72 21.53 68.60
C PHE GA 91 43.63 20.58 67.41
N ILE GA 92 42.50 19.84 67.36
CA ILE GA 92 42.14 18.96 66.25
C ILE GA 92 40.84 19.49 65.64
N ASP GA 93 40.94 20.17 64.50
CA ASP GA 93 39.80 20.76 63.82
C ASP GA 93 39.27 19.74 62.81
N ALA GA 94 38.12 19.18 63.10
CA ALA GA 94 37.29 18.15 62.51
C ALA GA 94 36.36 18.73 61.45
N PRO GA 95 35.71 17.89 60.65
CA PRO GA 95 34.68 18.39 59.73
C PRO GA 95 33.29 18.30 60.33
N GLY GA 96 32.32 18.93 59.66
CA GLY GA 96 30.93 18.79 60.01
C GLY GA 96 30.17 17.86 59.09
N HIS GA 97 30.75 17.60 57.92
CA HIS GA 97 30.07 16.82 56.89
C HIS GA 97 29.96 15.35 57.28
N GLU GA 98 29.11 14.62 56.53
CA GLU GA 98 28.74 13.27 56.92
C GLU GA 98 29.55 12.22 56.15
N VAL GA 99 29.81 12.46 54.87
CA VAL GA 99 30.74 11.61 54.13
C VAL GA 99 32.17 11.83 54.61
N LEU GA 100 32.37 12.84 55.47
CA LEU GA 100 33.67 13.24 55.96
C LEU GA 100 33.81 13.03 57.47
N MET GA 101 32.81 12.40 58.09
CA MET GA 101 32.82 12.19 59.54
C MET GA 101 33.96 11.28 59.97
N ALA GA 102 34.11 10.13 59.31
CA ALA GA 102 35.11 9.14 59.73
C ALA GA 102 36.45 9.79 60.06
N THR GA 103 36.83 10.83 59.30
CA THR GA 103 38.11 11.49 59.47
C THR GA 103 38.35 11.94 60.91
N MET GA 104 37.39 12.69 61.47
CA MET GA 104 37.60 13.24 62.82
C MET GA 104 37.76 12.13 63.85
N LEU GA 105 37.24 10.94 63.54
CA LEU GA 105 37.40 9.80 64.43
C LEU GA 105 38.87 9.51 64.69
N SER GA 106 39.70 9.62 63.64
CA SER GA 106 41.14 9.62 63.84
C SER GA 106 41.53 10.54 64.98
N GLY GA 107 41.22 11.84 64.84
CA GLY GA 107 41.57 12.78 65.87
C GLY GA 107 40.95 12.48 67.22
N ALA GA 108 39.83 11.77 67.24
CA ALA GA 108 39.21 11.46 68.52
C ALA GA 108 40.13 10.60 69.38
N ALA GA 109 40.98 9.79 68.74
CA ALA GA 109 41.93 8.98 69.49
C ALA GA 109 43.17 9.75 69.95
N LEU GA 110 43.30 11.03 69.57
CA LEU GA 110 44.50 11.81 69.87
C LEU GA 110 44.28 12.92 70.88
N MET GA 111 43.11 13.55 70.87
CA MET GA 111 42.85 14.74 71.68
C MET GA 111 42.87 14.41 73.17
N ASP GA 112 43.46 15.32 73.95
CA ASP GA 112 43.37 15.28 75.40
C ASP GA 112 42.27 16.20 75.94
N GLY GA 113 41.40 16.69 75.06
CA GLY GA 113 40.30 17.56 75.45
C GLY GA 113 39.35 17.73 74.29
N ALA GA 114 38.39 18.64 74.47
CA ALA GA 114 37.37 18.86 73.46
C ALA GA 114 36.58 20.13 73.75
N ILE GA 115 36.42 20.95 72.71
CA ILE GA 115 35.49 22.07 72.72
C ILE GA 115 34.47 21.82 71.61
N LEU GA 116 33.25 21.46 72.01
CA LEU GA 116 32.17 21.12 71.10
C LEU GA 116 31.24 22.32 70.93
N VAL GA 117 30.95 22.66 69.68
CA VAL GA 117 30.16 23.84 69.33
C VAL GA 117 28.74 23.41 68.97
N VAL GA 118 27.79 24.31 69.20
CA VAL GA 118 26.38 24.14 68.86
C VAL GA 118 25.96 25.39 68.11
N ALA GA 119 25.06 25.24 67.15
CA ALA GA 119 24.59 26.38 66.38
C ALA GA 119 23.38 27.05 67.04
N ALA GA 120 23.56 28.28 67.49
CA ALA GA 120 22.42 29.12 67.82
C ALA GA 120 21.60 29.45 66.57
N ASN GA 121 22.25 29.45 65.42
CA ASN GA 121 21.66 29.83 64.14
C ASN GA 121 21.53 28.67 63.17
N GLU GA 122 21.14 27.50 63.67
CA GLU GA 122 20.65 26.33 62.95
C GLU GA 122 19.65 25.59 63.84
N PRO GA 123 18.69 24.89 63.25
CA PRO GA 123 17.71 24.15 64.08
C PRO GA 123 18.37 23.02 64.86
N PHE GA 124 18.08 22.99 66.16
CA PHE GA 124 18.79 22.15 67.11
C PHE GA 124 17.86 21.09 67.67
N PRO GA 125 18.35 19.85 67.88
CA PRO GA 125 19.71 19.41 67.55
C PRO GA 125 19.88 18.97 66.11
N GLN GA 126 20.82 19.58 65.41
CA GLN GA 126 21.17 19.15 64.07
C GLN GA 126 21.54 17.67 64.12
N PRO GA 127 21.26 16.92 63.05
CA PRO GA 127 21.46 15.46 63.11
C PRO GA 127 22.87 15.03 63.49
N GLN GA 128 23.89 15.55 62.81
CA GLN GA 128 25.27 15.08 62.99
C GLN GA 128 25.86 15.41 64.36
N THR GA 129 25.23 16.31 65.11
CA THR GA 129 25.69 16.63 66.46
C THR GA 129 25.68 15.39 67.34
N ARG GA 130 24.65 14.55 67.18
CA ARG GA 130 24.61 13.27 67.86
C ARG GA 130 25.85 12.44 67.53
N GLU GA 131 26.28 12.48 66.26
CA GLU GA 131 27.39 11.65 65.82
C GLU GA 131 28.71 12.15 66.41
N HIS GA 132 28.90 13.46 66.49
CA HIS GA 132 30.06 13.97 67.23
C HIS GA 132 30.02 13.57 68.69
N PHE GA 133 28.87 13.75 69.36
CA PHE GA 133 28.78 13.44 70.78
C PHE GA 133 29.09 11.96 71.04
N VAL GA 134 28.55 11.08 70.22
CA VAL GA 134 28.81 9.65 70.41
C VAL GA 134 30.21 9.29 69.95
N ALA GA 135 30.82 10.11 69.08
CA ALA GA 135 32.21 9.86 68.75
C ALA GA 135 33.08 10.08 69.98
N LEU GA 136 32.83 11.19 70.68
CA LEU GA 136 33.53 11.47 71.93
C LEU GA 136 33.19 10.41 72.98
N GLY GA 137 31.98 9.84 72.91
CA GLY GA 137 31.55 8.85 73.89
C GLY GA 137 32.05 7.45 73.63
N ILE GA 138 32.21 7.08 72.36
CA ILE GA 138 32.85 5.81 72.01
C ILE GA 138 34.33 5.86 72.32
N ILE GA 139 34.99 6.95 71.90
CA ILE GA 139 36.39 7.11 72.26
C ILE GA 139 36.55 7.41 73.75
N GLY GA 140 35.54 8.04 74.36
CA GLY GA 140 35.50 8.14 75.80
C GLY GA 140 36.17 9.35 76.40
N VAL GA 141 36.39 10.41 75.62
CA VAL GA 141 36.92 11.63 76.21
C VAL GA 141 35.73 12.43 76.73
N LYS GA 142 35.28 12.09 77.93
CA LYS GA 142 34.09 12.72 78.49
C LYS GA 142 34.32 14.17 78.87
N ASN GA 143 35.58 14.63 78.88
CA ASN GA 143 35.93 16.01 79.19
C ASN GA 143 35.55 16.88 77.99
N LEU GA 144 34.52 17.70 78.17
CA LEU GA 144 33.89 18.44 77.09
C LEU GA 144 33.52 19.84 77.55
N ILE GA 145 33.82 20.83 76.71
CA ILE GA 145 33.36 22.19 76.92
C ILE GA 145 32.39 22.52 75.79
N ILE GA 146 31.13 22.75 76.14
CA ILE GA 146 30.10 23.06 75.16
C ILE GA 146 30.03 24.57 74.97
N VAL GA 147 29.89 25.02 73.73
CA VAL GA 147 29.82 26.44 73.40
C VAL GA 147 28.69 26.66 72.41
N GLN GA 148 28.02 27.80 72.53
CA GLN GA 148 27.05 28.29 71.54
C GLN GA 148 27.72 29.43 70.77
N ASN GA 149 27.55 29.45 69.45
CA ASN GA 149 28.42 30.24 68.58
C ASN GA 149 27.65 31.31 67.81
N LYS GA 150 28.42 32.27 67.27
CA LYS GA 150 27.92 33.29 66.32
C LYS GA 150 26.85 34.18 66.94
N VAL GA 151 26.93 34.39 68.25
CA VAL GA 151 25.83 34.96 69.02
C VAL GA 151 25.49 36.39 68.61
N ASP GA 152 26.20 36.95 67.62
CA ASP GA 152 26.00 38.34 67.27
C ASP GA 152 24.75 38.58 66.42
N VAL GA 153 24.23 37.55 65.76
CA VAL GA 153 22.99 37.67 64.99
C VAL GA 153 21.78 37.18 65.80
N VAL GA 154 22.01 36.33 66.80
CA VAL GA 154 20.95 35.75 67.59
C VAL GA 154 20.87 36.51 68.91
N SER GA 155 19.64 36.81 69.32
CA SER GA 155 19.45 37.66 70.49
C SER GA 155 19.74 36.91 71.78
N LYS GA 156 19.72 37.65 72.88
CA LYS GA 156 20.14 37.10 74.16
C LYS GA 156 19.09 36.18 74.75
N GLU GA 157 17.84 36.33 74.32
CA GLU GA 157 16.78 35.42 74.78
C GLU GA 157 16.82 34.10 74.02
N GLU GA 158 17.02 34.16 72.70
CA GLU GA 158 17.19 32.92 71.94
C GLU GA 158 18.45 32.19 72.38
N ALA GA 159 19.52 32.94 72.67
CA ALA GA 159 20.71 32.34 73.24
C ALA GA 159 20.40 31.62 74.55
N LEU GA 160 19.53 32.22 75.38
CA LEU GA 160 19.13 31.58 76.63
C LEU GA 160 18.31 30.32 76.38
N SER GA 161 17.41 30.37 75.40
CA SER GA 161 16.58 29.20 75.11
C SER GA 161 17.45 28.03 74.63
N GLN GA 162 18.41 28.31 73.74
CA GLN GA 162 19.29 27.23 73.31
C GLN GA 162 20.23 26.80 74.44
N TYR GA 163 20.59 27.73 75.32
CA TYR GA 163 21.38 27.36 76.51
C TYR GA 163 20.60 26.41 77.38
N ARG GA 164 19.28 26.59 77.48
CA ARG GA 164 18.48 25.65 78.25
C ARG GA 164 18.38 24.30 77.53
N GLN GA 165 18.17 24.34 76.21
CA GLN GA 165 18.23 23.11 75.42
C GLN GA 165 19.51 22.33 75.66
N ILE GA 166 20.65 23.02 75.74
CA ILE GA 166 21.93 22.31 75.75
C ILE GA 166 22.36 21.97 77.18
N LYS GA 167 22.01 22.82 78.15
CA LYS GA 167 22.06 22.40 79.54
C LYS GA 167 21.27 21.10 79.73
N GLN GA 168 20.15 20.96 79.02
CA GLN GA 168 19.42 19.70 79.03
C GLN GA 168 20.21 18.61 78.31
N PHE GA 169 20.77 18.94 77.14
CA PHE GA 169 21.59 17.97 76.39
C PHE GA 169 22.68 17.39 77.28
N THR GA 170 23.11 18.16 78.29
CA THR GA 170 24.11 17.67 79.23
C THR GA 170 23.56 16.62 80.18
N LYS GA 171 22.40 16.85 80.79
CA LYS GA 171 21.91 15.97 81.84
C LYS GA 171 21.46 14.64 81.27
N GLY GA 172 21.67 13.57 82.03
CA GLY GA 172 21.23 12.24 81.65
C GLY GA 172 22.25 11.38 80.93
N THR GA 173 23.45 11.90 80.72
CA THR GA 173 24.52 11.16 80.07
C THR GA 173 25.84 11.37 80.82
N TRP GA 174 26.93 10.87 80.24
CA TRP GA 174 28.26 11.09 80.79
C TRP GA 174 28.61 12.55 80.98
N ALA GA 175 27.85 13.47 80.37
CA ALA GA 175 28.20 14.88 80.34
C ALA GA 175 27.28 15.75 81.20
N GLU GA 176 26.91 15.28 82.40
CA GLU GA 176 25.94 16.02 83.21
C GLU GA 176 26.42 17.44 83.52
N ASN GA 177 27.72 17.62 83.75
CA ASN GA 177 28.30 18.92 84.06
C ASN GA 177 29.32 19.37 83.02
N VAL GA 178 28.99 19.30 81.74
CA VAL GA 178 29.84 19.99 80.76
C VAL GA 178 29.31 21.40 80.56
N PRO GA 179 30.13 22.43 80.72
CA PRO GA 179 29.60 23.80 80.82
C PRO GA 179 29.44 24.47 79.48
N ILE GA 180 28.77 25.62 79.51
CA ILE GA 180 28.46 26.41 78.33
C ILE GA 180 28.95 27.83 78.58
N ILE GA 181 29.96 28.25 77.82
CA ILE GA 181 30.54 29.57 77.97
C ILE GA 181 30.38 30.30 76.63
N PRO GA 182 29.61 31.39 76.57
CA PRO GA 182 29.23 31.95 75.26
C PRO GA 182 30.34 32.76 74.62
N VAL GA 183 30.71 32.35 73.40
CA VAL GA 183 31.70 33.07 72.60
C VAL GA 183 31.22 33.15 71.16
N SER GA 184 31.89 34.00 70.38
CA SER GA 184 31.70 34.11 68.93
C SER GA 184 33.07 33.98 68.31
N ALA GA 185 33.18 33.17 67.25
CA ALA GA 185 34.49 32.74 66.79
C ALA GA 185 35.20 33.81 65.96
N LEU GA 186 34.44 34.73 65.34
CA LEU GA 186 35.08 35.76 64.53
C LEU GA 186 35.50 36.97 65.35
N HIS GA 187 34.53 37.64 65.98
CA HIS GA 187 34.73 38.95 66.59
C HIS GA 187 35.66 38.92 67.80
N LYS GA 188 36.20 37.76 68.18
CA LYS GA 188 37.10 37.62 69.31
C LYS GA 188 36.44 38.11 70.61
N ILE GA 189 35.25 37.57 70.89
CA ILE GA 189 34.50 37.91 72.11
C ILE GA 189 34.57 36.73 73.06
N ASN GA 190 34.78 37.01 74.34
CA ASN GA 190 34.68 36.03 75.42
C ASN GA 190 35.67 34.89 75.25
N ILE GA 191 36.63 35.02 74.33
CA ILE GA 191 37.60 33.95 74.10
C ILE GA 191 38.52 33.79 75.30
N ASP GA 192 38.68 34.85 76.11
CA ASP GA 192 39.44 34.75 77.35
C ASP GA 192 38.80 33.76 78.32
N SER GA 193 37.48 33.88 78.50
CA SER GA 193 36.75 32.91 79.32
C SER GA 193 36.82 31.52 78.70
N LEU GA 194 36.92 31.45 77.37
CA LEU GA 194 37.06 30.15 76.73
C LEU GA 194 38.40 29.50 77.08
N ILE GA 195 39.49 30.28 77.04
CA ILE GA 195 40.79 29.75 77.44
C ILE GA 195 40.76 29.33 78.90
N GLU GA 196 40.16 30.16 79.75
CA GLU GA 196 40.01 29.80 81.15
C GLU GA 196 39.24 28.48 81.30
N GLY GA 197 38.25 28.25 80.43
CA GLY GA 197 37.48 27.01 80.49
C GLY GA 197 38.30 25.80 80.07
N ILE GA 198 39.04 25.92 78.97
CA ILE GA 198 39.96 24.86 78.57
C ILE GA 198 40.90 24.52 79.72
N GLU GA 199 41.47 25.55 80.36
CA GLU GA 199 42.38 25.32 81.48
C GLU GA 199 41.69 24.59 82.62
N GLU GA 200 40.70 25.22 83.23
CA GLU GA 200 40.09 24.64 84.42
C GLU GA 200 39.50 23.27 84.18
N TYR GA 201 38.63 23.13 83.18
CA TYR GA 201 37.85 21.91 83.04
C TYR GA 201 38.54 20.85 82.18
N ILE GA 202 39.56 21.19 81.40
CA ILE GA 202 40.26 20.21 80.61
C ILE GA 202 41.75 20.27 80.93
N LYS GA 203 42.17 19.44 81.89
CA LYS GA 203 43.58 19.35 82.23
C LYS GA 203 44.23 18.20 81.47
N THR GA 204 45.52 18.33 81.24
CA THR GA 204 46.25 17.26 80.56
C THR GA 204 46.31 16.04 81.47
N PRO GA 205 46.14 14.83 80.94
CA PRO GA 205 46.15 13.65 81.79
C PRO GA 205 47.51 13.41 82.42
N TYR GA 206 47.53 12.50 83.40
CA TYR GA 206 48.80 12.04 83.93
C TYR GA 206 49.50 11.22 82.86
N ARG GA 207 50.73 11.60 82.54
CA ARG GA 207 51.43 10.99 81.42
C ARG GA 207 52.06 9.67 81.86
N ASP GA 208 52.15 8.76 80.90
CA ASP GA 208 52.78 7.45 81.09
C ASP GA 208 53.98 7.41 80.15
N LEU GA 209 55.14 7.79 80.68
CA LEU GA 209 56.39 7.70 79.91
C LEU GA 209 57.04 6.34 80.05
N SER GA 210 56.26 5.29 80.35
CA SER GA 210 56.76 3.95 80.58
C SER GA 210 56.48 2.98 79.44
N GLN GA 211 55.38 3.15 78.71
CA GLN GA 211 55.06 2.19 77.67
C GLN GA 211 55.88 2.48 76.42
N LYS GA 212 56.00 1.46 75.57
CA LYS GA 212 56.76 1.59 74.33
C LYS GA 212 56.28 2.82 73.56
N PRO GA 213 57.15 3.79 73.29
CA PRO GA 213 56.72 4.99 72.57
C PRO GA 213 56.15 4.66 71.20
N VAL GA 214 54.88 5.00 71.01
CA VAL GA 214 54.19 4.74 69.73
C VAL GA 214 53.84 6.07 69.10
N MET GA 215 53.96 6.16 67.79
CA MET GA 215 53.58 7.37 67.05
C MET GA 215 52.45 7.04 66.09
N LEU GA 216 51.32 7.72 66.27
CA LEU GA 216 50.10 7.46 65.51
C LEU GA 216 50.01 8.42 64.34
N VAL GA 217 50.32 7.91 63.15
CA VAL GA 217 50.38 8.72 61.94
C VAL GA 217 49.01 9.31 61.68
N ILE GA 218 48.98 10.60 61.36
CA ILE GA 218 47.78 11.23 60.81
C ILE GA 218 47.99 11.79 59.42
N ARG GA 219 49.16 12.39 59.14
CA ARG GA 219 49.41 13.00 57.85
C ARG GA 219 50.86 12.73 57.48
N SER GA 220 51.23 13.14 56.26
CA SER GA 220 52.61 13.03 55.83
C SER GA 220 52.77 13.85 54.56
N PHE GA 221 54.00 14.31 54.31
CA PHE GA 221 54.26 15.12 53.13
C PHE GA 221 55.67 14.91 52.60
N ASP GA 222 55.79 15.14 51.29
CA ASP GA 222 57.05 15.30 50.60
C ASP GA 222 57.39 16.77 50.58
N VAL GA 223 58.23 17.20 51.53
CA VAL GA 223 58.59 18.61 51.61
C VAL GA 223 59.48 19.00 50.43
N ASN GA 224 59.97 18.02 49.66
CA ASN GA 224 60.82 18.32 48.53
C ASN GA 224 60.05 19.10 47.48
N LYS GA 225 60.33 20.40 47.39
CA LYS GA 225 59.50 21.31 46.61
C LYS GA 225 59.68 21.07 45.12
N PRO GA 226 58.74 21.52 44.30
CA PRO GA 226 58.93 21.43 42.84
C PRO GA 226 60.14 22.24 42.38
N GLY GA 227 61.11 21.53 41.83
CA GLY GA 227 62.40 22.12 41.51
C GLY GA 227 63.48 21.80 42.52
N THR GA 228 63.29 20.79 43.35
CA THR GA 228 64.30 20.44 44.36
C THR GA 228 65.41 19.63 43.71
N GLN GA 229 66.59 20.23 43.59
CA GLN GA 229 67.75 19.52 43.06
C GLN GA 229 68.29 18.56 44.10
N PHE GA 230 69.19 17.69 43.67
CA PHE GA 230 69.54 16.51 44.45
C PHE GA 230 70.48 16.75 45.63
N ASN GA 231 70.88 17.99 45.87
CA ASN GA 231 71.88 18.24 46.91
C ASN GA 231 71.23 18.34 48.29
N GLU GA 232 69.99 18.81 48.36
CA GLU GA 232 69.33 19.16 49.62
C GLU GA 232 68.07 18.34 49.87
N LEU GA 233 68.17 17.02 49.67
CA LEU GA 233 67.00 16.15 49.78
C LEU GA 233 66.71 15.76 51.22
N LYS GA 234 65.59 16.25 51.75
CA LYS GA 234 65.15 15.90 53.09
C LYS GA 234 64.09 14.80 53.03
N GLY GA 235 64.01 14.01 54.09
CA GLY GA 235 63.12 12.85 54.11
C GLY GA 235 61.65 13.22 54.25
N GLY GA 236 60.81 12.21 53.99
CA GLY GA 236 59.38 12.44 54.00
C GLY GA 236 58.81 12.46 55.41
N VAL GA 237 58.09 13.54 55.70
CA VAL GA 237 57.66 13.85 57.07
C VAL GA 237 56.35 13.13 57.35
N ILE GA 238 56.29 12.44 58.49
CA ILE GA 238 55.07 11.80 58.97
C ILE GA 238 54.66 12.51 60.26
N GLY GA 239 53.49 13.13 60.25
CA GLY GA 239 53.04 13.94 61.37
C GLY GA 239 51.86 13.30 62.08
N GLY GA 240 51.84 13.45 63.40
CA GLY GA 240 50.76 12.91 64.19
C GLY GA 240 50.74 13.53 65.57
N SER GA 241 50.48 12.69 66.57
CA SER GA 241 50.57 13.06 67.98
C SER GA 241 51.03 11.84 68.77
N ILE GA 242 51.85 12.09 69.78
CA ILE GA 242 52.34 11.01 70.64
C ILE GA 242 51.44 10.90 71.86
N ILE GA 243 51.06 9.67 72.21
CA ILE GA 243 50.17 9.42 73.33
C ILE GA 243 50.86 8.66 74.46
N GLN GA 244 51.72 7.69 74.14
CA GLN GA 244 52.42 6.91 75.15
C GLN GA 244 53.87 6.75 74.71
N GLY GA 245 54.77 7.19 75.59
CA GLY GA 245 56.19 7.22 75.33
C GLY GA 245 56.65 8.56 74.78
N LEU GA 246 57.77 8.51 74.05
CA LEU GA 246 58.45 9.70 73.54
C LEU GA 246 59.45 9.27 72.48
N PHE GA 247 59.86 10.21 71.65
CA PHE GA 247 60.75 9.93 70.53
C PHE GA 247 61.96 10.85 70.57
N LYS GA 248 63.08 10.38 70.05
CA LYS GA 248 64.36 11.08 70.18
C LYS GA 248 65.08 11.15 68.84
N VAL GA 249 66.12 12.00 68.79
CA VAL GA 249 66.86 12.19 67.54
C VAL GA 249 67.80 11.03 67.31
N ASP GA 250 67.69 10.42 66.14
CA ASP GA 250 68.34 9.19 65.69
C ASP GA 250 67.76 7.95 66.38
N GLN GA 251 66.44 7.88 66.57
CA GLN GA 251 65.80 6.65 67.04
C GLN GA 251 65.51 5.72 65.87
N GLU GA 252 65.77 4.44 66.08
CA GLU GA 252 65.59 3.43 65.05
C GLU GA 252 64.17 2.88 65.13
N ILE GA 253 63.37 3.11 64.09
CA ILE GA 253 61.95 2.80 64.13
C ILE GA 253 61.55 1.98 62.90
N LYS GA 254 60.30 1.53 62.93
CA LYS GA 254 59.61 0.98 61.79
C LYS GA 254 58.21 1.57 61.68
N VAL GA 255 57.85 1.90 60.45
CA VAL GA 255 56.50 2.24 60.04
C VAL GA 255 55.73 0.95 59.79
N LEU GA 256 54.55 0.85 60.38
CA LEU GA 256 53.72 -0.33 60.34
C LEU GA 256 52.28 0.09 60.05
N PRO GA 257 51.66 -0.41 58.97
CA PRO GA 257 52.21 -1.38 58.01
C PRO GA 257 53.11 -0.75 56.94
N GLY GA 258 52.78 0.47 56.51
CA GLY GA 258 53.60 1.20 55.56
C GLY GA 258 53.25 0.97 54.11
N LEU GA 259 54.16 0.33 53.37
CA LEU GA 259 53.96 0.02 51.96
C LEU GA 259 53.21 -1.29 51.75
N ARG GA 260 52.61 -1.42 50.57
CA ARG GA 260 52.24 -2.71 50.03
C ARG GA 260 53.31 -3.16 49.06
N VAL GA 261 53.65 -4.46 49.10
CA VAL GA 261 54.48 -5.11 48.10
C VAL GA 261 53.86 -6.46 47.79
N GLU GA 262 54.27 -7.05 46.67
CA GLU GA 262 53.76 -8.34 46.23
C GLU GA 262 54.63 -9.45 46.81
N LYS GA 263 53.99 -10.40 47.50
CA LYS GA 263 54.71 -11.41 48.26
C LYS GA 263 54.01 -12.76 48.14
N GLN GA 264 54.72 -13.75 47.58
CA GLN GA 264 54.33 -15.16 47.67
C GLN GA 264 53.03 -15.44 46.91
N GLY GA 265 52.96 -14.95 45.67
CA GLY GA 265 51.77 -15.12 44.85
C GLY GA 265 50.54 -14.45 45.37
N LYS GA 266 50.61 -13.81 46.55
CA LYS GA 266 49.48 -13.14 47.17
C LYS GA 266 49.88 -11.73 47.57
N VAL GA 267 48.93 -11.01 48.18
CA VAL GA 267 49.22 -9.65 48.62
C VAL GA 267 49.68 -9.66 50.07
N SER GA 268 50.59 -8.74 50.39
CA SER GA 268 51.05 -8.55 51.76
C SER GA 268 51.67 -7.16 51.85
N TYR GA 269 52.15 -6.82 53.04
CA TYR GA 269 52.70 -5.50 53.31
C TYR GA 269 54.14 -5.67 53.77
N GLU GA 270 54.93 -4.59 53.65
CA GLU GA 270 56.34 -4.62 54.03
C GLU GA 270 56.57 -3.67 55.20
N PRO GA 271 57.17 -4.12 56.29
CA PRO GA 271 57.45 -3.21 57.41
C PRO GA 271 58.59 -2.25 57.07
N ILE GA 272 58.38 -0.96 57.32
CA ILE GA 272 59.17 0.10 56.71
C ILE GA 272 60.19 0.62 57.73
N PHE GA 273 61.46 0.22 57.58
CA PHE GA 273 62.48 0.46 58.60
C PHE GA 273 63.25 1.74 58.31
N THR GA 274 63.61 2.49 59.37
CA THR GA 274 64.32 3.75 59.14
C THR GA 274 64.90 4.31 60.45
N LYS GA 275 65.58 5.46 60.32
CA LYS GA 275 66.22 6.21 61.39
C LYS GA 275 65.66 7.63 61.44
N ILE GA 276 65.39 8.10 62.66
CA ILE GA 276 64.68 9.36 62.84
C ILE GA 276 65.63 10.53 62.61
N SER GA 277 65.26 11.43 61.69
CA SER GA 277 66.12 12.53 61.29
C SER GA 277 65.59 13.91 61.69
N SER GA 278 64.30 14.05 61.98
CA SER GA 278 63.76 15.34 62.38
C SER GA 278 62.45 15.12 63.13
N ILE GA 279 62.16 16.04 64.04
CA ILE GA 279 60.97 16.00 64.88
C ILE GA 279 60.53 17.44 65.14
N ARG GA 280 59.37 17.82 64.59
CA ARG GA 280 59.00 19.23 64.61
C ARG GA 280 57.69 19.43 65.38
N PHE GA 281 57.60 20.59 66.02
CA PHE GA 281 56.38 21.06 66.67
C PHE GA 281 56.10 22.47 66.17
N GLY GA 282 55.44 22.57 65.02
CA GLY GA 282 55.04 23.89 64.53
C GLY GA 282 56.18 24.60 63.86
N ASP GA 283 56.63 25.70 64.48
CA ASP GA 283 57.75 26.49 64.01
C ASP GA 283 58.89 26.52 65.02
N GLU GA 284 58.97 25.52 65.90
CA GLU GA 284 60.05 25.42 66.87
C GLU GA 284 60.69 24.04 66.76
N GLU GA 285 62.01 24.01 66.82
CA GLU GA 285 62.76 22.78 66.65
C GLU GA 285 63.12 22.18 68.01
N PHE GA 286 62.55 21.01 68.28
CA PHE GA 286 62.85 20.24 69.48
C PHE GA 286 63.62 18.99 69.07
N LYS GA 287 64.53 18.57 69.95
CA LYS GA 287 65.27 17.34 69.73
C LYS GA 287 64.57 16.12 70.31
N GLU GA 288 63.64 16.31 71.23
CA GLU GA 288 62.82 15.21 71.68
C GLU GA 288 61.36 15.55 71.44
N ALA GA 289 60.56 14.49 71.29
CA ALA GA 289 59.12 14.59 71.14
C ALA GA 289 58.50 13.95 72.36
N LYS GA 290 57.72 14.73 73.10
CA LYS GA 290 56.95 14.24 74.23
C LYS GA 290 55.47 14.25 73.84
N PRO GA 291 54.64 13.49 74.57
CA PRO GA 291 53.20 13.40 74.30
C PRO GA 291 52.54 14.77 74.41
N GLY GA 292 51.36 14.91 73.81
CA GLY GA 292 50.62 16.16 73.84
C GLY GA 292 50.90 17.03 72.64
N GLY GA 293 49.99 17.02 71.67
CA GLY GA 293 50.14 17.81 70.46
C GLY GA 293 50.76 17.03 69.33
N LEU GA 294 50.31 17.31 68.11
CA LEU GA 294 50.82 16.62 66.93
C LEU GA 294 52.32 16.83 66.78
N VAL GA 295 53.05 15.73 66.60
CA VAL GA 295 54.49 15.79 66.45
C VAL GA 295 54.93 15.26 65.08
N ALA GA 296 55.49 16.15 64.27
CA ALA GA 296 55.94 15.78 62.93
C ALA GA 296 57.36 15.21 62.97
N ILE GA 297 57.53 14.00 62.46
CA ILE GA 297 58.83 13.35 62.43
C ILE GA 297 59.19 13.01 60.98
N GLY GA 298 60.27 13.63 60.49
CA GLY GA 298 60.87 13.20 59.25
C GLY GA 298 62.04 12.27 59.54
N THR GA 299 62.26 11.32 58.62
CA THR GA 299 63.26 10.28 58.80
C THR GA 299 64.01 10.06 57.49
N TYR GA 300 64.73 8.95 57.42
CA TYR GA 300 65.49 8.58 56.24
C TYR GA 300 64.64 7.85 55.20
N LEU GA 301 63.32 8.03 55.25
CA LEU GA 301 62.45 7.38 54.29
C LEU GA 301 62.24 8.23 53.07
N ASP GA 302 61.91 7.58 51.95
CA ASP GA 302 61.62 8.30 50.73
C ASP GA 302 60.21 8.88 50.79
N PRO GA 303 60.03 10.16 50.47
CA PRO GA 303 58.71 10.78 50.63
C PRO GA 303 57.69 10.33 49.58
N SER GA 304 58.13 9.67 48.50
CA SER GA 304 57.19 9.08 47.57
C SER GA 304 56.27 8.08 48.25
N LEU GA 305 56.78 7.35 49.24
CA LEU GA 305 55.99 6.42 50.02
C LEU GA 305 55.03 7.11 50.99
N THR GA 306 55.18 8.44 51.17
CA THR GA 306 54.54 9.15 52.26
C THR GA 306 53.73 10.37 51.83
N LYS GA 307 54.03 10.96 50.68
CA LYS GA 307 53.34 12.17 50.23
C LYS GA 307 51.86 11.89 49.98
N ALA GA 308 51.02 12.94 50.16
CA ALA GA 308 49.60 12.92 49.82
C ALA GA 308 48.82 11.95 50.70
N ASP GA 309 49.20 11.88 51.97
CA ASP GA 309 48.49 11.12 53.01
C ASP GA 309 48.27 9.65 52.61
N ASN GA 310 49.30 9.04 51.99
CA ASN GA 310 49.20 7.65 51.56
C ASN GA 310 48.91 6.71 52.73
N LEU GA 311 49.77 6.73 53.74
CA LEU GA 311 49.75 5.77 54.83
C LEU GA 311 48.71 6.10 55.89
N LEU GA 312 47.72 6.92 55.53
CA LEU GA 312 46.83 7.57 56.50
C LEU GA 312 46.48 6.68 57.68
N GLY GA 313 46.87 7.14 58.87
CA GLY GA 313 46.49 6.51 60.11
C GLY GA 313 47.40 5.40 60.58
N SER GA 314 48.44 5.07 59.82
CA SER GA 314 49.32 3.97 60.18
C SER GA 314 49.96 4.23 61.56
N ILE GA 315 50.60 3.20 62.09
CA ILE GA 315 51.32 3.36 63.36
C ILE GA 315 52.81 3.28 63.05
N ILE GA 316 53.60 3.71 64.02
CA ILE GA 316 55.05 3.60 63.94
C ILE GA 316 55.60 3.30 65.33
N THR GA 317 56.47 2.31 65.42
CA THR GA 317 57.01 1.89 66.71
C THR GA 317 58.50 1.65 66.62
N LEU GA 318 59.07 1.22 67.74
CA LEU GA 318 60.51 1.04 67.87
C LEU GA 318 60.95 -0.18 67.07
N ALA GA 319 62.13 -0.07 66.46
CA ALA GA 319 62.57 -1.16 65.57
C ALA GA 319 63.06 -2.37 66.37
N ASP GA 320 62.87 -2.36 67.68
CA ASP GA 320 62.99 -3.56 68.50
C ASP GA 320 61.66 -3.97 69.14
N ALA GA 321 60.54 -3.60 68.54
CA ALA GA 321 59.23 -3.87 69.12
C ALA GA 321 58.54 -5.04 68.44
N GLU GA 322 57.28 -5.28 68.83
CA GLU GA 322 56.44 -6.31 68.23
C GLU GA 322 54.97 -5.95 68.43
N VAL GA 323 54.20 -5.97 67.35
CA VAL GA 323 52.78 -5.63 67.39
C VAL GA 323 52.00 -6.68 66.60
N PRO GA 324 50.81 -7.10 67.05
CA PRO GA 324 50.05 -8.08 66.26
C PRO GA 324 49.48 -7.46 65.00
N VAL GA 325 49.81 -8.06 63.86
CA VAL GA 325 49.27 -7.66 62.56
C VAL GA 325 48.44 -8.82 62.03
N LEU GA 326 47.12 -8.66 62.05
CA LEU GA 326 46.19 -9.72 61.70
C LEU GA 326 45.29 -9.26 60.55
N TRP GA 327 45.29 -10.04 59.47
CA TRP GA 327 44.47 -9.70 58.30
C TRP GA 327 42.98 -9.80 58.61
N ASN GA 328 42.61 -10.63 59.57
CA ASN GA 328 41.21 -10.85 59.92
C ASN GA 328 41.07 -10.75 61.44
N ILE GA 329 40.27 -9.80 61.90
CA ILE GA 329 40.28 -9.45 63.31
C ILE GA 329 38.91 -9.69 63.94
N ARG GA 330 38.93 -10.07 65.21
CA ARG GA 330 37.74 -10.30 66.01
C ARG GA 330 37.37 -9.02 66.75
N ILE GA 331 36.09 -8.83 66.99
CA ILE GA 331 35.54 -7.59 67.55
C ILE GA 331 34.36 -7.92 68.45
N LYS GA 332 34.42 -7.42 69.68
CA LYS GA 332 33.26 -7.32 70.58
C LYS GA 332 32.59 -5.98 70.32
N TYR GA 333 31.39 -6.00 69.76
CA TYR GA 333 30.72 -4.80 69.31
C TYR GA 333 29.31 -4.72 69.90
N ASN GA 334 29.07 -3.61 70.59
CA ASN GA 334 27.76 -3.30 71.12
C ASN GA 334 27.16 -2.19 70.26
N LEU GA 335 25.94 -2.42 69.80
CA LEU GA 335 25.33 -1.61 68.75
C LEU GA 335 24.65 -0.38 69.34
N LEU GA 336 24.79 0.73 68.63
CA LEU GA 336 24.13 1.97 69.02
C LEU GA 336 22.62 1.77 69.08
N GLU GA 337 21.95 2.60 69.88
CA GLU GA 337 20.50 2.50 70.00
C GLU GA 337 19.79 3.26 68.89
N ARG GA 338 20.41 4.30 68.34
CA ARG GA 338 19.89 4.97 67.16
C ARG GA 338 21.04 5.45 66.29
N VAL GA 339 20.73 5.69 65.02
CA VAL GA 339 21.70 6.21 64.08
C VAL GA 339 21.82 7.71 64.33
N VAL GA 340 23.01 8.13 64.80
CA VAL GA 340 23.17 9.40 65.49
C VAL GA 340 23.20 10.61 64.55
N GLY GA 341 24.00 10.59 63.49
CA GLY GA 341 23.99 11.72 62.60
C GLY GA 341 22.82 11.78 61.65
N ALA GA 342 21.78 11.00 61.89
CA ALA GA 342 20.71 10.77 60.92
C ALA GA 342 19.62 11.83 61.03
N LYS GA 343 19.18 12.32 59.88
CA LYS GA 343 18.04 13.23 59.85
C LYS GA 343 16.80 12.57 60.44
N GLU GA 344 16.54 11.32 60.03
CA GLU GA 344 15.47 10.53 60.60
C GLU GA 344 16.09 9.26 61.17
N MET GA 345 16.10 9.17 62.50
CA MET GA 345 16.77 8.10 63.21
C MET GA 345 15.94 6.82 63.18
N LEU GA 346 16.23 5.95 62.24
CA LEU GA 346 15.59 4.64 62.18
C LEU GA 346 16.21 3.73 63.24
N LYS GA 347 15.81 2.47 63.21
CA LYS GA 347 16.45 1.48 64.06
C LYS GA 347 17.78 1.03 63.44
N VAL GA 348 18.57 0.31 64.23
CA VAL GA 348 19.76 -0.36 63.70
C VAL GA 348 19.35 -1.71 63.16
N ASP GA 349 19.70 -1.98 61.90
CA ASP GA 349 19.47 -3.31 61.35
C ASP GA 349 20.66 -4.20 61.63
N PRO GA 350 20.52 -5.19 62.52
CA PRO GA 350 21.67 -5.98 62.97
C PRO GA 350 22.49 -6.53 61.82
N ILE GA 351 23.79 -6.69 62.08
CA ILE GA 351 24.74 -7.00 61.03
C ILE GA 351 24.70 -8.48 60.70
N ARG GA 352 24.32 -8.79 59.45
CA ARG GA 352 24.22 -10.15 58.97
C ARG GA 352 25.47 -10.48 58.17
N ALA GA 353 25.64 -11.77 57.87
CA ALA GA 353 26.86 -12.25 57.25
C ALA GA 353 27.09 -11.60 55.88
N LYS GA 354 28.35 -11.56 55.48
CA LYS GA 354 28.84 -11.06 54.20
C LYS GA 354 28.57 -9.57 54.00
N GLU GA 355 28.32 -8.82 55.07
CA GLU GA 355 28.01 -7.40 54.94
C GLU GA 355 29.31 -6.59 54.90
N THR GA 356 29.19 -5.32 54.48
CA THR GA 356 30.32 -4.42 54.32
C THR GA 356 30.28 -3.37 55.41
N LEU GA 357 31.39 -3.21 56.16
CA LEU GA 357 31.45 -2.33 57.32
C LEU GA 357 32.76 -1.57 57.35
N MET GA 358 32.74 -0.37 57.93
CA MET GA 358 33.92 0.52 57.97
C MET GA 358 34.43 0.68 59.39
N LEU GA 359 35.76 0.57 59.55
CA LEU GA 359 36.42 0.66 60.85
C LEU GA 359 37.40 1.83 60.82
N SER GA 360 37.50 2.55 61.94
CA SER GA 360 38.59 3.50 62.19
C SER GA 360 39.31 3.12 63.48
N VAL GA 361 40.56 2.67 63.35
CA VAL GA 361 41.38 2.17 64.46
C VAL GA 361 42.44 3.21 64.78
N GLY GA 362 42.27 3.91 65.90
CA GLY GA 362 43.16 5.03 66.13
C GLY GA 362 42.92 6.05 65.04
N SER GA 363 43.82 6.08 64.07
CA SER GA 363 43.68 6.95 62.91
C SER GA 363 43.55 6.18 61.59
N SER GA 364 43.72 4.86 61.59
CA SER GA 364 43.70 4.09 60.35
C SER GA 364 42.30 3.52 60.08
N THR GA 365 41.97 3.40 58.80
CA THR GA 365 40.61 3.10 58.36
C THR GA 365 40.62 1.91 57.42
N THR GA 366 39.52 1.14 57.43
CA THR GA 366 39.42 -0.06 56.60
C THR GA 366 37.98 -0.40 56.26
N LEU GA 367 37.80 -1.05 55.11
CA LEU GA 367 36.55 -1.72 54.75
C LEU GA 367 36.70 -3.23 54.97
N GLY GA 368 35.64 -3.87 55.44
CA GLY GA 368 35.71 -5.29 55.71
C GLY GA 368 34.38 -5.98 55.58
N ILE GA 369 34.45 -7.32 55.45
CA ILE GA 369 33.27 -8.17 55.34
C ILE GA 369 33.38 -9.27 56.39
N VAL GA 370 32.27 -9.56 57.05
CA VAL GA 370 32.29 -10.46 58.21
C VAL GA 370 32.25 -11.90 57.73
N THR GA 371 32.89 -12.80 58.50
CA THR GA 371 33.00 -14.20 58.12
C THR GA 371 32.37 -15.17 59.13
N SER GA 372 32.19 -14.75 60.38
CA SER GA 372 31.59 -15.59 61.41
C SER GA 372 30.80 -14.70 62.35
N VAL GA 373 29.48 -14.71 62.21
CA VAL GA 373 28.60 -13.75 62.86
C VAL GA 373 28.05 -14.36 64.14
N LYS GA 374 28.46 -13.81 65.28
CA LYS GA 374 27.90 -14.15 66.58
C LYS GA 374 27.31 -12.88 67.19
N LYS GA 375 26.55 -13.04 68.28
CA LYS GA 375 25.75 -11.95 68.80
C LYS GA 375 26.61 -10.77 69.23
N ASP GA 376 27.64 -11.03 70.04
CA ASP GA 376 28.52 -9.98 70.53
C ASP GA 376 29.91 -10.05 69.91
N GLU GA 377 30.34 -11.22 69.44
CA GLU GA 377 31.68 -11.41 68.89
C GLU GA 377 31.58 -11.64 67.39
N ILE GA 378 32.47 -11.01 66.64
CA ILE GA 378 32.59 -11.24 65.21
C ILE GA 378 34.05 -11.45 64.84
N GLU GA 379 34.26 -12.12 63.71
CA GLU GA 379 35.55 -12.24 63.07
C GLU GA 379 35.42 -11.77 61.63
N VAL GA 380 36.00 -10.60 61.35
CA VAL GA 380 35.80 -9.91 60.09
C VAL GA 380 37.08 -10.01 59.26
N GLU GA 381 36.92 -10.33 57.97
CA GLU GA 381 38.02 -10.36 57.02
C GLU GA 381 38.17 -8.98 56.40
N LEU GA 382 39.39 -8.46 56.43
CA LEU GA 382 39.69 -7.09 56.02
C LEU GA 382 40.44 -7.07 54.69
N ARG GA 383 40.46 -5.90 54.07
CA ARG GA 383 41.27 -5.68 52.88
C ARG GA 383 42.71 -5.27 53.22
N ARG GA 384 43.02 -5.13 54.51
CA ARG GA 384 44.32 -4.73 55.00
C ARG GA 384 44.36 -5.01 56.50
N PRO GA 385 45.42 -5.63 57.00
CA PRO GA 385 45.52 -5.86 58.44
C PRO GA 385 45.81 -4.58 59.20
N VAL GA 386 45.13 -4.42 60.34
CA VAL GA 386 45.32 -3.25 61.19
C VAL GA 386 46.30 -3.62 62.30
N ALA GA 387 47.01 -2.61 62.80
CA ALA GA 387 47.99 -2.81 63.86
C ALA GA 387 47.35 -2.50 65.20
N VAL GA 388 47.32 -3.47 66.09
CA VAL GA 388 46.58 -3.38 67.35
C VAL GA 388 47.62 -3.39 68.47
N TRP GA 389 48.06 -2.19 68.87
CA TRP GA 389 49.16 -2.01 69.81
C TRP GA 389 48.77 -2.26 71.26
N SER GA 390 47.47 -2.35 71.54
CA SER GA 390 46.97 -2.60 72.88
C SER GA 390 45.85 -3.62 72.79
N ASN GA 391 45.26 -3.94 73.95
CA ASN GA 391 44.17 -4.89 74.01
C ASN GA 391 42.82 -4.17 73.93
N ASN GA 392 42.00 -4.61 72.98
CA ASN GA 392 40.62 -4.16 72.84
C ASN GA 392 40.56 -2.67 72.47
N ILE GA 393 41.33 -2.29 71.45
CA ILE GA 393 41.56 -0.88 71.14
C ILE GA 393 40.26 -0.24 70.63
N ARG GA 394 40.14 1.08 70.83
CA ARG GA 394 38.97 1.81 70.39
C ARG GA 394 38.94 1.92 68.87
N THR GA 395 38.20 1.01 68.25
CA THR GA 395 37.79 1.14 66.86
C THR GA 395 36.41 1.78 66.85
N VAL GA 396 36.09 2.46 65.75
CA VAL GA 396 34.77 3.04 65.57
C VAL GA 396 34.22 2.55 64.24
N ILE GA 397 32.98 2.04 64.27
CA ILE GA 397 32.44 1.17 63.24
C ILE GA 397 31.17 1.78 62.66
N SER GA 398 31.03 1.69 61.34
CA SER GA 398 29.92 2.30 60.61
C SER GA 398 29.38 1.36 59.54
N ARG GA 399 28.09 1.47 59.27
CA ARG GA 399 27.43 0.83 58.12
C ARG GA 399 26.92 1.91 57.19
N GLN GA 400 26.84 1.59 55.91
CA GLN GA 400 26.52 2.57 54.87
C GLN GA 400 25.01 2.83 54.82
N ILE GA 401 24.63 4.09 54.96
CA ILE GA 401 23.24 4.54 54.86
C ILE GA 401 23.12 5.49 53.69
N ALA GA 402 22.45 5.05 52.62
CA ALA GA 402 22.12 5.89 51.47
C ALA GA 402 23.37 6.51 50.84
N GLY GA 403 24.52 5.89 51.08
CA GLY GA 403 25.79 6.43 50.64
C GLY GA 403 26.60 7.13 51.70
N ARG GA 404 26.11 7.21 52.94
CA ARG GA 404 26.82 7.86 54.03
C ARG GA 404 27.01 6.87 55.18
N TRP GA 405 28.27 6.48 55.40
CA TRP GA 405 28.60 5.48 56.40
C TRP GA 405 28.36 6.05 57.80
N ARG GA 406 27.20 5.73 58.39
CA ARG GA 406 26.83 6.19 59.71
C ARG GA 406 27.10 5.07 60.71
N MET GA 407 27.51 5.43 61.92
CA MET GA 407 28.02 4.46 62.88
C MET GA 407 26.94 3.48 63.29
N ILE GA 408 27.37 2.31 63.77
CA ILE GA 408 26.43 1.26 64.17
C ILE GA 408 26.74 0.68 65.53
N GLY GA 409 27.98 0.84 66.01
CA GLY GA 409 28.31 0.33 67.33
C GLY GA 409 29.74 0.62 67.71
N TRP GA 410 30.17 -0.02 68.81
CA TRP GA 410 31.51 0.14 69.32
C TRP GA 410 32.16 -1.23 69.48
N GLY GA 411 33.44 -1.31 69.11
CA GLY GA 411 34.08 -2.60 68.95
C GLY GA 411 35.40 -2.70 69.67
N LEU GA 412 35.77 -3.95 69.96
CA LEU GA 412 36.94 -4.30 70.76
C LEU GA 412 37.67 -5.47 70.12
N VAL GA 413 38.92 -5.27 69.72
CA VAL GA 413 39.72 -6.33 69.10
C VAL GA 413 40.49 -7.09 70.17
N GLU GA 414 40.16 -8.36 70.36
CA GLU GA 414 40.70 -9.17 71.46
C GLU GA 414 41.98 -9.87 71.00
N ILE GA 415 43.14 -9.27 71.32
CA ILE GA 415 44.43 -9.83 70.94
C ILE GA 415 45.19 -10.36 72.15
N SER HA 3 24.78 26.01 89.39
CA SER HA 3 25.74 26.60 88.47
C SER HA 3 25.05 27.15 87.22
N GLU HA 4 23.91 27.81 87.43
CA GLU HA 4 23.20 28.47 86.35
C GLU HA 4 23.77 29.86 86.06
N LYS HA 5 24.43 30.47 87.04
CA LYS HA 5 25.11 31.74 86.83
C LYS HA 5 26.33 31.61 85.91
N GLU HA 6 26.75 30.40 85.58
CA GLU HA 6 27.87 30.19 84.67
C GLU HA 6 27.56 30.59 83.22
N TYR HA 7 26.38 31.13 82.92
CA TYR HA 7 26.09 31.66 81.60
C TYR HA 7 25.72 33.13 81.59
N VAL HA 8 25.05 33.61 82.65
CA VAL HA 8 24.44 34.93 82.63
C VAL HA 8 25.50 36.02 82.50
N GLU HA 9 26.40 36.10 83.48
CA GLU HA 9 27.39 37.17 83.51
C GLU HA 9 28.35 37.07 82.32
N MET HA 10 28.70 35.85 81.93
CA MET HA 10 29.58 35.67 80.78
C MET HA 10 28.91 36.20 79.51
N LEU HA 11 27.59 36.05 79.38
CA LEU HA 11 26.88 36.70 78.28
C LEU HA 11 26.86 38.22 78.46
N ASP HA 12 26.63 38.69 79.68
CA ASP HA 12 26.54 40.14 79.91
C ASP HA 12 27.82 40.84 79.50
N ARG HA 13 28.97 40.18 79.67
CA ARG HA 13 30.23 40.74 79.19
C ARG HA 13 30.67 40.19 77.83
N LEU HA 14 29.92 39.23 77.28
CA LEU HA 14 30.00 38.93 75.85
C LEU HA 14 29.36 40.05 75.03
N TYR HA 15 28.43 40.77 75.64
CA TYR HA 15 27.72 41.85 74.97
C TYR HA 15 28.45 43.19 75.15
N SER HA 16 29.79 43.15 75.22
CA SER HA 16 30.58 44.37 75.33
C SER HA 16 31.85 44.34 74.49
N LYS HA 17 31.89 43.52 73.42
CA LYS HA 17 33.05 43.44 72.53
C LYS HA 17 32.60 43.40 71.08
N LEU HA 18 31.52 44.10 70.75
CA LEU HA 18 31.01 43.99 69.39
C LEU HA 18 31.41 45.20 68.56
N PRO HA 19 31.88 44.96 67.32
CA PRO HA 19 32.29 45.96 66.32
C PRO HA 19 31.20 46.96 66.00
N GLN HA 28 49.67 51.77 67.52
CA GLN HA 28 51.05 52.16 67.76
C GLN HA 28 51.75 52.62 66.48
N SER HA 29 52.54 53.68 66.60
CA SER HA 29 53.36 54.19 65.50
C SER HA 29 54.66 54.73 66.05
N LEU HA 30 55.65 54.86 65.17
CA LEU HA 30 56.95 55.40 65.57
C LEU HA 30 56.78 56.81 66.10
N PRO HA 31 57.22 57.12 67.32
CA PRO HA 31 57.19 58.50 67.79
C PRO HA 31 58.12 59.38 66.96
N ASN HA 32 57.66 60.60 66.67
CA ASN HA 32 58.37 61.52 65.79
C ASN HA 32 59.61 62.07 66.50
N MET HA 33 60.65 61.24 66.54
CA MET HA 33 61.92 61.59 67.16
C MET HA 33 62.43 62.92 66.62
N ILE HA 34 62.58 63.89 67.52
CA ILE HA 34 63.06 65.22 67.18
C ILE HA 34 64.45 65.37 67.79
N ILE HA 35 65.48 65.14 66.98
CA ILE HA 35 66.86 65.23 67.43
C ILE HA 35 67.31 66.68 67.33
N LEU HA 36 67.56 67.32 68.46
CA LEU HA 36 68.11 68.67 68.48
C LEU HA 36 69.51 68.66 69.06
N ASN HA 37 70.24 69.75 68.83
CA ASN HA 37 71.63 69.87 69.27
C ASN HA 37 71.84 71.19 69.99
N ILE HA 38 72.52 71.13 71.12
CA ILE HA 38 72.99 72.32 71.85
C ILE HA 38 74.40 72.03 72.34
N GLY HA 39 75.35 72.88 71.95
CA GLY HA 39 76.73 72.63 72.26
C GLY HA 39 77.30 71.50 71.41
N ASN HA 40 77.55 70.35 72.04
CA ASN HA 40 78.04 69.18 71.33
C ASN HA 40 77.29 67.94 71.79
N THR HA 41 76.01 68.09 72.09
CA THR HA 41 75.17 67.01 72.60
C THR HA 41 73.98 66.76 71.69
N THR HA 42 73.21 65.74 72.02
CA THR HA 42 72.01 65.37 71.27
C THR HA 42 70.86 65.22 72.24
N ILE HA 43 69.82 66.03 72.07
CA ILE HA 43 68.65 66.02 72.95
C ILE HA 43 67.44 65.52 72.18
N ILE HA 44 66.61 64.72 72.84
CA ILE HA 44 65.43 64.11 72.28
C ILE HA 44 64.25 64.46 73.19
N ARG HA 45 63.05 64.09 72.77
CA ARG HA 45 61.83 64.45 73.50
C ARG HA 45 61.13 63.28 74.17
N ASN HA 46 60.94 62.16 73.47
CA ASN HA 46 60.01 61.11 73.87
C ASN HA 46 60.66 59.75 73.87
N PHE HA 47 61.82 59.64 74.50
CA PHE HA 47 62.50 58.35 74.57
C PHE HA 47 62.03 57.50 75.75
N ALA HA 48 61.31 58.09 76.70
CA ALA HA 48 60.62 57.27 77.69
C ALA HA 48 59.49 56.47 77.07
N GLU HA 49 58.98 56.94 75.93
CA GLU HA 49 57.92 56.26 75.17
C GLU HA 49 58.28 56.27 73.68
N TYR HA 50 59.52 55.87 73.35
CA TYR HA 50 59.89 55.57 71.97
C TYR HA 50 60.23 54.10 71.81
N CYS HA 51 61.21 53.60 72.55
CA CYS HA 51 61.56 52.19 72.52
C CYS HA 51 60.79 51.39 73.55
N ASP HA 52 60.28 52.04 74.61
CA ASP HA 52 59.40 51.40 75.57
C ASP HA 52 58.00 51.18 75.00
N ARG HA 53 57.71 51.75 73.84
CA ARG HA 53 56.51 51.37 73.09
C ARG HA 53 56.64 49.99 72.47
N ILE HA 54 57.89 49.51 72.25
CA ILE HA 54 58.15 48.21 71.65
C ILE HA 54 58.91 47.31 72.60
N ARG HA 55 58.85 47.57 73.90
CA ARG HA 55 59.56 46.80 74.92
C ARG HA 55 61.04 46.63 74.55
N ARG HA 56 61.75 47.76 74.51
CA ARG HA 56 63.18 47.77 74.22
C ARG HA 56 63.92 48.32 75.43
N GLU HA 57 64.80 47.50 76.00
CA GLU HA 57 65.51 47.86 77.22
C GLU HA 57 66.46 49.01 76.97
N ASP HA 58 66.87 49.67 78.06
CA ASP HA 58 67.89 50.70 77.99
C ASP HA 58 69.29 50.13 77.94
N LYS HA 59 69.46 48.86 78.35
CA LYS HA 59 70.73 48.18 78.22
C LYS HA 59 70.95 47.67 76.81
N ILE HA 60 69.87 47.43 76.06
CA ILE HA 60 69.95 46.76 74.76
C ILE HA 60 69.83 47.78 73.62
N CYS HA 61 69.13 48.88 73.87
CA CYS HA 61 69.04 49.94 72.87
C CYS HA 61 70.33 50.75 72.76
N MET HA 62 71.14 50.79 73.82
CA MET HA 62 72.48 51.37 73.78
C MET HA 62 73.54 50.28 73.76
N LYS HA 63 73.31 49.20 73.00
CA LYS HA 63 74.32 48.20 72.75
C LYS HA 63 75.01 48.37 71.39
N TYR HA 64 74.22 48.53 70.33
CA TYR HA 64 74.80 48.72 69.00
C TYR HA 64 75.02 50.18 68.64
N LEU HA 65 74.31 51.09 69.29
CA LEU HA 65 74.48 52.51 68.99
C LEU HA 65 75.82 53.04 69.47
N LEU HA 66 76.34 52.50 70.57
CA LEU HA 66 77.66 52.91 71.03
C LEU HA 66 78.73 52.52 70.03
N LYS HA 67 78.55 51.39 69.34
CA LYS HA 67 79.51 50.97 68.33
C LYS HA 67 79.30 51.71 67.02
N GLU HA 68 78.06 52.06 66.69
CA GLU HA 68 77.79 52.72 65.42
C GLU HA 68 78.08 54.22 65.45
N LEU HA 69 78.11 54.84 66.64
CA LEU HA 69 78.51 56.24 66.73
C LEU HA 69 79.89 56.42 67.32
N ALA HA 70 80.44 55.40 68.00
CA ALA HA 70 81.77 55.46 68.60
C ALA HA 70 81.88 56.63 69.58
N ALA HA 71 80.83 56.82 70.38
CA ALA HA 71 80.78 57.91 71.36
C ALA HA 71 80.10 57.39 72.63
N PRO HA 72 80.62 57.76 73.79
CA PRO HA 72 80.00 57.30 75.04
C PRO HA 72 78.65 57.96 75.29
N GLY HA 73 77.89 57.34 76.18
CA GLY HA 73 76.57 57.86 76.52
C GLY HA 73 75.83 56.87 77.38
N ASN HA 74 74.75 57.36 77.99
CA ASN HA 74 73.93 56.55 78.87
C ASN HA 74 72.50 57.10 78.88
N VAL HA 75 71.59 56.29 79.41
CA VAL HA 75 70.20 56.67 79.53
C VAL HA 75 70.00 57.41 80.86
N ASP HA 76 68.93 58.18 80.94
CA ASP HA 76 68.60 58.93 82.14
C ASP HA 76 67.54 58.20 82.96
N ASP HA 77 67.18 58.78 84.10
CA ASP HA 77 66.18 58.18 84.96
C ASP HA 77 64.79 58.26 84.36
N LYS HA 78 64.46 59.37 83.69
CA LYS HA 78 63.17 59.50 83.02
C LYS HA 78 63.05 58.55 81.84
N GLY HA 79 64.17 58.15 81.24
CA GLY HA 79 64.18 57.31 80.06
C GLY HA 79 64.79 57.95 78.84
N GLU HA 80 65.09 59.25 78.90
CA GLU HA 80 65.67 59.95 77.77
C GLU HA 80 67.09 59.45 77.48
N LEU HA 81 67.52 59.64 76.24
CA LEU HA 81 68.81 59.17 75.75
C LEU HA 81 69.65 60.36 75.31
N VAL HA 82 70.80 60.54 75.96
CA VAL HA 82 71.72 61.63 75.65
C VAL HA 82 72.89 61.07 74.87
N ILE HA 83 73.22 61.72 73.75
CA ILE HA 83 74.33 61.30 72.89
C ILE HA 83 75.35 62.42 72.87
N GLN HA 84 76.62 62.04 72.95
CA GLN HA 84 77.74 62.99 72.92
C GLN HA 84 78.19 63.15 71.48
N GLY HA 85 77.74 64.22 70.84
CA GLY HA 85 78.09 64.50 69.46
C GLY HA 85 77.01 65.28 68.76
N LYS HA 86 77.42 65.93 67.67
CA LYS HA 86 76.51 66.74 66.85
C LYS HA 86 76.01 65.92 65.67
N PHE HA 87 74.69 65.78 65.56
CA PHE HA 87 74.08 65.02 64.48
C PHE HA 87 72.72 65.65 64.15
N SER HA 88 72.29 65.47 62.90
CA SER HA 88 71.00 65.97 62.46
C SER HA 88 69.89 65.08 63.04
N SER HA 89 68.64 65.34 62.64
CA SER HA 89 67.52 64.58 63.16
C SER HA 89 67.30 63.29 62.38
N GLN HA 90 67.12 63.40 61.05
CA GLN HA 90 66.79 62.25 60.23
C GLN HA 90 68.02 61.43 59.84
N VAL HA 91 69.13 61.56 60.56
CA VAL HA 91 70.31 60.78 60.26
C VAL HA 91 70.46 59.67 61.29
N ILE HA 92 69.90 59.89 62.49
CA ILE HA 92 70.00 58.87 63.52
C ILE HA 92 69.24 57.62 63.10
N ASN HA 93 68.13 57.79 62.39
CA ASN HA 93 67.32 56.66 61.93
C ASN HA 93 67.99 55.96 60.76
N THR HA 94 68.49 56.74 59.79
CA THR HA 94 69.24 56.17 58.67
C THR HA 94 70.48 55.43 59.15
N LEU HA 95 71.01 55.79 60.32
CA LEU HA 95 72.14 55.04 60.89
C LEU HA 95 71.63 53.79 61.61
N MET HA 96 70.71 53.95 62.56
CA MET HA 96 70.19 52.86 63.37
C MET HA 96 69.23 51.95 62.60
N GLU HA 97 69.14 52.08 61.28
CA GLU HA 97 68.42 51.10 60.49
C GLU HA 97 68.85 49.67 60.80
N ARG HA 98 70.13 49.46 61.16
CA ARG HA 98 70.58 48.11 61.51
C ARG HA 98 70.06 47.63 62.84
N PHE HA 99 69.13 48.37 63.45
CA PHE HA 99 68.37 47.87 64.58
C PHE HA 99 66.88 47.99 64.28
N LEU HA 100 66.52 49.07 63.57
CA LEU HA 100 65.12 49.29 63.24
C LEU HA 100 64.59 48.31 62.19
N LYS HA 101 65.48 47.65 61.42
CA LYS HA 101 65.06 46.67 60.43
C LYS HA 101 65.61 45.28 60.69
N ALA HA 102 66.71 45.15 61.43
CA ALA HA 102 67.39 43.86 61.60
C ALA HA 102 66.88 43.06 62.77
N TYR HA 103 66.31 43.72 63.79
CA TYR HA 103 65.87 43.04 65.00
C TYR HA 103 64.44 43.34 65.40
N VAL HA 104 63.87 44.48 65.03
CA VAL HA 104 62.56 44.89 65.55
C VAL HA 104 61.48 44.78 64.47
N GLU HA 105 61.79 44.19 63.33
CA GLU HA 105 60.81 43.93 62.29
C GLU HA 105 60.47 42.44 62.26
N CYS HA 106 59.64 42.07 61.27
CA CYS HA 106 59.23 40.68 61.09
C CYS HA 106 59.52 40.25 59.65
N SER HA 107 59.04 39.07 59.27
CA SER HA 107 59.26 38.54 57.94
C SER HA 107 58.02 38.50 57.07
N THR HA 108 56.82 38.44 57.67
CA THR HA 108 55.60 38.34 56.88
C THR HA 108 54.47 39.25 57.36
N CYS HA 109 54.64 40.01 58.44
CA CYS HA 109 53.57 40.84 58.97
C CYS HA 109 53.84 42.34 58.80
N LYS HA 110 55.04 42.80 59.11
CA LYS HA 110 55.39 44.22 59.08
C LYS HA 110 54.44 45.03 59.98
N SER HA 111 54.53 44.74 61.27
CA SER HA 111 53.67 45.37 62.27
C SER HA 111 54.41 46.27 63.25
N LEU HA 112 55.74 46.14 63.36
CA LEU HA 112 56.60 46.91 64.22
C LEU HA 112 56.38 46.60 65.70
N ASP HA 113 55.39 45.77 66.02
CA ASP HA 113 55.05 45.46 67.41
C ASP HA 113 55.83 44.25 67.91
N THR HA 114 57.15 44.28 67.74
CA THR HA 114 58.01 43.13 68.01
C THR HA 114 58.97 43.45 69.15
N ILE HA 115 59.62 42.40 69.65
CA ILE HA 115 60.55 42.50 70.77
C ILE HA 115 61.72 41.57 70.48
N LEU HA 116 62.83 41.80 71.18
CA LEU HA 116 64.00 40.94 71.08
C LEU HA 116 64.10 40.02 72.28
N LYS HA 117 64.81 38.91 72.08
CA LYS HA 117 65.07 37.94 73.13
C LYS HA 117 66.56 37.95 73.48
N LYS HA 118 66.85 37.61 74.73
CA LYS HA 118 68.22 37.45 75.21
C LYS HA 118 68.43 35.99 75.58
N GLU HA 119 69.42 35.36 74.96
CA GLU HA 119 69.64 33.92 75.13
C GLU HA 119 71.15 33.67 75.20
N LYS HA 120 71.53 32.39 75.26
CA LYS HA 120 72.90 31.95 75.44
C LYS HA 120 73.58 31.57 74.13
N LYS HA 121 72.85 31.55 73.01
CA LYS HA 121 73.44 31.23 71.72
C LYS HA 121 73.04 32.17 70.59
N SER HA 122 71.90 32.87 70.70
CA SER HA 122 71.48 33.81 69.68
C SER HA 122 70.39 34.70 70.26
N TRP HA 123 70.07 35.77 69.55
CA TRP HA 123 69.07 36.74 69.97
C TRP HA 123 67.95 36.77 68.94
N TYR HA 124 66.76 36.35 69.36
CA TYR HA 124 65.65 36.11 68.45
C TYR HA 124 64.67 37.27 68.45
N ILE HA 125 63.73 37.21 67.50
CA ILE HA 125 62.78 38.28 67.23
C ILE HA 125 61.39 37.74 67.53
N VAL HA 126 60.87 38.03 68.73
CA VAL HA 126 59.54 37.57 69.12
C VAL HA 126 58.54 38.62 68.65
N CYS HA 127 57.73 38.25 67.66
CA CYS HA 127 56.76 39.15 67.07
C CYS HA 127 55.39 38.91 67.67
N LEU HA 128 54.77 40.00 68.16
CA LEU HA 128 53.43 39.96 68.71
C LEU HA 128 52.36 40.09 67.64
N ALA HA 129 52.72 39.80 66.40
CA ALA HA 129 51.78 39.61 65.29
C ALA HA 129 51.78 38.17 64.80
N CYS HA 130 52.95 37.62 64.44
CA CYS HA 130 53.08 36.22 64.07
C CYS HA 130 54.02 35.45 64.98
N GLY HA 131 55.22 35.97 65.24
CA GLY HA 131 56.22 35.23 65.97
C GLY HA 131 57.29 34.63 65.06
N ALA HA 132 57.74 35.40 64.08
CA ALA HA 132 58.72 34.94 63.10
C ALA HA 132 60.12 35.40 63.47
N GLN HA 133 61.06 34.47 63.49
CA GLN HA 133 62.43 34.72 63.87
C GLN HA 133 63.36 34.52 62.67
N THR HA 134 64.62 34.87 62.87
CA THR HA 134 65.62 34.85 61.82
C THR HA 134 66.95 34.41 62.42
N PRO HA 135 67.85 33.83 61.61
CA PRO HA 135 69.19 33.51 62.11
C PRO HA 135 70.07 34.75 62.17
N VAL HA 136 70.44 35.15 63.39
CA VAL HA 136 71.30 36.30 63.60
C VAL HA 136 72.01 36.13 64.93
N LYS HA 137 73.20 36.73 65.03
CA LYS HA 137 74.01 36.70 66.24
C LYS HA 137 74.01 38.08 66.87
N PRO HA 138 73.65 38.19 68.15
CA PRO HA 138 73.63 39.50 68.81
C PRO HA 138 74.96 40.23 68.67
N LEU HA 139 74.89 41.55 68.57
CA LEU HA 139 76.08 42.39 68.47
C LEU HA 139 75.86 43.72 69.18
N MET IA 1 75.59 30.43 2.53
CA MET IA 1 76.90 30.65 1.91
C MET IA 1 77.66 29.33 1.81
N ILE IA 2 78.37 29.12 0.70
CA ILE IA 2 79.20 27.95 0.46
C ILE IA 2 80.47 28.43 -0.24
N TYR IA 3 81.62 28.10 0.32
CA TYR IA 3 82.89 28.35 -0.34
C TYR IA 3 83.53 27.02 -0.73
N SER IA 4 83.88 26.89 -2.00
CA SER IA 4 84.49 25.69 -2.54
C SER IA 4 85.93 25.98 -2.95
N ARG IA 5 86.55 24.98 -3.58
CA ARG IA 5 87.99 24.94 -3.80
C ARG IA 5 88.39 25.36 -5.21
N SER IA 6 87.44 25.60 -6.10
CA SER IA 6 87.77 25.89 -7.49
C SER IA 6 87.02 27.13 -7.94
N LYS IA 7 87.37 27.58 -9.15
CA LYS IA 7 86.90 28.85 -9.68
C LYS IA 7 85.63 28.71 -10.52
N LEU IA 8 85.66 27.85 -11.54
CA LEU IA 8 84.54 27.68 -12.44
C LEU IA 8 84.07 26.23 -12.42
N PRO IA 9 82.76 26.00 -12.49
CA PRO IA 9 82.24 24.63 -12.33
C PRO IA 9 82.72 23.72 -13.45
N SER IA 10 82.57 22.41 -13.19
CA SER IA 10 83.08 21.41 -14.09
C SER IA 10 82.38 21.48 -15.45
N GLU IA 11 82.93 20.75 -16.42
CA GLU IA 11 82.35 20.68 -17.75
C GLU IA 11 81.35 19.52 -17.78
N GLY IA 12 80.10 19.83 -18.10
CA GLY IA 12 79.05 18.83 -18.14
C GLY IA 12 78.49 18.44 -16.79
N GLU IA 13 78.98 19.02 -15.71
CA GLU IA 13 78.49 18.64 -14.38
C GLU IA 13 77.22 19.41 -14.04
N ILE IA 14 76.38 18.78 -13.23
CA ILE IA 14 75.07 19.28 -12.87
C ILE IA 14 75.13 19.79 -11.43
N LEU IA 15 74.31 20.79 -11.12
CA LEU IA 15 74.36 21.46 -9.82
C LEU IA 15 73.06 22.23 -9.62
N ILE IA 16 73.06 23.08 -8.61
CA ILE IA 16 71.90 23.91 -8.29
C ILE IA 16 72.33 25.38 -8.32
N ALA IA 17 71.37 26.27 -8.53
CA ALA IA 17 71.66 27.69 -8.61
C ALA IA 17 70.44 28.47 -8.11
N THR IA 18 70.65 29.76 -7.82
CA THR IA 18 69.58 30.64 -7.35
C THR IA 18 69.38 31.77 -8.35
N VAL IA 19 68.23 31.76 -9.03
CA VAL IA 19 67.98 32.66 -10.14
C VAL IA 19 67.92 34.11 -9.66
N LYS IA 20 68.93 34.89 -10.01
CA LYS IA 20 68.97 36.29 -9.57
C LYS IA 20 68.02 37.18 -10.35
N GLN IA 21 68.13 37.20 -11.68
CA GLN IA 21 67.35 38.13 -12.49
C GLN IA 21 67.01 37.50 -13.82
N VAL IA 22 66.18 38.19 -14.60
CA VAL IA 22 65.81 37.75 -15.95
C VAL IA 22 65.70 38.99 -16.84
N PHE IA 23 66.36 38.96 -17.99
CA PHE IA 23 66.29 40.00 -18.98
C PHE IA 23 65.58 39.42 -20.20
N ASP IA 24 65.50 40.19 -21.28
CA ASP IA 24 64.65 39.78 -22.40
C ASP IA 24 65.27 38.63 -23.18
N TYR IA 25 66.61 38.60 -23.25
CA TYR IA 25 67.30 37.59 -24.05
C TYR IA 25 68.08 36.59 -23.20
N GLY IA 26 67.75 36.47 -21.92
CA GLY IA 26 68.42 35.52 -21.07
C GLY IA 26 68.07 35.76 -19.61
N SER IA 27 68.82 35.10 -18.74
CA SER IA 27 68.58 35.23 -17.31
C SER IA 27 69.88 35.09 -16.54
N TYR IA 28 69.99 35.84 -15.44
CA TYR IA 28 71.08 35.70 -14.50
C TYR IA 28 70.67 34.71 -13.42
N VAL IA 29 71.47 33.67 -13.24
CA VAL IA 29 71.26 32.68 -12.19
C VAL IA 29 72.52 32.66 -11.33
N SER IA 30 72.34 32.40 -10.04
CA SER IA 30 73.46 32.39 -9.08
C SER IA 30 73.69 30.98 -8.56
N LEU IA 31 74.72 30.34 -9.08
CA LEU IA 31 75.16 29.03 -8.63
C LEU IA 31 75.72 29.13 -7.22
N ASP IA 32 75.10 28.42 -6.28
CA ASP IA 32 75.60 28.36 -4.91
C ASP IA 32 76.90 27.59 -4.78
N GLU IA 33 77.46 27.10 -5.89
CA GLU IA 33 78.58 26.16 -5.81
C GLU IA 33 79.89 26.84 -5.46
N TYR IA 34 80.33 27.80 -6.27
CA TYR IA 34 81.60 28.50 -6.04
C TYR IA 34 81.26 29.93 -5.63
N GLY IA 35 81.01 30.12 -4.34
CA GLY IA 35 80.72 31.42 -3.79
C GLY IA 35 79.58 32.20 -4.43
N GLY IA 36 78.75 31.53 -5.22
CA GLY IA 36 77.66 32.20 -5.90
C GLY IA 36 78.00 32.78 -7.24
N LEU IA 37 78.41 31.92 -8.18
CA LEU IA 37 78.81 32.40 -9.50
C LEU IA 37 77.61 32.85 -10.30
N GLN IA 38 77.81 33.86 -11.16
CA GLN IA 38 76.74 34.41 -11.99
C GLN IA 38 76.80 33.77 -13.37
N ALA IA 39 75.80 32.97 -13.69
CA ALA IA 39 75.70 32.30 -14.99
C ALA IA 39 74.55 32.87 -15.79
N PHE IA 40 74.72 32.88 -17.11
CA PHE IA 40 73.76 33.40 -18.05
C PHE IA 40 73.00 32.24 -18.67
N LEU IA 41 71.83 31.93 -18.12
CA LEU IA 41 70.97 30.91 -18.69
C LEU IA 41 70.25 31.51 -19.88
N PRO IA 42 70.54 31.09 -21.10
CA PRO IA 42 69.85 31.65 -22.26
C PRO IA 42 68.54 30.92 -22.53
N TRP IA 43 67.60 31.65 -23.14
CA TRP IA 43 66.29 31.09 -23.42
C TRP IA 43 66.37 30.00 -24.49
N SER IA 44 67.49 29.91 -25.20
CA SER IA 44 67.68 28.80 -26.13
C SER IA 44 67.93 27.49 -25.39
N GLU IA 45 68.29 27.56 -24.11
CA GLU IA 45 68.58 26.37 -23.31
C GLU IA 45 67.50 26.06 -22.29
N VAL IA 46 66.37 26.76 -22.31
CA VAL IA 46 65.29 26.57 -21.36
C VAL IA 46 64.11 25.90 -22.06
N SER IA 47 63.42 25.04 -21.31
CA SER IA 47 62.15 24.47 -21.75
C SER IA 47 62.27 23.73 -23.10
N ASN IA 53 52.80 28.25 -14.95
CA ASN IA 53 53.62 27.14 -14.48
C ASN IA 53 55.09 27.57 -14.40
N ILE IA 54 55.61 28.06 -15.53
CA ILE IA 54 57.00 28.52 -15.56
C ILE IA 54 57.19 29.71 -14.63
N ARG IA 55 56.14 30.52 -14.45
CA ARG IA 55 56.17 31.64 -13.52
C ARG IA 55 56.62 31.21 -12.12
N ASP IA 56 56.61 29.91 -11.83
CA ASP IA 56 57.06 29.41 -10.55
C ASP IA 56 58.48 28.83 -10.59
N VAL IA 57 58.99 28.49 -11.77
CA VAL IA 57 60.39 28.04 -11.86
C VAL IA 57 61.32 29.20 -12.21
N LEU IA 58 60.87 30.11 -13.07
CA LEU IA 58 61.59 31.37 -13.27
C LEU IA 58 60.95 32.44 -12.39
N LYS IA 59 61.17 32.27 -11.08
CA LYS IA 59 60.69 33.21 -10.07
C LYS IA 59 61.69 34.34 -9.89
N GLU IA 60 61.53 35.09 -8.80
CA GLU IA 60 62.48 36.14 -8.43
C GLU IA 60 63.67 35.57 -7.68
N ASN IA 61 63.44 34.67 -6.73
CA ASN IA 61 64.48 34.15 -5.84
C ASN IA 61 64.30 32.65 -5.64
N ARG IA 62 64.10 31.90 -6.72
CA ARG IA 62 64.01 30.46 -6.60
C ARG IA 62 65.36 29.78 -6.84
N LYS IA 63 65.57 28.69 -6.09
CA LYS IA 63 66.71 27.80 -6.27
C LYS IA 63 66.32 26.71 -7.27
N VAL IA 64 67.05 26.65 -8.37
CA VAL IA 64 66.76 25.72 -9.46
C VAL IA 64 67.97 24.83 -9.70
N ILE IA 65 67.72 23.70 -10.36
CA ILE IA 65 68.79 22.75 -10.68
C ILE IA 65 69.21 22.95 -12.13
N VAL IA 66 70.45 23.38 -12.34
CA VAL IA 66 70.96 23.71 -13.66
C VAL IA 66 72.27 22.97 -13.91
N LYS IA 67 72.57 22.73 -15.18
CA LYS IA 67 73.76 22.01 -15.58
C LYS IA 67 74.67 22.93 -16.38
N VAL IA 68 75.99 22.81 -16.18
CA VAL IA 68 76.96 23.64 -16.86
C VAL IA 68 77.30 23.00 -18.20
N ILE IA 69 77.27 23.78 -19.28
CA ILE IA 69 77.68 23.32 -20.59
C ILE IA 69 78.98 24.01 -20.98
N ARG IA 70 78.99 25.35 -20.94
CA ARG IA 70 80.12 26.11 -21.46
C ARG IA 70 80.93 26.72 -20.33
N VAL IA 71 82.25 26.77 -20.52
CA VAL IA 71 83.17 27.35 -19.56
C VAL IA 71 84.25 28.11 -20.33
N ASP IA 72 84.75 29.19 -19.73
CA ASP IA 72 85.80 30.00 -20.33
C ASP IA 72 86.74 30.43 -19.20
N ARG IA 73 87.93 29.83 -19.17
CA ARG IA 73 88.93 30.14 -18.16
C ARG IA 73 89.70 31.41 -18.47
N ARG IA 74 89.69 31.88 -19.72
CA ARG IA 74 90.42 33.09 -20.08
C ARG IA 74 89.86 34.29 -19.33
N LYS IA 75 88.58 34.59 -19.54
CA LYS IA 75 87.91 35.65 -18.81
C LYS IA 75 87.33 35.18 -17.48
N GLY IA 76 87.04 33.89 -17.37
CA GLY IA 76 86.49 33.35 -16.13
C GLY IA 76 84.98 33.36 -16.06
N THR IA 77 84.31 32.97 -17.15
CA THR IA 77 82.85 32.98 -17.20
C THR IA 77 82.33 31.58 -17.50
N VAL IA 78 81.03 31.40 -17.27
CA VAL IA 78 80.38 30.12 -17.49
C VAL IA 78 79.04 30.35 -18.16
N ASP IA 79 78.52 29.29 -18.76
CA ASP IA 79 77.20 29.26 -19.35
C ASP IA 79 76.56 27.93 -18.95
N VAL IA 80 75.39 28.01 -18.33
CA VAL IA 80 74.72 26.85 -17.76
C VAL IA 80 73.39 26.63 -18.48
N SER IA 81 72.69 25.58 -18.05
CA SER IA 81 71.40 25.22 -18.62
C SER IA 81 70.54 24.59 -17.54
N LEU IA 82 69.30 25.07 -17.42
CA LEU IA 82 68.33 24.52 -16.48
C LEU IA 82 67.58 23.32 -17.03
N LYS IA 83 67.43 23.23 -18.35
CA LYS IA 83 66.71 22.11 -18.97
C LYS IA 83 67.58 20.87 -19.11
N LYS IA 84 68.88 21.03 -19.37
CA LYS IA 84 69.68 19.87 -19.72
C LYS IA 84 69.97 18.96 -18.52
N VAL IA 85 69.30 19.18 -17.40
CA VAL IA 85 69.30 18.22 -16.31
C VAL IA 85 68.32 17.09 -16.62
N THR IA 86 68.70 15.87 -16.25
CA THR IA 86 67.81 14.73 -16.34
C THR IA 86 67.13 14.51 -14.99
N ASP IA 87 66.39 13.39 -14.87
CA ASP IA 87 65.76 13.08 -13.59
C ASP IA 87 66.63 12.20 -12.71
N ASP IA 88 67.52 11.40 -13.31
CA ASP IA 88 68.41 10.52 -12.57
C ASP IA 88 69.73 11.20 -12.20
N GLU IA 89 69.88 12.48 -12.55
CA GLU IA 89 70.94 13.32 -11.99
C GLU IA 89 70.39 14.20 -10.86
N ARG IA 90 69.36 14.99 -11.18
CA ARG IA 90 68.79 15.94 -10.25
C ARG IA 90 68.49 15.34 -8.89
N ARG IA 91 68.16 14.05 -8.83
CA ARG IA 91 67.80 13.46 -7.54
C ARG IA 91 69.00 13.43 -6.59
N LYS IA 92 70.08 12.78 -7.00
CA LYS IA 92 71.26 12.70 -6.16
C LYS IA 92 71.91 14.07 -5.98
N LYS IA 93 71.78 14.94 -6.98
CA LYS IA 93 72.37 16.27 -6.86
C LYS IA 93 71.60 17.15 -5.87
N ASN IA 94 70.27 17.09 -5.88
CA ASN IA 94 69.44 17.74 -4.87
C ASN IA 94 69.67 17.13 -3.49
N LEU IA 95 69.94 15.83 -3.43
CA LEU IA 95 70.21 15.20 -2.14
C LEU IA 95 71.52 15.72 -1.55
N GLN IA 96 72.59 15.75 -2.36
CA GLN IA 96 73.84 16.37 -1.95
C GLN IA 96 73.64 17.85 -1.61
N TRP IA 97 72.77 18.53 -2.36
CA TRP IA 97 72.46 19.93 -2.11
C TRP IA 97 71.81 20.13 -0.75
N LYS IA 98 70.94 19.19 -0.36
CA LYS IA 98 70.33 19.25 0.96
C LYS IA 98 71.37 18.99 2.04
N LYS IA 99 72.27 18.03 1.81
CA LYS IA 99 73.38 17.83 2.76
C LYS IA 99 74.19 19.11 2.90
N ILE IA 100 74.56 19.73 1.78
CA ILE IA 100 75.36 20.95 1.78
C ILE IA 100 74.57 22.11 2.39
N GLN IA 101 73.24 22.07 2.33
CA GLN IA 101 72.45 23.12 2.96
C GLN IA 101 72.41 22.98 4.47
N ARG IA 102 72.25 21.74 4.97
CA ARG IA 102 72.40 21.51 6.40
C ARG IA 102 73.81 21.85 6.86
N LEU IA 103 74.79 21.66 5.99
CA LEU IA 103 76.17 22.06 6.30
C LEU IA 103 76.32 23.57 6.36
N ASP IA 104 75.73 24.28 5.39
CA ASP IA 104 75.60 25.73 5.46
C ASP IA 104 75.03 26.14 6.82
N LYS IA 105 73.96 25.46 7.23
CA LYS IA 105 73.36 25.70 8.54
C LYS IA 105 74.40 25.61 9.65
N ILE IA 106 75.02 24.44 9.81
CA ILE IA 106 75.87 24.21 10.97
C ILE IA 106 77.08 25.15 10.96
N LEU IA 107 77.72 25.30 9.79
CA LEU IA 107 78.94 26.11 9.75
C LEU IA 107 78.64 27.59 9.86
N GLU IA 108 77.59 28.08 9.19
CA GLU IA 108 77.22 29.48 9.35
C GLU IA 108 76.80 29.81 10.77
N LEU IA 109 76.11 28.88 11.45
CA LEU IA 109 75.72 29.13 12.83
C LEU IA 109 76.91 29.10 13.77
N VAL IA 110 77.88 28.22 13.53
CA VAL IA 110 79.07 28.20 14.39
C VAL IA 110 79.96 29.41 14.12
N SER IA 111 80.07 29.85 12.86
CA SER IA 111 80.86 31.03 12.54
C SER IA 111 80.15 32.30 12.98
N GLN IA 112 78.84 32.24 13.15
CA GLN IA 112 78.12 33.36 13.75
C GLN IA 112 78.27 33.36 15.26
N LYS IA 113 78.52 32.18 15.85
CA LYS IA 113 78.84 32.15 17.27
C LYS IA 113 80.28 32.57 17.52
N LEU IA 114 81.23 31.91 16.84
CA LEU IA 114 82.65 32.13 17.07
C LEU IA 114 83.22 33.31 16.29
N LYS IA 115 82.36 34.25 15.87
CA LYS IA 115 82.78 35.50 15.21
C LYS IA 115 83.77 35.25 14.06
N LEU IA 116 83.67 34.09 13.42
CA LEU IA 116 84.49 33.80 12.24
C LEU IA 116 83.68 34.04 10.98
N SER IA 117 84.36 33.94 9.84
CA SER IA 117 83.80 34.23 8.52
C SER IA 117 83.52 32.92 7.81
N GLU IA 118 83.12 33.03 6.54
CA GLU IA 118 82.74 31.83 5.79
C GLU IA 118 83.90 31.29 4.96
N LYS IA 119 84.75 32.16 4.41
CA LYS IA 119 85.81 31.69 3.52
C LYS IA 119 86.71 30.67 4.22
N ASP IA 120 87.45 31.13 5.24
CA ASP IA 120 88.32 30.23 6.00
C ASP IA 120 87.54 29.08 6.59
N ALA IA 121 86.27 29.34 6.94
CA ALA IA 121 85.42 28.30 7.52
C ALA IA 121 85.32 27.10 6.58
N TRP IA 122 84.81 27.32 5.37
CA TRP IA 122 84.67 26.22 4.43
C TRP IA 122 86.02 25.74 3.89
N GLU IA 123 87.09 26.51 4.05
CA GLU IA 123 88.40 25.95 3.76
C GLU IA 123 88.85 24.96 4.83
N GLN IA 124 88.39 25.12 6.07
CA GLN IA 124 88.74 24.17 7.12
C GLN IA 124 87.76 23.01 7.24
N VAL IA 125 86.49 23.18 6.86
CA VAL IA 125 85.51 22.12 7.08
C VAL IA 125 85.31 21.29 5.81
N ALA IA 126 84.87 21.93 4.72
CA ALA IA 126 84.41 21.21 3.54
C ALA IA 126 85.53 20.42 2.87
N TRP IA 127 86.73 21.00 2.84
CA TRP IA 127 87.82 20.41 2.06
C TRP IA 127 88.86 19.71 2.90
N LYS IA 128 88.99 20.06 4.19
CA LYS IA 128 89.81 19.23 5.05
C LYS IA 128 89.03 18.01 5.54
N LEU IA 129 87.70 18.04 5.42
CA LEU IA 129 86.89 16.85 5.63
C LEU IA 129 86.56 16.10 4.35
N GLU IA 130 86.82 16.69 3.17
CA GLU IA 130 86.45 16.01 1.93
C GLU IA 130 87.28 14.75 1.71
N ALA IA 131 88.46 14.68 2.34
CA ALA IA 131 89.22 13.43 2.32
C ALA IA 131 88.46 12.29 2.97
N LYS IA 132 87.52 12.62 3.85
CA LYS IA 132 86.63 11.64 4.45
C LYS IA 132 85.40 11.46 3.57
N TYR IA 133 85.12 10.21 3.18
CA TYR IA 133 84.03 9.92 2.26
C TYR IA 133 82.69 10.32 2.86
N GLY IA 134 81.80 10.82 2.01
CA GLY IA 134 80.50 11.29 2.43
C GLY IA 134 80.42 12.80 2.38
N ASP IA 135 79.20 13.31 2.42
CA ASP IA 135 79.00 14.74 2.56
C ASP IA 135 79.23 15.14 4.01
N PRO IA 136 79.99 16.24 4.27
CA PRO IA 136 80.47 16.53 5.63
C PRO IA 136 79.41 16.50 6.73
N ILE IA 137 78.14 16.60 6.34
CA ILE IA 137 77.04 16.28 7.25
C ILE IA 137 77.31 14.95 7.93
N THR IA 138 77.76 13.97 7.14
CA THR IA 138 78.20 12.71 7.71
C THR IA 138 79.50 12.88 8.48
N ALA IA 139 80.38 13.78 8.01
CA ALA IA 139 81.67 13.98 8.66
C ALA IA 139 81.55 14.50 10.09
N ILE IA 140 80.37 14.92 10.51
CA ILE IA 140 80.08 15.04 11.94
C ILE IA 140 79.01 14.05 12.42
N GLU IA 141 78.15 13.51 11.54
CA GLU IA 141 77.22 12.47 11.95
C GLU IA 141 77.93 11.25 12.51
N LYS IA 142 79.16 10.98 12.08
CA LYS IA 142 79.97 9.98 12.75
C LYS IA 142 80.81 10.55 13.89
N ALA IA 143 81.10 11.85 13.88
CA ALA IA 143 81.78 12.46 15.01
C ALA IA 143 80.93 12.41 16.26
N VAL IA 144 79.62 12.24 16.11
CA VAL IA 144 78.75 12.23 17.28
C VAL IA 144 78.47 10.83 17.83
N LYS IA 145 78.87 9.76 17.14
CA LYS IA 145 78.46 8.42 17.55
C LYS IA 145 79.55 7.59 18.21
N GLU IA 146 80.78 7.61 17.68
CA GLU IA 146 81.88 6.87 18.28
C GLU IA 146 82.72 7.75 19.20
N GLY IA 147 83.01 8.96 18.78
CA GLY IA 147 83.80 9.86 19.60
C GLY IA 147 84.17 11.09 18.83
N GLU IA 148 84.57 12.12 19.58
CA GLU IA 148 84.92 13.39 18.97
C GLU IA 148 86.25 13.33 18.23
N LYS IA 149 87.03 12.27 18.42
CA LYS IA 149 88.30 12.11 17.73
C LYS IA 149 88.11 11.86 16.24
N ILE IA 150 86.87 11.68 15.78
CA ILE IA 150 86.60 11.56 14.35
C ILE IA 150 87.03 12.81 13.61
N LEU IA 151 86.62 13.98 14.11
CA LEU IA 151 87.04 15.24 13.49
C LEU IA 151 88.54 15.45 13.61
N ILE IA 152 89.14 15.01 14.73
CA ILE IA 152 90.59 15.10 14.87
C ILE IA 152 91.30 14.24 13.85
N ASP IA 153 90.71 13.10 13.47
CA ASP IA 153 91.37 12.19 12.54
C ASP IA 153 91.46 12.78 11.14
N ALA IA 154 90.48 13.57 10.73
CA ALA IA 154 90.49 14.15 9.39
C ALA IA 154 91.58 15.21 9.21
N GLY IA 155 92.20 15.66 10.30
CA GLY IA 155 93.28 16.63 10.23
C GLY IA 155 92.89 18.07 10.42
N VAL IA 156 91.64 18.35 10.78
CA VAL IA 156 91.21 19.72 11.02
C VAL IA 156 91.66 20.14 12.42
N PRO IA 157 91.99 21.41 12.64
CA PRO IA 157 92.29 21.85 14.00
C PRO IA 157 91.06 21.80 14.87
N GLU IA 158 91.28 21.73 16.18
CA GLU IA 158 90.18 21.67 17.13
C GLU IA 158 89.64 23.07 17.38
N ILE IA 159 89.31 23.77 16.29
CA ILE IA 159 88.63 25.06 16.37
C ILE IA 159 87.25 25.01 15.75
N TRP IA 160 87.05 24.17 14.73
CA TRP IA 160 85.69 23.75 14.39
C TRP IA 160 85.28 22.51 15.20
N VAL IA 161 86.24 21.67 15.58
CA VAL IA 161 85.92 20.32 16.05
C VAL IA 161 84.88 20.36 17.16
N LYS IA 162 85.26 20.90 18.31
CA LYS IA 162 84.28 21.03 19.40
C LYS IA 162 83.27 22.14 19.13
N PRO IA 163 83.66 23.35 18.69
CA PRO IA 163 82.64 24.39 18.53
C PRO IA 163 81.66 24.14 17.39
N LEU IA 164 82.07 23.54 16.27
CA LEU IA 164 81.11 23.17 15.23
C LEU IA 164 80.38 21.88 15.61
N LEU IA 165 81.04 21.01 16.38
CA LEU IA 165 80.32 19.91 17.01
C LEU IA 165 79.18 20.41 17.89
N GLU IA 166 79.31 21.61 18.46
CA GLU IA 166 78.37 22.09 19.47
C GLU IA 166 77.06 22.57 18.84
N GLU IA 167 77.15 23.57 17.96
CA GLU IA 167 76.04 24.49 17.71
C GLU IA 167 74.79 23.81 17.15
N ALA IA 168 74.94 22.66 16.49
CA ALA IA 168 74.08 22.30 15.37
C ALA IA 168 72.58 22.18 15.66
N SER IA 169 72.17 21.19 16.44
CA SER IA 169 70.76 20.79 16.46
C SER IA 169 70.23 20.49 17.85
N ARG IA 175 74.98 30.89 23.92
CA ARG IA 175 75.83 29.74 23.62
C ARG IA 175 75.44 28.54 24.47
N LYS IA 176 74.19 28.52 24.92
CA LYS IA 176 73.64 27.42 25.70
C LYS IA 176 72.41 26.87 24.99
N VAL IA 177 72.10 25.59 25.25
CA VAL IA 177 70.92 24.94 24.70
C VAL IA 177 70.23 24.15 25.82
N LYS IA 178 68.91 24.10 25.76
CA LYS IA 178 68.08 23.47 26.79
C LYS IA 178 67.59 22.11 26.30
N MET IA 179 67.99 21.05 26.99
CA MET IA 179 67.53 19.69 26.72
C MET IA 179 67.50 18.93 28.04
N SER IA 180 66.51 18.05 28.20
CA SER IA 180 66.26 17.42 29.49
C SER IA 180 65.36 16.20 29.31
N GLY IA 181 65.03 15.57 30.44
CA GLY IA 181 64.14 14.43 30.45
C GLY IA 181 63.43 14.30 31.78
N LEU IA 182 62.76 13.16 31.96
CA LEU IA 182 62.04 12.86 33.19
C LEU IA 182 62.35 11.44 33.62
N ILE IA 183 62.80 11.25 34.86
CA ILE IA 183 63.17 9.93 35.37
C ILE IA 183 62.28 9.56 36.55
N THR IA 184 61.95 8.27 36.62
CA THR IA 184 61.04 7.72 37.62
C THR IA 184 61.81 6.78 38.55
N VAL IA 185 61.79 7.07 39.85
CA VAL IA 185 62.65 6.40 40.82
C VAL IA 185 61.82 5.89 41.99
N ARG IA 186 62.09 4.67 42.42
CA ARG IA 186 61.51 4.09 43.62
C ARG IA 186 62.63 3.54 44.50
N THR IA 187 62.39 3.51 45.81
CA THR IA 187 63.40 3.08 46.76
C THR IA 187 62.71 2.50 47.99
N ASN IA 188 63.35 1.52 48.63
CA ASN IA 188 62.77 0.86 49.79
C ASN IA 188 63.73 0.74 50.98
N GLU IA 189 64.96 1.24 50.87
CA GLU IA 189 65.97 0.99 51.89
C GLU IA 189 65.65 1.73 53.19
N PRO IA 190 66.41 1.49 54.26
CA PRO IA 190 66.24 2.33 55.47
C PRO IA 190 66.80 3.73 55.31
N LEU IA 191 67.84 3.91 54.50
CA LEU IA 191 68.40 5.23 54.21
C LEU IA 191 68.06 5.65 52.79
N GLY IA 192 66.84 5.33 52.37
CA GLY IA 192 66.40 5.54 51.00
C GLY IA 192 66.76 6.88 50.39
N VAL IA 193 66.76 7.93 51.20
CA VAL IA 193 67.16 9.24 50.71
C VAL IA 193 68.68 9.35 50.52
N GLU IA 194 69.48 8.96 51.51
CA GLU IA 194 70.91 8.88 51.31
C GLU IA 194 71.25 8.00 50.11
N LYS IA 195 70.46 6.97 49.86
CA LYS IA 195 70.77 6.06 48.76
C LYS IA 195 70.32 6.62 47.41
N ILE IA 196 69.26 7.42 47.38
CA ILE IA 196 68.95 8.05 46.10
C ILE IA 196 70.01 9.11 45.79
N LYS IA 197 70.44 9.89 46.78
CA LYS IA 197 71.60 10.75 46.59
C LYS IA 197 72.86 9.97 46.26
N GLU IA 198 72.93 8.69 46.66
CA GLU IA 198 74.06 7.83 46.37
C GLU IA 198 74.05 7.42 44.91
N VAL IA 199 72.89 7.03 44.38
CA VAL IA 199 72.82 6.65 42.98
C VAL IA 199 73.11 7.89 42.14
N ILE IA 200 72.61 9.05 42.60
CA ILE IA 200 72.93 10.30 41.91
C ILE IA 200 74.42 10.61 42.03
N SER IA 201 74.96 10.62 43.25
CA SER IA 201 76.39 10.88 43.40
C SER IA 201 77.23 9.62 43.33
N LYS IA 202 76.90 8.73 42.41
CA LYS IA 202 77.80 7.73 41.86
C LYS IA 202 77.58 7.71 40.35
N ALA IA 203 76.43 8.26 39.93
CA ALA IA 203 76.09 8.34 38.52
C ALA IA 203 76.79 9.50 37.82
N LEU IA 204 76.55 10.74 38.28
CA LEU IA 204 77.04 11.93 37.60
C LEU IA 204 78.52 12.13 37.88
N GLU IA 205 79.30 11.11 37.53
CA GLU IA 205 80.72 11.05 37.82
C GLU IA 205 81.45 10.50 36.60
N ASN IA 206 82.36 11.30 36.05
CA ASN IA 206 83.23 10.93 34.93
C ASN IA 206 82.45 10.86 33.60
N ILE IA 207 81.41 11.70 33.45
CA ILE IA 207 80.88 11.96 32.12
C ILE IA 207 81.79 12.89 31.32
N GLU IA 208 82.27 13.98 31.92
CA GLU IA 208 83.02 15.07 31.30
C GLU IA 208 84.33 14.59 30.64
N GLN IA 209 84.68 13.32 30.80
CA GLN IA 209 85.88 12.75 30.22
C GLN IA 209 85.55 11.76 29.11
N ASP IA 210 84.51 10.95 29.30
CA ASP IA 210 84.02 10.06 28.26
C ASP IA 210 83.33 10.86 27.16
N TYR IA 211 82.39 11.72 27.55
CA TYR IA 211 81.86 12.73 26.65
C TYR IA 211 82.38 14.09 27.11
N GLU IA 212 83.11 14.79 26.26
CA GLU IA 212 84.03 15.83 26.73
C GLU IA 212 83.32 17.12 27.13
N SER IA 213 84.09 18.19 27.29
CA SER IA 213 83.71 19.36 28.07
C SER IA 213 82.36 19.93 27.65
N LEU IA 214 81.41 19.91 28.58
CA LEU IA 214 80.11 20.55 28.47
C LEU IA 214 79.94 21.56 29.61
N LEU IA 215 78.72 22.12 29.73
CA LEU IA 215 78.52 23.27 30.59
C LEU IA 215 77.76 22.98 31.89
N ASN IA 216 76.51 22.50 31.82
CA ASN IA 216 75.71 22.40 33.03
C ASN IA 216 74.81 21.15 33.04
N ILE IA 217 74.72 20.49 34.20
CA ILE IA 217 73.86 19.34 34.39
C ILE IA 217 73.20 19.48 35.77
N LYS IA 218 71.93 19.07 35.87
CA LYS IA 218 71.17 19.15 37.11
C LYS IA 218 70.12 18.04 37.13
N ILE IA 219 69.81 17.56 38.34
CA ILE IA 219 68.89 16.44 38.53
C ILE IA 219 67.89 16.84 39.62
N TYR IA 220 66.61 16.96 39.25
CA TYR IA 220 65.60 17.39 40.23
C TYR IA 220 64.26 16.72 39.95
N THR IA 221 63.26 17.13 40.72
CA THR IA 221 61.99 16.42 40.81
C THR IA 221 60.87 17.21 40.15
N ILE IA 222 59.94 16.49 39.53
CA ILE IA 222 58.74 17.08 38.96
C ILE IA 222 57.45 16.45 39.51
N GLY IA 223 57.50 15.19 39.93
CA GLY IA 223 56.48 14.56 40.74
C GLY IA 223 57.08 14.10 42.05
N ALA IA 224 56.32 13.29 42.78
CA ALA IA 224 56.88 12.73 44.00
C ALA IA 224 57.84 11.59 43.66
N PRO IA 225 57.46 10.61 42.82
CA PRO IA 225 58.46 9.66 42.33
C PRO IA 225 58.96 9.98 40.93
N ARG IA 226 58.37 10.99 40.29
CA ARG IA 226 58.69 11.34 38.91
C ARG IA 226 59.63 12.55 38.92
N TYR IA 227 60.82 12.40 38.33
CA TYR IA 227 61.89 13.37 38.47
C TYR IA 227 62.27 13.95 37.11
N ARG IA 228 63.30 14.81 37.13
CA ARG IA 228 63.76 15.53 35.95
C ARG IA 228 65.28 15.70 35.97
N VAL IA 229 65.94 15.37 34.86
CA VAL IA 229 67.39 15.49 34.73
C VAL IA 229 67.69 16.51 33.64
N ASP IA 230 68.84 17.19 33.76
CA ASP IA 230 69.23 18.26 32.85
C ASP IA 230 70.46 17.86 32.06
N VAL IA 231 70.45 18.17 30.77
CA VAL IA 231 71.66 18.18 29.95
C VAL IA 231 71.62 19.46 29.13
N VAL IA 232 72.28 20.51 29.63
CA VAL IA 232 72.24 21.83 29.02
C VAL IA 232 73.66 22.30 28.82
N GLY IA 233 74.11 22.28 27.57
CA GLY IA 233 75.45 22.73 27.26
C GLY IA 233 75.54 23.48 25.96
N THR IA 234 76.75 23.65 25.44
CA THR IA 234 76.95 24.21 24.12
C THR IA 234 76.50 23.26 23.03
N ASN IA 235 76.33 21.99 23.35
CA ASN IA 235 76.06 20.97 22.34
C ASN IA 235 74.69 20.34 22.51
N PRO IA 236 73.71 20.73 21.68
CA PRO IA 236 72.49 19.92 21.54
C PRO IA 236 72.73 18.71 20.66
N LYS IA 237 73.71 18.81 19.75
CA LYS IA 237 74.09 17.67 18.93
C LYS IA 237 74.83 16.56 19.77
N GLU IA 238 74.94 16.81 21.07
CA GLU IA 238 75.38 15.85 22.06
C GLU IA 238 74.33 15.65 23.15
N ALA IA 239 73.12 16.17 22.93
CA ALA IA 239 72.10 16.17 23.98
C ALA IA 239 71.74 14.76 24.41
N SER IA 240 71.19 13.97 23.49
CA SER IA 240 70.73 12.64 23.84
C SER IA 240 71.88 11.78 24.32
N GLU IA 241 73.03 11.88 23.65
CA GLU IA 241 74.25 11.20 24.08
C GLU IA 241 74.56 11.54 25.53
N ALA IA 242 74.42 12.82 25.87
CA ALA IA 242 74.64 13.23 27.25
C ALA IA 242 73.38 13.09 28.08
N LEU IA 243 72.22 12.92 27.43
CA LEU IA 243 71.00 12.61 28.18
C LEU IA 243 70.89 11.11 28.46
N ASN IA 244 70.71 10.31 27.41
CA ASN IA 244 70.23 8.94 27.58
C ASN IA 244 71.13 8.16 28.53
N GLN IA 245 72.38 7.93 28.13
CA GLN IA 245 73.27 7.10 28.92
C GLN IA 245 73.40 7.60 30.35
N ILE IA 246 73.27 8.90 30.57
CA ILE IA 246 73.50 9.44 31.91
C ILE IA 246 72.32 9.09 32.82
N ILE IA 247 71.10 9.13 32.27
CA ILE IA 247 69.98 8.56 32.99
C ILE IA 247 70.28 7.10 33.30
N SER IA 248 70.97 6.43 32.37
CA SER IA 248 71.54 5.09 32.51
C SER IA 248 72.57 5.01 33.61
N ASN IA 249 73.44 6.02 33.73
CA ASN IA 249 74.45 5.98 34.78
C ASN IA 249 73.80 6.10 36.15
N LEU IA 250 72.56 6.60 36.20
CA LEU IA 250 71.71 6.39 37.37
C LEU IA 250 71.19 4.95 37.39
N ILE IA 251 70.55 4.52 36.29
CA ILE IA 251 70.05 3.15 36.21
C ILE IA 251 71.15 2.15 36.57
N LYS IA 252 72.27 2.21 35.85
CA LYS IA 252 73.34 1.24 36.05
C LYS IA 252 73.78 1.19 37.50
N ILE IA 253 73.55 2.27 38.24
CA ILE IA 253 73.93 2.31 39.65
C ILE IA 253 72.73 2.03 40.55
N GLY IA 254 71.54 2.44 40.11
CA GLY IA 254 70.33 2.07 40.83
C GLY IA 254 70.15 0.56 40.83
N LYS IA 255 70.51 -0.08 39.72
CA LYS IA 255 70.32 -1.50 39.56
C LYS IA 255 71.44 -2.28 40.23
N GLU IA 256 72.16 -1.64 41.14
CA GLU IA 256 73.02 -2.36 42.07
C GLU IA 256 72.98 -1.79 43.48
N GLU IA 257 72.05 -0.87 43.79
CA GLU IA 257 71.94 -0.26 45.11
C GLU IA 257 70.51 -0.31 45.63
N ASN IA 258 69.72 -1.28 45.15
CA ASN IA 258 68.33 -1.49 45.56
C ASN IA 258 67.42 -0.31 45.24
N VAL IA 259 67.77 0.45 44.21
CA VAL IA 259 67.02 1.63 43.79
C VAL IA 259 66.56 1.42 42.36
N ASP IA 260 65.26 1.39 42.14
CA ASP IA 260 64.74 1.25 40.78
C ASP IA 260 64.78 2.62 40.10
N ILE IA 261 65.61 2.75 39.06
CA ILE IA 261 65.78 4.02 38.36
C ILE IA 261 65.68 3.80 36.85
N SER IA 262 64.86 4.62 36.21
CA SER IA 262 64.62 4.55 34.76
C SER IA 262 64.21 5.94 34.29
N VAL IA 263 63.98 6.06 32.98
CA VAL IA 263 63.46 7.28 32.39
C VAL IA 263 62.01 7.03 31.96
N VAL IA 264 61.19 8.07 32.06
CA VAL IA 264 59.76 7.99 31.75
C VAL IA 264 59.48 7.52 30.33
#